data_6TZV
#
_entry.id   6TZV
#
_cell.length_a   102.345
_cell.length_b   153.069
_cell.length_c   150.184
_cell.angle_alpha   90.000
_cell.angle_beta   90.080
_cell.angle_gamma   90.000
#
_symmetry.space_group_name_H-M   'P 1 21 1'
#
loop_
_entity.id
_entity.type
_entity.pdbx_description
1 polymer 'Probable propionyl-CoA carboxylase beta chain 6'
2 non-polymer "4'-[(6-chloro-1,3-benzothiazol-2-yl)oxy]-6-hydroxy-4,4-dimethyl-4,5-dihydro[1,1'-biphenyl]-2(3H)-one"
3 water water
#
_entity_poly.entity_id   1
_entity_poly.type   'polypeptide(L)'
_entity_poly.pdbx_seq_one_letter_code
;MTIMAPEAVGESLDPRDPLLRLSNFFDDGSVELLHERDRSGVLAAAGTVNGVRTIAFCTDGTVMGGAMGVEGCTHIVNAY
DTAIEDQSPIVGIWHSGGARLAEGVRALHAVGQVFEAMIRASGYIPQISVVVGFAAGGAAYGPALTDVVVMAPESRVFVT
GPDVVRSVTGEDVDMASLGGPETHHKKSGVCHIVADDELDAYDRGRRLVGLFCQQGHFDRSKAEAGDTDIHALLPESSRR
AYDVRPIVTAILDADTPFDEFQANWAPSMVVGLGRLSGRTVGVLANNPLRLGGCLNSESAEKAARFVRLCDAFGIPLVVV
VDVPGYLPGVDQEWGGVVRRGAKLLHAFGECTVPRVTLVTRKTYGGAYIAMNSRSLNATKVFAWPDAEVAVMGAKAAVGI
LHKKKLAAAPEHEREALHDQLAAEHERIAGGVDSALDIGVVDEKIDPAHTRSKLTEALAQAPARRGRHKNIPL
;
_entity_poly.pdbx_strand_id   A,B,C,D,E,F,G,H
#
# COMPACT_ATOMS: atom_id res chain seq x y z
N LEU A 13 -60.34 17.73 -59.58
CA LEU A 13 -59.69 16.53 -59.02
C LEU A 13 -60.65 15.74 -58.16
N ASP A 14 -61.81 15.43 -58.76
CA ASP A 14 -63.08 14.98 -58.17
C ASP A 14 -62.98 14.26 -56.83
N PRO A 15 -62.21 13.17 -56.67
CA PRO A 15 -62.25 12.46 -55.37
C PRO A 15 -61.81 13.33 -54.21
N ARG A 16 -60.98 14.33 -54.44
CA ARG A 16 -60.57 15.28 -53.42
C ARG A 16 -61.52 16.46 -53.30
N ASP A 17 -62.69 16.41 -53.95
CA ASP A 17 -63.63 17.51 -53.86
C ASP A 17 -64.07 17.72 -52.41
N PRO A 18 -64.07 18.97 -51.91
CA PRO A 18 -64.39 19.18 -50.50
C PRO A 18 -65.83 18.85 -50.15
N LEU A 19 -66.79 19.20 -51.02
CA LEU A 19 -68.19 18.88 -50.77
C LEU A 19 -68.41 17.38 -50.68
N LEU A 20 -67.68 16.60 -51.48
CA LEU A 20 -67.87 15.16 -51.43
C LEU A 20 -67.23 14.58 -50.18
N ARG A 21 -66.01 15.01 -49.87
CA ARG A 21 -65.38 14.57 -48.62
C ARG A 21 -66.24 14.94 -47.41
N LEU A 22 -66.71 16.19 -47.37
CA LEU A 22 -67.62 16.60 -46.30
C LEU A 22 -68.87 15.73 -46.27
N SER A 23 -69.43 15.42 -47.45
CA SER A 23 -70.64 14.62 -47.51
C SER A 23 -70.39 13.16 -47.14
N ASN A 24 -69.21 12.63 -47.48
CA ASN A 24 -68.90 11.27 -47.04
C ASN A 24 -68.75 11.19 -45.52
N PHE A 25 -68.32 12.29 -44.88
CA PHE A 25 -68.13 12.28 -43.43
C PHE A 25 -69.45 12.48 -42.70
N PHE A 26 -70.25 13.46 -43.12
CA PHE A 26 -71.50 13.76 -42.43
C PHE A 26 -72.56 12.70 -42.70
N ASP A 27 -73.57 12.66 -41.82
CA ASP A 27 -74.76 11.85 -42.08
C ASP A 27 -75.34 12.24 -43.44
N ASP A 28 -75.80 11.25 -44.19
CA ASP A 28 -76.34 11.54 -45.53
C ASP A 28 -77.46 12.55 -45.45
N GLY A 29 -77.33 13.63 -46.22
CA GLY A 29 -78.37 14.65 -46.31
C GLY A 29 -78.38 15.71 -45.23
N SER A 30 -77.37 15.76 -44.34
CA SER A 30 -77.39 16.75 -43.26
C SER A 30 -76.49 17.94 -43.55
N VAL A 31 -75.72 17.90 -44.64
CA VAL A 31 -74.73 18.94 -44.90
C VAL A 31 -75.43 20.26 -45.20
N GLU A 32 -74.93 21.33 -44.59
CA GLU A 32 -75.45 22.68 -44.77
C GLU A 32 -74.25 23.62 -44.77
N LEU A 33 -73.94 24.18 -45.94
CA LEU A 33 -72.75 25.02 -46.07
C LEU A 33 -72.85 26.23 -45.16
N LEU A 34 -71.70 26.67 -44.66
CA LEU A 34 -71.61 27.83 -43.79
C LEU A 34 -71.27 29.09 -44.57
N HIS A 35 -70.92 28.93 -45.83
CA HIS A 35 -70.61 30.01 -46.76
C HIS A 35 -70.80 29.42 -48.14
N GLU A 36 -70.75 30.27 -49.14
CA GLU A 36 -70.90 29.75 -50.49
C GLU A 36 -69.57 29.31 -51.05
N ARG A 37 -69.61 28.29 -51.90
CA ARG A 37 -68.38 27.72 -52.42
C ARG A 37 -67.58 28.80 -53.15
N ASP A 38 -66.27 28.58 -53.23
CA ASP A 38 -65.36 29.50 -53.89
C ASP A 38 -64.07 28.75 -54.13
N ARG A 39 -63.02 29.47 -54.51
CA ARG A 39 -61.70 28.86 -54.70
C ARG A 39 -60.74 29.31 -53.62
N SER A 40 -61.25 29.57 -52.40
CA SER A 40 -60.37 29.90 -51.27
C SER A 40 -59.51 28.72 -50.85
N GLY A 41 -59.92 27.50 -51.16
CA GLY A 41 -59.20 26.33 -50.71
C GLY A 41 -59.74 25.73 -49.42
N VAL A 42 -60.88 26.21 -48.94
CA VAL A 42 -61.54 25.64 -47.76
C VAL A 42 -63.03 25.66 -48.00
N LEU A 43 -63.70 24.56 -47.68
CA LEU A 43 -65.17 24.54 -47.61
C LEU A 43 -65.56 24.13 -46.20
N ALA A 44 -66.40 24.92 -45.55
CA ALA A 44 -66.84 24.67 -44.19
C ALA A 44 -68.35 24.45 -44.15
N ALA A 45 -68.78 23.46 -43.36
CA ALA A 45 -70.18 23.07 -43.33
C ALA A 45 -70.60 22.64 -41.93
N ALA A 46 -71.89 22.84 -41.65
CA ALA A 46 -72.56 22.21 -40.52
C ALA A 46 -73.21 20.90 -40.96
N GLY A 47 -73.39 20.01 -39.99
CA GLY A 47 -73.95 18.71 -40.30
C GLY A 47 -74.34 17.98 -39.04
N THR A 48 -74.62 16.68 -39.19
CA THR A 48 -74.82 15.80 -38.06
C THR A 48 -73.97 14.55 -38.22
N VAL A 49 -73.53 14.03 -37.08
CA VAL A 49 -72.82 12.76 -36.98
C VAL A 49 -73.62 11.91 -36.01
N ASN A 50 -74.28 10.89 -36.56
CA ASN A 50 -75.27 10.09 -35.83
C ASN A 50 -76.14 10.98 -34.95
N GLY A 51 -76.59 12.09 -35.54
CA GLY A 51 -77.53 12.96 -34.89
C GLY A 51 -76.91 14.16 -34.20
N VAL A 52 -75.64 14.08 -33.81
CA VAL A 52 -74.99 15.17 -33.09
C VAL A 52 -74.66 16.29 -34.07
N ARG A 53 -75.10 17.50 -33.75
CA ARG A 53 -74.78 18.66 -34.58
C ARG A 53 -73.27 18.92 -34.53
N THR A 54 -72.64 18.94 -35.71
CA THR A 54 -71.18 18.98 -35.84
C THR A 54 -70.79 20.00 -36.89
N ILE A 55 -69.73 20.77 -36.64
CA ILE A 55 -69.15 21.66 -37.64
C ILE A 55 -67.94 20.98 -38.26
N ALA A 56 -67.74 21.16 -39.57
CA ALA A 56 -66.57 20.60 -40.23
C ALA A 56 -66.05 21.54 -41.30
N PHE A 57 -64.78 21.37 -41.64
CA PHE A 57 -64.17 22.08 -42.75
C PHE A 57 -63.19 21.16 -43.44
N CYS A 58 -63.08 21.33 -44.77
CA CYS A 58 -62.26 20.50 -45.64
C CYS A 58 -61.33 21.40 -46.45
N THR A 59 -60.03 21.18 -46.35
CA THR A 59 -59.17 21.89 -47.28
C THR A 59 -59.39 21.33 -48.67
N ASP A 60 -59.33 22.20 -49.68
CA ASP A 60 -59.67 21.88 -51.07
C ASP A 60 -58.40 21.47 -51.82
N GLY A 61 -58.11 20.17 -51.82
CA GLY A 61 -56.97 19.66 -52.56
C GLY A 61 -57.04 19.86 -54.07
N THR A 62 -58.22 20.19 -54.60
CA THR A 62 -58.35 20.48 -56.02
C THR A 62 -58.02 21.93 -56.38
N VAL A 63 -57.65 22.77 -55.41
CA VAL A 63 -57.30 24.17 -55.64
C VAL A 63 -55.92 24.41 -55.07
N MET A 64 -54.92 24.52 -55.93
CA MET A 64 -53.56 24.90 -55.55
C MET A 64 -53.01 24.00 -54.46
N GLY A 65 -53.30 22.70 -54.55
CA GLY A 65 -52.83 21.76 -53.56
C GLY A 65 -53.40 21.96 -52.17
N GLY A 66 -54.58 22.58 -52.06
CA GLY A 66 -55.12 22.88 -50.76
C GLY A 66 -54.36 23.94 -49.98
N ALA A 67 -53.43 24.64 -50.62
CA ALA A 67 -52.64 25.67 -49.95
C ALA A 67 -53.53 26.70 -49.27
N MET A 68 -53.11 27.13 -48.08
CA MET A 68 -53.96 27.96 -47.23
C MET A 68 -53.69 29.43 -47.49
N GLY A 69 -54.75 30.18 -47.76
CA GLY A 69 -54.68 31.61 -47.95
C GLY A 69 -55.60 32.32 -46.98
N VAL A 70 -55.59 33.65 -47.09
CA VAL A 70 -56.33 34.48 -46.15
C VAL A 70 -57.82 34.15 -46.21
N GLU A 71 -58.37 33.96 -47.40
CA GLU A 71 -59.80 33.71 -47.56
C GLU A 71 -60.20 32.37 -46.97
N GLY A 72 -59.44 31.31 -47.27
CA GLY A 72 -59.74 30.01 -46.72
C GLY A 72 -59.54 29.96 -45.22
N CYS A 73 -58.42 30.49 -44.72
CA CYS A 73 -58.23 30.57 -43.28
C CYS A 73 -59.37 31.31 -42.60
N THR A 74 -59.99 32.27 -43.30
CA THR A 74 -61.09 33.00 -42.70
C THR A 74 -62.32 32.13 -42.57
N HIS A 75 -62.56 31.25 -43.55
CA HIS A 75 -63.65 30.29 -43.44
C HIS A 75 -63.44 29.36 -42.24
N ILE A 76 -62.20 28.93 -41.99
CA ILE A 76 -61.90 28.06 -40.86
C ILE A 76 -62.16 28.78 -39.54
N VAL A 77 -61.67 30.03 -39.42
CA VAL A 77 -61.88 30.78 -38.20
C VAL A 77 -63.37 30.98 -37.94
N ASN A 78 -64.15 31.26 -38.99
CA ASN A 78 -65.59 31.39 -38.81
C ASN A 78 -66.21 30.05 -38.46
N ALA A 79 -65.71 28.95 -39.03
CA ALA A 79 -66.20 27.64 -38.61
C ALA A 79 -65.94 27.40 -37.12
N TYR A 80 -64.75 27.77 -36.63
CA TYR A 80 -64.45 27.60 -35.21
C TYR A 80 -65.32 28.50 -34.34
N ASP A 81 -65.52 29.76 -34.75
CA ASP A 81 -66.37 30.66 -33.99
C ASP A 81 -67.80 30.13 -33.93
N THR A 82 -68.31 29.60 -35.05
CA THR A 82 -69.63 28.98 -35.06
C THR A 82 -69.69 27.81 -34.07
N ALA A 83 -68.72 26.90 -34.16
CA ALA A 83 -68.71 25.73 -33.28
C ALA A 83 -68.56 26.13 -31.82
N ILE A 84 -67.80 27.18 -31.53
CA ILE A 84 -67.62 27.59 -30.14
C ILE A 84 -68.92 28.17 -29.60
N GLU A 85 -69.59 29.00 -30.40
CA GLU A 85 -70.85 29.60 -29.96
C GLU A 85 -71.91 28.54 -29.65
N ASP A 86 -72.03 27.53 -30.50
CA ASP A 86 -73.02 26.46 -30.28
C ASP A 86 -72.49 25.31 -29.43
N GLN A 87 -71.26 25.39 -28.93
CA GLN A 87 -70.55 24.28 -28.28
C GLN A 87 -70.74 22.96 -29.03
N SER A 88 -70.40 22.98 -30.30
CA SER A 88 -70.44 21.81 -31.16
C SER A 88 -69.04 21.29 -31.38
N PRO A 89 -68.87 19.97 -31.53
CA PRO A 89 -67.60 19.43 -32.03
C PRO A 89 -67.27 19.99 -33.40
N ILE A 90 -65.98 20.10 -33.70
CA ILE A 90 -65.55 20.62 -35.00
C ILE A 90 -64.48 19.69 -35.55
N VAL A 91 -64.66 19.27 -36.80
CA VAL A 91 -63.83 18.27 -37.45
C VAL A 91 -63.15 18.92 -38.66
N GLY A 92 -61.82 18.86 -38.69
CA GLY A 92 -61.07 19.32 -39.85
C GLY A 92 -60.60 18.14 -40.70
N ILE A 93 -60.87 18.24 -42.00
CA ILE A 93 -60.38 17.28 -42.99
C ILE A 93 -59.23 17.93 -43.75
N TRP A 94 -58.04 17.36 -43.66
CA TRP A 94 -56.82 18.05 -44.02
C TRP A 94 -56.17 17.41 -45.23
N HIS A 95 -55.87 18.24 -46.23
CA HIS A 95 -55.13 17.84 -47.44
C HIS A 95 -54.54 19.14 -47.98
N SER A 96 -53.28 19.43 -47.64
CA SER A 96 -52.80 20.78 -47.95
C SER A 96 -51.29 20.82 -47.86
N GLY A 97 -50.67 21.51 -48.80
CA GLY A 97 -49.24 21.71 -48.78
C GLY A 97 -48.75 22.84 -47.90
N GLY A 98 -49.64 23.60 -47.28
CA GLY A 98 -49.23 24.69 -46.42
C GLY A 98 -49.79 26.04 -46.81
N ALA A 99 -49.17 27.12 -46.32
CA ALA A 99 -49.64 28.47 -46.63
C ALA A 99 -49.31 28.84 -48.08
N ARG A 100 -50.19 29.62 -48.70
CA ARG A 100 -49.97 30.12 -50.07
C ARG A 100 -48.82 31.13 -50.06
N LEU A 101 -47.67 30.71 -50.58
CA LEU A 101 -46.48 31.55 -50.54
C LEU A 101 -46.70 32.88 -51.25
N ALA A 102 -47.55 32.92 -52.27
CA ALA A 102 -47.75 34.15 -53.01
C ALA A 102 -48.52 35.20 -52.22
N GLU A 103 -49.27 34.80 -51.19
CA GLU A 103 -49.93 35.79 -50.36
C GLU A 103 -48.99 36.39 -49.31
N GLY A 104 -47.76 35.87 -49.19
CA GLY A 104 -46.76 36.40 -48.30
C GLY A 104 -47.18 36.39 -46.84
N VAL A 105 -46.62 37.33 -46.07
CA VAL A 105 -46.85 37.46 -44.64
C VAL A 105 -48.34 37.46 -44.29
N ARG A 106 -49.18 38.05 -45.15
CA ARG A 106 -50.61 38.02 -44.88
C ARG A 106 -51.14 36.59 -44.71
N ALA A 107 -50.60 35.63 -45.45
CA ALA A 107 -51.09 34.27 -45.30
C ALA A 107 -50.56 33.61 -44.02
N LEU A 108 -49.29 33.82 -43.69
CA LEU A 108 -48.74 33.43 -42.39
C LEU A 108 -49.64 33.90 -41.26
N HIS A 109 -49.99 35.20 -41.28
CA HIS A 109 -50.84 35.77 -40.25
C HIS A 109 -52.17 35.06 -40.17
N ALA A 110 -52.75 34.73 -41.33
CA ALA A 110 -54.06 34.08 -41.33
C ALA A 110 -53.94 32.64 -40.83
N VAL A 111 -52.86 31.96 -41.18
CA VAL A 111 -52.61 30.63 -40.63
C VAL A 111 -52.47 30.72 -39.11
N GLY A 112 -51.73 31.72 -38.62
CA GLY A 112 -51.66 31.95 -37.18
C GLY A 112 -53.03 32.14 -36.55
N GLN A 113 -53.91 32.88 -37.23
CA GLN A 113 -55.26 33.08 -36.69
C GLN A 113 -56.05 31.77 -36.65
N VAL A 114 -55.70 30.81 -37.49
CA VAL A 114 -56.30 29.48 -37.40
C VAL A 114 -55.81 28.77 -36.13
N PHE A 115 -54.48 28.76 -35.93
CA PHE A 115 -53.91 28.30 -34.66
C PHE A 115 -54.62 28.93 -33.47
N GLU A 116 -54.77 30.26 -33.49
CA GLU A 116 -55.36 30.98 -32.36
C GLU A 116 -56.78 30.51 -32.08
N ALA A 117 -57.55 30.23 -33.13
CA ALA A 117 -58.91 29.75 -32.91
C ALA A 117 -58.91 28.35 -32.32
N MET A 118 -58.02 27.48 -32.77
CA MET A 118 -57.91 26.13 -32.21
C MET A 118 -57.54 26.18 -30.74
N ILE A 119 -56.73 27.19 -30.37
CA ILE A 119 -56.32 27.36 -28.99
C ILE A 119 -57.49 27.87 -28.14
N ARG A 120 -58.30 28.79 -28.69
CA ARG A 120 -59.49 29.23 -27.96
C ARG A 120 -60.44 28.06 -27.72
N ALA A 121 -60.59 27.18 -28.71
CA ALA A 121 -61.46 26.02 -28.56
C ALA A 121 -60.89 24.95 -27.63
N SER A 122 -59.59 25.00 -27.33
CA SER A 122 -58.92 23.91 -26.63
C SER A 122 -59.59 23.61 -25.30
N GLY A 123 -59.97 22.35 -25.09
CA GLY A 123 -60.67 21.95 -23.89
C GLY A 123 -62.12 22.42 -23.78
N TYR A 124 -62.60 23.19 -24.75
CA TYR A 124 -63.96 23.71 -24.69
C TYR A 124 -64.93 22.95 -25.60
N ILE A 125 -64.53 22.66 -26.84
CA ILE A 125 -65.26 21.74 -27.71
C ILE A 125 -64.26 20.69 -28.17
N PRO A 126 -64.68 19.47 -28.46
CA PRO A 126 -63.74 18.50 -29.02
C PRO A 126 -63.32 18.92 -30.43
N GLN A 127 -62.05 18.70 -30.73
CA GLN A 127 -61.48 19.01 -32.03
C GLN A 127 -60.86 17.75 -32.60
N ILE A 128 -61.40 17.28 -33.73
CA ILE A 128 -60.92 16.06 -34.37
C ILE A 128 -60.36 16.41 -35.75
N SER A 129 -59.21 15.84 -36.06
CA SER A 129 -58.53 16.07 -37.33
C SER A 129 -58.52 14.76 -38.10
N VAL A 130 -58.94 14.81 -39.37
CA VAL A 130 -58.89 13.67 -40.29
C VAL A 130 -57.96 14.06 -41.44
N VAL A 131 -56.73 13.59 -41.38
CA VAL A 131 -55.72 13.87 -42.39
C VAL A 131 -55.85 12.81 -43.48
N VAL A 132 -56.39 13.20 -44.65
CA VAL A 132 -56.63 12.26 -45.75
C VAL A 132 -55.60 12.35 -46.85
N GLY A 133 -54.76 13.38 -46.87
CA GLY A 133 -53.68 13.43 -47.83
C GLY A 133 -52.44 14.05 -47.22
N PHE A 134 -51.55 14.58 -48.06
CA PHE A 134 -50.42 15.34 -47.56
C PHE A 134 -50.92 16.52 -46.72
N ALA A 135 -50.23 16.76 -45.60
CA ALA A 135 -50.48 17.92 -44.74
C ALA A 135 -49.11 18.44 -44.32
N ALA A 136 -48.74 19.62 -44.80
CA ALA A 136 -47.39 20.12 -44.61
C ALA A 136 -47.43 21.60 -44.22
N GLY A 137 -46.33 22.04 -43.62
CA GLY A 137 -46.22 23.43 -43.18
C GLY A 137 -47.23 23.75 -42.09
N GLY A 138 -47.89 24.88 -42.22
CA GLY A 138 -48.94 25.22 -41.27
C GLY A 138 -50.05 24.19 -41.19
N ALA A 139 -50.29 23.46 -42.28
CA ALA A 139 -51.29 22.40 -42.26
C ALA A 139 -50.81 21.15 -41.54
N ALA A 140 -49.56 21.09 -41.13
CA ALA A 140 -49.13 20.05 -40.20
C ALA A 140 -49.38 20.47 -38.76
N TYR A 141 -49.24 21.77 -38.46
CA TYR A 141 -49.38 22.26 -37.10
C TYR A 141 -50.84 22.38 -36.67
N GLY A 142 -51.75 22.62 -37.62
CA GLY A 142 -53.16 22.65 -37.32
C GLY A 142 -53.65 21.40 -36.60
N PRO A 143 -53.59 20.25 -37.28
CA PRO A 143 -53.93 18.97 -36.61
C PRO A 143 -53.22 18.79 -35.26
N ALA A 144 -51.96 19.20 -35.15
CA ALA A 144 -51.23 19.01 -33.91
C ALA A 144 -51.80 19.82 -32.75
N LEU A 145 -52.64 20.81 -33.04
CA LEU A 145 -53.29 21.59 -32.01
C LEU A 145 -54.61 20.99 -31.57
N THR A 146 -55.10 19.95 -32.23
CA THR A 146 -56.42 19.43 -31.95
C THR A 146 -56.29 18.24 -31.01
N ASP A 147 -57.43 17.65 -30.66
CA ASP A 147 -57.41 16.63 -29.61
C ASP A 147 -57.08 15.24 -30.13
N VAL A 148 -57.65 14.83 -31.26
CA VAL A 148 -57.34 13.53 -31.85
C VAL A 148 -57.10 13.69 -33.35
N VAL A 149 -56.02 13.11 -33.84
CA VAL A 149 -55.65 13.14 -35.24
C VAL A 149 -55.81 11.73 -35.80
N VAL A 150 -56.72 11.57 -36.76
CA VAL A 150 -56.91 10.33 -37.53
C VAL A 150 -56.20 10.48 -38.87
N MET A 151 -55.37 9.50 -39.23
CA MET A 151 -54.60 9.58 -40.48
C MET A 151 -54.93 8.39 -41.38
N ALA A 152 -55.34 8.69 -42.62
CA ALA A 152 -55.53 7.69 -43.67
C ALA A 152 -54.17 7.29 -44.24
N PRO A 153 -54.01 6.04 -44.70
CA PRO A 153 -52.67 5.60 -45.13
C PRO A 153 -52.13 6.36 -46.33
N GLU A 154 -52.99 6.77 -47.27
CA GLU A 154 -52.54 7.54 -48.43
C GLU A 154 -52.15 8.98 -48.07
N SER A 155 -51.49 9.18 -46.91
CA SER A 155 -51.33 10.49 -46.32
C SER A 155 -50.01 10.52 -45.54
N ARG A 156 -49.56 11.74 -45.24
CA ARG A 156 -48.38 11.96 -44.42
C ARG A 156 -48.40 13.42 -43.96
N VAL A 157 -47.88 13.65 -42.75
CA VAL A 157 -47.87 14.98 -42.11
C VAL A 157 -46.41 15.35 -41.88
N PHE A 158 -45.98 16.46 -42.48
CA PHE A 158 -44.55 16.76 -42.64
C PHE A 158 -44.29 18.25 -42.54
N VAL A 159 -43.04 18.61 -42.29
CA VAL A 159 -42.59 20.00 -42.35
C VAL A 159 -41.13 20.07 -42.81
N SER A 188 -42.90 8.54 -33.36
CA SER A 188 -43.35 9.91 -33.59
C SER A 188 -44.30 10.38 -32.48
N GLY A 189 -45.61 10.15 -32.66
CA GLY A 189 -46.60 10.50 -31.66
C GLY A 189 -47.63 11.54 -32.09
N VAL A 190 -47.44 12.21 -33.22
CA VAL A 190 -48.38 13.24 -33.66
C VAL A 190 -49.72 12.62 -34.07
N CYS A 191 -49.68 11.46 -34.71
CA CYS A 191 -50.89 10.83 -35.20
C CYS A 191 -51.44 9.87 -34.13
N HIS A 192 -52.68 10.10 -33.71
CA HIS A 192 -53.28 9.25 -32.70
C HIS A 192 -53.78 7.94 -33.29
N ILE A 193 -54.43 8.00 -34.46
CA ILE A 193 -55.12 6.83 -35.00
C ILE A 193 -54.79 6.70 -36.48
N VAL A 194 -54.46 5.48 -36.89
CA VAL A 194 -54.12 5.16 -38.28
C VAL A 194 -55.26 4.34 -38.84
N ALA A 195 -55.99 4.89 -39.81
CA ALA A 195 -57.11 4.18 -40.43
C ALA A 195 -56.65 3.34 -41.63
N ASP A 196 -57.54 2.47 -42.11
CA ASP A 196 -57.23 1.58 -43.22
C ASP A 196 -57.32 2.26 -44.57
N ASP A 197 -58.05 3.37 -44.68
CA ASP A 197 -58.25 4.10 -45.93
C ASP A 197 -59.06 5.34 -45.61
N GLU A 198 -59.30 6.18 -46.62
CA GLU A 198 -60.00 7.44 -46.39
C GLU A 198 -61.38 7.22 -45.78
N LEU A 199 -62.14 6.25 -46.31
CA LEU A 199 -63.48 6.01 -45.77
C LEU A 199 -63.41 5.52 -44.31
N ASP A 200 -62.46 4.64 -44.02
CA ASP A 200 -62.27 4.21 -42.64
C ASP A 200 -61.90 5.39 -41.74
N ALA A 201 -61.11 6.32 -42.27
CA ALA A 201 -60.75 7.52 -41.51
C ALA A 201 -61.99 8.30 -41.09
N TYR A 202 -62.97 8.42 -41.99
CA TYR A 202 -64.21 9.12 -41.65
C TYR A 202 -65.02 8.32 -40.66
N ASP A 203 -65.02 7.00 -40.79
CA ASP A 203 -65.74 6.16 -39.84
C ASP A 203 -65.16 6.31 -38.43
N ARG A 204 -63.84 6.22 -38.30
CA ARG A 204 -63.19 6.44 -37.01
C ARG A 204 -63.38 7.87 -36.49
N GLY A 205 -63.33 8.86 -37.39
CA GLY A 205 -63.63 10.21 -36.97
C GLY A 205 -65.04 10.32 -36.44
N ARG A 206 -65.99 9.61 -37.08
CA ARG A 206 -67.39 9.67 -36.63
C ARG A 206 -67.55 9.01 -35.28
N ARG A 207 -66.86 7.90 -35.04
CA ARG A 207 -66.94 7.24 -33.75
C ARG A 207 -66.36 8.13 -32.65
N LEU A 208 -65.27 8.85 -32.95
CA LEU A 208 -64.70 9.76 -31.95
C LEU A 208 -65.69 10.85 -31.55
N VAL A 209 -66.39 11.44 -32.53
CA VAL A 209 -67.44 12.41 -32.20
C VAL A 209 -68.46 11.79 -31.25
N GLY A 210 -68.79 10.51 -31.48
CA GLY A 210 -69.70 9.82 -30.58
C GLY A 210 -69.12 9.61 -29.19
N LEU A 211 -67.84 9.28 -29.11
CA LEU A 211 -67.20 9.04 -27.81
C LEU A 211 -67.15 10.32 -26.96
N PHE A 212 -66.97 11.48 -27.60
CA PHE A 212 -66.88 12.75 -26.89
C PHE A 212 -68.23 13.38 -26.64
N CYS A 213 -69.21 13.16 -27.52
CA CYS A 213 -70.45 13.91 -27.48
C CYS A 213 -71.67 13.05 -27.17
N GLN A 214 -71.54 11.74 -27.17
CA GLN A 214 -72.60 10.85 -26.70
C GLN A 214 -71.98 9.91 -25.66
N GLN A 215 -71.55 10.48 -24.54
CA GLN A 215 -70.78 9.71 -23.57
C GLN A 215 -71.62 8.66 -22.85
N GLY A 216 -72.94 8.84 -22.79
CA GLY A 216 -73.81 7.84 -22.19
C GLY A 216 -73.78 7.86 -20.67
N HIS A 217 -74.19 6.72 -20.10
CA HIS A 217 -74.22 6.55 -18.66
C HIS A 217 -73.79 5.13 -18.33
N PHE A 218 -73.29 4.94 -17.11
CA PHE A 218 -72.93 3.62 -16.65
C PHE A 218 -74.20 2.79 -16.41
N ASP A 219 -74.14 1.50 -16.72
CA ASP A 219 -75.27 0.59 -16.55
C ASP A 219 -74.80 -0.62 -15.77
N ARG A 220 -75.26 -0.73 -14.51
CA ARG A 220 -74.83 -1.83 -13.65
C ARG A 220 -75.17 -3.19 -14.24
N SER A 221 -76.34 -3.33 -14.88
CA SER A 221 -76.75 -4.61 -15.44
C SER A 221 -75.80 -5.04 -16.56
N LYS A 222 -75.51 -4.12 -17.49
CA LYS A 222 -74.62 -4.44 -18.60
C LYS A 222 -73.19 -4.66 -18.13
N ALA A 223 -72.77 -3.97 -17.06
CA ALA A 223 -71.42 -4.18 -16.55
C ALA A 223 -71.27 -5.60 -16.02
N GLU A 224 -72.23 -6.05 -15.21
CA GLU A 224 -72.18 -7.40 -14.64
C GLU A 224 -72.36 -8.48 -15.72
N ALA A 225 -73.25 -8.24 -16.70
CA ALA A 225 -73.42 -9.23 -17.77
C ALA A 225 -72.11 -9.45 -18.52
N GLY A 226 -71.20 -8.47 -18.51
CA GLY A 226 -69.94 -8.60 -19.20
C GLY A 226 -68.78 -9.11 -18.37
N ASP A 227 -69.01 -9.31 -17.07
CA ASP A 227 -67.97 -9.83 -16.18
C ASP A 227 -67.44 -11.15 -16.69
N THR A 228 -66.11 -11.28 -16.72
CA THR A 228 -65.42 -12.54 -16.95
C THR A 228 -64.22 -12.57 -16.00
N ASP A 229 -63.54 -13.72 -15.93
CA ASP A 229 -62.35 -13.86 -15.10
C ASP A 229 -61.15 -13.25 -15.85
N ILE A 230 -60.91 -11.96 -15.61
CA ILE A 230 -59.86 -11.25 -16.35
C ILE A 230 -58.49 -11.82 -15.97
N HIS A 231 -58.31 -12.19 -14.70
CA HIS A 231 -57.05 -12.73 -14.23
C HIS A 231 -56.59 -13.94 -15.05
N ALA A 232 -57.52 -14.72 -15.60
CA ALA A 232 -57.13 -15.88 -16.38
C ALA A 232 -56.35 -15.50 -17.65
N LEU A 233 -56.40 -14.23 -18.07
CA LEU A 233 -55.65 -13.81 -19.24
C LEU A 233 -54.16 -13.61 -18.96
N LEU A 234 -53.75 -13.63 -17.70
CA LEU A 234 -52.34 -13.48 -17.37
C LEU A 234 -51.61 -14.80 -17.62
N PRO A 235 -50.29 -14.75 -17.79
CA PRO A 235 -49.51 -15.97 -17.77
C PRO A 235 -49.54 -16.61 -16.38
N GLU A 236 -49.17 -17.89 -16.33
CA GLU A 236 -49.07 -18.56 -15.05
C GLU A 236 -47.89 -18.07 -14.24
N SER A 237 -46.81 -17.67 -14.91
CA SER A 237 -45.62 -17.19 -14.22
C SER A 237 -45.65 -15.67 -14.08
N SER A 238 -45.46 -15.21 -12.85
CA SER A 238 -45.45 -13.78 -12.60
C SER A 238 -44.24 -13.08 -13.20
N ARG A 239 -43.27 -13.84 -13.73
CA ARG A 239 -42.14 -13.22 -14.40
C ARG A 239 -42.28 -13.16 -15.92
N ARG A 240 -43.36 -13.68 -16.49
CA ARG A 240 -43.50 -13.66 -17.94
C ARG A 240 -44.19 -12.38 -18.40
N ALA A 241 -43.71 -11.82 -19.51
CA ALA A 241 -44.36 -10.68 -20.11
C ALA A 241 -45.61 -11.09 -20.90
N TYR A 242 -46.48 -10.11 -21.15
CA TYR A 242 -47.74 -10.34 -21.85
C TYR A 242 -48.25 -8.99 -22.36
N ASP A 243 -49.04 -9.06 -23.43
CA ASP A 243 -49.72 -7.90 -23.97
C ASP A 243 -50.91 -7.58 -23.09
N VAL A 244 -50.97 -6.36 -22.55
CA VAL A 244 -52.07 -5.95 -21.69
C VAL A 244 -53.36 -5.69 -22.46
N ARG A 245 -53.30 -5.55 -23.78
CA ARG A 245 -54.49 -5.15 -24.51
C ARG A 245 -55.66 -6.13 -24.41
N PRO A 246 -55.47 -7.45 -24.30
CA PRO A 246 -56.63 -8.34 -24.04
C PRO A 246 -57.27 -8.14 -22.67
N ILE A 247 -56.48 -7.76 -21.65
CA ILE A 247 -57.07 -7.38 -20.38
C ILE A 247 -57.96 -6.15 -20.54
N VAL A 248 -57.45 -5.14 -21.25
CA VAL A 248 -58.21 -3.91 -21.50
C VAL A 248 -59.51 -4.24 -22.22
N THR A 249 -59.42 -4.90 -23.39
CA THR A 249 -60.63 -5.17 -24.16
C THR A 249 -61.59 -6.09 -23.40
N ALA A 250 -61.09 -6.88 -22.46
CA ALA A 250 -62.02 -7.70 -21.68
C ALA A 250 -62.73 -6.88 -20.62
N ILE A 251 -62.14 -5.76 -20.18
CA ILE A 251 -62.85 -4.84 -19.29
C ILE A 251 -63.90 -4.06 -20.08
N LEU A 252 -63.55 -3.58 -21.27
CA LEU A 252 -64.46 -2.79 -22.07
C LEU A 252 -65.54 -3.66 -22.71
N ASP A 253 -66.59 -3.00 -23.21
CA ASP A 253 -67.74 -3.71 -23.75
C ASP A 253 -67.33 -4.52 -24.97
N ALA A 254 -67.80 -5.78 -25.01
CA ALA A 254 -67.41 -6.71 -26.08
C ALA A 254 -67.83 -6.22 -27.47
N ASP A 255 -68.94 -5.48 -27.56
CA ASP A 255 -69.46 -5.07 -28.86
C ASP A 255 -68.87 -3.75 -29.34
N THR A 256 -67.90 -3.18 -28.63
CA THR A 256 -67.47 -1.84 -28.99
C THR A 256 -65.97 -1.79 -29.25
N PRO A 257 -65.53 -1.08 -30.28
CA PRO A 257 -64.09 -0.94 -30.52
C PRO A 257 -63.38 -0.24 -29.36
N PHE A 258 -62.14 -0.67 -29.12
CA PHE A 258 -61.20 0.07 -28.29
C PHE A 258 -60.37 0.96 -29.21
N ASP A 259 -60.56 2.26 -29.11
CA ASP A 259 -59.84 3.15 -30.00
C ASP A 259 -58.54 3.56 -29.33
N GLU A 260 -57.53 2.71 -29.49
CA GLU A 260 -56.22 2.97 -28.94
C GLU A 260 -55.56 4.17 -29.63
N PHE A 261 -54.96 5.05 -28.83
CA PHE A 261 -54.21 6.21 -29.32
C PHE A 261 -52.73 5.87 -29.36
N GLN A 262 -52.06 6.28 -30.44
CA GLN A 262 -50.59 6.26 -30.53
C GLN A 262 -50.01 4.88 -30.21
N ALA A 263 -50.59 3.84 -30.81
CA ALA A 263 -50.22 2.47 -30.45
C ALA A 263 -48.75 2.20 -30.66
N ASN A 264 -48.13 2.83 -31.65
CA ASN A 264 -46.75 2.53 -32.01
C ASN A 264 -45.75 3.53 -31.42
N TRP A 265 -46.21 4.42 -30.55
CA TRP A 265 -45.37 5.37 -29.84
C TRP A 265 -45.47 5.07 -28.36
N ALA A 266 -44.32 5.07 -27.67
CA ALA A 266 -44.22 4.75 -26.26
C ALA A 266 -44.99 3.46 -25.96
N PRO A 267 -44.52 2.32 -26.51
CA PRO A 267 -45.31 1.08 -26.41
C PRO A 267 -45.34 0.47 -25.01
N SER A 268 -44.61 0.98 -24.04
CA SER A 268 -44.78 0.45 -22.69
C SER A 268 -46.07 0.94 -22.03
N MET A 269 -46.76 1.90 -22.65
CA MET A 269 -47.99 2.49 -22.12
C MET A 269 -49.06 2.39 -23.19
N VAL A 270 -50.23 1.90 -22.82
CA VAL A 270 -51.38 1.82 -23.72
C VAL A 270 -52.44 2.82 -23.23
N VAL A 271 -52.96 3.64 -24.14
CA VAL A 271 -54.04 4.55 -23.81
C VAL A 271 -55.05 4.54 -24.94
N GLY A 272 -56.30 4.85 -24.60
CA GLY A 272 -57.33 4.97 -25.61
C GLY A 272 -58.72 5.05 -25.01
N LEU A 273 -59.68 5.27 -25.91
CA LEU A 273 -61.08 5.42 -25.55
C LEU A 273 -61.86 4.16 -25.94
N GLY A 274 -62.80 3.78 -25.07
CA GLY A 274 -63.72 2.71 -25.34
C GLY A 274 -64.98 2.95 -24.54
N ARG A 275 -65.81 1.93 -24.36
CA ARG A 275 -67.03 2.11 -23.58
C ARG A 275 -67.08 1.06 -22.49
N LEU A 276 -67.57 1.48 -21.32
CA LEU A 276 -67.70 0.62 -20.15
C LEU A 276 -69.17 0.65 -19.75
N SER A 277 -69.88 -0.44 -20.05
CA SER A 277 -71.35 -0.52 -19.94
C SER A 277 -72.04 0.62 -20.66
N GLY A 278 -71.50 0.99 -21.83
CA GLY A 278 -72.06 2.02 -22.65
C GLY A 278 -71.51 3.40 -22.42
N ARG A 279 -70.81 3.62 -21.31
CA ARG A 279 -70.26 4.92 -20.97
C ARG A 279 -68.87 5.10 -21.57
N THR A 280 -68.61 6.24 -22.20
CA THR A 280 -67.25 6.55 -22.63
C THR A 280 -66.30 6.58 -21.44
N VAL A 281 -65.20 5.82 -21.53
CA VAL A 281 -64.13 5.90 -20.55
C VAL A 281 -62.80 5.94 -21.28
N GLY A 282 -61.80 6.50 -20.61
CA GLY A 282 -60.43 6.43 -21.06
C GLY A 282 -59.68 5.38 -20.24
N VAL A 283 -58.74 4.70 -20.89
CA VAL A 283 -57.96 3.63 -20.27
C VAL A 283 -56.48 3.97 -20.35
N LEU A 284 -55.77 3.79 -19.23
CA LEU A 284 -54.32 3.81 -19.21
C LEU A 284 -53.87 2.49 -18.61
N ALA A 285 -52.90 1.84 -19.25
CA ALA A 285 -52.44 0.54 -18.78
C ALA A 285 -50.98 0.33 -19.16
N ASN A 286 -50.14 0.03 -18.18
CA ASN A 286 -48.79 -0.39 -18.48
C ASN A 286 -48.86 -1.68 -19.28
N ASN A 287 -48.01 -1.76 -20.31
CA ASN A 287 -47.99 -2.93 -21.18
C ASN A 287 -46.71 -3.73 -20.91
N PRO A 288 -46.76 -4.81 -20.14
CA PRO A 288 -45.53 -5.52 -19.77
C PRO A 288 -44.80 -6.11 -20.96
N LEU A 289 -45.46 -6.24 -22.11
CA LEU A 289 -44.79 -6.79 -23.28
C LEU A 289 -43.62 -5.92 -23.76
N ARG A 290 -43.67 -4.61 -23.52
CA ARG A 290 -42.66 -3.68 -24.00
C ARG A 290 -41.94 -3.05 -22.82
N LEU A 291 -40.61 -3.11 -22.82
CA LEU A 291 -39.78 -2.52 -21.76
C LEU A 291 -40.20 -2.98 -20.36
N GLY A 292 -40.65 -4.22 -20.25
CA GLY A 292 -41.10 -4.75 -18.98
C GLY A 292 -42.30 -4.02 -18.41
N GLY A 293 -42.96 -3.17 -19.21
CA GLY A 293 -44.02 -2.31 -18.71
C GLY A 293 -43.55 -1.09 -17.94
N CYS A 294 -42.25 -0.78 -17.97
CA CYS A 294 -41.74 0.37 -17.22
C CYS A 294 -42.23 1.69 -17.76
N LEU A 295 -42.29 2.68 -16.87
CA LEU A 295 -42.49 4.04 -17.31
C LEU A 295 -41.18 4.58 -17.87
N ASN A 296 -41.29 5.51 -18.80
CA ASN A 296 -40.11 6.23 -19.28
C ASN A 296 -40.59 7.57 -19.81
N SER A 297 -39.67 8.31 -20.42
CA SER A 297 -39.97 9.66 -20.89
C SER A 297 -41.25 9.71 -21.73
N GLU A 298 -41.29 8.95 -22.83
CA GLU A 298 -42.39 9.14 -23.75
C GLU A 298 -43.67 8.48 -23.24
N SER A 299 -43.55 7.39 -22.50
CA SER A 299 -44.74 6.80 -21.89
C SER A 299 -45.35 7.73 -20.84
N ALA A 300 -44.51 8.44 -20.07
CA ALA A 300 -45.06 9.43 -19.14
C ALA A 300 -45.79 10.53 -19.91
N GLU A 301 -45.24 10.97 -21.04
CA GLU A 301 -45.85 12.06 -21.79
C GLU A 301 -47.15 11.62 -22.47
N LYS A 302 -47.13 10.44 -23.08
CA LYS A 302 -48.34 9.82 -23.61
C LYS A 302 -49.43 9.77 -22.56
N ALA A 303 -49.12 9.24 -21.37
CA ALA A 303 -50.13 9.15 -20.31
C ALA A 303 -50.61 10.53 -19.86
N ALA A 304 -49.68 11.48 -19.66
CA ALA A 304 -50.06 12.79 -19.15
C ALA A 304 -51.00 13.50 -20.10
N ARG A 305 -50.66 13.50 -21.39
CA ARG A 305 -51.48 14.20 -22.35
C ARG A 305 -52.87 13.58 -22.41
N PHE A 306 -52.95 12.24 -22.34
CA PHE A 306 -54.23 11.57 -22.43
C PHE A 306 -55.09 11.84 -21.18
N VAL A 307 -54.46 11.90 -20.00
CA VAL A 307 -55.19 12.22 -18.77
C VAL A 307 -55.82 13.61 -18.86
N ARG A 308 -55.05 14.61 -19.32
CA ARG A 308 -55.61 15.97 -19.39
CA ARG A 308 -55.59 15.98 -19.41
C ARG A 308 -56.73 16.06 -20.41
N LEU A 309 -56.71 15.22 -21.45
CA LEU A 309 -57.75 15.27 -22.47
C LEU A 309 -59.06 14.70 -21.94
N CYS A 310 -59.01 13.54 -21.30
CA CYS A 310 -60.21 13.00 -20.66
C CYS A 310 -60.74 13.94 -19.59
N ASP A 311 -59.85 14.52 -18.80
CA ASP A 311 -60.29 15.39 -17.73
C ASP A 311 -60.99 16.63 -18.27
N ALA A 312 -60.50 17.15 -19.39
CA ALA A 312 -61.14 18.31 -20.00
C ALA A 312 -62.60 18.03 -20.39
N PHE A 313 -62.91 16.82 -20.85
CA PHE A 313 -64.24 16.59 -21.42
C PHE A 313 -65.12 15.69 -20.57
N GLY A 314 -64.77 15.52 -19.29
CA GLY A 314 -65.61 14.77 -18.38
C GLY A 314 -65.61 13.27 -18.57
N ILE A 315 -64.50 12.70 -19.04
CA ILE A 315 -64.43 11.28 -19.37
C ILE A 315 -63.70 10.55 -18.24
N PRO A 316 -64.37 9.66 -17.51
CA PRO A 316 -63.71 8.97 -16.39
C PRO A 316 -62.59 8.06 -16.86
N LEU A 317 -61.68 7.73 -15.93
CA LEU A 317 -60.47 6.97 -16.25
C LEU A 317 -60.41 5.63 -15.54
N VAL A 318 -59.93 4.63 -16.27
CA VAL A 318 -59.57 3.33 -15.74
C VAL A 318 -58.06 3.19 -15.93
N VAL A 319 -57.34 2.96 -14.83
CA VAL A 319 -55.88 2.89 -14.83
C VAL A 319 -55.49 1.47 -14.40
N VAL A 320 -55.02 0.67 -15.34
CA VAL A 320 -54.66 -0.73 -15.10
C VAL A 320 -53.15 -0.78 -14.87
N VAL A 321 -52.75 -1.10 -13.65
CA VAL A 321 -51.37 -0.90 -13.20
C VAL A 321 -50.68 -2.25 -13.04
N ASP A 322 -49.51 -2.37 -13.65
CA ASP A 322 -48.60 -3.51 -13.57
C ASP A 322 -47.22 -2.98 -13.98
N VAL A 323 -46.54 -2.29 -13.08
CA VAL A 323 -45.36 -1.50 -13.45
C VAL A 323 -44.26 -1.75 -12.44
N PRO A 324 -43.08 -2.19 -12.88
CA PRO A 324 -42.02 -2.56 -11.93
C PRO A 324 -40.97 -1.47 -11.71
N GLY A 325 -41.00 -0.40 -12.50
CA GLY A 325 -40.03 0.66 -12.34
C GLY A 325 -40.10 1.64 -13.50
N TYR A 326 -39.08 2.49 -13.60
CA TYR A 326 -39.01 3.49 -14.65
C TYR A 326 -37.59 3.54 -15.20
N LEU A 327 -37.41 4.21 -16.33
CA LEU A 327 -36.20 4.03 -17.13
C LEU A 327 -35.72 5.35 -17.73
N PRO A 328 -34.41 5.48 -17.92
CA PRO A 328 -33.89 6.63 -18.69
C PRO A 328 -33.86 6.31 -20.17
N GLY A 329 -33.48 7.29 -20.99
CA GLY A 329 -33.16 7.01 -22.37
C GLY A 329 -31.96 6.09 -22.50
N VAL A 330 -31.70 5.66 -23.74
CA VAL A 330 -30.63 4.70 -24.00
C VAL A 330 -29.27 5.27 -23.60
N ASP A 331 -29.13 6.59 -23.64
CA ASP A 331 -27.93 7.31 -23.25
C ASP A 331 -27.81 7.52 -21.75
N GLN A 332 -28.72 6.95 -21.00
CA GLN A 332 -28.77 7.19 -19.59
C GLN A 332 -29.12 8.64 -19.26
N GLU A 333 -29.90 9.24 -20.11
CA GLU A 333 -30.40 10.59 -19.89
C GLU A 333 -31.71 10.50 -19.09
N TRP A 334 -31.68 10.98 -17.84
CA TRP A 334 -32.86 10.93 -16.99
C TRP A 334 -33.74 12.16 -17.08
N GLY A 335 -33.27 13.25 -17.70
CA GLY A 335 -34.02 14.49 -17.67
C GLY A 335 -35.38 14.40 -18.33
N GLY A 336 -35.55 13.47 -19.27
CA GLY A 336 -36.85 13.29 -19.88
C GLY A 336 -37.84 12.66 -18.92
N VAL A 337 -37.45 11.57 -18.29
CA VAL A 337 -38.41 10.89 -17.42
C VAL A 337 -38.69 11.72 -16.17
N VAL A 338 -37.73 12.52 -15.70
CA VAL A 338 -37.97 13.43 -14.59
C VAL A 338 -38.98 14.50 -14.99
N ARG A 339 -38.71 15.19 -16.10
CA ARG A 339 -39.59 16.27 -16.54
C ARG A 339 -40.97 15.76 -16.94
N ARG A 340 -41.03 14.71 -17.76
CA ARG A 340 -42.34 14.22 -18.19
C ARG A 340 -43.03 13.48 -17.06
N GLY A 341 -42.27 12.76 -16.23
CA GLY A 341 -42.87 12.11 -15.08
C GLY A 341 -43.52 13.11 -14.14
N ALA A 342 -42.86 14.27 -13.94
CA ALA A 342 -43.46 15.31 -13.12
C ALA A 342 -44.76 15.80 -13.75
N LYS A 343 -44.80 15.87 -15.08
CA LYS A 343 -46.01 16.31 -15.76
C LYS A 343 -47.14 15.28 -15.61
N LEU A 344 -46.79 14.01 -15.45
CA LEU A 344 -47.82 12.99 -15.22
C LEU A 344 -48.33 13.07 -13.78
N LEU A 345 -47.46 13.32 -12.80
CA LEU A 345 -47.91 13.60 -11.45
C LEU A 345 -48.90 14.76 -11.44
N HIS A 346 -48.54 15.84 -12.14
CA HIS A 346 -49.39 17.02 -12.23
C HIS A 346 -50.75 16.69 -12.87
N ALA A 347 -50.75 15.92 -13.96
CA ALA A 347 -51.99 15.60 -14.65
C ALA A 347 -52.94 14.78 -13.78
N PHE A 348 -52.45 13.70 -13.15
CA PHE A 348 -53.31 12.96 -12.22
C PHE A 348 -53.68 13.82 -11.00
N GLY A 349 -52.70 14.53 -10.43
CA GLY A 349 -52.96 15.31 -9.22
C GLY A 349 -54.03 16.38 -9.42
N GLU A 350 -54.05 17.03 -10.58
CA GLU A 350 -55.05 18.07 -10.83
C GLU A 350 -56.35 17.53 -11.38
N CYS A 351 -56.41 16.23 -11.65
CA CYS A 351 -57.52 15.67 -12.40
C CYS A 351 -58.77 15.60 -11.50
N THR A 352 -59.94 15.94 -12.06
CA THR A 352 -61.16 15.95 -11.25
C THR A 352 -62.26 15.00 -11.73
N VAL A 353 -62.10 14.36 -12.89
CA VAL A 353 -63.04 13.32 -13.29
C VAL A 353 -62.82 12.09 -12.43
N PRO A 354 -63.80 11.19 -12.30
CA PRO A 354 -63.53 9.93 -11.60
C PRO A 354 -62.41 9.16 -12.29
N ARG A 355 -61.53 8.57 -11.49
CA ARG A 355 -60.37 7.85 -12.00
C ARG A 355 -60.05 6.73 -11.02
N VAL A 356 -60.23 5.50 -11.47
CA VAL A 356 -60.09 4.35 -10.60
C VAL A 356 -58.87 3.57 -11.05
N THR A 357 -58.18 2.97 -10.08
CA THR A 357 -56.93 2.25 -10.34
C THR A 357 -57.12 0.77 -10.04
N LEU A 358 -56.55 -0.09 -10.90
CA LEU A 358 -56.55 -1.54 -10.69
C LEU A 358 -55.10 -2.05 -10.72
N VAL A 359 -54.64 -2.60 -9.61
CA VAL A 359 -53.34 -3.25 -9.56
C VAL A 359 -53.56 -4.74 -9.90
N THR A 360 -52.96 -5.17 -11.01
CA THR A 360 -53.11 -6.58 -11.44
C THR A 360 -52.02 -7.43 -10.81
N ARG A 361 -50.77 -7.24 -11.22
CA ARG A 361 -49.67 -8.03 -10.65
C ARG A 361 -48.81 -7.23 -9.68
N LYS A 362 -48.13 -6.18 -10.12
CA LYS A 362 -47.21 -5.51 -9.23
C LYS A 362 -47.20 -4.02 -9.52
N THR A 363 -46.86 -3.23 -8.52
CA THR A 363 -46.63 -1.82 -8.74
C THR A 363 -45.57 -1.36 -7.73
N TYR A 364 -44.48 -0.78 -8.22
CA TYR A 364 -43.27 -0.55 -7.44
C TYR A 364 -42.87 0.92 -7.46
N GLY A 365 -42.40 1.39 -6.30
CA GLY A 365 -41.59 2.58 -6.18
C GLY A 365 -42.24 3.84 -6.70
N GLY A 366 -41.41 4.70 -7.29
CA GLY A 366 -41.90 5.95 -7.84
C GLY A 366 -42.96 5.76 -8.91
N ALA A 367 -42.83 4.70 -9.71
CA ALA A 367 -43.85 4.42 -10.73
C ALA A 367 -45.19 4.11 -10.08
N TYR A 368 -45.19 3.38 -8.97
CA TYR A 368 -46.40 3.21 -8.18
C TYR A 368 -47.08 4.56 -7.87
N ILE A 369 -46.33 5.53 -7.37
CA ILE A 369 -46.92 6.80 -6.98
C ILE A 369 -47.58 7.47 -8.18
N ALA A 370 -46.92 7.41 -9.32
CA ALA A 370 -47.35 8.14 -10.50
C ALA A 370 -48.61 7.55 -11.15
N MET A 371 -48.82 6.23 -11.03
CA MET A 371 -49.93 5.54 -11.70
C MET A 371 -51.23 5.64 -10.90
N ASN A 372 -51.69 6.88 -10.70
CA ASN A 372 -52.97 7.16 -10.04
C ASN A 372 -53.07 6.50 -8.65
N SER A 373 -52.09 6.83 -7.81
CA SER A 373 -52.02 6.31 -6.45
C SER A 373 -52.95 7.08 -5.52
N ARG A 374 -53.25 6.44 -4.39
CA ARG A 374 -54.02 7.10 -3.35
C ARG A 374 -53.45 8.48 -3.00
N SER A 375 -52.13 8.63 -3.06
CA SER A 375 -51.54 9.92 -2.67
C SER A 375 -51.84 11.05 -3.66
N LEU A 376 -52.22 10.73 -4.90
CA LEU A 376 -52.66 11.73 -5.86
C LEU A 376 -54.19 11.82 -5.95
N ASN A 377 -54.90 11.28 -4.95
CA ASN A 377 -56.35 11.36 -4.81
C ASN A 377 -57.09 10.54 -5.88
N ALA A 378 -56.58 9.36 -6.21
CA ALA A 378 -57.36 8.43 -7.00
C ALA A 378 -58.73 8.21 -6.37
N THR A 379 -59.75 8.05 -7.21
CA THR A 379 -61.12 7.85 -6.73
C THR A 379 -61.21 6.60 -5.85
N LYS A 380 -60.65 5.50 -6.33
CA LYS A 380 -60.64 4.26 -5.59
C LYS A 380 -59.49 3.42 -6.13
N VAL A 381 -58.81 2.68 -5.25
CA VAL A 381 -57.73 1.81 -5.68
C VAL A 381 -58.13 0.36 -5.40
N PHE A 382 -58.14 -0.45 -6.46
CA PHE A 382 -58.47 -1.87 -6.40
C PHE A 382 -57.21 -2.71 -6.60
N ALA A 383 -57.21 -3.93 -6.06
CA ALA A 383 -56.14 -4.86 -6.33
C ALA A 383 -56.68 -6.28 -6.46
N TRP A 384 -56.11 -7.05 -7.38
CA TRP A 384 -56.34 -8.48 -7.41
C TRP A 384 -55.63 -9.14 -6.22
N PRO A 385 -56.12 -10.31 -5.78
CA PRO A 385 -55.65 -10.85 -4.48
C PRO A 385 -54.16 -11.10 -4.38
N ASP A 386 -53.49 -11.49 -5.46
CA ASP A 386 -52.06 -11.77 -5.42
C ASP A 386 -51.20 -10.56 -5.82
N ALA A 387 -51.78 -9.38 -5.97
CA ALA A 387 -51.00 -8.25 -6.43
C ALA A 387 -49.98 -7.82 -5.37
N GLU A 388 -48.92 -7.17 -5.84
CA GLU A 388 -47.87 -6.68 -4.97
C GLU A 388 -47.80 -5.16 -5.03
N VAL A 389 -47.74 -4.52 -3.87
CA VAL A 389 -47.54 -3.09 -3.75
C VAL A 389 -46.38 -2.89 -2.80
N ALA A 390 -45.24 -2.41 -3.32
CA ALA A 390 -44.03 -2.38 -2.51
C ALA A 390 -43.08 -1.35 -3.08
N VAL A 391 -42.04 -1.05 -2.29
CA VAL A 391 -41.01 -0.13 -2.78
C VAL A 391 -40.27 -0.75 -3.97
N MET A 392 -40.05 -2.06 -3.91
CA MET A 392 -39.36 -2.82 -4.96
C MET A 392 -39.59 -4.28 -4.63
N GLY A 393 -39.21 -5.16 -5.56
CA GLY A 393 -39.28 -6.59 -5.30
C GLY A 393 -38.54 -6.96 -4.02
N ALA A 394 -38.99 -8.02 -3.34
CA ALA A 394 -38.43 -8.34 -2.03
C ALA A 394 -36.95 -8.73 -2.13
N LYS A 395 -36.58 -9.47 -3.17
CA LYS A 395 -35.18 -9.84 -3.31
C LYS A 395 -34.31 -8.61 -3.46
N ALA A 396 -34.72 -7.68 -4.33
CA ALA A 396 -33.97 -6.44 -4.47
C ALA A 396 -33.93 -5.68 -3.16
N ALA A 397 -35.03 -5.68 -2.42
CA ALA A 397 -35.10 -4.85 -1.21
C ALA A 397 -34.13 -5.37 -0.15
N VAL A 398 -34.17 -6.67 0.15
CA VAL A 398 -33.31 -7.21 1.22
C VAL A 398 -31.87 -7.27 0.76
N GLY A 399 -31.66 -7.32 -0.54
CA GLY A 399 -30.32 -7.16 -1.07
C GLY A 399 -29.68 -5.85 -0.74
N ILE A 400 -30.48 -4.81 -0.54
CA ILE A 400 -29.98 -3.51 -0.10
C ILE A 400 -29.95 -3.40 1.42
N LEU A 401 -31.05 -3.81 2.06
CA LEU A 401 -31.16 -3.68 3.52
C LEU A 401 -30.18 -4.59 4.24
N HIS A 402 -29.77 -5.69 3.63
CA HIS A 402 -28.86 -6.65 4.26
C HIS A 402 -27.66 -6.95 3.37
N LYS A 403 -27.18 -5.93 2.65
CA LYS A 403 -26.02 -6.08 1.78
C LYS A 403 -24.85 -6.71 2.52
N LYS A 404 -24.54 -6.20 3.72
CA LYS A 404 -23.37 -6.66 4.47
C LYS A 404 -23.54 -8.11 4.93
N LYS A 405 -24.72 -8.46 5.46
CA LYS A 405 -24.91 -9.85 5.90
C LYS A 405 -24.81 -10.81 4.72
N LEU A 406 -25.27 -10.40 3.54
CA LEU A 406 -25.20 -11.31 2.39
C LEU A 406 -23.78 -11.40 1.87
N ALA A 407 -23.07 -10.28 1.79
CA ALA A 407 -21.68 -10.32 1.35
C ALA A 407 -20.83 -11.19 2.28
N ALA A 408 -21.19 -11.25 3.56
CA ALA A 408 -20.41 -12.04 4.52
C ALA A 408 -20.70 -13.53 4.44
N ALA A 409 -21.82 -13.91 3.82
CA ALA A 409 -22.19 -15.31 3.78
C ALA A 409 -21.25 -16.09 2.84
N PRO A 410 -21.08 -17.39 3.06
CA PRO A 410 -20.27 -18.21 2.13
C PRO A 410 -20.96 -18.33 0.78
N GLU A 411 -20.16 -18.26 -0.28
CA GLU A 411 -20.70 -18.14 -1.65
C GLU A 411 -21.74 -19.21 -1.95
N HIS A 412 -21.54 -20.42 -1.46
CA HIS A 412 -22.49 -21.48 -1.78
C HIS A 412 -23.69 -21.49 -0.84
N GLU A 413 -23.68 -20.67 0.21
CA GLU A 413 -24.84 -20.46 1.06
C GLU A 413 -25.55 -19.13 0.81
N ARG A 414 -24.85 -18.14 0.23
CA ARG A 414 -25.41 -16.83 -0.10
C ARG A 414 -26.33 -16.96 -1.30
N GLU A 415 -27.55 -17.39 -1.03
CA GLU A 415 -28.59 -17.53 -2.04
C GLU A 415 -29.77 -18.12 -1.31
N ALA A 416 -29.55 -19.27 -0.67
CA ALA A 416 -30.50 -19.75 0.32
C ALA A 416 -30.73 -18.68 1.38
N LEU A 417 -29.67 -17.97 1.77
CA LEU A 417 -29.84 -16.87 2.72
C LEU A 417 -30.64 -15.73 2.07
N HIS A 418 -30.38 -15.43 0.79
CA HIS A 418 -31.12 -14.38 0.11
C HIS A 418 -32.61 -14.71 0.05
N ASP A 419 -32.95 -15.95 -0.32
CA ASP A 419 -34.36 -16.37 -0.39
C ASP A 419 -35.00 -16.43 0.99
N GLN A 420 -34.22 -16.72 2.03
CA GLN A 420 -34.79 -16.71 3.37
C GLN A 420 -35.11 -15.29 3.82
N LEU A 421 -34.20 -14.35 3.56
CA LEU A 421 -34.47 -12.96 3.92
C LEU A 421 -35.61 -12.40 3.09
N ALA A 422 -35.67 -12.74 1.80
CA ALA A 422 -36.73 -12.22 0.94
C ALA A 422 -38.11 -12.71 1.38
N ALA A 423 -38.22 -13.98 1.75
CA ALA A 423 -39.51 -14.52 2.21
C ALA A 423 -39.92 -13.93 3.57
N GLU A 424 -38.94 -13.62 4.42
CA GLU A 424 -39.26 -12.92 5.66
C GLU A 424 -39.73 -11.49 5.40
N HIS A 425 -39.18 -10.85 4.36
CA HIS A 425 -39.52 -9.47 4.08
C HIS A 425 -40.90 -9.35 3.46
N GLU A 426 -41.31 -10.32 2.65
CA GLU A 426 -42.65 -10.27 2.07
C GLU A 426 -43.71 -10.90 2.96
N ARG A 427 -43.33 -11.56 4.05
CA ARG A 427 -44.33 -11.90 5.06
C ARG A 427 -44.97 -10.64 5.62
N ILE A 428 -44.19 -9.56 5.75
CA ILE A 428 -44.59 -8.36 6.45
C ILE A 428 -44.83 -7.16 5.52
N ALA A 429 -44.55 -7.29 4.23
CA ALA A 429 -44.59 -6.15 3.33
C ALA A 429 -44.87 -6.61 1.91
N GLY A 430 -45.54 -5.76 1.15
CA GLY A 430 -45.70 -5.93 -0.28
C GLY A 430 -47.03 -6.52 -0.72
N GLY A 431 -47.79 -7.14 0.19
CA GLY A 431 -49.04 -7.78 -0.19
C GLY A 431 -50.24 -6.84 -0.12
N VAL A 432 -51.37 -7.31 -0.66
CA VAL A 432 -52.57 -6.49 -0.68
C VAL A 432 -53.11 -6.27 0.73
N ASP A 433 -53.08 -7.31 1.58
CA ASP A 433 -53.53 -7.17 2.96
C ASP A 433 -52.79 -6.02 3.66
N SER A 434 -51.47 -5.97 3.52
CA SER A 434 -50.72 -4.89 4.13
C SER A 434 -51.06 -3.54 3.49
N ALA A 435 -51.29 -3.52 2.16
CA ALA A 435 -51.71 -2.28 1.50
C ALA A 435 -53.09 -1.84 1.94
N LEU A 436 -53.99 -2.78 2.28
CA LEU A 436 -55.30 -2.40 2.82
C LEU A 436 -55.18 -1.79 4.21
N ASP A 437 -54.34 -2.36 5.08
CA ASP A 437 -54.13 -1.79 6.41
C ASP A 437 -53.55 -0.39 6.30
N ILE A 438 -52.56 -0.21 5.42
CA ILE A 438 -51.94 1.10 5.27
C ILE A 438 -52.96 2.10 4.73
N GLY A 439 -53.84 1.67 3.83
CA GLY A 439 -54.80 2.57 3.23
C GLY A 439 -54.49 3.00 1.81
N VAL A 440 -53.51 2.39 1.16
CA VAL A 440 -53.23 2.76 -0.23
C VAL A 440 -54.01 1.87 -1.20
N VAL A 441 -54.58 0.78 -0.73
CA VAL A 441 -55.56 0.02 -1.51
C VAL A 441 -56.88 0.07 -0.76
N ASP A 442 -57.96 0.31 -1.51
CA ASP A 442 -59.30 0.36 -0.93
C ASP A 442 -59.98 -1.00 -0.85
N GLU A 443 -59.82 -1.85 -1.85
CA GLU A 443 -60.54 -3.12 -1.84
C GLU A 443 -59.77 -4.17 -2.61
N LYS A 444 -59.60 -5.33 -2.00
CA LYS A 444 -59.18 -6.52 -2.73
C LYS A 444 -60.41 -7.13 -3.41
N ILE A 445 -60.33 -7.39 -4.71
CA ILE A 445 -61.51 -7.88 -5.43
C ILE A 445 -61.22 -9.22 -6.09
N ASP A 446 -62.30 -9.98 -6.27
CA ASP A 446 -62.33 -11.16 -7.13
C ASP A 446 -62.14 -10.72 -8.57
N PRO A 447 -61.08 -11.15 -9.25
CA PRO A 447 -60.89 -10.73 -10.66
C PRO A 447 -62.09 -11.02 -11.56
N ALA A 448 -62.91 -12.02 -11.23
CA ALA A 448 -64.12 -12.27 -11.99
C ALA A 448 -65.13 -11.13 -11.88
N HIS A 449 -64.95 -10.19 -10.95
CA HIS A 449 -65.81 -9.02 -10.86
C HIS A 449 -65.10 -7.72 -11.20
N THR A 450 -63.96 -7.80 -11.88
CA THR A 450 -63.18 -6.60 -12.19
C THR A 450 -64.04 -5.55 -12.88
N ARG A 451 -64.69 -5.95 -13.97
CA ARG A 451 -65.40 -4.99 -14.80
C ARG A 451 -66.55 -4.35 -14.04
N SER A 452 -67.25 -5.11 -13.23
CA SER A 452 -68.37 -4.49 -12.53
C SER A 452 -67.95 -3.76 -11.27
N LYS A 453 -66.81 -4.13 -10.65
CA LYS A 453 -66.27 -3.34 -9.55
C LYS A 453 -65.75 -1.98 -10.02
N LEU A 454 -65.08 -1.94 -11.17
CA LEU A 454 -64.61 -0.65 -11.70
C LEU A 454 -65.80 0.25 -12.02
N THR A 455 -66.83 -0.30 -12.68
CA THR A 455 -68.01 0.47 -13.04
C THR A 455 -68.69 1.06 -11.81
N GLU A 456 -68.90 0.24 -10.78
CA GLU A 456 -69.54 0.73 -9.56
C GLU A 456 -68.78 1.94 -8.99
N ALA A 457 -67.44 1.84 -8.91
CA ALA A 457 -66.67 2.95 -8.34
C ALA A 457 -66.77 4.22 -9.20
N LEU A 458 -66.70 4.07 -10.52
CA LEU A 458 -66.77 5.27 -11.36
C LEU A 458 -68.18 5.86 -11.36
N ALA A 459 -69.21 5.01 -11.36
CA ALA A 459 -70.58 5.52 -11.46
C ALA A 459 -70.99 6.31 -10.23
N GLN A 460 -70.51 5.92 -9.05
CA GLN A 460 -70.97 6.49 -7.80
C GLN A 460 -70.09 7.63 -7.31
N ALA A 461 -69.06 7.95 -8.07
CA ALA A 461 -68.17 9.04 -7.74
C ALA A 461 -68.83 10.37 -8.13
N PRO A 462 -68.43 11.47 -7.50
CA PRO A 462 -68.83 12.77 -8.03
C PRO A 462 -68.27 12.96 -9.43
N ALA A 463 -69.06 13.59 -10.31
CA ALA A 463 -68.56 13.87 -11.64
C ALA A 463 -67.31 14.74 -11.59
N ARG A 464 -67.17 15.58 -10.57
CA ARG A 464 -66.01 16.45 -10.40
C ARG A 464 -65.57 16.47 -8.94
N ARG A 465 -64.31 16.10 -8.71
CA ARG A 465 -63.41 16.49 -7.60
C ARG A 465 -62.70 15.28 -7.04
N GLY A 466 -61.46 15.49 -6.60
CA GLY A 466 -60.48 14.45 -6.46
C GLY A 466 -59.21 14.94 -7.16
N LEU B 13 -19.98 22.78 13.99
CA LEU B 13 -21.28 22.28 13.50
C LEU B 13 -21.15 21.74 12.08
N ASP B 14 -21.74 20.57 11.84
CA ASP B 14 -21.68 19.95 10.52
C ASP B 14 -22.24 20.91 9.46
N PRO B 15 -21.61 20.97 8.28
CA PRO B 15 -22.15 21.86 7.22
C PRO B 15 -23.55 21.48 6.74
N ARG B 16 -23.91 20.19 6.82
CA ARG B 16 -25.21 19.70 6.38
C ARG B 16 -26.32 19.96 7.38
N ASP B 17 -26.02 20.53 8.53
CA ASP B 17 -27.03 20.70 9.56
C ASP B 17 -28.21 21.54 9.04
N PRO B 18 -29.47 21.08 9.23
CA PRO B 18 -30.59 21.80 8.59
C PRO B 18 -30.87 23.17 9.19
N LEU B 19 -30.74 23.33 10.51
CA LEU B 19 -30.89 24.67 11.09
C LEU B 19 -29.84 25.64 10.55
N LEU B 20 -28.59 25.19 10.46
CA LEU B 20 -27.57 26.02 9.85
C LEU B 20 -27.94 26.41 8.43
N ARG B 21 -28.47 25.45 7.66
CA ARG B 21 -28.79 25.72 6.25
C ARG B 21 -29.99 26.67 6.12
N LEU B 22 -31.02 26.48 6.94
CA LEU B 22 -32.13 27.44 6.93
C LEU B 22 -31.66 28.83 7.36
N SER B 23 -30.80 28.89 8.38
CA SER B 23 -30.32 30.16 8.91
C SER B 23 -29.47 30.89 7.89
N ASN B 24 -28.70 30.16 7.09
CA ASN B 24 -27.98 30.79 6.00
C ASN B 24 -28.94 31.36 4.95
N PHE B 25 -30.03 30.63 4.66
CA PHE B 25 -30.94 31.09 3.60
C PHE B 25 -31.74 32.31 4.05
N PHE B 26 -32.29 32.30 5.26
CA PHE B 26 -33.20 33.32 5.74
C PHE B 26 -32.48 34.59 6.20
N ASP B 27 -33.25 35.67 6.33
CA ASP B 27 -32.74 36.88 6.97
C ASP B 27 -32.25 36.56 8.39
N ASP B 28 -31.07 37.08 8.73
CA ASP B 28 -30.51 36.83 10.07
C ASP B 28 -31.52 37.16 11.14
N GLY B 29 -31.68 36.24 12.10
CA GLY B 29 -32.59 36.44 13.19
C GLY B 29 -34.06 36.28 12.85
N SER B 30 -34.42 35.89 11.63
CA SER B 30 -35.84 35.76 11.28
C SER B 30 -36.40 34.35 11.49
N VAL B 31 -35.55 33.35 11.75
CA VAL B 31 -36.01 31.96 11.73
C VAL B 31 -36.95 31.68 12.88
N GLU B 32 -38.10 31.05 12.57
CA GLU B 32 -39.03 30.50 13.56
C GLU B 32 -39.45 29.10 13.11
N LEU B 33 -39.07 28.09 13.88
CA LEU B 33 -39.36 26.71 13.50
C LEU B 33 -40.86 26.46 13.52
N LEU B 34 -41.32 25.61 12.61
CA LEU B 34 -42.75 25.27 12.56
C LEU B 34 -43.07 24.04 13.38
N HIS B 35 -42.07 23.32 13.85
CA HIS B 35 -42.25 22.11 14.64
C HIS B 35 -41.01 21.93 15.48
N GLU B 36 -41.11 21.05 16.47
CA GLU B 36 -39.96 20.68 17.29
C GLU B 36 -38.91 19.96 16.44
N ARG B 37 -37.65 20.35 16.60
CA ARG B 37 -36.57 19.62 15.95
C ARG B 37 -36.56 18.16 16.37
N ASP B 38 -36.29 17.25 15.43
CA ASP B 38 -36.43 15.81 15.71
C ASP B 38 -35.51 15.02 14.78
N ARG B 39 -35.72 13.71 14.72
CA ARG B 39 -34.95 12.80 13.89
C ARG B 39 -35.67 12.46 12.58
N SER B 40 -36.66 13.26 12.19
CA SER B 40 -37.51 12.94 11.05
C SER B 40 -36.79 13.05 9.71
N GLY B 41 -35.69 13.78 9.66
CA GLY B 41 -35.01 14.07 8.41
C GLY B 41 -35.44 15.34 7.70
N VAL B 42 -36.32 16.14 8.30
CA VAL B 42 -36.75 17.41 7.73
C VAL B 42 -36.88 18.43 8.86
N LEU B 43 -36.44 19.67 8.59
CA LEU B 43 -36.73 20.80 9.45
C LEU B 43 -37.41 21.88 8.62
N ALA B 44 -38.53 22.38 9.10
CA ALA B 44 -39.30 23.41 8.41
C ALA B 44 -39.45 24.63 9.31
N ALA B 45 -39.36 25.82 8.70
CA ALA B 45 -39.40 27.07 9.45
C ALA B 45 -40.06 28.18 8.62
N ALA B 46 -40.57 29.19 9.32
CA ALA B 46 -40.90 30.48 8.76
C ALA B 46 -39.72 31.45 8.95
N GLY B 47 -39.68 32.47 8.12
CA GLY B 47 -38.60 33.43 8.16
C GLY B 47 -38.91 34.57 7.22
N THR B 48 -37.88 35.38 6.92
CA THR B 48 -38.06 36.44 5.93
C THR B 48 -36.89 36.42 4.96
N VAL B 49 -37.15 36.87 3.74
CA VAL B 49 -36.14 37.06 2.71
C VAL B 49 -36.30 38.50 2.24
N ASN B 50 -35.36 39.36 2.63
CA ASN B 50 -35.46 40.81 2.38
C ASN B 50 -36.83 41.35 2.75
N GLY B 51 -37.34 40.90 3.90
CA GLY B 51 -38.59 41.39 4.44
C GLY B 51 -39.80 40.54 4.11
N VAL B 52 -39.75 39.77 3.02
CA VAL B 52 -40.90 38.99 2.57
C VAL B 52 -41.05 37.75 3.46
N ARG B 53 -42.24 37.56 4.02
CA ARG B 53 -42.50 36.36 4.82
C ARG B 53 -42.48 35.11 3.94
N THR B 54 -41.63 34.15 4.30
CA THR B 54 -41.31 33.00 3.46
C THR B 54 -41.34 31.74 4.31
N ILE B 55 -41.77 30.65 3.72
CA ILE B 55 -41.70 29.33 4.35
C ILE B 55 -40.58 28.54 3.72
N ALA B 56 -39.82 27.81 4.52
CA ALA B 56 -38.78 26.95 3.97
C ALA B 56 -38.71 25.65 4.76
N PHE B 57 -38.22 24.61 4.09
CA PHE B 57 -37.97 23.32 4.71
C PHE B 57 -36.64 22.83 4.19
N CYS B 58 -35.96 22.01 4.99
CA CYS B 58 -34.64 21.51 4.64
C CYS B 58 -34.56 20.03 4.99
N THR B 59 -34.14 19.21 4.03
CA THR B 59 -33.90 17.81 4.37
C THR B 59 -32.60 17.71 5.16
N ASP B 60 -32.55 16.75 6.07
CA ASP B 60 -31.46 16.64 7.03
C ASP B 60 -30.50 15.57 6.51
N GLY B 61 -29.47 16.02 5.80
CA GLY B 61 -28.47 15.12 5.26
C GLY B 61 -27.62 14.41 6.30
N THR B 62 -27.75 14.77 7.59
CA THR B 62 -27.04 14.04 8.62
C THR B 62 -27.80 12.78 9.07
N VAL B 63 -29.10 12.71 8.81
CA VAL B 63 -29.94 11.58 9.22
C VAL B 63 -30.24 10.74 7.98
N MET B 64 -29.64 9.53 7.90
CA MET B 64 -29.90 8.59 6.81
C MET B 64 -29.67 9.23 5.44
N GLY B 65 -28.67 10.10 5.35
CA GLY B 65 -28.41 10.82 4.12
C GLY B 65 -29.54 11.73 3.67
N GLY B 66 -30.50 12.05 4.53
CA GLY B 66 -31.65 12.83 4.14
C GLY B 66 -32.80 12.03 3.58
N ALA B 67 -32.76 10.71 3.68
CA ALA B 67 -33.81 9.87 3.13
C ALA B 67 -35.16 10.28 3.70
N MET B 68 -36.17 10.31 2.83
CA MET B 68 -37.49 10.83 3.17
C MET B 68 -38.38 9.76 3.80
N GLY B 69 -38.91 10.06 4.99
CA GLY B 69 -39.81 9.18 5.69
C GLY B 69 -41.14 9.82 6.01
N VAL B 70 -42.02 9.02 6.63
CA VAL B 70 -43.38 9.45 6.88
C VAL B 70 -43.41 10.74 7.66
N GLU B 71 -42.61 10.82 8.72
CA GLU B 71 -42.69 11.97 9.60
C GLU B 71 -42.03 13.20 8.97
N GLY B 72 -40.94 13.04 8.22
CA GLY B 72 -40.38 14.17 7.52
C GLY B 72 -41.31 14.70 6.43
N CYS B 73 -41.86 13.79 5.63
CA CYS B 73 -42.84 14.16 4.62
C CYS B 73 -44.01 14.94 5.23
N THR B 74 -44.45 14.54 6.42
CA THR B 74 -45.53 15.26 7.07
C THR B 74 -45.11 16.69 7.45
N HIS B 75 -43.85 16.88 7.85
CA HIS B 75 -43.39 18.25 8.09
C HIS B 75 -43.42 19.07 6.80
N ILE B 76 -43.05 18.46 5.67
CA ILE B 76 -43.05 19.20 4.41
C ILE B 76 -44.47 19.57 4.02
N VAL B 77 -45.40 18.63 4.15
CA VAL B 77 -46.80 18.87 3.80
C VAL B 77 -47.39 19.97 4.69
N ASN B 78 -47.11 19.91 6.00
CA ASN B 78 -47.57 20.95 6.90
C ASN B 78 -47.03 22.32 6.50
N ALA B 79 -45.75 22.37 6.13
CA ALA B 79 -45.17 23.63 5.67
C ALA B 79 -45.85 24.13 4.41
N TYR B 80 -46.12 23.23 3.45
CA TYR B 80 -46.89 23.61 2.27
C TYR B 80 -48.26 24.14 2.65
N ASP B 81 -48.94 23.51 3.60
CA ASP B 81 -50.27 24.00 3.98
C ASP B 81 -50.18 25.36 4.67
N THR B 82 -49.16 25.55 5.52
CA THR B 82 -48.93 26.85 6.14
C THR B 82 -48.71 27.92 5.08
N ALA B 83 -47.87 27.60 4.08
CA ALA B 83 -47.53 28.58 3.08
C ALA B 83 -48.71 28.89 2.16
N ILE B 84 -49.51 27.87 1.81
CA ILE B 84 -50.69 28.09 0.99
C ILE B 84 -51.69 28.98 1.74
N GLU B 85 -51.90 28.69 3.03
CA GLU B 85 -52.85 29.45 3.84
C GLU B 85 -52.50 30.93 3.87
N ASP B 86 -51.23 31.27 4.10
CA ASP B 86 -50.84 32.67 4.15
C ASP B 86 -50.39 33.24 2.81
N GLN B 87 -50.49 32.46 1.73
CA GLN B 87 -49.98 32.85 0.41
C GLN B 87 -48.53 33.36 0.47
N SER B 88 -47.65 32.57 1.09
CA SER B 88 -46.23 32.87 1.15
C SER B 88 -45.46 32.01 0.15
N PRO B 89 -44.34 32.49 -0.36
CA PRO B 89 -43.45 31.61 -1.14
C PRO B 89 -42.91 30.50 -0.26
N ILE B 90 -42.59 29.38 -0.88
CA ILE B 90 -42.05 28.24 -0.16
C ILE B 90 -40.80 27.74 -0.85
N VAL B 91 -39.73 27.59 -0.05
CA VAL B 91 -38.38 27.24 -0.52
C VAL B 91 -38.03 25.89 0.10
N GLY B 92 -37.67 24.92 -0.73
CA GLY B 92 -37.15 23.65 -0.25
C GLY B 92 -35.65 23.58 -0.47
N ILE B 93 -34.94 23.18 0.59
CA ILE B 93 -33.50 22.93 0.51
C ILE B 93 -33.29 21.42 0.55
N TRP B 94 -32.68 20.87 -0.49
CA TRP B 94 -32.78 19.45 -0.77
C TRP B 94 -31.42 18.78 -0.67
N HIS B 95 -31.36 17.71 0.14
CA HIS B 95 -30.16 16.87 0.27
C HIS B 95 -30.67 15.50 0.74
N SER B 96 -30.77 14.55 -0.18
CA SER B 96 -31.57 13.37 0.15
C SER B 96 -31.45 12.30 -0.92
N GLY B 97 -31.25 11.04 -0.50
CA GLY B 97 -31.20 9.91 -1.40
C GLY B 97 -32.55 9.38 -1.87
N GLY B 98 -33.65 9.92 -1.35
CA GLY B 98 -34.97 9.45 -1.74
C GLY B 98 -35.77 8.91 -0.56
N ALA B 99 -36.76 8.07 -0.84
CA ALA B 99 -37.60 7.51 0.21
C ALA B 99 -36.79 6.56 1.10
N ARG B 100 -37.16 6.50 2.38
CA ARG B 100 -36.55 5.53 3.30
C ARG B 100 -37.05 4.14 2.96
N LEU B 101 -36.17 3.32 2.38
CA LEU B 101 -36.56 1.98 1.94
C LEU B 101 -37.15 1.17 3.09
N ALA B 102 -36.58 1.32 4.29
CA ALA B 102 -37.03 0.49 5.41
C ALA B 102 -38.42 0.85 5.90
N GLU B 103 -38.86 2.08 5.68
CA GLU B 103 -40.22 2.42 6.06
C GLU B 103 -41.24 1.88 5.08
N GLY B 104 -40.81 1.38 3.92
CA GLY B 104 -41.74 0.66 3.07
C GLY B 104 -42.74 1.53 2.34
N VAL B 105 -43.92 0.97 2.10
CA VAL B 105 -44.94 1.64 1.29
C VAL B 105 -45.43 2.91 1.98
N ARG B 106 -45.50 2.91 3.32
CA ARG B 106 -45.91 4.11 4.05
C ARG B 106 -45.08 5.32 3.64
N ALA B 107 -43.81 5.11 3.35
CA ALA B 107 -42.93 6.22 2.98
C ALA B 107 -43.15 6.65 1.54
N LEU B 108 -43.30 5.69 0.63
CA LEU B 108 -43.76 5.99 -0.73
C LEU B 108 -45.00 6.86 -0.70
N HIS B 109 -46.00 6.43 0.07
CA HIS B 109 -47.25 7.18 0.13
C HIS B 109 -47.04 8.59 0.65
N ALA B 110 -46.19 8.75 1.67
CA ALA B 110 -45.98 10.08 2.24
C ALA B 110 -45.21 10.97 1.27
N VAL B 111 -44.27 10.38 0.52
CA VAL B 111 -43.60 11.11 -0.55
C VAL B 111 -44.63 11.58 -1.59
N GLY B 112 -45.56 10.71 -1.95
CA GLY B 112 -46.61 11.13 -2.87
C GLY B 112 -47.45 12.27 -2.31
N GLN B 113 -47.73 12.24 -1.00
CA GLN B 113 -48.45 13.37 -0.41
C GLN B 113 -47.65 14.67 -0.48
N VAL B 114 -46.32 14.58 -0.51
CA VAL B 114 -45.51 15.76 -0.77
C VAL B 114 -45.73 16.26 -2.18
N PHE B 115 -45.69 15.35 -3.16
CA PHE B 115 -46.01 15.70 -4.54
C PHE B 115 -47.38 16.37 -4.64
N GLU B 116 -48.39 15.81 -3.96
CA GLU B 116 -49.75 16.35 -4.09
C GLU B 116 -49.84 17.76 -3.52
N ALA B 117 -49.09 18.06 -2.45
CA ALA B 117 -49.07 19.40 -1.90
C ALA B 117 -48.41 20.39 -2.85
N MET B 118 -47.32 19.98 -3.51
CA MET B 118 -46.67 20.84 -4.49
C MET B 118 -47.60 21.10 -5.67
N ILE B 119 -48.40 20.11 -6.02
CA ILE B 119 -49.35 20.27 -7.11
C ILE B 119 -50.46 21.23 -6.68
N ARG B 120 -50.96 21.09 -5.44
CA ARG B 120 -51.93 22.06 -4.95
C ARG B 120 -51.36 23.47 -4.91
N ALA B 121 -50.06 23.61 -4.63
CA ALA B 121 -49.46 24.93 -4.62
C ALA B 121 -49.16 25.47 -6.01
N SER B 122 -49.18 24.63 -7.04
CA SER B 122 -48.66 25.04 -8.34
C SER B 122 -49.46 26.22 -8.91
N GLY B 123 -48.74 27.27 -9.30
CA GLY B 123 -49.36 28.47 -9.84
C GLY B 123 -50.05 29.34 -8.81
N TYR B 124 -50.08 28.93 -7.55
CA TYR B 124 -50.72 29.67 -6.47
C TYR B 124 -49.70 30.41 -5.59
N ILE B 125 -48.65 29.74 -5.12
CA ILE B 125 -47.53 30.39 -4.44
C ILE B 125 -46.26 30.03 -5.18
N PRO B 126 -45.29 30.92 -5.26
CA PRO B 126 -44.01 30.56 -5.88
C PRO B 126 -43.32 29.44 -5.09
N GLN B 127 -42.66 28.53 -5.82
CA GLN B 127 -41.98 27.38 -5.24
C GLN B 127 -40.55 27.34 -5.76
N ILE B 128 -39.58 27.60 -4.89
CA ILE B 128 -38.16 27.60 -5.22
C ILE B 128 -37.50 26.36 -4.63
N SER B 129 -36.61 25.75 -5.39
CA SER B 129 -35.87 24.58 -4.94
C SER B 129 -34.38 24.90 -4.97
N VAL B 130 -33.70 24.69 -3.84
CA VAL B 130 -32.25 24.83 -3.77
C VAL B 130 -31.67 23.45 -3.44
N VAL B 131 -31.02 22.84 -4.42
CA VAL B 131 -30.47 21.48 -4.31
C VAL B 131 -28.99 21.63 -3.94
N VAL B 132 -28.67 21.41 -2.66
CA VAL B 132 -27.32 21.60 -2.15
C VAL B 132 -26.57 20.30 -1.90
N GLY B 133 -27.24 19.16 -2.00
CA GLY B 133 -26.58 17.87 -1.92
C GLY B 133 -27.18 16.92 -2.94
N PHE B 134 -26.63 15.72 -2.97
CA PHE B 134 -27.14 14.64 -3.80
C PHE B 134 -28.64 14.47 -3.57
N ALA B 135 -29.39 14.34 -4.67
CA ALA B 135 -30.84 14.33 -4.63
C ALA B 135 -31.35 13.28 -5.62
N ALA B 136 -31.97 12.23 -5.12
CA ALA B 136 -32.30 11.08 -5.94
C ALA B 136 -33.69 10.58 -5.60
N GLY B 137 -34.26 9.80 -6.52
CA GLY B 137 -35.55 9.18 -6.30
C GLY B 137 -36.62 10.24 -6.11
N GLY B 138 -37.41 10.09 -5.03
CA GLY B 138 -38.44 11.07 -4.75
C GLY B 138 -37.89 12.47 -4.55
N ALA B 139 -36.62 12.57 -4.17
CA ALA B 139 -35.99 13.86 -3.96
C ALA B 139 -35.47 14.45 -5.26
N ALA B 140 -35.45 13.69 -6.35
CA ALA B 140 -35.27 14.34 -7.64
C ALA B 140 -36.59 14.87 -8.20
N TYR B 141 -37.71 14.22 -7.90
CA TYR B 141 -38.98 14.60 -8.48
C TYR B 141 -39.63 15.76 -7.74
N GLY B 142 -39.40 15.85 -6.42
CA GLY B 142 -39.84 16.99 -5.64
C GLY B 142 -39.48 18.33 -6.27
N PRO B 143 -38.17 18.59 -6.41
CA PRO B 143 -37.76 19.83 -7.08
C PRO B 143 -38.31 19.95 -8.49
N ALA B 144 -38.46 18.83 -9.19
CA ALA B 144 -38.95 18.89 -10.56
C ALA B 144 -40.40 19.38 -10.64
N LEU B 145 -41.15 19.33 -9.54
CA LEU B 145 -42.50 19.87 -9.47
C LEU B 145 -42.54 21.35 -9.10
N THR B 146 -41.40 21.97 -8.76
CA THR B 146 -41.45 23.36 -8.34
C THR B 146 -41.22 24.27 -9.54
N ASP B 147 -41.19 25.56 -9.29
CA ASP B 147 -41.09 26.50 -10.40
C ASP B 147 -39.66 26.78 -10.81
N VAL B 148 -38.72 26.90 -9.88
CA VAL B 148 -37.32 27.20 -10.22
C VAL B 148 -36.43 26.33 -9.36
N VAL B 149 -35.47 25.67 -10.00
CA VAL B 149 -34.52 24.81 -9.33
C VAL B 149 -33.12 25.43 -9.42
N VAL B 150 -32.53 25.73 -8.26
CA VAL B 150 -31.15 26.18 -8.15
C VAL B 150 -30.29 25.03 -7.67
N MET B 151 -29.20 24.77 -8.38
CA MET B 151 -28.30 23.66 -8.04
C MET B 151 -26.93 24.19 -7.65
N ALA B 152 -26.50 23.85 -6.46
CA ALA B 152 -25.08 24.03 -6.12
C ALA B 152 -24.26 22.91 -6.78
N PRO B 153 -23.10 23.23 -7.35
CA PRO B 153 -22.32 22.19 -8.04
C PRO B 153 -21.95 21.00 -7.17
N GLU B 154 -21.85 21.17 -5.85
CA GLU B 154 -21.51 20.01 -5.03
C GLU B 154 -22.65 19.02 -4.88
N SER B 155 -23.80 19.22 -5.51
CA SER B 155 -24.95 18.34 -5.32
C SER B 155 -24.98 17.15 -6.30
N LYS B 186 -26.87 12.00 -16.75
CA LYS B 186 -27.44 13.25 -17.28
C LYS B 186 -28.88 13.48 -16.79
N LYS B 187 -29.22 14.74 -16.53
CA LYS B 187 -30.58 15.16 -16.16
C LYS B 187 -30.90 16.49 -16.84
N SER B 188 -30.70 16.55 -18.16
CA SER B 188 -30.76 17.81 -18.89
C SER B 188 -32.15 18.43 -18.82
N GLY B 189 -32.19 19.77 -18.70
CA GLY B 189 -33.42 20.51 -18.61
C GLY B 189 -33.96 20.70 -17.20
N VAL B 190 -33.59 19.83 -16.25
CA VAL B 190 -34.26 19.84 -14.95
C VAL B 190 -33.81 21.01 -14.10
N CYS B 191 -32.53 21.34 -14.15
CA CYS B 191 -31.99 22.41 -13.35
C CYS B 191 -32.09 23.73 -14.10
N HIS B 192 -32.64 24.75 -13.44
CA HIS B 192 -32.75 26.06 -14.07
C HIS B 192 -31.50 26.92 -13.88
N ILE B 193 -30.91 26.91 -12.68
CA ILE B 193 -29.81 27.79 -12.35
C ILE B 193 -28.71 27.00 -11.66
N VAL B 194 -27.49 27.09 -12.18
CA VAL B 194 -26.30 26.55 -11.52
C VAL B 194 -25.64 27.66 -10.72
N ALA B 195 -25.58 27.51 -9.40
CA ALA B 195 -24.84 28.44 -8.57
C ALA B 195 -23.36 28.09 -8.54
N ASP B 196 -22.59 28.91 -7.83
CA ASP B 196 -21.15 28.73 -7.70
C ASP B 196 -20.81 27.76 -6.56
N ASP B 197 -21.59 27.82 -5.48
CA ASP B 197 -21.41 27.00 -4.30
C ASP B 197 -22.71 27.08 -3.52
N GLU B 198 -22.69 26.52 -2.31
CA GLU B 198 -23.91 26.43 -1.52
C GLU B 198 -24.40 27.81 -1.09
N LEU B 199 -23.50 28.64 -0.56
CA LEU B 199 -23.91 29.99 -0.14
C LEU B 199 -24.41 30.81 -1.32
N ASP B 200 -23.77 30.67 -2.48
CA ASP B 200 -24.23 31.38 -3.67
C ASP B 200 -25.60 30.87 -4.12
N ALA B 201 -25.88 29.59 -3.90
CA ALA B 201 -27.18 29.05 -4.23
C ALA B 201 -28.27 29.70 -3.38
N TYR B 202 -28.00 29.91 -2.08
CA TYR B 202 -28.99 30.59 -1.25
C TYR B 202 -29.18 32.04 -1.70
N ASP B 203 -28.12 32.68 -2.17
CA ASP B 203 -28.23 34.05 -2.68
C ASP B 203 -29.15 34.10 -3.89
N ARG B 204 -28.93 33.22 -4.86
CA ARG B 204 -29.78 33.17 -6.04
C ARG B 204 -31.21 32.79 -5.67
N GLY B 205 -31.38 31.85 -4.74
CA GLY B 205 -32.71 31.54 -4.25
C GLY B 205 -33.38 32.75 -3.61
N ARG B 206 -32.63 33.53 -2.85
CA ARG B 206 -33.22 34.71 -2.20
C ARG B 206 -33.65 35.73 -3.24
N ARG B 207 -32.82 35.95 -4.25
CA ARG B 207 -33.17 36.89 -5.31
C ARG B 207 -34.42 36.43 -6.07
N LEU B 208 -34.58 35.12 -6.26
CA LEU B 208 -35.78 34.60 -6.93
C LEU B 208 -37.04 34.91 -6.12
N VAL B 209 -36.97 34.77 -4.80
CA VAL B 209 -38.10 35.20 -3.96
C VAL B 209 -38.45 36.67 -4.23
N GLY B 210 -37.42 37.51 -4.36
CA GLY B 210 -37.67 38.91 -4.69
C GLY B 210 -38.30 39.07 -6.06
N LEU B 211 -37.80 38.32 -7.05
CA LEU B 211 -38.35 38.43 -8.39
C LEU B 211 -39.83 38.05 -8.41
N PHE B 212 -40.22 37.01 -7.67
CA PHE B 212 -41.61 36.57 -7.67
C PHE B 212 -42.50 37.33 -6.70
N CYS B 213 -41.97 37.82 -5.57
CA CYS B 213 -42.81 38.39 -4.53
C CYS B 213 -42.65 39.90 -4.35
N GLN B 214 -41.62 40.51 -4.94
CA GLN B 214 -41.49 41.97 -4.97
C GLN B 214 -41.34 42.37 -6.43
N GLN B 215 -42.42 42.17 -7.21
CA GLN B 215 -42.31 42.38 -8.65
C GLN B 215 -42.19 43.86 -9.01
N GLY B 216 -42.73 44.76 -8.19
CA GLY B 216 -42.67 46.19 -8.46
C GLY B 216 -43.59 46.65 -9.59
N HIS B 217 -43.44 47.94 -9.89
CA HIS B 217 -44.09 48.60 -11.00
C HIS B 217 -43.06 48.99 -12.05
N PHE B 218 -43.48 49.03 -13.31
CA PHE B 218 -42.70 49.73 -14.31
C PHE B 218 -42.55 51.21 -13.94
N ASP B 219 -41.39 51.77 -14.28
CA ASP B 219 -41.06 53.16 -14.00
C ASP B 219 -40.59 53.82 -15.30
N ARG B 220 -41.49 54.56 -15.96
CA ARG B 220 -41.16 55.14 -17.26
C ARG B 220 -39.89 55.98 -17.20
N SER B 221 -39.66 56.70 -16.10
CA SER B 221 -38.48 57.58 -16.05
C SER B 221 -37.20 56.78 -15.90
N LYS B 222 -37.24 55.67 -15.14
CA LYS B 222 -36.08 54.78 -15.07
C LYS B 222 -35.81 54.10 -16.43
N ALA B 223 -36.86 53.78 -17.18
CA ALA B 223 -36.68 53.18 -18.50
C ALA B 223 -35.91 54.12 -19.42
N GLU B 224 -36.32 55.39 -19.45
CA GLU B 224 -35.63 56.37 -20.30
C GLU B 224 -34.20 56.58 -19.85
N ALA B 225 -33.96 56.63 -18.54
CA ALA B 225 -32.60 56.90 -18.07
C ALA B 225 -31.63 55.81 -18.47
N GLY B 226 -32.12 54.58 -18.71
CA GLY B 226 -31.28 53.48 -19.12
C GLY B 226 -31.18 53.23 -20.61
N ASP B 227 -31.90 53.99 -21.44
CA ASP B 227 -31.82 53.84 -22.88
C ASP B 227 -30.39 53.94 -23.37
N THR B 228 -30.03 53.04 -24.30
CA THR B 228 -28.80 53.09 -25.06
C THR B 228 -29.12 52.65 -26.49
N ASP B 229 -28.15 52.79 -27.38
CA ASP B 229 -28.26 52.30 -28.76
C ASP B 229 -27.94 50.80 -28.76
N ILE B 230 -29.00 50.00 -28.60
CA ILE B 230 -28.82 48.55 -28.52
C ILE B 230 -28.46 47.96 -29.87
N HIS B 231 -28.91 48.57 -30.96
CA HIS B 231 -28.54 48.14 -32.31
C HIS B 231 -27.04 48.10 -32.50
N ALA B 232 -26.31 48.98 -31.80
CA ALA B 232 -24.86 49.01 -31.91
C ALA B 232 -24.21 47.68 -31.53
N LEU B 233 -24.92 46.80 -30.82
CA LEU B 233 -24.36 45.52 -30.42
C LEU B 233 -24.48 44.45 -31.51
N LEU B 234 -25.28 44.68 -32.54
CA LEU B 234 -25.36 43.75 -33.65
C LEU B 234 -24.08 43.81 -34.49
N PRO B 235 -23.70 42.70 -35.13
CA PRO B 235 -22.58 42.75 -36.07
C PRO B 235 -22.95 43.55 -37.31
N GLU B 236 -21.91 44.05 -38.00
CA GLU B 236 -22.18 44.94 -39.13
C GLU B 236 -22.88 44.22 -40.27
N SER B 237 -22.46 42.99 -40.57
CA SER B 237 -23.12 42.19 -41.59
C SER B 237 -24.34 41.49 -41.02
N SER B 238 -25.48 41.63 -41.69
CA SER B 238 -26.72 40.99 -41.24
C SER B 238 -26.68 39.48 -41.40
N ARG B 239 -25.62 38.92 -41.98
CA ARG B 239 -25.52 37.48 -42.19
C ARG B 239 -24.55 36.82 -41.21
N ARG B 240 -24.01 37.58 -40.26
CA ARG B 240 -23.11 37.08 -39.24
C ARG B 240 -23.86 36.74 -37.95
N ALA B 241 -23.38 35.74 -37.25
CA ALA B 241 -24.00 35.26 -36.02
C ALA B 241 -23.42 35.99 -34.81
N TYR B 242 -24.27 36.19 -33.80
CA TYR B 242 -23.86 36.90 -32.59
C TYR B 242 -24.54 36.28 -31.38
N ASP B 243 -23.92 36.47 -30.22
CA ASP B 243 -24.57 36.13 -28.95
C ASP B 243 -25.62 37.20 -28.61
N VAL B 244 -26.85 36.74 -28.37
CA VAL B 244 -27.94 37.65 -28.07
C VAL B 244 -27.89 38.18 -26.63
N ARG B 245 -27.12 37.55 -25.75
CA ARG B 245 -27.15 37.94 -24.35
C ARG B 245 -26.79 39.40 -24.10
N PRO B 246 -25.76 39.99 -24.73
CA PRO B 246 -25.54 41.44 -24.54
C PRO B 246 -26.73 42.31 -24.90
N ILE B 247 -27.49 41.97 -25.96
CA ILE B 247 -28.73 42.67 -26.27
C ILE B 247 -29.67 42.62 -25.08
N VAL B 248 -29.87 41.42 -24.53
CA VAL B 248 -30.80 41.21 -23.43
C VAL B 248 -30.38 42.00 -22.19
N THR B 249 -29.08 41.98 -21.86
CA THR B 249 -28.64 42.76 -20.70
C THR B 249 -28.68 44.26 -20.97
N ALA B 250 -28.61 44.69 -22.24
CA ALA B 250 -28.72 46.12 -22.51
C ALA B 250 -30.15 46.59 -22.32
N ILE B 251 -31.12 45.75 -22.70
CA ILE B 251 -32.53 46.05 -22.46
C ILE B 251 -32.80 46.11 -20.96
N LEU B 252 -32.33 45.12 -20.22
CA LEU B 252 -32.63 45.02 -18.80
C LEU B 252 -31.83 46.06 -18.00
N ASP B 253 -32.24 46.25 -16.75
CA ASP B 253 -31.61 47.25 -15.89
C ASP B 253 -30.13 46.98 -15.70
N ALA B 254 -29.34 48.04 -15.81
CA ALA B 254 -27.88 47.94 -15.78
C ALA B 254 -27.38 47.32 -14.48
N ASP B 255 -28.02 47.62 -13.36
CA ASP B 255 -27.54 47.15 -12.06
C ASP B 255 -28.10 45.79 -11.65
N THR B 256 -29.08 45.25 -12.37
CA THR B 256 -29.72 44.04 -11.87
C THR B 256 -29.20 42.81 -12.62
N PRO B 257 -28.95 41.69 -11.97
CA PRO B 257 -28.51 40.51 -12.72
C PRO B 257 -29.60 39.98 -13.62
N PHE B 258 -29.18 39.32 -14.70
CA PHE B 258 -30.06 38.56 -15.57
C PHE B 258 -30.01 37.10 -15.12
N ASP B 259 -31.10 36.62 -14.54
CA ASP B 259 -31.09 35.24 -14.02
C ASP B 259 -31.55 34.31 -15.13
N GLU B 260 -30.58 33.91 -15.96
CA GLU B 260 -30.84 33.05 -17.10
C GLU B 260 -31.22 31.66 -16.61
N PHE B 261 -32.29 31.10 -17.20
CA PHE B 261 -32.72 29.74 -16.94
C PHE B 261 -32.13 28.78 -17.96
N GLN B 262 -31.60 27.65 -17.49
CA GLN B 262 -31.23 26.51 -18.34
C GLN B 262 -30.30 26.94 -19.48
N ALA B 263 -29.24 27.65 -19.13
CA ALA B 263 -28.36 28.22 -20.14
C ALA B 263 -27.77 27.15 -21.05
N ASN B 264 -27.48 25.97 -20.53
CA ASN B 264 -26.82 24.94 -21.32
C ASN B 264 -27.78 23.95 -21.99
N TRP B 265 -29.08 24.10 -21.82
CA TRP B 265 -30.05 23.23 -22.47
C TRP B 265 -30.80 24.04 -23.51
N ALA B 266 -30.89 23.50 -24.72
CA ALA B 266 -31.50 24.17 -25.86
C ALA B 266 -30.92 25.58 -26.05
N PRO B 267 -29.64 25.69 -26.39
CA PRO B 267 -28.98 27.00 -26.37
C PRO B 267 -29.33 27.92 -27.53
N SER B 268 -30.13 27.51 -28.50
CA SER B 268 -30.60 28.45 -29.52
C SER B 268 -31.73 29.35 -29.00
N MET B 269 -32.18 29.14 -27.76
CA MET B 269 -33.21 29.94 -27.11
C MET B 269 -32.63 30.41 -25.79
N VAL B 270 -32.80 31.69 -25.47
CA VAL B 270 -32.39 32.24 -24.18
C VAL B 270 -33.64 32.69 -23.47
N VAL B 271 -33.82 32.23 -22.24
CA VAL B 271 -34.92 32.68 -21.39
C VAL B 271 -34.37 32.99 -20.01
N GLY B 272 -35.05 33.91 -19.31
CA GLY B 272 -34.74 34.12 -17.91
C GLY B 272 -35.49 35.31 -17.35
N LEU B 273 -35.21 35.56 -16.08
CA LEU B 273 -35.85 36.62 -15.32
C LEU B 273 -34.88 37.77 -15.07
N GLY B 274 -35.42 38.97 -15.11
CA GLY B 274 -34.68 40.16 -14.78
C GLY B 274 -35.64 41.28 -14.43
N ARG B 275 -35.14 42.50 -14.48
CA ARG B 275 -35.96 43.66 -14.19
C ARG B 275 -35.80 44.70 -15.29
N LEU B 276 -36.93 45.27 -15.69
CA LEU B 276 -37.01 46.33 -16.69
C LEU B 276 -37.63 47.50 -15.98
N SER B 277 -36.81 48.54 -15.73
CA SER B 277 -37.20 49.72 -14.96
C SER B 277 -37.75 49.36 -13.58
N GLY B 278 -37.13 48.36 -12.93
CA GLY B 278 -37.48 47.96 -11.57
C GLY B 278 -38.50 46.84 -11.48
N ARG B 279 -39.14 46.52 -12.55
CA ARG B 279 -40.16 45.52 -12.56
C ARG B 279 -39.71 44.16 -13.05
N THR B 280 -40.06 43.11 -12.34
CA THR B 280 -39.76 41.75 -12.80
C THR B 280 -40.39 41.51 -14.15
N VAL B 281 -39.56 41.13 -15.14
CA VAL B 281 -40.04 40.69 -16.45
C VAL B 281 -39.36 39.38 -16.81
N GLY B 282 -40.00 38.66 -17.72
CA GLY B 282 -39.40 37.49 -18.35
C GLY B 282 -38.91 37.85 -19.73
N VAL B 283 -37.77 37.30 -20.11
CA VAL B 283 -37.18 37.54 -21.43
C VAL B 283 -37.07 36.20 -22.15
N LEU B 284 -37.51 36.17 -23.41
CA LEU B 284 -37.21 35.08 -24.34
C LEU B 284 -36.55 35.68 -25.58
N ALA B 285 -35.46 35.07 -26.04
CA ALA B 285 -34.72 35.61 -27.17
C ALA B 285 -34.07 34.48 -27.97
N ASN B 286 -34.32 34.44 -29.28
CA ASN B 286 -33.54 33.56 -30.14
C ASN B 286 -32.08 33.92 -30.03
N ASN B 287 -31.22 32.91 -29.99
CA ASN B 287 -29.79 33.18 -29.94
C ASN B 287 -29.14 32.79 -31.27
N PRO B 288 -28.89 33.76 -32.17
CA PRO B 288 -28.27 33.43 -33.45
C PRO B 288 -26.96 32.69 -33.33
N LEU B 289 -26.32 32.74 -32.17
CA LEU B 289 -25.03 32.11 -31.98
C LEU B 289 -25.11 30.59 -32.08
N ARG B 290 -26.28 29.98 -31.84
CA ARG B 290 -26.39 28.53 -31.82
C ARG B 290 -27.49 28.08 -32.77
N LEU B 291 -27.21 27.03 -33.55
CA LEU B 291 -28.14 26.49 -34.54
C LEU B 291 -28.76 27.59 -35.41
N GLY B 292 -27.99 28.64 -35.69
CA GLY B 292 -28.54 29.75 -36.46
C GLY B 292 -29.66 30.49 -35.78
N GLY B 293 -29.84 30.29 -34.47
CA GLY B 293 -30.95 30.87 -33.75
C GLY B 293 -32.28 30.20 -34.01
N CYS B 294 -32.28 29.05 -34.69
CA CYS B 294 -33.52 28.39 -35.09
C CYS B 294 -34.26 27.78 -33.90
N LEU B 295 -35.59 27.75 -34.02
CA LEU B 295 -36.41 26.93 -33.14
C LEU B 295 -36.21 25.46 -33.48
N ASN B 296 -36.15 24.62 -32.45
CA ASN B 296 -36.20 23.17 -32.63
C ASN B 296 -37.04 22.65 -31.49
N SER B 297 -37.04 21.32 -31.32
CA SER B 297 -37.93 20.70 -30.35
C SER B 297 -37.58 21.12 -28.92
N GLU B 298 -36.30 21.09 -28.56
CA GLU B 298 -35.92 21.48 -27.20
C GLU B 298 -36.16 22.96 -26.94
N SER B 299 -35.82 23.83 -27.89
CA SER B 299 -35.97 25.25 -27.63
C SER B 299 -37.43 25.64 -27.56
N ALA B 300 -38.28 25.04 -28.39
CA ALA B 300 -39.71 25.30 -28.28
C ALA B 300 -40.23 24.91 -26.90
N GLU B 301 -39.70 23.81 -26.35
CA GLU B 301 -40.17 23.35 -25.04
C GLU B 301 -39.66 24.24 -23.93
N LYS B 302 -38.39 24.65 -24.03
CA LYS B 302 -37.85 25.60 -23.07
C LYS B 302 -38.67 26.88 -23.05
N ALA B 303 -38.95 27.44 -24.24
CA ALA B 303 -39.74 28.68 -24.31
C ALA B 303 -41.16 28.47 -23.78
N ALA B 304 -41.83 27.39 -24.18
CA ALA B 304 -43.21 27.18 -23.73
C ALA B 304 -43.30 27.08 -22.21
N ARG B 305 -42.40 26.32 -21.59
CA ARG B 305 -42.42 26.18 -20.14
C ARG B 305 -42.22 27.52 -19.45
N PHE B 306 -41.31 28.33 -19.98
CA PHE B 306 -41.02 29.63 -19.36
C PHE B 306 -42.19 30.58 -19.53
N VAL B 307 -42.83 30.58 -20.71
CA VAL B 307 -44.03 31.39 -20.91
C VAL B 307 -45.10 31.03 -19.88
N ARG B 308 -45.33 29.73 -19.68
CA ARG B 308 -46.36 29.29 -18.73
CA ARG B 308 -46.37 29.30 -18.74
C ARG B 308 -46.02 29.70 -17.31
N LEU B 309 -44.74 29.66 -16.94
CA LEU B 309 -44.37 30.06 -15.59
C LEU B 309 -44.66 31.54 -15.38
N CYS B 310 -44.19 32.39 -16.31
CA CYS B 310 -44.41 33.82 -16.18
C CYS B 310 -45.89 34.18 -16.20
N ASP B 311 -46.66 33.58 -17.12
CA ASP B 311 -48.10 33.80 -17.17
C ASP B 311 -48.75 33.46 -15.82
N ALA B 312 -48.27 32.39 -15.16
CA ALA B 312 -48.91 31.95 -13.93
C ALA B 312 -48.76 32.96 -12.80
N PHE B 313 -47.63 33.68 -12.75
CA PHE B 313 -47.37 34.61 -11.67
C PHE B 313 -47.47 36.07 -12.10
N GLY B 314 -48.10 36.34 -13.23
CA GLY B 314 -48.35 37.73 -13.60
C GLY B 314 -47.12 38.48 -14.04
N ILE B 315 -46.11 37.78 -14.56
CA ILE B 315 -44.83 38.38 -14.94
C ILE B 315 -44.88 38.67 -16.44
N PRO B 316 -44.83 39.93 -16.86
CA PRO B 316 -44.88 40.26 -18.30
C PRO B 316 -43.64 39.80 -19.03
N LEU B 317 -43.77 39.68 -20.37
CA LEU B 317 -42.73 39.10 -21.20
C LEU B 317 -42.20 40.10 -22.23
N VAL B 318 -40.90 40.06 -22.44
CA VAL B 318 -40.23 40.72 -23.55
C VAL B 318 -39.70 39.63 -24.47
N VAL B 319 -40.07 39.67 -25.74
CA VAL B 319 -39.72 38.62 -26.70
C VAL B 319 -38.86 39.22 -27.82
N VAL B 320 -37.57 38.88 -27.81
CA VAL B 320 -36.56 39.43 -28.73
C VAL B 320 -36.37 38.43 -29.87
N VAL B 321 -36.87 38.74 -31.05
CA VAL B 321 -37.02 37.78 -32.14
C VAL B 321 -35.96 38.02 -33.20
N ASP B 322 -35.22 36.96 -33.54
CA ASP B 322 -34.25 36.95 -34.63
C ASP B 322 -34.07 35.47 -35.01
N VAL B 323 -35.06 34.95 -35.74
CA VAL B 323 -35.15 33.52 -35.99
C VAL B 323 -35.32 33.30 -37.49
N PRO B 324 -34.52 32.43 -38.11
CA PRO B 324 -34.58 32.26 -39.57
C PRO B 324 -35.44 31.08 -40.02
N GLY B 325 -35.80 30.22 -39.08
CA GLY B 325 -36.59 29.04 -39.39
C GLY B 325 -36.57 28.08 -38.21
N TYR B 326 -36.92 26.82 -38.50
CA TYR B 326 -36.94 25.80 -37.46
C TYR B 326 -36.35 24.50 -37.99
N LEU B 327 -35.74 23.75 -37.07
CA LEU B 327 -34.94 22.58 -37.39
C LEU B 327 -35.66 21.29 -37.01
N PRO B 328 -35.36 20.18 -37.69
CA PRO B 328 -35.90 18.88 -37.27
C PRO B 328 -35.02 18.21 -36.23
N GLY B 329 -35.27 16.93 -35.96
CA GLY B 329 -34.56 16.20 -34.91
C GLY B 329 -33.07 15.96 -35.10
N VAL B 330 -32.73 14.70 -35.31
CA VAL B 330 -31.37 14.22 -35.54
C VAL B 330 -31.46 13.19 -36.65
N ASP B 331 -32.41 12.27 -36.55
CA ASP B 331 -32.65 11.35 -37.66
C ASP B 331 -33.68 11.98 -38.63
N GLN B 332 -33.81 13.28 -38.45
CA GLN B 332 -34.63 14.25 -39.17
C GLN B 332 -36.13 14.07 -38.91
N GLU B 333 -36.46 13.58 -37.72
CA GLU B 333 -37.85 13.37 -37.35
C GLU B 333 -38.47 14.71 -36.96
N TRP B 334 -39.52 15.11 -37.69
CA TRP B 334 -40.21 16.34 -37.37
C TRP B 334 -41.18 16.20 -36.20
N GLY B 335 -41.38 14.99 -35.68
CA GLY B 335 -42.42 14.80 -34.67
C GLY B 335 -42.21 15.64 -33.43
N GLY B 336 -40.95 15.80 -33.01
CA GLY B 336 -40.69 16.56 -31.81
C GLY B 336 -40.98 18.04 -31.96
N VAL B 337 -40.47 18.64 -33.04
CA VAL B 337 -40.69 20.08 -33.19
C VAL B 337 -42.15 20.36 -33.49
N VAL B 338 -42.86 19.39 -34.06
CA VAL B 338 -44.30 19.61 -34.31
C VAL B 338 -45.08 19.57 -33.00
N ARG B 339 -44.83 18.56 -32.16
CA ARG B 339 -45.58 18.48 -30.92
C ARG B 339 -45.13 19.55 -29.93
N ARG B 340 -43.82 19.81 -29.85
CA ARG B 340 -43.36 20.85 -28.94
C ARG B 340 -43.63 22.24 -29.50
N GLY B 341 -43.49 22.41 -30.81
CA GLY B 341 -43.90 23.66 -31.42
C GLY B 341 -45.36 23.99 -31.18
N ALA B 342 -46.23 22.98 -31.28
CA ALA B 342 -47.64 23.21 -30.93
C ALA B 342 -47.78 23.67 -29.48
N LYS B 343 -46.96 23.11 -28.60
CA LYS B 343 -47.00 23.52 -27.20
C LYS B 343 -46.62 24.99 -27.05
N LEU B 344 -45.61 25.44 -27.80
CA LEU B 344 -45.24 26.84 -27.77
C LEU B 344 -46.38 27.72 -28.27
N LEU B 345 -46.97 27.36 -29.42
CA LEU B 345 -48.15 28.07 -29.91
C LEU B 345 -49.22 28.16 -28.84
N HIS B 346 -49.50 27.03 -28.19
CA HIS B 346 -50.51 26.99 -27.14
C HIS B 346 -50.16 27.92 -25.99
N ALA B 347 -48.89 27.94 -25.58
CA ALA B 347 -48.46 28.78 -24.46
C ALA B 347 -48.66 30.26 -24.76
N PHE B 348 -48.22 30.73 -25.95
CA PHE B 348 -48.41 32.15 -26.26
C PHE B 348 -49.89 32.47 -26.49
N GLY B 349 -50.62 31.61 -27.19
CA GLY B 349 -52.01 31.91 -27.49
C GLY B 349 -52.87 32.11 -26.25
N GLU B 350 -52.67 31.27 -25.23
CA GLU B 350 -53.42 31.30 -23.97
C GLU B 350 -52.88 32.32 -22.97
N CYS B 351 -51.68 32.84 -23.20
CA CYS B 351 -51.04 33.73 -22.25
C CYS B 351 -51.84 35.01 -22.08
N THR B 352 -51.99 35.48 -20.84
CA THR B 352 -52.77 36.69 -20.59
C THR B 352 -51.98 37.83 -19.94
N VAL B 353 -50.71 37.62 -19.59
CA VAL B 353 -49.88 38.73 -19.14
C VAL B 353 -49.46 39.57 -20.34
N PRO B 354 -49.05 40.82 -20.14
CA PRO B 354 -48.49 41.60 -21.26
C PRO B 354 -47.28 40.91 -21.84
N ARG B 355 -47.21 40.86 -23.17
CA ARG B 355 -46.08 40.23 -23.86
C ARG B 355 -45.81 41.02 -25.14
N VAL B 356 -44.64 41.60 -25.22
CA VAL B 356 -44.28 42.49 -26.31
C VAL B 356 -43.14 41.87 -27.09
N THR B 357 -43.25 41.90 -28.41
CA THR B 357 -42.24 41.39 -29.33
C THR B 357 -41.43 42.53 -29.92
N LEU B 358 -40.12 42.32 -30.03
CA LEU B 358 -39.18 43.22 -30.69
C LEU B 358 -38.44 42.39 -31.74
N VAL B 359 -38.68 42.70 -33.01
CA VAL B 359 -37.93 42.05 -34.09
C VAL B 359 -36.64 42.83 -34.32
N THR B 360 -35.50 42.20 -34.07
CA THR B 360 -34.24 42.88 -34.27
C THR B 360 -33.77 42.79 -35.72
N ARG B 361 -33.68 41.57 -36.28
CA ARG B 361 -33.20 41.43 -37.66
C ARG B 361 -34.19 40.66 -38.54
N LYS B 362 -34.40 39.37 -38.26
CA LYS B 362 -35.16 38.50 -39.13
C LYS B 362 -36.29 37.82 -38.36
N THR B 363 -37.37 37.49 -39.07
CA THR B 363 -38.37 36.59 -38.51
C THR B 363 -39.13 35.97 -39.69
N TYR B 364 -38.94 34.66 -39.89
CA TYR B 364 -39.35 33.97 -41.11
C TYR B 364 -40.36 32.88 -40.81
N GLY B 365 -41.34 32.74 -41.70
CA GLY B 365 -42.11 31.53 -41.82
C GLY B 365 -42.90 31.16 -40.57
N GLY B 366 -43.09 29.84 -40.40
CA GLY B 366 -43.80 29.35 -39.23
C GLY B 366 -43.19 29.79 -37.92
N ALA B 367 -41.86 29.94 -37.86
CA ALA B 367 -41.22 30.38 -36.62
C ALA B 367 -41.59 31.82 -36.29
N TYR B 368 -41.82 32.65 -37.32
CA TYR B 368 -42.34 33.99 -37.07
C TYR B 368 -43.66 33.93 -36.31
N ILE B 369 -44.55 33.01 -36.69
CA ILE B 369 -45.84 32.91 -36.02
C ILE B 369 -45.65 32.55 -34.55
N ALA B 370 -44.72 31.64 -34.28
CA ALA B 370 -44.61 31.07 -32.94
C ALA B 370 -44.00 32.06 -31.95
N MET B 371 -43.15 32.98 -32.41
CA MET B 371 -42.42 33.90 -31.55
C MET B 371 -43.26 35.13 -31.22
N ASN B 372 -44.36 34.89 -30.52
CA ASN B 372 -45.27 35.91 -30.04
C ASN B 372 -45.66 36.90 -31.16
N SER B 373 -46.41 36.38 -32.11
CA SER B 373 -46.88 37.17 -33.25
C SER B 373 -48.25 37.80 -32.95
N ARG B 374 -48.63 38.75 -33.79
CA ARG B 374 -49.94 39.37 -33.64
C ARG B 374 -51.06 38.35 -33.74
N SER B 375 -50.90 37.29 -34.52
CA SER B 375 -51.98 36.33 -34.65
C SER B 375 -52.23 35.57 -33.34
N LEU B 376 -51.17 35.39 -32.53
CA LEU B 376 -51.32 34.83 -31.20
C LEU B 376 -51.60 35.89 -30.11
N ASN B 377 -52.03 37.10 -30.50
CA ASN B 377 -52.44 38.19 -29.59
C ASN B 377 -51.28 38.77 -28.79
N ALA B 378 -50.10 38.90 -29.42
CA ALA B 378 -49.02 39.69 -28.84
C ALA B 378 -49.54 41.08 -28.46
N THR B 379 -49.15 41.56 -27.27
CA THR B 379 -49.62 42.86 -26.81
C THR B 379 -49.25 43.97 -27.79
N LYS B 380 -48.00 43.94 -28.27
CA LYS B 380 -47.53 44.91 -29.24
C LYS B 380 -46.32 44.29 -29.92
N VAL B 381 -46.14 44.59 -31.21
CA VAL B 381 -45.00 44.10 -31.97
C VAL B 381 -44.22 45.31 -32.46
N PHE B 382 -42.95 45.37 -32.09
CA PHE B 382 -42.03 46.42 -32.50
C PHE B 382 -41.05 45.83 -33.50
N ALA B 383 -40.49 46.70 -34.34
CA ALA B 383 -39.39 46.27 -35.19
C ALA B 383 -38.36 47.37 -35.27
N TRP B 384 -37.08 46.96 -35.27
CA TRP B 384 -36.00 47.87 -35.59
C TRP B 384 -36.08 48.22 -37.08
N PRO B 385 -35.40 49.29 -37.52
CA PRO B 385 -35.61 49.78 -38.89
C PRO B 385 -35.26 48.78 -39.99
N ASP B 386 -34.13 48.07 -39.88
CA ASP B 386 -33.67 47.13 -40.89
C ASP B 386 -34.30 45.74 -40.76
N ALA B 387 -35.29 45.55 -39.91
CA ALA B 387 -35.81 44.20 -39.65
C ALA B 387 -36.56 43.66 -40.86
N GLU B 388 -36.38 42.37 -41.13
CA GLU B 388 -37.19 41.73 -42.17
C GLU B 388 -38.19 40.76 -41.56
N VAL B 389 -39.44 40.91 -41.96
CA VAL B 389 -40.56 40.06 -41.59
C VAL B 389 -41.06 39.46 -42.90
N ALA B 390 -40.78 38.16 -43.12
CA ALA B 390 -41.07 37.54 -44.41
C ALA B 390 -41.33 36.05 -44.21
N VAL B 391 -41.86 35.42 -45.25
CA VAL B 391 -42.06 33.97 -45.22
C VAL B 391 -40.73 33.24 -45.27
N MET B 392 -39.78 33.75 -46.05
CA MET B 392 -38.46 33.17 -46.21
C MET B 392 -37.63 34.19 -46.96
N GLY B 393 -36.34 33.89 -47.13
CA GLY B 393 -35.44 34.70 -47.94
C GLY B 393 -36.02 34.99 -49.32
N ALA B 394 -35.58 36.10 -49.92
CA ALA B 394 -36.12 36.51 -51.22
C ALA B 394 -35.73 35.53 -52.32
N LYS B 395 -34.47 35.09 -52.36
CA LYS B 395 -34.06 34.25 -53.46
C LYS B 395 -34.55 32.81 -53.29
N ALA B 396 -34.73 32.37 -52.05
CA ALA B 396 -35.45 31.10 -51.85
C ALA B 396 -36.91 31.24 -52.27
N ALA B 397 -37.55 32.35 -51.92
CA ALA B 397 -38.96 32.52 -52.24
C ALA B 397 -39.16 32.64 -53.74
N VAL B 398 -38.24 33.31 -54.44
CA VAL B 398 -38.36 33.49 -55.88
C VAL B 398 -38.17 32.16 -56.61
N GLY B 399 -37.24 31.33 -56.12
CA GLY B 399 -37.05 30.01 -56.71
C GLY B 399 -38.27 29.12 -56.68
N ILE B 400 -39.21 29.38 -55.77
CA ILE B 400 -40.49 28.69 -55.77
C ILE B 400 -41.54 29.42 -56.60
N LEU B 401 -41.73 30.71 -56.35
CA LEU B 401 -42.82 31.45 -56.99
C LEU B 401 -42.64 31.57 -58.50
N HIS B 402 -41.40 31.47 -58.99
CA HIS B 402 -41.08 31.67 -60.39
C HIS B 402 -40.31 30.47 -60.94
N LYS B 403 -40.57 29.29 -60.35
CA LYS B 403 -39.82 28.09 -60.67
C LYS B 403 -39.94 27.71 -62.14
N LYS B 404 -41.13 27.88 -62.73
CA LYS B 404 -41.31 27.51 -64.13
C LYS B 404 -40.64 28.52 -65.06
N LYS B 405 -40.88 29.81 -64.84
CA LYS B 405 -40.13 30.83 -65.59
C LYS B 405 -38.63 30.59 -65.50
N LEU B 406 -38.12 30.33 -64.29
CA LEU B 406 -36.69 30.13 -64.15
C LEU B 406 -36.23 28.86 -64.87
N ALA B 407 -36.97 27.77 -64.70
CA ALA B 407 -36.60 26.53 -65.39
C ALA B 407 -36.68 26.67 -66.90
N ALA B 408 -37.61 27.49 -67.40
CA ALA B 408 -37.74 27.70 -68.84
C ALA B 408 -36.69 28.65 -69.40
N ALA B 409 -35.79 29.19 -68.56
CA ALA B 409 -34.85 30.15 -69.12
C ALA B 409 -33.54 29.45 -69.48
N PRO B 410 -32.82 29.95 -70.49
CA PRO B 410 -31.53 29.37 -70.84
C PRO B 410 -30.61 29.31 -69.63
N GLU B 411 -29.90 28.19 -69.50
CA GLU B 411 -29.08 27.97 -68.30
C GLU B 411 -28.01 29.04 -68.13
N HIS B 412 -27.49 29.58 -69.24
CA HIS B 412 -26.44 30.59 -69.17
C HIS B 412 -26.95 31.95 -68.71
N GLU B 413 -28.27 32.15 -68.65
CA GLU B 413 -28.83 33.41 -68.18
C GLU B 413 -29.91 33.20 -67.11
N ARG B 414 -29.89 32.05 -66.43
CA ARG B 414 -30.88 31.78 -65.40
C ARG B 414 -30.52 32.49 -64.10
N GLU B 415 -29.26 32.37 -63.67
CA GLU B 415 -28.85 32.97 -62.39
C GLU B 415 -29.02 34.48 -62.40
N ALA B 416 -28.80 35.13 -63.54
CA ALA B 416 -29.03 36.57 -63.62
C ALA B 416 -30.51 36.90 -63.54
N LEU B 417 -31.39 36.04 -64.04
CA LEU B 417 -32.82 36.28 -63.90
C LEU B 417 -33.34 35.99 -62.48
N HIS B 418 -32.73 35.01 -61.82
CA HIS B 418 -33.06 34.70 -60.43
C HIS B 418 -32.75 35.89 -59.52
N ASP B 419 -31.55 36.47 -59.66
CA ASP B 419 -31.18 37.65 -58.88
C ASP B 419 -32.06 38.85 -59.20
N GLN B 420 -32.47 39.00 -60.47
CA GLN B 420 -33.33 40.14 -60.81
C GLN B 420 -34.71 40.00 -60.18
N LEU B 421 -35.30 38.79 -60.23
CA LEU B 421 -36.61 38.58 -59.62
C LEU B 421 -36.53 38.66 -58.11
N ALA B 422 -35.43 38.19 -57.52
CA ALA B 422 -35.22 38.32 -56.08
C ALA B 422 -35.17 39.80 -55.68
N ALA B 423 -34.39 40.60 -56.41
CA ALA B 423 -34.31 42.03 -56.12
C ALA B 423 -35.67 42.71 -56.23
N GLU B 424 -36.48 42.31 -57.21
CA GLU B 424 -37.83 42.86 -57.31
C GLU B 424 -38.70 42.35 -56.16
N HIS B 425 -38.49 41.10 -55.73
CA HIS B 425 -39.27 40.56 -54.64
C HIS B 425 -39.05 41.34 -53.35
N GLU B 426 -37.80 41.77 -53.08
CA GLU B 426 -37.52 42.53 -51.86
C GLU B 426 -38.06 43.94 -51.92
N ARG B 427 -38.29 44.49 -53.11
CA ARG B 427 -38.92 45.80 -53.21
C ARG B 427 -40.34 45.78 -52.67
N ILE B 428 -41.00 44.63 -52.66
CA ILE B 428 -42.40 44.52 -52.27
C ILE B 428 -42.57 43.76 -50.96
N ALA B 429 -41.94 42.59 -50.84
CA ALA B 429 -42.02 41.78 -49.64
C ALA B 429 -40.97 42.20 -48.62
N GLY B 430 -41.09 41.69 -47.40
CA GLY B 430 -40.16 41.99 -46.34
C GLY B 430 -40.14 43.47 -45.97
N GLY B 431 -39.22 43.87 -45.09
CA GLY B 431 -39.19 45.25 -44.66
C GLY B 431 -40.32 45.58 -43.70
N VAL B 432 -40.08 46.61 -42.89
CA VAL B 432 -41.02 46.89 -41.80
C VAL B 432 -42.30 47.51 -42.33
N ASP B 433 -42.21 48.35 -43.37
CA ASP B 433 -43.38 49.08 -43.83
C ASP B 433 -44.41 48.17 -44.50
N SER B 434 -43.95 47.13 -45.21
CA SER B 434 -44.88 46.10 -45.66
C SER B 434 -45.57 45.44 -44.47
N ALA B 435 -44.78 45.05 -43.46
CA ALA B 435 -45.34 44.49 -42.24
C ALA B 435 -46.24 45.50 -41.53
N LEU B 436 -45.84 46.77 -41.55
CA LEU B 436 -46.66 47.82 -40.94
C LEU B 436 -47.97 47.98 -41.69
N ASP B 437 -47.91 48.02 -43.01
CA ASP B 437 -49.14 48.16 -43.80
C ASP B 437 -50.06 46.97 -43.56
N ILE B 438 -49.50 45.76 -43.56
CA ILE B 438 -50.27 44.56 -43.25
C ILE B 438 -50.88 44.67 -41.86
N GLY B 439 -50.11 45.15 -40.89
CA GLY B 439 -50.56 45.24 -39.51
C GLY B 439 -49.98 44.19 -38.57
N VAL B 440 -48.97 43.41 -39.01
CA VAL B 440 -48.35 42.43 -38.12
C VAL B 440 -47.22 43.03 -37.32
N VAL B 441 -46.74 44.22 -37.68
CA VAL B 441 -45.92 45.06 -36.83
C VAL B 441 -46.72 46.32 -36.50
N ASP B 442 -46.70 46.73 -35.23
CA ASP B 442 -47.43 47.92 -34.82
C ASP B 442 -46.63 49.19 -35.02
N GLU B 443 -45.31 49.14 -34.84
CA GLU B 443 -44.54 50.37 -34.90
C GLU B 443 -43.06 50.06 -35.11
N LYS B 444 -42.45 50.78 -36.07
CA LYS B 444 -41.00 50.76 -36.23
C LYS B 444 -40.39 51.75 -35.23
N ILE B 445 -39.34 51.34 -34.53
CA ILE B 445 -38.82 52.16 -33.44
C ILE B 445 -37.34 52.42 -33.64
N ASP B 446 -36.93 53.59 -33.19
CA ASP B 446 -35.53 53.93 -33.06
C ASP B 446 -34.87 53.00 -32.04
N PRO B 447 -33.82 52.27 -32.42
CA PRO B 447 -33.21 51.35 -31.45
C PRO B 447 -32.63 52.05 -30.23
N ALA B 448 -32.40 53.36 -30.28
CA ALA B 448 -31.96 54.06 -29.09
C ALA B 448 -33.08 54.20 -28.06
N HIS B 449 -34.34 53.93 -28.43
CA HIS B 449 -35.46 54.04 -27.52
C HIS B 449 -36.10 52.69 -27.18
N THR B 450 -35.35 51.59 -27.32
CA THR B 450 -35.92 50.26 -27.13
C THR B 450 -36.51 50.10 -25.73
N ARG B 451 -35.71 50.37 -24.69
CA ARG B 451 -36.17 50.22 -23.30
C ARG B 451 -37.47 50.97 -23.04
N SER B 452 -37.52 52.26 -23.40
CA SER B 452 -38.72 53.05 -23.08
C SER B 452 -39.90 52.65 -23.95
N LYS B 453 -39.66 52.27 -25.21
CA LYS B 453 -40.75 51.74 -26.03
C LYS B 453 -41.29 50.43 -25.44
N LEU B 454 -40.41 49.49 -25.08
CA LEU B 454 -40.91 48.24 -24.53
C LEU B 454 -41.68 48.48 -23.24
N THR B 455 -41.13 49.33 -22.37
CA THR B 455 -41.76 49.63 -21.09
C THR B 455 -43.10 50.32 -21.28
N GLU B 456 -43.16 51.26 -22.22
CA GLU B 456 -44.42 51.96 -22.47
C GLU B 456 -45.49 50.98 -22.92
N ALA B 457 -45.15 50.06 -23.83
CA ALA B 457 -46.13 49.09 -24.30
C ALA B 457 -46.57 48.15 -23.16
N LEU B 458 -45.63 47.71 -22.32
CA LEU B 458 -45.98 46.80 -21.22
C LEU B 458 -46.83 47.50 -20.16
N ALA B 459 -46.55 48.79 -19.91
CA ALA B 459 -47.32 49.55 -18.92
C ALA B 459 -48.75 49.82 -19.38
N GLN B 460 -48.98 49.95 -20.69
CA GLN B 460 -50.32 50.30 -21.17
C GLN B 460 -51.25 49.11 -21.25
N ALA B 461 -50.72 47.90 -21.30
CA ALA B 461 -51.55 46.71 -21.36
C ALA B 461 -52.18 46.42 -19.99
N PRO B 462 -53.30 45.69 -19.97
CA PRO B 462 -53.85 45.26 -18.68
C PRO B 462 -52.98 44.16 -18.08
N ALA B 463 -53.08 44.02 -16.76
CA ALA B 463 -52.44 42.89 -16.11
C ALA B 463 -52.86 41.55 -16.73
N ARG B 464 -54.11 41.45 -17.20
CA ARG B 464 -54.61 40.23 -17.81
C ARG B 464 -55.41 40.55 -19.06
N ARG B 465 -55.21 39.72 -20.09
CA ARG B 465 -56.07 39.47 -21.26
C ARG B 465 -55.32 39.78 -22.55
N GLY B 466 -55.28 38.79 -23.45
CA GLY B 466 -54.56 38.85 -24.70
C GLY B 466 -54.49 37.45 -25.31
N LEU C 13 25.67 -17.15 -1.74
CA LEU C 13 26.99 -17.27 -2.36
C LEU C 13 27.03 -18.41 -3.39
N ASP C 14 27.98 -19.31 -3.23
CA ASP C 14 28.19 -20.54 -3.98
C ASP C 14 26.99 -21.50 -4.00
N PRO C 15 26.13 -21.58 -2.98
CA PRO C 15 24.91 -22.41 -3.13
C PRO C 15 24.01 -21.99 -4.30
N ARG C 16 24.13 -20.77 -4.81
CA ARG C 16 23.41 -20.36 -6.00
C ARG C 16 24.20 -20.62 -7.28
N ASP C 17 25.31 -21.32 -7.20
CA ASP C 17 26.13 -21.52 -8.39
C ASP C 17 25.35 -22.34 -9.42
N PRO C 18 25.27 -21.88 -10.68
CA PRO C 18 24.38 -22.56 -11.63
C PRO C 18 24.81 -23.98 -11.96
N LEU C 19 26.12 -24.26 -12.03
CA LEU C 19 26.54 -25.65 -12.23
C LEU C 19 26.03 -26.55 -11.13
N LEU C 20 26.18 -26.11 -9.88
CA LEU C 20 25.72 -26.92 -8.76
C LEU C 20 24.21 -27.16 -8.83
N ARG C 21 23.43 -26.10 -9.12
CA ARG C 21 21.99 -26.27 -9.23
C ARG C 21 21.65 -27.24 -10.36
N LEU C 22 22.24 -27.05 -11.55
CA LEU C 22 21.95 -27.96 -12.66
C LEU C 22 22.36 -29.40 -12.32
N SER C 23 23.51 -29.58 -11.64
CA SER C 23 24.00 -30.91 -11.28
C SER C 23 23.10 -31.58 -10.25
N ASN C 24 22.59 -30.81 -9.29
CA ASN C 24 21.61 -31.34 -8.33
C ASN C 24 20.32 -31.77 -9.02
N PHE C 25 19.94 -31.11 -10.11
CA PHE C 25 18.69 -31.47 -10.80
C PHE C 25 18.87 -32.69 -11.71
N PHE C 26 19.94 -32.71 -12.53
CA PHE C 26 20.15 -33.81 -13.47
C PHE C 26 20.61 -35.08 -12.75
N ASP C 27 20.53 -36.21 -13.49
CA ASP C 27 21.18 -37.44 -13.05
C ASP C 27 22.68 -37.19 -12.86
N ASP C 28 23.23 -37.69 -11.75
CA ASP C 28 24.64 -37.50 -11.49
C ASP C 28 25.48 -37.99 -12.67
N GLY C 29 26.42 -37.14 -13.10
CA GLY C 29 27.31 -37.45 -14.21
C GLY C 29 26.78 -37.17 -15.60
N SER C 30 25.54 -36.70 -15.72
CA SER C 30 24.94 -36.55 -17.06
C SER C 30 25.11 -35.16 -17.65
N VAL C 31 25.54 -34.17 -16.87
CA VAL C 31 25.61 -32.79 -17.34
C VAL C 31 26.59 -32.65 -18.51
N GLU C 32 26.13 -32.04 -19.60
CA GLU C 32 27.02 -31.49 -20.61
C GLU C 32 26.56 -30.09 -20.96
N LEU C 33 27.45 -29.12 -20.79
CA LEU C 33 27.12 -27.74 -21.05
C LEU C 33 26.81 -27.53 -22.53
N LEU C 34 25.91 -26.61 -22.82
CA LEU C 34 25.61 -26.31 -24.21
C LEU C 34 26.42 -25.13 -24.74
N HIS C 35 27.13 -24.43 -23.86
CA HIS C 35 27.94 -23.27 -24.20
C HIS C 35 29.01 -23.18 -23.12
N GLU C 36 30.05 -22.39 -23.39
CA GLU C 36 31.09 -22.15 -22.40
C GLU C 36 30.55 -21.24 -21.29
N ARG C 37 31.02 -21.49 -20.09
CA ARG C 37 30.71 -20.66 -18.95
C ARG C 37 31.22 -19.25 -19.18
N ASP C 38 30.45 -18.35 -18.59
CA ASP C 38 30.60 -16.93 -18.64
C ASP C 38 29.89 -16.25 -17.46
N ARG C 39 29.83 -14.93 -17.64
CA ARG C 39 29.27 -13.92 -16.77
C ARG C 39 27.96 -13.36 -17.29
N SER C 40 27.32 -14.19 -18.01
CA SER C 40 26.07 -13.76 -18.68
C SER C 40 24.75 -13.75 -17.92
N GLY C 41 24.63 -14.56 -16.88
CA GLY C 41 23.39 -14.60 -16.10
C GLY C 41 22.56 -15.83 -16.46
N VAL C 42 23.24 -16.77 -17.11
CA VAL C 42 22.74 -18.00 -17.57
C VAL C 42 23.78 -19.03 -18.00
N LEU C 43 23.49 -20.21 -17.61
CA LEU C 43 24.08 -21.50 -17.93
C LEU C 43 23.06 -22.58 -18.34
N ALA C 44 23.19 -23.07 -19.53
CA ALA C 44 22.33 -24.07 -20.12
C ALA C 44 23.10 -25.36 -20.36
N ALA C 45 22.46 -26.50 -20.12
CA ALA C 45 23.09 -27.80 -20.31
C ALA C 45 22.07 -28.84 -20.74
N ALA C 46 22.58 -29.88 -21.39
CA ALA C 46 21.83 -31.11 -21.58
C ALA C 46 22.17 -32.09 -20.46
N GLY C 47 21.24 -32.99 -20.18
CA GLY C 47 21.47 -34.04 -19.20
C GLY C 47 20.44 -35.13 -19.34
N THR C 48 20.32 -35.96 -18.31
CA THR C 48 19.23 -36.93 -18.26
C THR C 48 18.52 -36.84 -16.92
N VAL C 49 17.24 -37.20 -16.97
CA VAL C 49 16.38 -37.26 -15.79
C VAL C 49 15.79 -38.67 -15.79
N ASN C 50 16.33 -39.54 -14.93
CA ASN C 50 15.97 -40.97 -14.92
C ASN C 50 16.04 -41.54 -16.33
N GLY C 51 17.07 -41.15 -17.08
CA GLY C 51 17.33 -41.70 -18.38
C GLY C 51 16.82 -40.86 -19.53
N VAL C 52 15.86 -39.97 -19.29
CA VAL C 52 15.26 -39.20 -20.36
C VAL C 52 16.16 -38.01 -20.67
N ARG C 53 16.50 -37.84 -21.94
CA ARG C 53 17.32 -36.72 -22.35
C ARG C 53 16.56 -35.41 -22.14
N THR C 54 17.18 -34.47 -21.42
CA THR C 54 16.50 -33.26 -20.96
C THR C 54 17.43 -32.06 -21.12
N ILE C 55 16.85 -30.93 -21.51
CA ILE C 55 17.58 -29.66 -21.58
C ILE C 55 17.17 -28.84 -20.38
N ALA C 56 18.14 -28.16 -19.78
CA ALA C 56 17.83 -27.26 -18.67
C ALA C 56 18.71 -26.02 -18.75
N PHE C 57 18.23 -24.96 -18.11
CA PHE C 57 18.96 -23.71 -17.99
C PHE C 57 18.68 -23.17 -16.59
N CYS C 58 19.69 -22.52 -16.04
CA CYS C 58 19.68 -21.94 -14.70
C CYS C 58 20.11 -20.48 -14.81
N THR C 59 19.34 -19.58 -14.20
CA THR C 59 19.80 -18.21 -14.12
C THR C 59 20.82 -18.12 -13.00
N ASP C 60 21.88 -17.36 -13.23
CA ASP C 60 23.04 -17.36 -12.33
C ASP C 60 22.87 -16.28 -11.28
N GLY C 61 22.35 -16.68 -10.12
CA GLY C 61 22.12 -15.76 -9.02
C GLY C 61 23.39 -15.16 -8.43
N THR C 62 24.57 -15.63 -8.84
CA THR C 62 25.81 -15.04 -8.37
C THR C 62 26.24 -13.86 -9.24
N VAL C 63 25.63 -13.67 -10.41
CA VAL C 63 25.99 -12.59 -11.32
C VAL C 63 24.81 -11.64 -11.39
N MET C 64 24.99 -10.44 -10.82
CA MET C 64 23.96 -9.40 -10.80
C MET C 64 22.61 -9.91 -10.29
N GLY C 65 22.63 -10.83 -9.33
CA GLY C 65 21.40 -11.39 -8.83
C GLY C 65 20.60 -12.18 -9.84
N GLY C 66 21.25 -12.66 -10.90
CA GLY C 66 20.55 -13.40 -11.93
C GLY C 66 19.82 -12.56 -12.94
N ALA C 67 20.08 -11.25 -12.96
CA ALA C 67 19.36 -10.35 -13.86
C ALA C 67 19.59 -10.75 -15.31
N MET C 68 18.52 -10.72 -16.10
CA MET C 68 18.54 -11.24 -17.47
C MET C 68 19.08 -10.21 -18.46
N GLY C 69 20.09 -10.60 -19.23
CA GLY C 69 20.61 -9.72 -20.25
C GLY C 69 20.63 -10.34 -21.62
N VAL C 70 21.21 -9.64 -22.60
CA VAL C 70 21.14 -10.08 -24.00
C VAL C 70 21.81 -11.44 -24.14
N GLU C 71 23.03 -11.58 -23.61
CA GLU C 71 23.78 -12.82 -23.78
C GLU C 71 23.13 -13.98 -23.04
N GLY C 72 22.66 -13.74 -21.82
CA GLY C 72 21.99 -14.76 -21.04
C GLY C 72 20.77 -15.25 -21.79
N CYS C 73 19.90 -14.31 -22.18
CA CYS C 73 18.69 -14.64 -22.92
C CYS C 73 19.00 -15.40 -24.20
N THR C 74 20.11 -15.06 -24.86
CA THR C 74 20.48 -15.80 -26.05
C THR C 74 20.83 -17.26 -25.74
N HIS C 75 21.43 -17.52 -24.58
CA HIS C 75 21.67 -18.89 -24.15
C HIS C 75 20.36 -19.62 -23.88
N ILE C 76 19.34 -18.91 -23.42
CA ILE C 76 18.05 -19.54 -23.17
C ILE C 76 17.35 -19.88 -24.47
N VAL C 77 17.33 -18.94 -25.42
CA VAL C 77 16.74 -19.19 -26.73
C VAL C 77 17.41 -20.39 -27.41
N ASN C 78 18.75 -20.45 -27.39
CA ASN C 78 19.47 -21.56 -28.04
C ASN C 78 19.12 -22.90 -27.40
N ALA C 79 19.02 -22.94 -26.07
CA ALA C 79 18.59 -24.14 -25.38
C ALA C 79 17.19 -24.55 -25.82
N TYR C 80 16.29 -23.56 -25.97
CA TYR C 80 14.94 -23.85 -26.46
C TYR C 80 15.00 -24.40 -27.87
N ASP C 81 15.84 -23.81 -28.73
CA ASP C 81 16.01 -24.33 -30.09
C ASP C 81 16.55 -25.74 -30.05
N THR C 82 17.53 -26.00 -29.18
CA THR C 82 18.09 -27.35 -29.07
C THR C 82 17.01 -28.33 -28.62
N ALA C 83 16.24 -27.97 -27.58
CA ALA C 83 15.22 -28.86 -27.06
C ALA C 83 14.10 -29.07 -28.08
N ILE C 84 13.77 -28.02 -28.84
CA ILE C 84 12.75 -28.18 -29.87
C ILE C 84 13.25 -29.11 -30.96
N GLU C 85 14.51 -28.93 -31.36
CA GLU C 85 15.10 -29.79 -32.39
C GLU C 85 15.06 -31.27 -31.98
N ASP C 86 15.37 -31.57 -30.72
CA ASP C 86 15.42 -32.94 -30.24
C ASP C 86 14.09 -33.45 -29.70
N GLN C 87 13.06 -32.58 -29.62
CA GLN C 87 11.84 -32.89 -28.89
C GLN C 87 12.12 -33.30 -27.45
N SER C 88 13.00 -32.59 -26.80
CA SER C 88 13.25 -32.94 -25.42
C SER C 88 12.51 -31.99 -24.48
N PRO C 89 12.12 -32.43 -23.28
CA PRO C 89 11.58 -31.49 -22.31
C PRO C 89 12.66 -30.49 -21.93
N ILE C 90 12.24 -29.29 -21.52
CA ILE C 90 13.18 -28.25 -21.14
C ILE C 90 12.76 -27.70 -19.79
N VAL C 91 13.72 -27.61 -18.88
CA VAL C 91 13.48 -27.20 -17.49
C VAL C 91 14.27 -25.93 -17.22
N GLY C 92 13.59 -24.89 -16.73
CA GLY C 92 14.25 -23.66 -16.30
C GLY C 92 14.33 -23.60 -14.78
N ILE C 93 15.53 -23.31 -14.27
CA ILE C 93 15.75 -23.05 -12.85
C ILE C 93 15.96 -21.55 -12.69
N TRP C 94 15.06 -20.90 -11.93
CA TRP C 94 14.86 -19.46 -11.97
C TRP C 94 15.24 -18.79 -10.67
N HIS C 95 16.10 -17.78 -10.77
CA HIS C 95 16.56 -16.98 -9.63
C HIS C 95 17.04 -15.67 -10.25
N SER C 96 16.14 -14.68 -10.30
CA SER C 96 16.48 -13.51 -11.09
C SER C 96 15.57 -12.35 -10.74
N GLY C 97 16.16 -11.16 -10.63
CA GLY C 97 15.38 -9.96 -10.48
C GLY C 97 14.73 -9.45 -11.74
N GLY C 98 14.92 -10.12 -12.86
CA GLY C 98 14.38 -9.65 -14.11
C GLY C 98 15.45 -9.11 -15.03
N ALA C 99 15.02 -8.28 -15.98
CA ALA C 99 15.94 -7.83 -17.01
C ALA C 99 16.95 -6.84 -16.43
N ARG C 100 18.14 -6.82 -17.05
CA ARG C 100 19.21 -5.91 -16.64
C ARG C 100 18.86 -4.51 -17.10
N LEU C 101 18.46 -3.65 -16.15
CA LEU C 101 18.07 -2.27 -16.43
C LEU C 101 19.13 -1.54 -17.24
N ALA C 102 20.41 -1.73 -16.88
CA ALA C 102 21.49 -1.02 -17.55
C ALA C 102 21.65 -1.44 -19.00
N GLU C 103 21.16 -2.61 -19.38
CA GLU C 103 21.32 -2.99 -20.78
C GLU C 103 20.20 -2.42 -21.65
N GLY C 104 19.20 -1.78 -21.03
CA GLY C 104 18.20 -1.00 -21.74
C GLY C 104 17.21 -1.82 -22.56
N VAL C 105 16.70 -1.17 -23.62
CA VAL C 105 15.73 -1.78 -24.50
C VAL C 105 16.27 -3.07 -25.10
N ARG C 106 17.57 -3.14 -25.33
CA ARG C 106 18.18 -4.36 -25.84
C ARG C 106 17.85 -5.57 -24.97
N ALA C 107 17.88 -5.40 -23.64
CA ALA C 107 17.61 -6.53 -22.75
C ALA C 107 16.13 -6.85 -22.72
N LEU C 108 15.28 -5.82 -22.73
CA LEU C 108 13.83 -6.04 -22.86
C LEU C 108 13.52 -6.86 -24.10
N HIS C 109 14.08 -6.47 -25.25
CA HIS C 109 13.88 -7.22 -26.48
C HIS C 109 14.32 -8.67 -26.32
N ALA C 110 15.51 -8.89 -25.74
CA ALA C 110 16.01 -10.24 -25.57
C ALA C 110 15.14 -11.04 -24.61
N VAL C 111 14.58 -10.39 -23.59
CA VAL C 111 13.59 -11.05 -22.73
C VAL C 111 12.37 -11.46 -23.55
N GLY C 112 11.90 -10.58 -24.44
CA GLY C 112 10.77 -10.93 -25.28
C GLY C 112 11.08 -12.11 -26.18
N GLN C 113 12.32 -12.18 -26.67
CA GLN C 113 12.74 -13.31 -27.48
C GLN C 113 12.71 -14.61 -26.70
N VAL C 114 12.94 -14.55 -25.40
CA VAL C 114 12.77 -15.75 -24.58
C VAL C 114 11.30 -16.14 -24.52
N PHE C 115 10.42 -15.18 -24.19
CA PHE C 115 8.99 -15.42 -24.30
C PHE C 115 8.64 -16.10 -25.62
N GLU C 116 9.16 -15.56 -26.72
CA GLU C 116 8.79 -16.07 -28.03
C GLU C 116 9.22 -17.53 -28.20
N ALA C 117 10.40 -17.88 -27.70
CA ALA C 117 10.85 -19.27 -27.75
C ALA C 117 9.92 -20.18 -26.95
N MET C 118 9.43 -19.70 -25.80
CA MET C 118 8.51 -20.49 -24.99
C MET C 118 7.18 -20.67 -25.69
N ILE C 119 6.72 -19.63 -26.41
CA ILE C 119 5.47 -19.75 -27.14
C ILE C 119 5.64 -20.73 -28.29
N ARG C 120 6.77 -20.67 -29.02
CA ARG C 120 7.02 -21.66 -30.06
C ARG C 120 7.02 -23.08 -29.49
N ALA C 121 7.52 -23.26 -28.28
CA ALA C 121 7.60 -24.60 -27.71
C ALA C 121 6.29 -25.06 -27.10
N SER C 122 5.35 -24.16 -26.83
CA SER C 122 4.22 -24.53 -26.01
C SER C 122 3.35 -25.54 -26.76
N GLY C 123 2.96 -26.59 -26.04
CA GLY C 123 2.25 -27.72 -26.61
C GLY C 123 3.09 -28.68 -27.41
N TYR C 124 4.37 -28.39 -27.62
CA TYR C 124 5.22 -29.23 -28.46
C TYR C 124 6.29 -29.95 -27.65
N ILE C 125 6.90 -29.29 -26.66
CA ILE C 125 7.73 -29.97 -25.68
C ILE C 125 7.29 -29.58 -24.28
N PRO C 126 7.35 -30.49 -23.32
CA PRO C 126 7.04 -30.14 -21.93
C PRO C 126 8.00 -29.07 -21.41
N GLN C 127 7.44 -28.05 -20.75
CA GLN C 127 8.22 -26.96 -20.19
C GLN C 127 7.94 -26.90 -18.70
N ILE C 128 8.95 -27.19 -17.89
CA ILE C 128 8.86 -27.20 -16.43
C ILE C 128 9.70 -26.06 -15.88
N SER C 129 9.15 -25.32 -14.93
CA SER C 129 9.83 -24.20 -14.30
C SER C 129 10.03 -24.54 -12.83
N VAL C 130 11.28 -24.43 -12.34
CA VAL C 130 11.61 -24.65 -10.93
C VAL C 130 12.11 -23.31 -10.37
N VAL C 131 11.28 -22.65 -9.57
CA VAL C 131 11.62 -21.33 -9.05
C VAL C 131 12.26 -21.51 -7.68
N VAL C 132 13.57 -21.26 -7.59
CA VAL C 132 14.30 -21.51 -6.35
C VAL C 132 14.77 -20.24 -5.67
N GLY C 133 14.70 -19.09 -6.33
CA GLY C 133 14.95 -17.83 -5.68
C GLY C 133 13.91 -16.79 -6.06
N PHE C 134 14.13 -15.53 -5.67
CA PHE C 134 13.32 -14.42 -6.13
C PHE C 134 13.18 -14.45 -7.66
N ALA C 135 11.97 -14.15 -8.14
CA ALA C 135 11.70 -14.13 -9.58
C ALA C 135 10.76 -12.96 -9.85
N ALA C 136 11.29 -11.89 -10.42
CA ALA C 136 10.52 -10.67 -10.67
C ALA C 136 10.69 -10.23 -12.11
N GLY C 137 9.80 -9.35 -12.54
CA GLY C 137 9.89 -8.78 -13.88
C GLY C 137 9.63 -9.83 -14.93
N GLY C 138 10.45 -9.80 -15.99
CA GLY C 138 10.40 -10.86 -16.98
C GLY C 138 10.67 -12.23 -16.41
N ALA C 139 11.30 -12.31 -15.23
CA ALA C 139 11.58 -13.58 -14.61
C ALA C 139 10.37 -14.15 -13.88
N ALA C 140 9.32 -13.35 -13.65
CA ALA C 140 8.03 -13.89 -13.25
C ALA C 140 7.20 -14.30 -14.47
N TYR C 141 7.30 -13.55 -15.58
CA TYR C 141 6.50 -13.90 -16.75
C TYR C 141 7.03 -15.14 -17.46
N GLY C 142 8.35 -15.38 -17.45
CA GLY C 142 8.91 -16.56 -18.07
C GLY C 142 8.27 -17.85 -17.59
N PRO C 143 8.38 -18.16 -16.29
CA PRO C 143 7.70 -19.35 -15.77
C PRO C 143 6.20 -19.38 -16.07
N ALA C 144 5.54 -18.22 -16.10
CA ALA C 144 4.11 -18.16 -16.39
C ALA C 144 3.77 -18.64 -17.80
N LEU C 145 4.74 -18.67 -18.72
CA LEU C 145 4.53 -19.22 -20.05
C LEU C 145 4.80 -20.72 -20.14
N THR C 146 5.31 -21.35 -19.09
CA THR C 146 5.61 -22.78 -19.19
C THR C 146 4.41 -23.57 -18.71
N ASP C 147 4.56 -24.89 -18.64
CA ASP C 147 3.41 -25.76 -18.39
C ASP C 147 3.16 -26.01 -16.92
N VAL C 148 4.21 -26.26 -16.14
CA VAL C 148 4.09 -26.51 -14.71
C VAL C 148 5.17 -25.72 -13.99
N VAL C 149 4.78 -24.99 -12.94
CA VAL C 149 5.70 -24.18 -12.14
C VAL C 149 5.79 -24.80 -10.75
N VAL C 150 7.00 -25.19 -10.37
CA VAL C 150 7.32 -25.68 -9.02
C VAL C 150 8.05 -24.56 -8.29
N MET C 151 7.58 -24.23 -7.08
CA MET C 151 8.20 -23.16 -6.31
C MET C 151 8.74 -23.70 -5.00
N ALA C 152 10.01 -23.48 -4.75
CA ALA C 152 10.57 -23.74 -3.44
C ALA C 152 10.18 -22.61 -2.49
N PRO C 153 9.84 -22.92 -1.23
CA PRO C 153 9.41 -21.85 -0.31
C PRO C 153 10.47 -20.78 -0.08
N GLU C 154 11.76 -21.10 -0.30
CA GLU C 154 12.81 -20.10 -0.23
C GLU C 154 12.57 -18.92 -1.18
N SER C 155 11.82 -19.14 -2.26
CA SER C 155 11.66 -18.11 -3.29
C SER C 155 10.67 -17.02 -2.87
N SER C 188 -3.84 -16.65 -6.29
CA SER C 188 -2.90 -16.23 -7.34
C SER C 188 -2.95 -17.18 -8.54
N GLY C 189 -2.72 -18.48 -8.28
CA GLY C 189 -2.84 -19.51 -9.30
C GLY C 189 -1.63 -19.72 -10.19
N VAL C 190 -0.61 -18.85 -10.14
CA VAL C 190 0.49 -18.95 -11.10
C VAL C 190 1.37 -20.16 -10.80
N CYS C 191 1.61 -20.45 -9.52
CA CYS C 191 2.42 -21.58 -9.09
C CYS C 191 1.57 -22.84 -8.97
N HIS C 192 2.00 -23.91 -9.63
CA HIS C 192 1.22 -25.15 -9.61
C HIS C 192 1.54 -26.01 -8.40
N ILE C 193 2.81 -26.08 -8.02
CA ILE C 193 3.29 -26.98 -7.00
C ILE C 193 4.25 -26.24 -6.09
N VAL C 194 4.03 -26.32 -4.79
CA VAL C 194 4.94 -25.75 -3.79
C VAL C 194 5.70 -26.91 -3.16
N ALA C 195 7.02 -26.90 -3.26
CA ALA C 195 7.85 -27.95 -2.69
C ALA C 195 8.15 -27.66 -1.21
N ASP C 196 8.89 -28.57 -0.56
CA ASP C 196 9.33 -28.36 0.83
C ASP C 196 10.62 -27.56 0.96
N ASP C 197 11.48 -27.61 -0.05
CA ASP C 197 12.71 -26.81 -0.12
C ASP C 197 13.31 -27.02 -1.51
N GLU C 198 14.50 -26.46 -1.73
CA GLU C 198 15.08 -26.47 -3.07
C GLU C 198 15.29 -27.89 -3.58
N LEU C 199 15.86 -28.76 -2.76
CA LEU C 199 16.13 -30.11 -3.23
C LEU C 199 14.85 -30.89 -3.48
N ASP C 200 13.82 -30.69 -2.65
CA ASP C 200 12.51 -31.25 -2.94
C ASP C 200 11.90 -30.65 -4.21
N ALA C 201 12.18 -29.38 -4.49
CA ALA C 201 11.71 -28.77 -5.73
C ALA C 201 12.28 -29.47 -6.94
N TYR C 202 13.59 -29.75 -6.92
CA TYR C 202 14.19 -30.53 -8.00
C TYR C 202 13.57 -31.91 -8.08
N ASP C 203 13.34 -32.56 -6.94
CA ASP C 203 12.79 -33.92 -6.99
C ASP C 203 11.41 -33.92 -7.64
N ARG C 204 10.55 -32.97 -7.27
CA ARG C 204 9.23 -32.90 -7.88
C ARG C 204 9.33 -32.48 -9.35
N GLY C 205 10.27 -31.60 -9.69
CA GLY C 205 10.49 -31.30 -11.10
C GLY C 205 10.94 -32.51 -11.89
N ARG C 206 11.84 -33.33 -11.31
CA ARG C 206 12.24 -34.58 -11.95
C ARG C 206 11.04 -35.50 -12.14
N ARG C 207 10.19 -35.62 -11.13
CA ARG C 207 9.02 -36.48 -11.29
C ARG C 207 8.10 -35.95 -12.40
N LEU C 208 7.99 -34.62 -12.55
CA LEU C 208 7.16 -34.07 -13.60
C LEU C 208 7.71 -34.41 -14.98
N VAL C 209 9.03 -34.37 -15.16
CA VAL C 209 9.61 -34.83 -16.43
C VAL C 209 9.20 -36.27 -16.70
N GLY C 210 9.24 -37.11 -15.67
CA GLY C 210 8.79 -38.49 -15.83
C GLY C 210 7.32 -38.60 -16.18
N LEU C 211 6.47 -37.77 -15.57
CA LEU C 211 5.05 -37.86 -15.87
C LEU C 211 4.76 -37.50 -17.33
N PHE C 212 5.48 -36.53 -17.88
CA PHE C 212 5.24 -36.07 -19.23
C PHE C 212 5.96 -36.88 -20.29
N CYS C 213 7.12 -37.44 -19.95
CA CYS C 213 8.01 -38.03 -20.94
C CYS C 213 8.24 -39.51 -20.73
N GLN C 214 7.78 -40.08 -19.61
CA GLN C 214 7.63 -41.53 -19.45
C GLN C 214 6.18 -41.83 -19.06
N GLN C 215 5.27 -41.53 -19.98
CA GLN C 215 3.85 -41.73 -19.72
C GLN C 215 3.47 -43.20 -19.60
N GLY C 216 4.26 -44.11 -20.16
CA GLY C 216 3.92 -45.51 -20.00
C GLY C 216 2.68 -45.94 -20.80
N HIS C 217 2.26 -47.16 -20.50
CA HIS C 217 1.09 -47.81 -21.07
C HIS C 217 0.11 -48.16 -19.97
N PHE C 218 -1.16 -48.27 -20.33
CA PHE C 218 -2.11 -48.89 -19.42
C PHE C 218 -1.80 -50.37 -19.27
N ASP C 219 -2.06 -50.89 -18.10
CA ASP C 219 -1.76 -52.28 -17.76
C ASP C 219 -2.99 -52.83 -17.04
N ARG C 220 -3.75 -53.64 -17.75
CA ARG C 220 -5.07 -54.01 -17.27
C ARG C 220 -5.01 -54.91 -16.04
N SER C 221 -4.01 -55.79 -15.98
CA SER C 221 -3.90 -56.65 -14.81
C SER C 221 -3.45 -55.86 -13.58
N LYS C 222 -2.60 -54.83 -13.76
CA LYS C 222 -2.22 -53.99 -12.64
C LYS C 222 -3.41 -53.20 -12.10
N ALA C 223 -4.35 -52.84 -12.97
CA ALA C 223 -5.54 -52.12 -12.54
C ALA C 223 -6.45 -53.00 -11.70
N GLU C 224 -6.72 -54.23 -12.16
CA GLU C 224 -7.55 -55.15 -11.39
C GLU C 224 -6.93 -55.44 -10.03
N ALA C 225 -5.60 -55.64 -10.00
CA ALA C 225 -4.92 -55.97 -8.75
C ALA C 225 -5.00 -54.84 -7.74
N GLY C 226 -5.29 -53.63 -8.19
CA GLY C 226 -5.44 -52.48 -7.32
C GLY C 226 -6.86 -52.13 -6.97
N ASP C 227 -7.85 -52.84 -7.51
CA ASP C 227 -9.25 -52.57 -7.24
C ASP C 227 -9.55 -52.63 -5.74
N THR C 228 -10.38 -51.68 -5.27
CA THR C 228 -10.90 -51.63 -3.90
C THR C 228 -12.31 -51.07 -3.95
N ASP C 229 -13.00 -51.13 -2.81
CA ASP C 229 -14.33 -50.50 -2.72
C ASP C 229 -14.15 -49.00 -2.48
N ILE C 230 -14.16 -48.24 -3.58
CA ILE C 230 -13.96 -46.79 -3.49
C ILE C 230 -15.15 -46.13 -2.80
N HIS C 231 -16.35 -46.69 -3.00
CA HIS C 231 -17.58 -46.12 -2.45
C HIS C 231 -17.54 -46.04 -0.93
N ALA C 232 -16.83 -46.96 -0.29
CA ALA C 232 -16.79 -46.97 1.16
C ALA C 232 -16.22 -45.69 1.75
N LEU C 233 -15.52 -44.89 0.95
CA LEU C 233 -14.97 -43.63 1.42
C LEU C 233 -15.96 -42.47 1.33
N LEU C 234 -17.13 -42.66 0.73
CA LEU C 234 -18.16 -41.62 0.77
C LEU C 234 -18.77 -41.56 2.17
N PRO C 235 -19.25 -40.39 2.59
CA PRO C 235 -19.94 -40.31 3.88
C PRO C 235 -21.23 -41.12 3.83
N GLU C 236 -21.67 -41.58 5.01
CA GLU C 236 -22.92 -42.31 5.10
C GLU C 236 -24.09 -41.49 4.55
N SER C 237 -24.18 -40.22 4.95
CA SER C 237 -25.27 -39.34 4.54
C SER C 237 -24.97 -38.67 3.21
N SER C 238 -25.95 -38.72 2.29
CA SER C 238 -25.82 -38.04 1.00
C SER C 238 -25.58 -36.55 1.15
N ARG C 239 -25.82 -36.00 2.34
CA ARG C 239 -25.77 -34.56 2.52
C ARG C 239 -24.42 -34.07 2.99
N ARG C 240 -23.61 -34.90 3.63
CA ARG C 240 -22.38 -34.40 4.23
C ARG C 240 -21.35 -34.08 3.15
N ALA C 241 -20.72 -32.91 3.30
CA ALA C 241 -19.51 -32.62 2.55
C ALA C 241 -18.40 -33.58 2.95
N TYR C 242 -17.44 -33.76 2.06
CA TYR C 242 -16.29 -34.63 2.28
C TYR C 242 -15.17 -34.16 1.37
N ASP C 243 -13.94 -34.54 1.71
CA ASP C 243 -12.79 -34.30 0.84
C ASP C 243 -12.75 -35.38 -0.23
N VAL C 244 -12.66 -34.96 -1.51
CA VAL C 244 -12.63 -35.93 -2.62
C VAL C 244 -11.26 -36.57 -2.82
N ARG C 245 -10.21 -36.00 -2.23
CA ARG C 245 -8.86 -36.47 -2.56
C ARG C 245 -8.57 -37.92 -2.15
N PRO C 246 -9.11 -38.43 -1.03
CA PRO C 246 -8.97 -39.88 -0.79
C PRO C 246 -9.58 -40.75 -1.88
N ILE C 247 -10.71 -40.31 -2.46
CA ILE C 247 -11.30 -41.04 -3.57
C ILE C 247 -10.35 -41.04 -4.77
N VAL C 248 -9.72 -39.90 -5.04
CA VAL C 248 -8.76 -39.81 -6.13
C VAL C 248 -7.56 -40.73 -5.87
N THR C 249 -6.99 -40.66 -4.66
CA THR C 249 -5.80 -41.47 -4.39
C THR C 249 -6.12 -42.96 -4.38
N ALA C 250 -7.34 -43.33 -4.00
CA ALA C 250 -7.72 -44.74 -4.06
C ALA C 250 -7.83 -45.25 -5.51
N ILE C 251 -8.32 -44.41 -6.42
CA ILE C 251 -8.36 -44.76 -7.85
C ILE C 251 -6.95 -44.92 -8.42
N LEU C 252 -6.05 -44.01 -8.07
CA LEU C 252 -4.71 -44.00 -8.64
C LEU C 252 -3.82 -45.04 -7.97
N ASP C 253 -2.66 -45.31 -8.58
CA ASP C 253 -1.76 -46.35 -8.09
C ASP C 253 -1.32 -46.04 -6.66
N ALA C 254 -1.35 -47.07 -5.81
CA ALA C 254 -1.05 -46.89 -4.39
C ALA C 254 0.38 -46.43 -4.15
N ASP C 255 1.32 -46.88 -4.97
CA ASP C 255 2.72 -46.58 -4.72
C ASP C 255 3.14 -45.18 -5.18
N THR C 256 2.30 -44.48 -5.97
CA THR C 256 2.69 -43.29 -6.73
C THR C 256 2.12 -42.00 -6.14
N PRO C 257 2.91 -40.94 -6.07
CA PRO C 257 2.37 -39.64 -5.65
C PRO C 257 1.24 -39.16 -6.56
N PHE C 258 0.26 -38.48 -5.97
CA PHE C 258 -0.65 -37.65 -6.74
C PHE C 258 -0.12 -36.23 -6.72
N ASP C 259 0.33 -35.73 -7.87
CA ASP C 259 0.90 -34.40 -7.94
C ASP C 259 -0.21 -33.39 -8.24
N GLU C 260 -0.88 -32.95 -7.17
CA GLU C 260 -1.97 -31.99 -7.31
C GLU C 260 -1.44 -30.62 -7.72
N PHE C 261 -2.13 -29.98 -8.66
CA PHE C 261 -1.80 -28.64 -9.12
C PHE C 261 -2.68 -27.62 -8.41
N GLN C 262 -2.06 -26.53 -7.96
CA GLN C 262 -2.80 -25.34 -7.48
C GLN C 262 -3.79 -25.71 -6.39
N ALA C 263 -3.31 -26.48 -5.40
CA ALA C 263 -4.21 -27.02 -4.38
C ALA C 263 -4.99 -25.92 -3.66
N ASN C 264 -4.37 -24.75 -3.47
CA ASN C 264 -5.00 -23.67 -2.72
C ASN C 264 -5.70 -22.63 -3.59
N TRP C 265 -5.67 -22.78 -4.91
CA TRP C 265 -6.40 -21.90 -5.82
C TRP C 265 -7.62 -22.64 -6.34
N ALA C 266 -8.79 -22.00 -6.23
CA ALA C 266 -10.06 -22.58 -6.66
C ALA C 266 -10.25 -23.96 -6.03
N PRO C 267 -10.38 -24.04 -4.69
CA PRO C 267 -10.36 -25.34 -4.03
C PRO C 267 -11.64 -26.16 -4.18
N SER C 268 -12.66 -25.68 -4.87
CA SER C 268 -13.78 -26.55 -5.17
C SER C 268 -13.47 -27.53 -6.30
N MET C 269 -12.28 -27.45 -6.89
CA MET C 269 -11.86 -28.28 -7.99
C MET C 269 -10.46 -28.82 -7.70
N VAL C 270 -10.29 -30.14 -7.75
CA VAL C 270 -8.99 -30.78 -7.61
C VAL C 270 -8.55 -31.23 -9.01
N VAL C 271 -7.32 -30.87 -9.39
CA VAL C 271 -6.74 -31.32 -10.66
C VAL C 271 -5.29 -31.72 -10.40
N GLY C 272 -4.79 -32.63 -11.22
CA GLY C 272 -3.40 -33.01 -11.04
C GLY C 272 -3.07 -34.28 -11.79
N LEU C 273 -1.79 -34.58 -11.77
CA LEU C 273 -1.22 -35.69 -12.50
C LEU C 273 -0.92 -36.83 -11.56
N GLY C 274 -1.15 -38.06 -12.04
CA GLY C 274 -0.77 -39.26 -11.34
C GLY C 274 -0.67 -40.39 -12.33
N ARG C 275 -0.65 -41.62 -11.79
CA ARG C 275 -0.51 -42.82 -12.62
C ARG C 275 -1.62 -43.81 -12.29
N LEU C 276 -2.24 -44.33 -13.33
CA LEU C 276 -3.30 -45.33 -13.24
C LEU C 276 -2.79 -46.58 -13.95
N SER C 277 -2.51 -47.63 -13.18
CA SER C 277 -1.89 -48.85 -13.68
C SER C 277 -0.57 -48.54 -14.38
N GLY C 278 0.14 -47.53 -13.87
CA GLY C 278 1.44 -47.13 -14.36
C GLY C 278 1.41 -46.04 -15.41
N ARG C 279 0.24 -45.76 -15.98
CA ARG C 279 0.09 -44.79 -17.07
C ARG C 279 -0.22 -43.41 -16.49
N THR C 280 0.52 -42.39 -16.96
CA THR C 280 0.22 -41.01 -16.60
C THR C 280 -1.20 -40.65 -17.01
N VAL C 281 -2.00 -40.20 -16.04
CA VAL C 281 -3.33 -39.67 -16.31
C VAL C 281 -3.49 -38.34 -15.57
N GLY C 282 -4.41 -37.53 -16.07
CA GLY C 282 -4.84 -36.32 -15.38
C GLY C 282 -6.19 -36.56 -14.72
N VAL C 283 -6.34 -36.01 -13.51
CA VAL C 283 -7.59 -36.16 -12.76
C VAL C 283 -8.19 -34.77 -12.55
N LEU C 284 -9.48 -34.64 -12.85
CA LEU C 284 -10.28 -33.49 -12.42
C LEU C 284 -11.39 -34.02 -11.55
N ALA C 285 -11.61 -33.39 -10.39
CA ALA C 285 -12.63 -33.85 -9.47
C ALA C 285 -13.22 -32.69 -8.69
N ASN C 286 -14.53 -32.51 -8.76
CA ASN C 286 -15.18 -31.59 -7.85
C ASN C 286 -14.88 -32.00 -6.41
N ASN C 287 -14.64 -31.02 -5.54
CA ASN C 287 -14.35 -31.29 -4.12
C ASN C 287 -15.48 -30.77 -3.25
N PRO C 288 -16.46 -31.61 -2.90
CA PRO C 288 -17.58 -31.14 -2.05
C PRO C 288 -17.17 -30.46 -0.75
N LEU C 289 -15.93 -30.65 -0.30
CA LEU C 289 -15.46 -30.03 0.93
C LEU C 289 -15.45 -28.51 0.87
N ARG C 290 -15.34 -27.93 -0.33
CA ARG C 290 -15.19 -26.49 -0.51
C ARG C 290 -16.26 -25.98 -1.45
N LEU C 291 -16.91 -24.88 -1.06
CA LEU C 291 -18.00 -24.28 -1.84
C LEU C 291 -19.02 -25.33 -2.29
N GLY C 292 -19.21 -26.37 -1.48
CA GLY C 292 -20.12 -27.44 -1.82
C GLY C 292 -19.74 -28.23 -3.07
N GLY C 293 -18.53 -28.02 -3.57
CA GLY C 293 -18.10 -28.63 -4.81
C GLY C 293 -18.67 -27.98 -6.06
N CYS C 294 -19.31 -26.82 -5.94
CA CYS C 294 -19.85 -26.07 -7.07
C CYS C 294 -18.76 -25.54 -8.00
N LEU C 295 -19.07 -25.49 -9.29
CA LEU C 295 -18.22 -24.75 -10.20
C LEU C 295 -18.34 -23.25 -9.96
N ASN C 296 -17.27 -22.52 -10.24
CA ASN C 296 -17.35 -21.06 -10.35
C ASN C 296 -16.30 -20.63 -11.35
N SER C 297 -16.09 -19.32 -11.48
CA SER C 297 -15.19 -18.84 -12.53
C SER C 297 -13.79 -19.40 -12.33
N GLU C 298 -13.29 -19.42 -11.10
CA GLU C 298 -11.92 -19.85 -10.87
C GLU C 298 -11.76 -21.35 -11.10
N SER C 299 -12.70 -22.15 -10.59
CA SER C 299 -12.60 -23.60 -10.78
C SER C 299 -12.75 -23.97 -12.25
N ALA C 300 -13.64 -23.28 -12.97
CA ALA C 300 -13.76 -23.49 -14.41
C ALA C 300 -12.46 -23.18 -15.14
N GLU C 301 -11.82 -22.06 -14.79
CA GLU C 301 -10.56 -21.69 -15.44
C GLU C 301 -9.48 -22.70 -15.11
N LYS C 302 -9.41 -23.12 -13.84
CA LYS C 302 -8.44 -24.12 -13.40
C LYS C 302 -8.64 -25.44 -14.14
N ALA C 303 -9.88 -25.90 -14.23
CA ALA C 303 -10.19 -27.11 -14.98
C ALA C 303 -9.85 -26.95 -16.45
N ALA C 304 -10.26 -25.82 -17.05
CA ALA C 304 -10.07 -25.60 -18.47
C ALA C 304 -8.59 -25.66 -18.86
N ARG C 305 -7.74 -24.93 -18.13
CA ARG C 305 -6.31 -24.95 -18.43
C ARG C 305 -5.74 -26.35 -18.29
N PHE C 306 -6.19 -27.09 -17.29
CA PHE C 306 -5.62 -28.41 -17.06
C PHE C 306 -6.01 -29.38 -18.17
N VAL C 307 -7.27 -29.31 -18.63
CA VAL C 307 -7.69 -30.13 -19.76
C VAL C 307 -6.84 -29.83 -20.99
N ARG C 308 -6.60 -28.54 -21.30
CA ARG C 308 -5.82 -28.23 -22.49
CA ARG C 308 -5.81 -28.20 -22.47
C ARG C 308 -4.38 -28.71 -22.35
N LEU C 309 -3.83 -28.71 -21.13
CA LEU C 309 -2.47 -29.20 -20.93
C LEU C 309 -2.37 -30.71 -21.16
N CYS C 310 -3.31 -31.48 -20.62
CA CYS C 310 -3.23 -32.93 -20.82
C CYS C 310 -3.53 -33.29 -22.26
N ASP C 311 -4.50 -32.61 -22.89
CA ASP C 311 -4.82 -32.88 -24.28
C ASP C 311 -3.62 -32.62 -25.19
N ALA C 312 -2.84 -31.58 -24.90
CA ALA C 312 -1.70 -31.27 -25.76
C ALA C 312 -0.64 -32.38 -25.75
N PHE C 313 -0.44 -33.05 -24.62
CA PHE C 313 0.65 -34.00 -24.47
C PHE C 313 0.17 -35.44 -24.44
N GLY C 314 -1.07 -35.71 -24.82
CA GLY C 314 -1.53 -37.07 -24.97
C GLY C 314 -1.83 -37.77 -23.67
N ILE C 315 -2.19 -37.03 -22.63
CA ILE C 315 -2.41 -37.57 -21.28
C ILE C 315 -3.92 -37.73 -21.10
N PRO C 316 -4.42 -38.96 -20.94
CA PRO C 316 -5.87 -39.17 -20.79
C PRO C 316 -6.39 -38.62 -19.46
N LEU C 317 -7.70 -38.39 -19.43
CA LEU C 317 -8.36 -37.71 -18.33
C LEU C 317 -9.32 -38.64 -17.60
N VAL C 318 -9.32 -38.51 -16.27
CA VAL C 318 -10.32 -39.11 -15.40
C VAL C 318 -11.07 -37.96 -14.71
N VAL C 319 -12.38 -37.85 -14.97
CA VAL C 319 -13.19 -36.77 -14.44
C VAL C 319 -14.15 -37.36 -13.39
N VAL C 320 -13.91 -37.03 -12.13
CA VAL C 320 -14.68 -37.56 -11.00
C VAL C 320 -15.71 -36.49 -10.60
N VAL C 321 -16.98 -36.75 -10.89
CA VAL C 321 -18.02 -35.73 -10.87
C VAL C 321 -18.93 -35.90 -9.65
N ASP C 322 -19.07 -34.81 -8.88
CA ASP C 322 -20.02 -34.66 -7.78
C ASP C 322 -20.26 -33.14 -7.60
N VAL C 323 -21.07 -32.56 -8.48
CA VAL C 323 -21.24 -31.11 -8.50
C VAL C 323 -22.73 -30.76 -8.47
N PRO C 324 -23.16 -29.86 -7.59
CA PRO C 324 -24.59 -29.58 -7.45
C PRO C 324 -25.08 -28.32 -8.15
N GLY C 325 -24.20 -27.58 -8.78
CA GLY C 325 -24.55 -26.33 -9.41
C GLY C 325 -23.29 -25.49 -9.59
N TYR C 326 -23.51 -24.23 -9.90
CA TYR C 326 -22.44 -23.27 -10.15
C TYR C 326 -22.82 -21.94 -9.51
N LEU C 327 -21.82 -21.07 -9.33
CA LEU C 327 -21.91 -19.89 -8.50
C LEU C 327 -21.35 -18.66 -9.20
N PRO C 328 -21.93 -17.49 -8.97
CA PRO C 328 -21.36 -16.23 -9.46
C PRO C 328 -20.29 -15.70 -8.51
N GLY C 329 -19.75 -14.54 -8.86
CA GLY C 329 -18.67 -13.93 -8.12
C GLY C 329 -19.09 -12.73 -7.28
N VAL C 330 -18.47 -11.57 -7.56
CA VAL C 330 -18.49 -10.34 -6.77
C VAL C 330 -19.83 -10.07 -6.08
N ASP C 331 -20.66 -9.26 -6.72
CA ASP C 331 -21.99 -8.93 -6.21
C ASP C 331 -23.03 -9.65 -7.07
N GLN C 332 -23.03 -10.99 -6.97
CA GLN C 332 -23.74 -11.86 -7.91
C GLN C 332 -23.27 -11.61 -9.34
N GLU C 333 -21.96 -11.43 -9.50
CA GLU C 333 -21.29 -11.15 -10.78
C GLU C 333 -21.27 -12.42 -11.63
N TRP C 334 -22.16 -12.50 -12.63
CA TRP C 334 -22.27 -13.73 -13.42
C TRP C 334 -21.28 -13.78 -14.59
N GLY C 335 -20.74 -12.64 -15.02
CA GLY C 335 -19.90 -12.64 -16.21
C GLY C 335 -18.71 -13.59 -16.11
N GLY C 336 -18.07 -13.62 -14.93
CA GLY C 336 -16.88 -14.45 -14.79
C GLY C 336 -17.17 -15.92 -15.05
N VAL C 337 -18.27 -16.44 -14.49
CA VAL C 337 -18.49 -17.88 -14.63
C VAL C 337 -19.05 -18.21 -16.00
N VAL C 338 -19.75 -17.28 -16.65
CA VAL C 338 -20.21 -17.51 -18.02
C VAL C 338 -19.02 -17.48 -18.98
N ARG C 339 -18.13 -16.51 -18.82
CA ARG C 339 -16.96 -16.41 -19.68
C ARG C 339 -16.01 -17.59 -19.47
N ARG C 340 -15.66 -17.88 -18.20
CA ARG C 340 -14.73 -18.98 -17.95
C ARG C 340 -15.43 -20.33 -18.14
N GLY C 341 -16.71 -20.42 -17.78
CA GLY C 341 -17.44 -21.65 -18.02
C GLY C 341 -17.48 -22.02 -19.49
N ALA C 342 -17.60 -21.01 -20.36
CA ALA C 342 -17.56 -21.28 -21.80
C ALA C 342 -16.22 -21.88 -22.20
N LYS C 343 -15.12 -21.41 -21.61
CA LYS C 343 -13.80 -21.95 -21.91
C LYS C 343 -13.67 -23.41 -21.48
N LEU C 344 -14.32 -23.81 -20.39
CA LEU C 344 -14.26 -25.19 -19.95
C LEU C 344 -15.04 -26.09 -20.91
N LEU C 345 -16.23 -25.66 -21.33
CA LEU C 345 -16.94 -26.37 -22.39
C LEU C 345 -16.07 -26.54 -23.63
N HIS C 346 -15.42 -25.44 -24.04
CA HIS C 346 -14.55 -25.47 -25.20
C HIS C 346 -13.44 -26.49 -25.02
N ALA C 347 -12.81 -26.50 -23.84
CA ALA C 347 -11.68 -27.38 -23.59
C ALA C 347 -12.09 -28.83 -23.65
N PHE C 348 -13.22 -29.20 -23.02
CA PHE C 348 -13.67 -30.57 -23.12
C PHE C 348 -14.14 -30.90 -24.53
N GLY C 349 -14.88 -29.97 -25.17
CA GLY C 349 -15.43 -30.26 -26.50
C GLY C 349 -14.39 -30.52 -27.56
N GLU C 350 -13.25 -29.79 -27.52
CA GLU C 350 -12.16 -29.95 -28.48
C GLU C 350 -11.18 -31.04 -28.10
N CYS C 351 -11.27 -31.56 -26.88
CA CYS C 351 -10.33 -32.55 -26.38
C CYS C 351 -10.37 -33.84 -27.22
N THR C 352 -9.18 -34.37 -27.52
CA THR C 352 -9.08 -35.58 -28.32
C THR C 352 -8.61 -36.80 -27.53
N VAL C 353 -7.79 -36.58 -26.50
CA VAL C 353 -7.28 -37.69 -25.70
C VAL C 353 -8.48 -38.42 -25.09
N PRO C 354 -8.34 -39.68 -24.68
CA PRO C 354 -9.42 -40.32 -23.92
C PRO C 354 -9.76 -39.55 -22.67
N ARG C 355 -11.06 -39.46 -22.38
CA ARG C 355 -11.52 -38.74 -21.18
C ARG C 355 -12.76 -39.45 -20.68
N VAL C 356 -12.66 -40.10 -19.54
CA VAL C 356 -13.74 -40.93 -18.99
C VAL C 356 -14.32 -40.22 -17.77
N THR C 357 -15.66 -40.19 -17.68
CA THR C 357 -16.37 -39.54 -16.59
C THR C 357 -16.91 -40.59 -15.64
N LEU C 358 -16.78 -40.32 -14.34
CA LEU C 358 -17.36 -41.15 -13.28
C LEU C 358 -18.22 -40.26 -12.39
N VAL C 359 -19.53 -40.52 -12.38
CA VAL C 359 -20.44 -39.83 -11.46
C VAL C 359 -20.53 -40.64 -10.16
N THR C 360 -20.11 -40.01 -9.06
CA THR C 360 -20.13 -40.71 -7.78
C THR C 360 -21.44 -40.48 -7.04
N ARG C 361 -21.86 -39.22 -6.86
CA ARG C 361 -23.13 -38.92 -6.21
C ARG C 361 -24.03 -38.05 -7.09
N LYS C 362 -23.87 -36.73 -7.05
CA LYS C 362 -24.76 -35.82 -7.77
C LYS C 362 -24.08 -35.25 -9.00
N THR C 363 -24.91 -34.95 -9.99
CA THR C 363 -24.50 -34.04 -11.06
C THR C 363 -25.77 -33.38 -11.58
N TYR C 364 -25.84 -32.05 -11.46
CA TYR C 364 -27.04 -31.27 -11.72
C TYR C 364 -26.78 -30.20 -12.78
N GLY C 365 -27.78 -29.96 -13.62
CA GLY C 365 -27.87 -28.71 -14.37
C GLY C 365 -26.75 -28.50 -15.38
N GLY C 366 -26.44 -27.23 -15.63
CA GLY C 366 -25.38 -26.90 -16.56
C GLY C 366 -24.02 -27.41 -16.10
N ALA C 367 -23.79 -27.46 -14.79
CA ALA C 367 -22.57 -28.05 -14.27
C ALA C 367 -22.41 -29.47 -14.76
N TYR C 368 -23.50 -30.24 -14.77
CA TYR C 368 -23.42 -31.60 -15.30
C TYR C 368 -22.94 -31.59 -16.75
N ILE C 369 -23.49 -30.69 -17.58
CA ILE C 369 -23.06 -30.62 -18.98
C ILE C 369 -21.58 -30.34 -19.06
N ALA C 370 -21.09 -29.44 -18.21
CA ALA C 370 -19.72 -28.96 -18.31
C ALA C 370 -18.71 -30.02 -17.86
N MET C 371 -19.08 -30.91 -16.95
CA MET C 371 -18.12 -31.89 -16.40
C MET C 371 -18.03 -33.12 -17.30
N ASN C 372 -17.57 -32.90 -18.53
CA ASN C 372 -17.25 -33.97 -19.47
C ASN C 372 -18.42 -34.91 -19.66
N SER C 373 -19.55 -34.33 -20.03
CA SER C 373 -20.78 -35.06 -20.30
C SER C 373 -20.73 -35.71 -21.67
N ARG C 374 -21.73 -36.56 -21.92
CA ARG C 374 -21.82 -37.26 -23.19
C ARG C 374 -22.01 -36.27 -24.34
N SER C 375 -22.77 -35.19 -24.11
CA SER C 375 -22.99 -34.19 -25.16
C SER C 375 -21.70 -33.50 -25.61
N LEU C 376 -20.67 -33.45 -24.74
CA LEU C 376 -19.36 -32.95 -25.14
C LEU C 376 -18.42 -34.06 -25.59
N ASN C 377 -18.95 -35.25 -25.87
CA ASN C 377 -18.21 -36.37 -26.48
C ASN C 377 -17.25 -37.04 -25.53
N ALA C 378 -17.61 -37.12 -24.24
CA ALA C 378 -16.88 -37.97 -23.31
C ALA C 378 -16.66 -39.35 -23.90
N THR C 379 -15.45 -39.88 -23.72
CA THR C 379 -15.15 -41.24 -24.16
C THR C 379 -16.15 -42.24 -23.60
N LYS C 380 -16.42 -42.16 -22.30
CA LYS C 380 -17.33 -43.07 -21.63
C LYS C 380 -17.74 -42.43 -20.31
N VAL C 381 -19.02 -42.56 -19.95
CA VAL C 381 -19.57 -42.04 -18.69
C VAL C 381 -20.01 -43.23 -17.84
N PHE C 382 -19.38 -43.37 -16.69
CA PHE C 382 -19.72 -44.36 -15.68
C PHE C 382 -20.48 -43.68 -14.55
N ALA C 383 -21.28 -44.46 -13.83
CA ALA C 383 -21.91 -43.97 -12.60
C ALA C 383 -21.96 -45.06 -11.54
N TRP C 384 -21.76 -44.67 -10.28
CA TRP C 384 -22.01 -45.56 -9.16
C TRP C 384 -23.52 -45.76 -8.99
N PRO C 385 -23.94 -46.84 -8.33
CA PRO C 385 -25.37 -47.23 -8.36
C PRO C 385 -26.32 -46.19 -7.81
N ASP C 386 -25.94 -45.43 -6.78
CA ASP C 386 -26.82 -44.42 -6.19
C ASP C 386 -26.57 -43.01 -6.74
N ALA C 387 -25.92 -42.90 -7.88
CA ALA C 387 -25.64 -41.58 -8.46
C ALA C 387 -26.93 -40.94 -8.96
N GLU C 388 -27.00 -39.62 -8.83
CA GLU C 388 -28.13 -38.82 -9.27
C GLU C 388 -27.70 -37.93 -10.43
N VAL C 389 -28.34 -38.10 -11.58
CA VAL C 389 -28.14 -37.26 -12.75
C VAL C 389 -29.45 -36.54 -13.01
N ALA C 390 -29.51 -35.25 -12.71
CA ALA C 390 -30.79 -34.57 -12.82
C ALA C 390 -30.57 -33.11 -13.21
N VAL C 391 -31.68 -32.43 -13.47
CA VAL C 391 -31.63 -30.99 -13.73
C VAL C 391 -31.32 -30.23 -12.45
N MET C 392 -31.97 -30.61 -11.35
CA MET C 392 -31.73 -30.02 -10.04
C MET C 392 -32.20 -31.03 -8.99
N GLY C 393 -32.02 -30.69 -7.72
CA GLY C 393 -32.55 -31.53 -6.66
C GLY C 393 -34.05 -31.71 -6.77
N ALA C 394 -34.54 -32.89 -6.40
CA ALA C 394 -35.95 -33.22 -6.63
C ALA C 394 -36.87 -32.26 -5.87
N LYS C 395 -36.47 -31.86 -4.66
CA LYS C 395 -37.29 -30.91 -3.89
C LYS C 395 -37.48 -29.61 -4.66
N ALA C 396 -36.37 -29.01 -5.13
CA ALA C 396 -36.46 -27.77 -5.89
C ALA C 396 -37.29 -27.96 -7.16
N ALA C 397 -37.12 -29.09 -7.84
CA ALA C 397 -37.79 -29.29 -9.13
C ALA C 397 -39.31 -29.28 -8.98
N VAL C 398 -39.84 -29.95 -7.96
CA VAL C 398 -41.29 -30.00 -7.81
C VAL C 398 -41.83 -28.67 -7.30
N GLY C 399 -41.00 -27.90 -6.58
CA GLY C 399 -41.40 -26.56 -6.20
C GLY C 399 -41.72 -25.69 -7.40
N ILE C 400 -41.05 -25.92 -8.52
CA ILE C 400 -41.29 -25.17 -9.76
C ILE C 400 -42.31 -25.86 -10.66
N LEU C 401 -42.22 -27.18 -10.78
CA LEU C 401 -43.12 -27.94 -11.63
C LEU C 401 -44.49 -28.19 -10.99
N HIS C 402 -44.70 -27.75 -9.76
CA HIS C 402 -45.96 -27.99 -9.09
C HIS C 402 -46.37 -26.77 -8.27
N LYS C 403 -46.21 -25.58 -8.86
CA LYS C 403 -46.88 -24.39 -8.36
C LYS C 403 -48.34 -24.33 -8.77
N LYS C 404 -48.79 -25.25 -9.63
CA LYS C 404 -50.19 -25.43 -10.00
C LYS C 404 -50.93 -26.34 -9.02
N LYS C 405 -50.22 -26.93 -8.05
CA LYS C 405 -50.81 -27.72 -6.96
C LYS C 405 -50.06 -27.42 -5.66
N LEU C 406 -49.79 -26.14 -5.40
CA LEU C 406 -48.94 -25.72 -4.30
C LEU C 406 -49.67 -24.97 -3.19
N ALA C 407 -50.82 -24.39 -3.47
CA ALA C 407 -51.62 -23.68 -2.46
C ALA C 407 -52.18 -24.63 -1.41
N GLN C 420 -40.58 -33.13 1.42
CA GLN C 420 -41.62 -34.14 1.64
C GLN C 420 -42.25 -34.61 0.32
N LEU C 421 -43.00 -33.73 -0.34
CA LEU C 421 -43.77 -34.07 -1.55
C LEU C 421 -42.89 -33.99 -2.80
N ALA C 422 -41.73 -34.67 -2.77
CA ALA C 422 -40.73 -34.60 -3.83
C ALA C 422 -40.23 -35.97 -4.28
N ALA C 423 -40.12 -36.93 -3.36
CA ALA C 423 -39.60 -38.26 -3.69
C ALA C 423 -40.37 -38.93 -4.81
N GLU C 424 -41.55 -38.42 -5.17
CA GLU C 424 -42.28 -38.90 -6.33
C GLU C 424 -41.47 -38.67 -7.62
N HIS C 425 -41.06 -37.42 -7.86
CA HIS C 425 -40.28 -37.10 -9.05
C HIS C 425 -38.92 -37.80 -9.02
N GLU C 426 -38.29 -37.90 -7.84
CA GLU C 426 -37.02 -38.57 -7.66
C GLU C 426 -37.10 -40.07 -7.89
N ARG C 427 -38.29 -40.63 -8.11
CA ARG C 427 -38.46 -42.05 -8.35
C ARG C 427 -38.67 -42.40 -9.82
N ILE C 428 -39.34 -41.52 -10.58
CA ILE C 428 -39.57 -41.78 -12.01
C ILE C 428 -38.51 -41.16 -12.90
N ALA C 429 -37.56 -40.41 -12.34
CA ALA C 429 -36.52 -39.76 -13.11
C ALA C 429 -35.38 -39.39 -12.16
N GLY C 430 -34.26 -38.98 -12.75
CA GLY C 430 -33.10 -38.55 -11.98
C GLY C 430 -32.15 -39.64 -11.55
N GLY C 431 -32.46 -40.91 -11.81
CA GLY C 431 -31.61 -42.01 -11.42
C GLY C 431 -30.69 -42.46 -12.54
N VAL C 432 -29.77 -43.35 -12.19
CA VAL C 432 -28.85 -43.90 -13.18
C VAL C 432 -29.62 -44.68 -14.24
N ASP C 433 -30.66 -45.42 -13.82
CA ASP C 433 -31.43 -46.22 -14.77
C ASP C 433 -32.06 -45.34 -15.86
N SER C 434 -32.67 -44.22 -15.47
CA SER C 434 -33.20 -43.32 -16.52
C SER C 434 -32.05 -42.72 -17.32
N ALA C 435 -30.94 -42.37 -16.66
CA ALA C 435 -29.79 -41.85 -17.39
C ALA C 435 -29.22 -42.88 -18.36
N LEU C 436 -29.15 -44.15 -17.92
CA LEU C 436 -28.79 -45.24 -18.84
C LEU C 436 -29.79 -45.36 -19.98
N ASP C 437 -31.08 -45.16 -19.68
CA ASP C 437 -32.11 -45.24 -20.72
C ASP C 437 -31.98 -44.08 -21.71
N ILE C 438 -31.82 -42.86 -21.20
CA ILE C 438 -31.59 -41.70 -22.06
C ILE C 438 -30.31 -41.88 -22.87
N GLY C 439 -29.27 -42.46 -22.27
CA GLY C 439 -27.99 -42.63 -22.94
C GLY C 439 -26.89 -41.65 -22.55
N VAL C 440 -27.06 -40.90 -21.47
CA VAL C 440 -26.02 -39.97 -21.04
C VAL C 440 -25.09 -40.59 -20.02
N VAL C 441 -25.45 -41.75 -19.48
CA VAL C 441 -24.55 -42.63 -18.75
C VAL C 441 -24.47 -43.93 -19.53
N ASP C 442 -23.25 -44.42 -19.75
CA ASP C 442 -23.05 -45.63 -20.54
C ASP C 442 -23.08 -46.91 -19.71
N GLU C 443 -22.76 -46.85 -18.41
CA GLU C 443 -22.71 -48.07 -17.62
C GLU C 443 -22.76 -47.75 -16.13
N LYS C 444 -23.65 -48.43 -15.41
CA LYS C 444 -23.58 -48.49 -13.96
C LYS C 444 -22.56 -49.55 -13.57
N ILE C 445 -21.69 -49.23 -12.61
CA ILE C 445 -20.62 -50.15 -12.23
C ILE C 445 -20.62 -50.36 -10.73
N ASP C 446 -20.18 -51.55 -10.33
CA ASP C 446 -19.79 -51.85 -8.96
C ASP C 446 -18.65 -50.93 -8.55
N PRO C 447 -18.81 -50.11 -7.50
CA PRO C 447 -17.72 -49.20 -7.11
C PRO C 447 -16.42 -49.91 -6.76
N ALA C 448 -16.48 -51.18 -6.37
CA ALA C 448 -15.26 -51.92 -6.12
C ALA C 448 -14.48 -52.24 -7.38
N HIS C 449 -15.06 -52.03 -8.57
CA HIS C 449 -14.36 -52.21 -9.82
C HIS C 449 -14.03 -50.90 -10.53
N THR C 450 -14.16 -49.77 -9.83
CA THR C 450 -14.00 -48.44 -10.43
C THR C 450 -12.69 -48.37 -11.23
N ARG C 451 -11.60 -48.73 -10.57
CA ARG C 451 -10.27 -48.59 -11.15
C ARG C 451 -10.10 -49.43 -12.41
N SER C 452 -10.54 -50.69 -12.38
CA SER C 452 -10.35 -51.54 -13.55
C SER C 452 -11.30 -51.15 -14.69
N LYS C 453 -12.55 -50.74 -14.36
CA LYS C 453 -13.46 -50.23 -15.39
C LYS C 453 -12.92 -48.96 -16.04
N LEU C 454 -12.39 -48.03 -15.24
CA LEU C 454 -11.80 -46.82 -15.80
C LEU C 454 -10.66 -47.15 -16.73
N THR C 455 -9.78 -48.06 -16.29
CA THR C 455 -8.60 -48.40 -17.08
C THR C 455 -8.98 -49.06 -18.38
N GLU C 456 -9.95 -49.98 -18.34
CA GLU C 456 -10.40 -50.64 -19.56
C GLU C 456 -10.91 -49.62 -20.59
N ALA C 457 -11.82 -48.74 -20.19
CA ALA C 457 -12.37 -47.77 -21.13
C ALA C 457 -11.28 -46.85 -21.70
N LEU C 458 -10.31 -46.45 -20.87
CA LEU C 458 -9.23 -45.60 -21.34
C LEU C 458 -8.30 -46.36 -22.28
N ALA C 459 -8.01 -47.63 -21.97
CA ALA C 459 -7.12 -48.45 -22.81
C ALA C 459 -7.77 -48.81 -24.14
N GLN C 460 -9.09 -48.86 -24.20
CA GLN C 460 -9.79 -49.24 -25.43
C GLN C 460 -10.04 -48.07 -26.36
N ALA C 461 -10.00 -46.86 -25.86
CA ALA C 461 -10.20 -45.68 -26.65
C ALA C 461 -8.95 -45.40 -27.51
N PRO C 462 -9.13 -44.78 -28.68
CA PRO C 462 -7.96 -44.35 -29.47
C PRO C 462 -7.15 -43.30 -28.72
N ALA C 463 -5.84 -43.36 -28.91
CA ALA C 463 -4.98 -42.29 -28.40
C ALA C 463 -5.48 -40.91 -28.82
N ARG C 464 -6.16 -40.80 -29.98
CA ARG C 464 -6.70 -39.51 -30.43
C ARG C 464 -8.05 -39.61 -31.12
N ARG C 465 -8.96 -38.72 -30.77
CA ARG C 465 -10.17 -38.66 -31.58
C ARG C 465 -11.55 -39.02 -31.05
N GLY C 466 -11.95 -38.52 -29.90
CA GLY C 466 -13.32 -38.84 -29.58
C GLY C 466 -13.93 -37.66 -28.85
N LEU D 13 -49.69 -9.16 -34.57
CA LEU D 13 -48.58 -10.11 -34.49
C LEU D 13 -47.73 -9.84 -33.26
N ASP D 14 -47.50 -10.88 -32.47
CA ASP D 14 -46.63 -10.77 -31.31
C ASP D 14 -45.25 -10.27 -31.75
N PRO D 15 -44.67 -9.29 -31.05
CA PRO D 15 -43.34 -8.79 -31.45
C PRO D 15 -42.22 -9.79 -31.20
N ARG D 16 -42.48 -10.89 -30.50
CA ARG D 16 -41.48 -11.93 -30.29
C ARG D 16 -41.61 -13.04 -31.33
N ASP D 17 -42.49 -12.89 -32.31
CA ASP D 17 -42.68 -13.95 -33.29
C ASP D 17 -41.35 -14.23 -34.00
N PRO D 18 -40.92 -15.49 -34.09
CA PRO D 18 -39.58 -15.75 -34.64
C PRO D 18 -39.45 -15.46 -36.12
N LEU D 19 -40.47 -15.79 -36.92
CA LEU D 19 -40.44 -15.47 -38.34
C LEU D 19 -40.35 -13.96 -38.56
N LEU D 20 -41.06 -13.19 -37.76
CA LEU D 20 -40.96 -11.74 -37.89
C LEU D 20 -39.56 -11.24 -37.51
N ARG D 21 -38.95 -11.83 -36.47
CA ARG D 21 -37.59 -11.45 -36.08
C ARG D 21 -36.57 -11.90 -37.13
N LEU D 22 -36.68 -13.12 -37.64
CA LEU D 22 -35.84 -13.55 -38.74
C LEU D 22 -36.02 -12.66 -39.97
N SER D 23 -37.26 -12.22 -40.22
CA SER D 23 -37.52 -11.40 -41.40
C SER D 23 -36.96 -10.00 -41.23
N ASN D 24 -36.99 -9.46 -40.01
CA ASN D 24 -36.35 -8.19 -39.75
C ASN D 24 -34.84 -8.27 -39.93
N PHE D 25 -34.25 -9.43 -39.65
CA PHE D 25 -32.80 -9.55 -39.74
C PHE D 25 -32.33 -9.74 -41.18
N PHE D 26 -32.96 -10.65 -41.93
CA PHE D 26 -32.46 -10.97 -43.26
C PHE D 26 -32.81 -9.86 -44.26
N ASP D 27 -32.17 -9.92 -45.43
CA ASP D 27 -32.57 -9.10 -46.56
C ASP D 27 -34.05 -9.34 -46.84
N ASP D 28 -34.77 -8.26 -47.17
CA ASP D 28 -36.16 -8.42 -47.56
C ASP D 28 -36.29 -9.46 -48.67
N GLY D 29 -37.18 -10.43 -48.45
CA GLY D 29 -37.50 -11.44 -49.44
C GLY D 29 -36.60 -12.65 -49.48
N SER D 30 -35.59 -12.74 -48.61
CA SER D 30 -34.60 -13.81 -48.72
C SER D 30 -34.91 -15.02 -47.84
N VAL D 31 -35.87 -14.91 -46.91
CA VAL D 31 -36.02 -15.94 -45.89
C VAL D 31 -36.45 -17.24 -46.52
N GLU D 32 -35.77 -18.35 -46.16
CA GLU D 32 -36.15 -19.70 -46.58
C GLU D 32 -36.01 -20.63 -45.39
N LEU D 33 -37.15 -21.00 -44.81
CA LEU D 33 -37.15 -21.85 -43.60
C LEU D 33 -36.39 -23.14 -43.86
N LEU D 34 -35.67 -23.61 -42.83
CA LEU D 34 -34.91 -24.84 -42.92
C LEU D 34 -35.74 -26.05 -42.48
N HIS D 35 -36.93 -25.82 -41.94
CA HIS D 35 -37.77 -26.88 -41.43
C HIS D 35 -39.18 -26.32 -41.31
N GLU D 36 -40.13 -27.21 -41.04
CA GLU D 36 -41.51 -26.79 -40.90
C GLU D 36 -41.69 -26.06 -39.58
N ARG D 37 -42.39 -24.94 -39.66
CA ARG D 37 -42.69 -24.17 -38.46
C ARG D 37 -43.49 -25.02 -37.49
N ASP D 38 -43.12 -24.98 -36.20
CA ASP D 38 -43.74 -25.82 -35.18
C ASP D 38 -43.74 -25.06 -33.85
N ARG D 39 -43.92 -25.78 -32.74
CA ARG D 39 -43.87 -25.17 -31.42
C ARG D 39 -42.66 -25.66 -30.62
N SER D 40 -41.59 -26.09 -31.30
CA SER D 40 -40.38 -26.52 -30.61
C SER D 40 -39.74 -25.39 -29.82
N GLY D 41 -40.02 -24.14 -30.19
CA GLY D 41 -39.37 -23.03 -29.56
C GLY D 41 -38.20 -22.48 -30.33
N VAL D 42 -37.97 -22.97 -31.54
CA VAL D 42 -36.88 -22.51 -32.40
C VAL D 42 -37.37 -22.52 -33.83
N LEU D 43 -37.06 -21.46 -34.56
CA LEU D 43 -37.25 -21.40 -35.99
C LEU D 43 -35.90 -21.07 -36.63
N ALA D 44 -35.45 -21.91 -37.56
CA ALA D 44 -34.21 -21.74 -38.27
C ALA D 44 -34.47 -21.49 -39.76
N ALA D 45 -33.62 -20.66 -40.39
CA ALA D 45 -33.82 -20.27 -41.78
C ALA D 45 -32.50 -19.91 -42.45
N ALA D 46 -32.46 -20.08 -43.78
CA ALA D 46 -31.41 -19.48 -44.60
C ALA D 46 -31.88 -18.15 -45.16
N GLY D 47 -30.91 -17.35 -45.62
CA GLY D 47 -31.23 -16.03 -46.12
C GLY D 47 -29.96 -15.34 -46.58
N THR D 48 -30.06 -14.03 -46.85
CA THR D 48 -28.90 -13.22 -47.20
C THR D 48 -28.85 -11.99 -46.32
N VAL D 49 -27.63 -11.52 -46.11
CA VAL D 49 -27.33 -10.27 -45.45
C VAL D 49 -26.46 -9.51 -46.44
N ASN D 50 -27.03 -8.51 -47.10
CA ASN D 50 -26.32 -7.74 -48.14
C ASN D 50 -25.70 -8.67 -49.17
N GLY D 51 -26.44 -9.72 -49.52
CA GLY D 51 -26.04 -10.64 -50.55
C GLY D 51 -25.34 -11.89 -50.06
N VAL D 52 -24.74 -11.86 -48.88
CA VAL D 52 -24.00 -13.02 -48.36
C VAL D 52 -24.98 -14.05 -47.81
N ARG D 53 -24.88 -15.28 -48.30
CA ARG D 53 -25.73 -16.34 -47.77
C ARG D 53 -25.42 -16.60 -46.30
N THR D 54 -26.47 -16.66 -45.48
CA THR D 54 -26.32 -16.66 -44.04
C THR D 54 -27.37 -17.59 -43.43
N ILE D 55 -26.96 -18.40 -42.47
CA ILE D 55 -27.89 -19.21 -41.68
C ILE D 55 -28.25 -18.42 -40.41
N ALA D 56 -29.51 -18.48 -40.01
CA ALA D 56 -29.93 -17.93 -38.73
C ALA D 56 -30.98 -18.82 -38.05
N PHE D 57 -31.04 -18.71 -36.74
CA PHE D 57 -32.08 -19.35 -35.94
C PHE D 57 -32.55 -18.35 -34.90
N CYS D 58 -33.78 -18.53 -34.44
CA CYS D 58 -34.40 -17.62 -33.49
C CYS D 58 -35.14 -18.43 -32.44
N THR D 59 -34.83 -18.21 -31.17
CA THR D 59 -35.64 -18.87 -30.15
C THR D 59 -37.00 -18.17 -30.07
N ASP D 60 -38.04 -18.94 -29.76
CA ASP D 60 -39.41 -18.45 -29.87
C ASP D 60 -39.89 -17.95 -28.51
N GLY D 61 -39.90 -16.63 -28.35
CA GLY D 61 -40.37 -16.03 -27.10
C GLY D 61 -41.86 -16.20 -26.84
N THR D 62 -42.64 -16.58 -27.84
CA THR D 62 -44.07 -16.76 -27.63
C THR D 62 -44.42 -18.16 -27.15
N VAL D 63 -43.45 -19.07 -27.05
CA VAL D 63 -43.71 -20.45 -26.62
C VAL D 63 -42.81 -20.71 -25.42
N MET D 64 -43.44 -20.90 -24.25
CA MET D 64 -42.74 -21.20 -23.00
C MET D 64 -41.59 -20.24 -22.75
N GLY D 65 -41.81 -18.97 -23.06
CA GLY D 65 -40.78 -17.96 -22.86
C GLY D 65 -39.49 -18.19 -23.61
N GLY D 66 -39.49 -19.09 -24.60
CA GLY D 66 -38.29 -19.38 -25.36
C GLY D 66 -37.50 -20.55 -24.85
N ALA D 67 -37.98 -21.23 -23.81
CA ALA D 67 -37.20 -22.28 -23.17
C ALA D 67 -36.88 -23.39 -24.17
N MET D 68 -35.67 -23.92 -24.05
CA MET D 68 -35.10 -24.82 -25.03
C MET D 68 -35.46 -26.27 -24.71
N GLY D 69 -35.99 -26.99 -25.71
CA GLY D 69 -36.27 -28.40 -25.59
C GLY D 69 -35.48 -29.20 -26.61
N VAL D 70 -35.67 -30.53 -26.56
CA VAL D 70 -34.96 -31.42 -27.47
C VAL D 70 -35.21 -30.99 -28.91
N GLU D 71 -36.47 -30.77 -29.25
CA GLU D 71 -36.85 -30.47 -30.63
C GLU D 71 -36.20 -29.18 -31.12
N GLY D 72 -36.30 -28.11 -30.32
CA GLY D 72 -35.75 -26.84 -30.75
C GLY D 72 -34.23 -26.88 -30.83
N CYS D 73 -33.59 -27.55 -29.87
CA CYS D 73 -32.14 -27.74 -29.90
C CYS D 73 -31.72 -28.53 -31.12
N THR D 74 -32.55 -29.49 -31.55
CA THR D 74 -32.24 -30.24 -32.76
C THR D 74 -32.29 -29.35 -33.99
N HIS D 75 -33.21 -28.39 -34.04
CA HIS D 75 -33.22 -27.45 -35.17
C HIS D 75 -31.98 -26.58 -35.18
N ILE D 76 -31.49 -26.20 -34.00
CA ILE D 76 -30.28 -25.38 -33.91
C ILE D 76 -29.06 -26.18 -34.37
N VAL D 77 -28.94 -27.42 -33.89
CA VAL D 77 -27.82 -28.27 -34.32
C VAL D 77 -27.88 -28.46 -35.83
N ASN D 78 -29.06 -28.72 -36.36
CA ASN D 78 -29.23 -28.88 -37.82
C ASN D 78 -28.80 -27.62 -38.56
N ALA D 79 -29.24 -26.45 -38.08
CA ALA D 79 -28.81 -25.20 -38.71
C ALA D 79 -27.29 -25.05 -38.67
N TYR D 80 -26.66 -25.43 -37.54
CA TYR D 80 -25.21 -25.41 -37.44
C TYR D 80 -24.57 -26.35 -38.47
N ASP D 81 -25.12 -27.55 -38.62
CA ASP D 81 -24.57 -28.49 -39.61
C ASP D 81 -24.70 -27.93 -41.02
N THR D 82 -25.85 -27.31 -41.32
CA THR D 82 -26.03 -26.64 -42.61
C THR D 82 -24.98 -25.56 -42.82
N ALA D 83 -24.84 -24.65 -41.85
CA ALA D 83 -23.87 -23.57 -41.98
C ALA D 83 -22.44 -24.09 -42.13
N ILE D 84 -22.07 -25.10 -41.34
CA ILE D 84 -20.71 -25.63 -41.39
C ILE D 84 -20.42 -26.23 -42.74
N GLU D 85 -21.40 -26.96 -43.30
CA GLU D 85 -21.23 -27.64 -44.58
C GLU D 85 -21.07 -26.65 -45.73
N ASP D 86 -21.77 -25.53 -45.68
CA ASP D 86 -21.70 -24.51 -46.72
C ASP D 86 -20.73 -23.40 -46.39
N GLN D 87 -20.02 -23.49 -45.26
CA GLN D 87 -19.16 -22.42 -44.77
C GLN D 87 -19.90 -21.09 -44.74
N SER D 88 -21.12 -21.12 -44.26
CA SER D 88 -21.90 -19.89 -44.16
C SER D 88 -21.81 -19.32 -42.74
N PRO D 89 -21.86 -18.01 -42.57
CA PRO D 89 -22.00 -17.46 -41.20
C PRO D 89 -23.33 -17.89 -40.61
N ILE D 90 -23.37 -17.95 -39.28
CA ILE D 90 -24.59 -18.33 -38.57
C ILE D 90 -24.86 -17.34 -37.44
N VAL D 91 -26.08 -16.79 -37.45
CA VAL D 91 -26.55 -15.79 -36.50
C VAL D 91 -27.64 -16.42 -35.65
N GLY D 92 -27.51 -16.32 -34.33
CA GLY D 92 -28.55 -16.75 -33.41
C GLY D 92 -29.22 -15.54 -32.80
N ILE D 93 -30.56 -15.56 -32.80
CA ILE D 93 -31.39 -14.55 -32.15
C ILE D 93 -31.98 -15.20 -30.92
N TRP D 94 -31.73 -14.62 -29.76
CA TRP D 94 -31.87 -15.31 -28.48
C TRP D 94 -32.90 -14.59 -27.61
N HIS D 95 -33.82 -15.37 -27.06
CA HIS D 95 -34.87 -14.90 -26.17
C HIS D 95 -35.40 -16.16 -25.48
N SER D 96 -34.86 -16.46 -24.29
CA SER D 96 -35.06 -17.79 -23.72
C SER D 96 -34.64 -17.79 -22.26
N GLY D 97 -35.45 -18.45 -21.43
CA GLY D 97 -35.07 -18.65 -20.05
C GLY D 97 -34.23 -19.88 -19.78
N GLY D 98 -33.81 -20.61 -20.82
CA GLY D 98 -32.96 -21.77 -20.66
C GLY D 98 -33.67 -23.07 -20.99
N ALA D 99 -33.12 -24.16 -20.47
CA ALA D 99 -33.65 -25.48 -20.77
C ALA D 99 -35.05 -25.64 -20.20
N ARG D 100 -35.90 -26.34 -20.95
CA ARG D 100 -37.25 -26.72 -20.50
C ARG D 100 -37.14 -27.70 -19.34
N LEU D 101 -37.47 -27.23 -18.13
CA LEU D 101 -37.34 -28.05 -16.93
C LEU D 101 -38.12 -29.36 -17.07
N ALA D 102 -39.34 -29.29 -17.60
CA ALA D 102 -40.21 -30.47 -17.66
C ALA D 102 -39.64 -31.59 -18.53
N GLU D 103 -38.81 -31.24 -19.52
CA GLU D 103 -38.16 -32.27 -20.32
C GLU D 103 -36.96 -32.90 -19.61
N GLY D 104 -36.55 -32.35 -18.47
CA GLY D 104 -35.54 -33.00 -17.65
C GLY D 104 -34.18 -33.12 -18.33
N VAL D 105 -33.48 -34.21 -18.00
CA VAL D 105 -32.10 -34.42 -18.43
C VAL D 105 -32.00 -34.48 -19.94
N ARG D 106 -33.02 -35.03 -20.59
CA ARG D 106 -33.05 -35.04 -22.06
C ARG D 106 -32.80 -33.66 -22.66
N ALA D 107 -33.38 -32.62 -22.05
CA ALA D 107 -33.17 -31.28 -22.56
C ALA D 107 -31.80 -30.74 -22.18
N LEU D 108 -31.25 -31.16 -21.03
CA LEU D 108 -29.89 -30.79 -20.70
C LEU D 108 -28.94 -31.30 -21.75
N HIS D 109 -29.08 -32.58 -22.10
CA HIS D 109 -28.24 -33.19 -23.13
C HIS D 109 -28.36 -32.45 -24.45
N ALA D 110 -29.58 -32.08 -24.84
CA ALA D 110 -29.78 -31.42 -26.11
C ALA D 110 -29.16 -30.03 -26.11
N VAL D 111 -29.22 -29.34 -24.96
CA VAL D 111 -28.54 -28.05 -24.83
C VAL D 111 -27.03 -28.24 -24.95
N GLY D 112 -26.48 -29.24 -24.27
CA GLY D 112 -25.09 -29.58 -24.49
C GLY D 112 -24.75 -29.86 -25.95
N GLN D 113 -25.69 -30.43 -26.71
CA GLN D 113 -25.44 -30.70 -28.12
C GLN D 113 -25.40 -29.41 -28.93
N VAL D 114 -26.12 -28.37 -28.50
CA VAL D 114 -25.97 -27.05 -29.11
C VAL D 114 -24.57 -26.49 -28.82
N PHE D 115 -24.13 -26.58 -27.56
CA PHE D 115 -22.79 -26.12 -27.23
C PHE D 115 -21.76 -26.83 -28.11
N GLU D 116 -21.94 -28.13 -28.31
CA GLU D 116 -20.93 -28.90 -29.03
C GLU D 116 -20.91 -28.51 -30.50
N ALA D 117 -22.06 -28.18 -31.09
CA ALA D 117 -22.07 -27.69 -32.47
C ALA D 117 -21.39 -26.33 -32.57
N MET D 118 -21.60 -25.47 -31.57
CA MET D 118 -20.91 -24.19 -31.57
C MET D 118 -19.40 -24.36 -31.44
N ILE D 119 -18.95 -25.36 -30.69
CA ILE D 119 -17.53 -25.61 -30.54
C ILE D 119 -16.95 -26.15 -31.84
N ARG D 120 -17.74 -27.00 -32.50
CA ARG D 120 -17.35 -27.57 -33.78
C ARG D 120 -17.22 -26.44 -34.81
N ALA D 121 -18.10 -25.43 -34.72
CA ALA D 121 -18.03 -24.32 -35.66
C ALA D 121 -16.96 -23.30 -35.30
N SER D 122 -16.38 -23.38 -34.11
CA SER D 122 -15.56 -22.29 -33.59
C SER D 122 -14.31 -22.07 -34.43
N GLY D 123 -14.09 -20.82 -34.84
CA GLY D 123 -12.95 -20.52 -35.71
C GLY D 123 -13.08 -21.00 -37.14
N TYR D 124 -14.17 -21.69 -37.49
CA TYR D 124 -14.39 -22.17 -38.83
C TYR D 124 -15.44 -21.37 -39.59
N ILE D 125 -16.54 -20.98 -38.95
CA ILE D 125 -17.46 -20.02 -39.56
C ILE D 125 -17.74 -18.93 -38.52
N PRO D 126 -18.01 -17.70 -38.94
CA PRO D 126 -18.36 -16.67 -37.96
C PRO D 126 -19.67 -17.00 -37.27
N GLN D 127 -19.68 -16.84 -35.95
CA GLN D 127 -20.90 -16.99 -35.15
C GLN D 127 -21.23 -15.65 -34.50
N ILE D 128 -22.42 -15.15 -34.79
CA ILE D 128 -22.89 -13.91 -34.21
C ILE D 128 -24.18 -14.16 -33.43
N SER D 129 -24.27 -13.56 -32.26
CA SER D 129 -25.40 -13.68 -31.37
C SER D 129 -26.06 -12.31 -31.24
N VAL D 130 -27.37 -12.25 -31.46
CA VAL D 130 -28.16 -11.05 -31.21
C VAL D 130 -29.14 -11.36 -30.08
N VAL D 131 -28.89 -10.82 -28.89
CA VAL D 131 -29.72 -11.09 -27.72
C VAL D 131 -30.78 -10.00 -27.63
N VAL D 132 -32.03 -10.35 -27.94
CA VAL D 132 -33.13 -9.39 -28.00
C VAL D 132 -34.11 -9.51 -26.85
N GLY D 133 -34.06 -10.59 -26.08
CA GLY D 133 -34.85 -10.71 -24.87
C GLY D 133 -34.01 -11.30 -23.74
N PHE D 134 -34.68 -11.51 -22.61
CA PHE D 134 -34.15 -12.27 -21.48
C PHE D 134 -33.42 -13.51 -21.99
N ALA D 135 -32.27 -13.83 -21.39
CA ALA D 135 -31.49 -14.99 -21.81
C ALA D 135 -30.77 -15.57 -20.60
N ALA D 136 -31.22 -16.73 -20.13
CA ALA D 136 -30.73 -17.33 -18.90
C ALA D 136 -30.42 -18.81 -19.11
N GLY D 137 -29.69 -19.38 -18.15
CA GLY D 137 -29.32 -20.79 -18.22
C GLY D 137 -28.51 -21.09 -19.46
N GLY D 138 -28.88 -22.17 -20.16
CA GLY D 138 -28.22 -22.49 -21.41
C GLY D 138 -28.27 -21.37 -22.42
N ALA D 139 -29.33 -20.55 -22.38
CA ALA D 139 -29.42 -19.45 -23.31
C ALA D 139 -28.47 -18.31 -22.96
N ALA D 140 -27.78 -18.41 -21.83
CA ALA D 140 -26.71 -17.45 -21.54
C ALA D 140 -25.36 -17.98 -22.00
N TYR D 141 -25.12 -19.29 -21.86
CA TYR D 141 -23.87 -19.88 -22.34
C TYR D 141 -23.86 -20.06 -23.86
N GLY D 142 -25.01 -20.18 -24.48
CA GLY D 142 -25.09 -20.18 -25.93
C GLY D 142 -24.33 -19.00 -26.54
N PRO D 143 -24.82 -17.79 -26.29
CA PRO D 143 -24.12 -16.60 -26.83
C PRO D 143 -22.65 -16.52 -26.45
N ALA D 144 -22.31 -16.98 -25.24
CA ALA D 144 -20.94 -16.88 -24.73
C ALA D 144 -19.96 -17.75 -25.52
N LEU D 145 -20.44 -18.74 -26.25
CA LEU D 145 -19.58 -19.56 -27.11
C LEU D 145 -19.41 -19.00 -28.51
N THR D 146 -20.08 -17.90 -28.86
CA THR D 146 -19.98 -17.38 -30.22
C THR D 146 -18.92 -16.28 -30.26
N ASP D 147 -18.71 -15.73 -31.46
CA ASP D 147 -17.59 -14.80 -31.61
C ASP D 147 -17.93 -13.37 -31.22
N VAL D 148 -19.14 -12.91 -31.52
CA VAL D 148 -19.55 -11.55 -31.19
C VAL D 148 -20.99 -11.57 -30.71
N VAL D 149 -21.25 -10.94 -29.56
CA VAL D 149 -22.58 -10.86 -28.96
C VAL D 149 -23.06 -9.41 -29.06
N VAL D 150 -24.22 -9.23 -29.69
CA VAL D 150 -24.92 -7.95 -29.75
C VAL D 150 -26.15 -8.06 -28.84
N MET D 151 -26.32 -7.10 -27.95
CA MET D 151 -27.41 -7.07 -26.97
C MET D 151 -28.31 -5.87 -27.24
N ALA D 152 -29.59 -6.14 -27.43
CA ALA D 152 -30.59 -5.06 -27.43
C ALA D 152 -30.91 -4.66 -25.99
N PRO D 153 -31.16 -3.37 -25.74
CA PRO D 153 -31.32 -2.94 -24.33
C PRO D 153 -32.58 -3.49 -23.67
N GLU D 154 -33.57 -3.91 -24.45
CA GLU D 154 -34.74 -4.53 -23.84
C GLU D 154 -34.44 -5.89 -23.22
N SER D 155 -33.29 -6.49 -23.53
CA SER D 155 -32.89 -7.72 -22.87
C SER D 155 -32.28 -7.49 -21.48
N ARG D 156 -32.28 -6.25 -20.98
CA ARG D 156 -31.85 -5.97 -19.61
C ARG D 156 -32.96 -5.36 -18.77
N VAL D 157 -34.21 -5.43 -19.23
CA VAL D 157 -35.37 -4.90 -18.50
C VAL D 157 -36.38 -6.02 -18.34
N PHE D 158 -36.50 -6.56 -17.12
CA PHE D 158 -37.44 -7.63 -16.82
C PHE D 158 -38.73 -7.06 -16.24
N VAL D 159 -39.85 -7.75 -16.55
CA VAL D 159 -41.13 -7.41 -15.93
C VAL D 159 -41.10 -7.62 -14.42
N THR D 160 -40.04 -8.22 -13.88
CA THR D 160 -39.91 -8.49 -12.45
C THR D 160 -39.35 -7.29 -11.70
N GLY D 161 -38.57 -6.44 -12.36
CA GLY D 161 -37.93 -5.30 -11.72
C GLY D 161 -36.67 -4.85 -12.44
N SER D 188 -18.53 -7.47 -16.55
CA SER D 188 -18.98 -8.69 -17.20
C SER D 188 -18.07 -9.10 -18.37
N GLY D 189 -18.15 -8.39 -19.50
CA GLY D 189 -17.36 -8.72 -20.67
C GLY D 189 -17.96 -9.73 -21.64
N VAL D 190 -19.15 -10.29 -21.33
CA VAL D 190 -19.77 -11.27 -22.24
C VAL D 190 -20.35 -10.57 -23.46
N CYS D 191 -20.89 -9.38 -23.28
CA CYS D 191 -21.55 -8.67 -24.34
C CYS D 191 -20.56 -7.76 -25.05
N HIS D 192 -20.38 -7.97 -26.35
CA HIS D 192 -19.42 -7.15 -27.11
C HIS D 192 -20.02 -5.81 -27.52
N ILE D 193 -21.28 -5.80 -27.94
CA ILE D 193 -21.87 -4.59 -28.53
C ILE D 193 -23.27 -4.37 -27.93
N VAL D 194 -23.54 -3.13 -27.53
CA VAL D 194 -24.84 -2.74 -26.99
C VAL D 194 -25.54 -1.89 -28.04
N ALA D 195 -26.66 -2.37 -28.54
CA ALA D 195 -27.42 -1.65 -29.54
C ALA D 195 -28.37 -0.65 -28.90
N ASP D 196 -28.97 0.21 -29.73
CA ASP D 196 -29.93 1.20 -29.26
C ASP D 196 -31.34 0.64 -29.11
N ASP D 197 -31.70 -0.30 -29.97
CA ASP D 197 -33.00 -0.96 -29.94
C ASP D 197 -32.88 -2.26 -30.72
N GLU D 198 -33.99 -2.98 -30.84
CA GLU D 198 -33.96 -4.30 -31.47
C GLU D 198 -33.54 -4.18 -32.93
N LEU D 199 -34.15 -3.26 -33.67
CA LEU D 199 -33.82 -3.09 -35.08
C LEU D 199 -32.37 -2.66 -35.26
N ASP D 200 -31.88 -1.78 -34.37
CA ASP D 200 -30.46 -1.43 -34.41
C ASP D 200 -29.60 -2.64 -34.07
N ALA D 201 -30.06 -3.50 -33.16
CA ALA D 201 -29.35 -4.74 -32.88
C ALA D 201 -29.19 -5.57 -34.13
N TYR D 202 -30.25 -5.68 -34.94
CA TYR D 202 -30.14 -6.41 -36.20
C TYR D 202 -29.21 -5.70 -37.17
N ASP D 203 -29.16 -4.37 -37.10
CA ASP D 203 -28.34 -3.63 -38.05
C ASP D 203 -26.86 -3.85 -37.77
N ARG D 204 -26.47 -3.78 -36.49
CA ARG D 204 -25.09 -4.10 -36.11
C ARG D 204 -24.76 -5.55 -36.42
N GLY D 205 -25.69 -6.46 -36.13
CA GLY D 205 -25.47 -7.84 -36.47
C GLY D 205 -25.21 -8.04 -37.95
N ARG D 206 -26.01 -7.37 -38.80
CA ARG D 206 -25.83 -7.47 -40.24
C ARG D 206 -24.47 -6.89 -40.65
N ARG D 207 -24.08 -5.77 -40.03
CA ARG D 207 -22.80 -5.17 -40.36
C ARG D 207 -21.64 -6.08 -39.95
N LEU D 208 -21.79 -6.81 -38.84
CA LEU D 208 -20.75 -7.76 -38.43
C LEU D 208 -20.62 -8.90 -39.44
N VAL D 209 -21.74 -9.38 -39.99
CA VAL D 209 -21.65 -10.40 -41.04
C VAL D 209 -20.82 -9.89 -42.21
N GLY D 210 -21.03 -8.63 -42.61
CA GLY D 210 -20.24 -8.07 -43.68
C GLY D 210 -18.77 -7.89 -43.32
N LEU D 211 -18.49 -7.54 -42.06
CA LEU D 211 -17.10 -7.38 -41.64
C LEU D 211 -16.33 -8.70 -41.71
N PHE D 212 -16.98 -9.82 -41.39
CA PHE D 212 -16.32 -11.12 -41.37
C PHE D 212 -16.32 -11.81 -42.74
N CYS D 213 -17.35 -11.57 -43.56
CA CYS D 213 -17.58 -12.32 -44.79
C CYS D 213 -17.35 -11.49 -46.04
N GLN D 214 -17.24 -10.18 -45.93
CA GLN D 214 -16.86 -9.30 -47.05
C GLN D 214 -15.68 -8.45 -46.60
N GLN D 215 -14.55 -9.10 -46.35
CA GLN D 215 -13.41 -8.41 -45.78
C GLN D 215 -12.81 -7.42 -46.78
N GLY D 216 -13.02 -7.64 -48.07
CA GLY D 216 -12.52 -6.70 -49.06
C GLY D 216 -11.01 -6.83 -49.24
N HIS D 217 -10.40 -5.74 -49.68
CA HIS D 217 -8.99 -5.73 -50.02
C HIS D 217 -8.47 -4.33 -49.73
N PHE D 218 -7.16 -4.23 -49.54
CA PHE D 218 -6.55 -2.93 -49.33
C PHE D 218 -6.43 -2.18 -50.65
N ASP D 219 -6.54 -0.85 -50.57
CA ASP D 219 -6.43 0.03 -51.73
C ASP D 219 -5.49 1.18 -51.41
N ARG D 220 -4.34 1.22 -52.09
CA ARG D 220 -3.37 2.29 -51.83
C ARG D 220 -3.97 3.69 -52.04
N SER D 221 -4.71 3.91 -53.14
CA SER D 221 -5.20 5.25 -53.46
C SER D 221 -6.21 5.74 -52.42
N LYS D 222 -7.14 4.87 -52.05
CA LYS D 222 -8.08 5.22 -50.99
C LYS D 222 -7.40 5.41 -49.66
N ALA D 223 -6.34 4.65 -49.39
CA ALA D 223 -5.58 4.88 -48.15
C ALA D 223 -4.99 6.29 -48.14
N GLU D 224 -4.27 6.67 -49.20
CA GLU D 224 -3.62 7.98 -49.23
C GLU D 224 -4.63 9.12 -49.22
N ALA D 225 -5.74 8.98 -49.95
CA ALA D 225 -6.74 10.04 -49.94
C ALA D 225 -7.27 10.33 -48.55
N GLY D 226 -7.31 9.33 -47.67
CA GLY D 226 -7.81 9.56 -46.34
C GLY D 226 -6.78 10.06 -45.35
N ASP D 227 -5.54 10.26 -45.77
CA ASP D 227 -4.48 10.69 -44.85
C ASP D 227 -4.81 12.04 -44.22
N THR D 228 -4.48 12.16 -42.93
CA THR D 228 -4.49 13.42 -42.20
C THR D 228 -3.36 13.38 -41.20
N ASP D 229 -3.21 14.49 -40.47
CA ASP D 229 -2.15 14.61 -39.48
C ASP D 229 -2.72 14.08 -38.16
N ILE D 230 -2.60 12.76 -37.97
CA ILE D 230 -3.13 12.14 -36.77
C ILE D 230 -2.48 12.71 -35.53
N HIS D 231 -1.23 13.18 -35.64
CA HIS D 231 -0.50 13.66 -34.48
C HIS D 231 -1.14 14.92 -33.90
N ALA D 232 -1.86 15.69 -34.73
CA ALA D 232 -2.49 16.90 -34.23
C ALA D 232 -3.59 16.62 -33.23
N LEU D 233 -4.14 15.40 -33.23
CA LEU D 233 -5.15 15.01 -32.24
C LEU D 233 -4.55 14.80 -30.85
N LEU D 234 -3.23 14.70 -30.72
CA LEU D 234 -2.65 14.49 -29.41
C LEU D 234 -2.67 15.78 -28.58
N PRO D 235 -2.86 15.67 -27.26
CA PRO D 235 -2.77 16.87 -26.42
C PRO D 235 -1.42 17.55 -26.55
N GLU D 236 -1.39 18.84 -26.22
CA GLU D 236 -0.15 19.61 -26.32
C GLU D 236 0.91 19.06 -25.38
N SER D 237 0.53 18.73 -24.15
CA SER D 237 1.47 18.19 -23.17
C SER D 237 1.50 16.67 -23.22
N SER D 238 2.71 16.12 -23.23
CA SER D 238 2.86 14.67 -23.17
C SER D 238 2.49 14.10 -21.82
N ARG D 239 2.32 14.94 -20.80
CA ARG D 239 1.89 14.44 -19.50
C ARG D 239 0.38 14.25 -19.44
N ARG D 240 -0.37 14.86 -20.34
CA ARG D 240 -1.82 14.88 -20.22
C ARG D 240 -2.41 13.66 -20.88
N ALA D 241 -3.41 13.08 -20.22
CA ALA D 241 -4.17 11.98 -20.78
C ALA D 241 -5.09 12.48 -21.89
N TYR D 242 -5.74 11.53 -22.57
CA TYR D 242 -6.58 11.79 -23.73
C TYR D 242 -7.23 10.48 -24.15
N ASP D 243 -8.39 10.58 -24.78
CA ASP D 243 -9.08 9.44 -25.37
C ASP D 243 -8.41 9.08 -26.69
N VAL D 244 -8.04 7.80 -26.84
CA VAL D 244 -7.38 7.37 -28.07
C VAL D 244 -8.36 7.17 -29.22
N ARG D 245 -9.64 7.10 -28.94
CA ARG D 245 -10.63 6.85 -29.96
C ARG D 245 -10.66 7.72 -31.17
N PRO D 246 -10.54 9.03 -31.02
CA PRO D 246 -10.39 9.88 -32.21
C PRO D 246 -9.18 9.51 -33.07
N ILE D 247 -8.09 9.04 -32.45
CA ILE D 247 -6.94 8.59 -33.22
C ILE D 247 -7.31 7.37 -34.06
N VAL D 248 -7.96 6.38 -33.42
CA VAL D 248 -8.44 5.20 -34.14
C VAL D 248 -9.37 5.60 -35.29
N THR D 249 -10.30 6.52 -35.02
CA THR D 249 -11.27 6.96 -36.01
C THR D 249 -10.61 7.70 -37.16
N ALA D 250 -9.58 8.50 -36.89
CA ALA D 250 -8.84 9.14 -37.96
C ALA D 250 -8.16 8.13 -38.86
N ILE D 251 -7.63 7.04 -38.30
CA ILE D 251 -6.93 6.05 -39.11
C ILE D 251 -7.92 5.31 -40.01
N LEU D 252 -9.04 4.88 -39.46
CA LEU D 252 -10.02 4.12 -40.23
C LEU D 252 -10.77 5.00 -41.23
N ASP D 253 -11.40 4.33 -42.19
CA ASP D 253 -12.19 5.00 -43.22
C ASP D 253 -13.24 5.92 -42.59
N ALA D 254 -13.23 7.19 -43.03
CA ALA D 254 -14.09 8.21 -42.44
C ALA D 254 -15.58 7.86 -42.58
N ASP D 255 -15.96 7.09 -43.59
CA ASP D 255 -17.37 6.79 -43.84
C ASP D 255 -17.79 5.42 -43.31
N THR D 256 -16.95 4.76 -42.52
CA THR D 256 -17.35 3.46 -42.00
C THR D 256 -17.42 3.50 -40.48
N PRO D 257 -18.42 2.85 -39.87
CA PRO D 257 -18.46 2.81 -38.40
C PRO D 257 -17.30 2.01 -37.84
N PHE D 258 -16.80 2.46 -36.68
CA PHE D 258 -15.87 1.68 -35.89
C PHE D 258 -16.68 0.92 -34.87
N ASP D 259 -16.83 -0.39 -35.07
CA ASP D 259 -17.63 -1.21 -34.17
C ASP D 259 -16.74 -1.67 -33.03
N GLU D 260 -16.71 -0.86 -31.98
CA GLU D 260 -15.94 -1.16 -30.78
C GLU D 260 -16.58 -2.29 -29.97
N PHE D 261 -15.75 -3.20 -29.47
CA PHE D 261 -16.19 -4.29 -28.60
C PHE D 261 -15.97 -3.91 -27.14
N GLN D 262 -16.91 -4.29 -26.28
CA GLN D 262 -16.76 -4.23 -24.82
C GLN D 262 -16.22 -2.90 -24.34
N ALA D 263 -16.86 -1.81 -24.79
CA ALA D 263 -16.34 -0.48 -24.52
C ALA D 263 -16.29 -0.18 -23.03
N ASN D 264 -17.18 -0.76 -22.24
CA ASN D 264 -17.27 -0.49 -20.82
C ASN D 264 -16.51 -1.49 -19.96
N TRP D 265 -15.93 -2.53 -20.55
CA TRP D 265 -15.15 -3.51 -19.82
C TRP D 265 -13.66 -3.30 -20.13
N ALA D 266 -12.83 -3.31 -19.11
CA ALA D 266 -11.40 -3.08 -19.24
C ALA D 266 -11.12 -1.83 -20.09
N PRO D 267 -11.57 -0.66 -19.64
CA PRO D 267 -11.57 0.52 -20.52
C PRO D 267 -10.19 1.12 -20.79
N SER D 268 -9.12 0.62 -20.17
CA SER D 268 -7.77 1.06 -20.54
C SER D 268 -7.33 0.50 -21.88
N MET D 269 -8.10 -0.43 -22.45
CA MET D 269 -7.82 -1.04 -23.73
C MET D 269 -9.03 -0.88 -24.64
N VAL D 270 -8.81 -0.37 -25.84
CA VAL D 270 -9.86 -0.24 -26.85
C VAL D 270 -9.61 -1.27 -27.94
N VAL D 271 -10.63 -2.08 -28.25
CA VAL D 271 -10.56 -3.02 -29.38
C VAL D 271 -11.85 -2.94 -30.18
N GLY D 272 -11.76 -3.29 -31.46
CA GLY D 272 -12.94 -3.32 -32.29
C GLY D 272 -12.58 -3.51 -33.76
N LEU D 273 -13.62 -3.66 -34.57
CA LEU D 273 -13.47 -3.89 -36.00
C LEU D 273 -13.88 -2.66 -36.80
N GLY D 274 -13.20 -2.46 -37.92
CA GLY D 274 -13.45 -1.33 -38.77
C GLY D 274 -12.95 -1.64 -40.16
N ARG D 275 -12.79 -0.59 -40.96
CA ARG D 275 -12.33 -0.78 -42.33
C ARG D 275 -11.21 0.19 -42.63
N LEU D 276 -10.21 -0.30 -43.35
CA LEU D 276 -9.02 0.48 -43.68
C LEU D 276 -8.86 0.38 -45.19
N SER D 277 -9.16 1.47 -45.88
CA SER D 277 -9.19 1.53 -47.34
C SER D 277 -10.13 0.45 -47.90
N GLY D 278 -11.19 0.13 -47.13
CA GLY D 278 -12.20 -0.84 -47.49
C GLY D 278 -12.00 -2.23 -46.88
N ARG D 279 -10.80 -2.51 -46.37
CA ARG D 279 -10.46 -3.83 -45.87
C ARG D 279 -10.82 -3.93 -44.39
N THR D 280 -11.48 -5.03 -43.99
CA THR D 280 -11.77 -5.26 -42.58
C THR D 280 -10.48 -5.39 -41.78
N VAL D 281 -10.33 -4.58 -40.73
CA VAL D 281 -9.18 -4.67 -39.84
C VAL D 281 -9.66 -4.67 -38.39
N GLY D 282 -8.83 -5.22 -37.52
CA GLY D 282 -9.03 -5.13 -36.08
C GLY D 282 -8.06 -4.12 -35.51
N VAL D 283 -8.50 -3.40 -34.49
CA VAL D 283 -7.69 -2.39 -33.83
C VAL D 283 -7.61 -2.71 -32.34
N LEU D 284 -6.40 -2.56 -31.79
CA LEU D 284 -6.17 -2.57 -30.35
C LEU D 284 -5.41 -1.30 -30.00
N ALA D 285 -5.88 -0.59 -28.97
CA ALA D 285 -5.26 0.69 -28.64
C ALA D 285 -5.34 0.89 -27.15
N ASN D 286 -4.18 1.09 -26.51
CA ASN D 286 -4.15 1.60 -25.16
C ASN D 286 -4.85 2.95 -25.12
N ASN D 287 -5.72 3.13 -24.12
CA ASN D 287 -6.45 4.38 -23.99
C ASN D 287 -5.94 5.13 -22.76
N PRO D 288 -5.07 6.13 -22.94
CA PRO D 288 -4.51 6.83 -21.77
C PRO D 288 -5.54 7.54 -20.92
N LEU D 289 -6.79 7.63 -21.37
CA LEU D 289 -7.83 8.28 -20.60
C LEU D 289 -8.22 7.49 -19.35
N ARG D 290 -8.00 6.17 -19.36
CA ARG D 290 -8.39 5.30 -18.25
C ARG D 290 -7.17 4.55 -17.73
N LEU D 291 -6.92 4.65 -16.41
CA LEU D 291 -5.77 4.01 -15.76
C LEU D 291 -4.45 4.40 -16.42
N GLY D 292 -4.38 5.63 -16.95
CA GLY D 292 -3.20 6.03 -17.69
C GLY D 292 -2.86 5.16 -18.87
N GLY D 293 -3.84 4.44 -19.43
CA GLY D 293 -3.55 3.51 -20.50
C GLY D 293 -2.77 2.27 -20.11
N CYS D 294 -2.64 1.99 -18.80
CA CYS D 294 -1.84 0.86 -18.35
C CYS D 294 -2.50 -0.46 -18.70
N LEU D 295 -1.68 -1.49 -18.90
CA LEU D 295 -2.18 -2.85 -18.97
C LEU D 295 -2.51 -3.35 -17.57
N ASN D 296 -3.47 -4.26 -17.50
CA ASN D 296 -3.80 -4.91 -16.25
C ASN D 296 -4.47 -6.22 -16.61
N SER D 297 -4.98 -6.92 -15.60
CA SER D 297 -5.51 -8.25 -15.84
C SER D 297 -6.67 -8.24 -16.84
N GLU D 298 -7.62 -7.31 -16.70
CA GLU D 298 -8.80 -7.34 -17.57
C GLU D 298 -8.44 -6.89 -18.98
N SER D 299 -7.62 -5.83 -19.10
CA SER D 299 -7.30 -5.31 -20.40
C SER D 299 -6.39 -6.28 -21.16
N ALA D 300 -5.55 -7.03 -20.46
CA ALA D 300 -4.78 -8.07 -21.12
C ALA D 300 -5.69 -9.18 -21.63
N GLU D 301 -6.70 -9.55 -20.86
CA GLU D 301 -7.60 -10.61 -21.32
C GLU D 301 -8.43 -10.13 -22.50
N LYS D 302 -8.93 -8.90 -22.42
CA LYS D 302 -9.72 -8.33 -23.50
C LYS D 302 -8.93 -8.30 -24.80
N ALA D 303 -7.67 -7.86 -24.74
CA ALA D 303 -6.85 -7.82 -25.94
C ALA D 303 -6.56 -9.22 -26.46
N ALA D 304 -6.21 -10.15 -25.57
CA ALA D 304 -5.85 -11.51 -26.01
C ALA D 304 -6.99 -12.16 -26.76
N ARG D 305 -8.20 -12.06 -26.23
CA ARG D 305 -9.35 -12.69 -26.88
C ARG D 305 -9.61 -12.06 -28.26
N PHE D 306 -9.45 -10.74 -28.36
CA PHE D 306 -9.69 -10.08 -29.66
C PHE D 306 -8.63 -10.47 -30.68
N VAL D 307 -7.36 -10.52 -30.28
CA VAL D 307 -6.29 -10.97 -31.18
C VAL D 307 -6.61 -12.35 -31.73
N ARG D 308 -7.14 -13.23 -30.88
CA ARG D 308 -7.40 -14.59 -31.29
C ARG D 308 -8.60 -14.66 -32.22
N LEU D 309 -9.59 -13.79 -32.01
CA LEU D 309 -10.73 -13.74 -32.92
C LEU D 309 -10.27 -13.29 -34.31
N CYS D 310 -9.45 -12.23 -34.38
CA CYS D 310 -8.99 -11.76 -35.69
C CYS D 310 -8.07 -12.76 -36.39
N ASP D 311 -7.15 -13.37 -35.63
CA ASP D 311 -6.25 -14.38 -36.21
C ASP D 311 -7.03 -15.56 -36.79
N ALA D 312 -8.13 -15.96 -36.15
CA ALA D 312 -8.91 -17.09 -36.65
C ALA D 312 -9.54 -16.79 -38.01
N PHE D 313 -9.96 -15.56 -38.25
CA PHE D 313 -10.73 -15.30 -39.46
C PHE D 313 -9.96 -14.45 -40.48
N GLY D 314 -8.64 -14.33 -40.31
CA GLY D 314 -7.84 -13.72 -41.36
C GLY D 314 -7.90 -12.21 -41.38
N ILE D 315 -8.12 -11.58 -40.24
CA ILE D 315 -8.35 -10.14 -40.15
C ILE D 315 -7.07 -9.48 -39.64
N PRO D 316 -6.41 -8.65 -40.43
CA PRO D 316 -5.17 -8.00 -39.97
C PRO D 316 -5.42 -7.04 -38.82
N LEU D 317 -4.34 -6.76 -38.08
CA LEU D 317 -4.41 -6.02 -36.82
C LEU D 317 -3.61 -4.73 -36.90
N VAL D 318 -4.21 -3.64 -36.44
CA VAL D 318 -3.53 -2.37 -36.19
C VAL D 318 -3.41 -2.22 -34.68
N VAL D 319 -2.19 -2.08 -34.16
CA VAL D 319 -1.97 -1.97 -32.73
C VAL D 319 -1.41 -0.58 -32.46
N VAL D 320 -2.20 0.26 -31.79
CA VAL D 320 -1.82 1.63 -31.49
C VAL D 320 -1.37 1.70 -30.04
N VAL D 321 -0.07 1.95 -29.82
CA VAL D 321 0.58 1.74 -28.54
C VAL D 321 0.88 3.08 -27.88
N ASP D 322 0.47 3.21 -26.63
CA ASP D 322 0.80 4.35 -25.77
C ASP D 322 0.58 3.88 -24.33
N VAL D 323 1.53 3.10 -23.82
CA VAL D 323 1.32 2.32 -22.60
C VAL D 323 2.50 2.57 -21.67
N PRO D 324 2.27 3.01 -20.44
CA PRO D 324 3.39 3.42 -19.56
C PRO D 324 3.82 2.34 -18.58
N GLY D 325 2.94 1.39 -18.33
CA GLY D 325 3.27 0.30 -17.42
C GLY D 325 2.10 -0.65 -17.30
N TYR D 326 2.09 -1.41 -16.22
CA TYR D 326 0.98 -2.32 -15.95
C TYR D 326 0.73 -2.38 -14.45
N LEU D 327 -0.49 -2.81 -14.09
CA LEU D 327 -1.05 -2.61 -12.77
C LEU D 327 -1.57 -3.92 -12.18
N PRO D 328 -1.50 -4.06 -10.89
CA PRO D 328 -2.03 -5.25 -10.25
C PRO D 328 -3.47 -5.07 -9.88
N GLY D 329 -4.03 -6.01 -9.20
CA GLY D 329 -5.38 -5.87 -8.82
C GLY D 329 -5.49 -5.20 -7.47
N VAL D 330 -6.74 -5.19 -7.06
CA VAL D 330 -7.14 -4.65 -5.79
C VAL D 330 -6.21 -5.32 -4.84
N ASP D 331 -5.40 -4.62 -4.07
CA ASP D 331 -4.48 -5.42 -3.26
C ASP D 331 -3.50 -6.02 -4.21
N GLN D 332 -2.21 -5.78 -4.05
CA GLN D 332 -1.25 -6.35 -5.01
C GLN D 332 -1.37 -7.85 -5.49
N GLU D 333 -2.41 -8.25 -6.25
CA GLU D 333 -2.43 -9.61 -6.75
C GLU D 333 -1.86 -9.60 -8.19
N TRP D 334 -0.65 -9.95 -8.36
CA TRP D 334 -0.25 -9.89 -9.68
C TRP D 334 -0.71 -11.16 -10.32
N GLY D 335 -1.32 -12.07 -9.60
CA GLY D 335 -1.60 -13.31 -10.30
C GLY D 335 -2.47 -13.11 -11.53
N GLY D 336 -3.35 -12.12 -11.49
CA GLY D 336 -4.21 -11.89 -12.64
C GLY D 336 -3.43 -11.37 -13.84
N VAL D 337 -2.69 -10.29 -13.66
CA VAL D 337 -1.97 -9.71 -14.78
C VAL D 337 -0.82 -10.61 -15.21
N VAL D 338 -0.30 -11.44 -14.31
CA VAL D 338 0.74 -12.39 -14.71
C VAL D 338 0.14 -13.48 -15.58
N ARG D 339 -0.91 -14.14 -15.08
CA ARG D 339 -1.56 -15.21 -15.84
C ARG D 339 -2.16 -14.67 -17.13
N ARG D 340 -2.95 -13.60 -17.04
CA ARG D 340 -3.58 -13.08 -18.24
C ARG D 340 -2.57 -12.37 -19.12
N GLY D 341 -1.58 -11.70 -18.52
CA GLY D 341 -0.49 -11.15 -19.32
C GLY D 341 0.20 -12.20 -20.16
N ALA D 342 0.44 -13.38 -19.57
CA ALA D 342 1.05 -14.46 -20.34
C ALA D 342 0.18 -14.85 -21.52
N LYS D 343 -1.15 -14.85 -21.33
CA LYS D 343 -2.08 -15.17 -22.42
C LYS D 343 -1.98 -14.15 -23.55
N LEU D 344 -1.75 -12.87 -23.22
CA LEU D 344 -1.58 -11.87 -24.27
C LEU D 344 -0.27 -12.07 -25.01
N LEU D 345 0.81 -12.37 -24.29
CA LEU D 345 2.06 -12.77 -24.95
C LEU D 345 1.79 -13.91 -25.91
N HIS D 346 1.02 -14.88 -25.44
CA HIS D 346 0.77 -16.07 -26.22
C HIS D 346 -0.04 -15.76 -27.46
N ALA D 347 -1.06 -14.91 -27.36
CA ALA D 347 -1.91 -14.61 -28.51
C ALA D 347 -1.14 -13.85 -29.60
N PHE D 348 -0.29 -12.89 -29.22
CA PHE D 348 0.53 -12.21 -30.22
C PHE D 348 1.62 -13.13 -30.76
N GLY D 349 2.22 -13.93 -29.88
CA GLY D 349 3.36 -14.73 -30.28
C GLY D 349 3.05 -15.71 -31.41
N GLU D 350 1.92 -16.41 -31.33
CA GLU D 350 1.55 -17.33 -32.40
C GLU D 350 0.55 -16.75 -33.40
N CYS D 351 0.19 -15.48 -33.30
CA CYS D 351 -0.65 -14.85 -34.31
C CYS D 351 0.05 -14.89 -35.67
N THR D 352 -0.68 -15.28 -36.71
CA THR D 352 -0.09 -15.34 -38.04
C THR D 352 -0.67 -14.36 -39.05
N VAL D 353 -1.75 -13.63 -38.74
CA VAL D 353 -2.28 -12.61 -39.64
C VAL D 353 -1.36 -11.40 -39.53
N PRO D 354 -1.34 -10.49 -40.51
CA PRO D 354 -0.50 -9.29 -40.38
C PRO D 354 -0.91 -8.45 -39.18
N ARG D 355 0.07 -7.88 -38.49
CA ARG D 355 -0.20 -7.07 -37.30
C ARG D 355 0.87 -6.00 -37.20
N VAL D 356 0.47 -4.75 -37.37
CA VAL D 356 1.41 -3.64 -37.42
C VAL D 356 1.22 -2.80 -36.17
N THR D 357 2.33 -2.37 -35.60
CA THR D 357 2.33 -1.62 -34.37
C THR D 357 2.70 -0.18 -34.67
N LEU D 358 2.02 0.76 -34.00
CA LEU D 358 2.35 2.17 -34.10
C LEU D 358 2.57 2.70 -32.69
N VAL D 359 3.78 3.15 -32.41
CA VAL D 359 4.05 3.82 -31.14
C VAL D 359 3.78 5.30 -31.35
N THR D 360 2.82 5.84 -30.59
CA THR D 360 2.47 7.24 -30.73
C THR D 360 3.27 8.12 -29.78
N ARG D 361 3.14 7.90 -28.47
CA ARG D 361 3.92 8.65 -27.49
C ARG D 361 4.94 7.77 -26.77
N LYS D 362 4.50 6.88 -25.88
CA LYS D 362 5.39 6.13 -25.02
C LYS D 362 5.09 4.65 -25.09
N THR D 363 6.11 3.83 -24.87
CA THR D 363 5.90 2.43 -24.56
C THR D 363 7.05 1.93 -23.70
N TYR D 364 6.73 1.39 -22.53
CA TYR D 364 7.70 1.13 -21.48
C TYR D 364 7.65 -0.34 -21.07
N GLY D 365 8.83 -0.89 -20.77
CA GLY D 365 8.94 -2.07 -19.90
C GLY D 365 8.34 -3.34 -20.46
N GLY D 366 7.80 -4.15 -19.55
CA GLY D 366 7.11 -5.35 -19.97
C GLY D 366 5.92 -5.08 -20.86
N ALA D 367 5.19 -4.00 -20.57
CA ALA D 367 4.03 -3.68 -21.38
C ALA D 367 4.42 -3.44 -22.83
N TYR D 368 5.59 -2.81 -23.05
CA TYR D 368 6.12 -2.65 -24.40
C TYR D 368 6.28 -4.00 -25.10
N ILE D 369 6.81 -5.02 -24.41
CA ILE D 369 6.98 -6.32 -25.05
C ILE D 369 5.63 -6.88 -25.47
N ALA D 370 4.62 -6.71 -24.62
CA ALA D 370 3.35 -7.39 -24.84
C ALA D 370 2.55 -6.74 -25.95
N MET D 371 2.73 -5.44 -26.17
CA MET D 371 1.93 -4.67 -27.14
C MET D 371 2.53 -4.86 -28.52
N ASN D 372 2.45 -6.09 -29.00
CA ASN D 372 2.87 -6.50 -30.34
C ASN D 372 4.29 -5.98 -30.70
N SER D 373 5.25 -6.31 -29.86
CA SER D 373 6.64 -5.92 -30.12
C SER D 373 7.26 -6.78 -31.20
N ARG D 374 8.43 -6.31 -31.66
CA ARG D 374 9.24 -7.07 -32.59
C ARG D 374 9.61 -8.45 -32.02
N SER D 375 9.87 -8.54 -30.71
CA SER D 375 10.26 -9.82 -30.15
C SER D 375 9.15 -10.86 -30.27
N LEU D 376 7.90 -10.42 -30.44
CA LEU D 376 6.78 -11.32 -30.67
C LEU D 376 6.42 -11.45 -32.15
N ASN D 377 7.29 -10.99 -33.04
CA ASN D 377 7.12 -11.13 -34.49
C ASN D 377 6.07 -10.18 -35.07
N ALA D 378 5.96 -8.97 -34.52
CA ALA D 378 5.21 -7.91 -35.19
C ALA D 378 5.63 -7.82 -36.66
N THR D 379 4.62 -7.69 -37.54
CA THR D 379 4.89 -7.53 -38.97
C THR D 379 5.79 -6.31 -39.22
N LYS D 380 5.52 -5.22 -38.53
CA LYS D 380 6.22 -3.97 -38.73
C LYS D 380 5.92 -3.15 -37.50
N VAL D 381 6.92 -2.41 -37.03
CA VAL D 381 6.77 -1.50 -35.90
C VAL D 381 7.12 -0.11 -36.40
N PHE D 382 6.16 0.82 -36.26
CA PHE D 382 6.30 2.20 -36.67
C PHE D 382 6.29 3.07 -35.42
N ALA D 383 6.94 4.24 -35.51
CA ALA D 383 6.95 5.20 -34.41
C ALA D 383 6.83 6.63 -34.96
N TRP D 384 6.03 7.43 -34.28
CA TRP D 384 5.98 8.85 -34.54
C TRP D 384 7.28 9.50 -34.03
N PRO D 385 7.68 10.66 -34.58
CA PRO D 385 9.05 11.16 -34.31
C PRO D 385 9.38 11.39 -32.85
N ASP D 386 8.43 11.76 -32.01
CA ASP D 386 8.70 12.03 -30.60
C ASP D 386 8.32 10.86 -29.71
N ALA D 387 8.18 9.66 -30.27
CA ALA D 387 7.85 8.50 -29.47
C ALA D 387 9.04 8.09 -28.60
N GLU D 388 8.75 7.55 -27.43
CA GLU D 388 9.76 7.03 -26.52
C GLU D 388 9.58 5.53 -26.39
N VAL D 389 10.66 4.78 -26.65
CA VAL D 389 10.74 3.34 -26.41
C VAL D 389 11.85 3.12 -25.38
N ALA D 390 11.46 2.77 -24.15
CA ALA D 390 12.41 2.70 -23.05
C ALA D 390 12.00 1.60 -22.06
N VAL D 391 12.94 1.26 -21.18
CA VAL D 391 12.62 0.35 -20.09
C VAL D 391 11.68 1.02 -19.09
N MET D 392 11.83 2.32 -18.88
CA MET D 392 10.95 3.11 -18.01
C MET D 392 11.26 4.58 -18.29
N GLY D 393 10.46 5.45 -17.67
CA GLY D 393 10.77 6.87 -17.69
C GLY D 393 12.18 7.13 -17.17
N ALA D 394 12.78 8.22 -17.65
CA ALA D 394 14.20 8.46 -17.40
C ALA D 394 14.46 8.80 -15.93
N LYS D 395 13.55 9.53 -15.29
CA LYS D 395 13.72 9.86 -13.88
C LYS D 395 13.71 8.60 -13.02
N ALA D 396 12.75 7.70 -13.29
CA ALA D 396 12.69 6.45 -12.55
C ALA D 396 13.91 5.58 -12.82
N ALA D 397 14.50 5.69 -14.02
CA ALA D 397 15.65 4.86 -14.34
C ALA D 397 16.92 5.37 -13.65
N VAL D 398 17.11 6.69 -13.60
CA VAL D 398 18.29 7.21 -12.90
C VAL D 398 18.13 7.04 -11.40
N GLY D 399 16.91 7.14 -10.88
CA GLY D 399 16.66 6.84 -9.48
C GLY D 399 17.06 5.44 -9.06
N ILE D 400 17.14 4.51 -10.00
CA ILE D 400 17.59 3.14 -9.71
C ILE D 400 19.06 2.95 -10.11
N LEU D 401 19.42 3.34 -11.33
CA LEU D 401 20.78 3.17 -11.81
C LEU D 401 21.78 3.95 -10.98
N HIS D 402 21.38 5.12 -10.50
CA HIS D 402 22.25 6.02 -9.73
C HIS D 402 21.74 6.23 -8.31
N LYS D 403 21.04 5.22 -7.76
CA LYS D 403 20.52 5.32 -6.40
C LYS D 403 21.61 5.72 -5.42
N LYS D 404 22.83 5.19 -5.62
CA LYS D 404 23.92 5.49 -4.69
C LYS D 404 24.40 6.93 -4.86
N LYS D 405 24.68 7.36 -6.10
CA LYS D 405 25.10 8.74 -6.33
C LYS D 405 24.09 9.74 -5.77
N LEU D 406 22.80 9.44 -5.87
CA LEU D 406 21.78 10.36 -5.37
C LEU D 406 21.73 10.33 -3.84
N ALA D 407 21.85 9.14 -3.25
CA ALA D 407 21.76 9.03 -1.80
C ALA D 407 22.95 9.65 -1.09
N ALA D 408 24.11 9.69 -1.74
CA ALA D 408 25.32 10.21 -1.12
C ALA D 408 25.41 11.73 -1.21
N ALA D 409 24.69 12.35 -2.13
CA ALA D 409 24.72 13.78 -2.30
C ALA D 409 24.02 14.48 -1.14
N PRO D 410 24.35 15.75 -0.89
CA PRO D 410 23.59 16.52 0.10
C PRO D 410 22.15 16.71 -0.34
N GLU D 411 21.24 16.78 0.65
CA GLU D 411 19.82 16.96 0.34
C GLU D 411 19.57 18.26 -0.43
N HIS D 412 20.37 19.30 -0.19
CA HIS D 412 20.17 20.59 -0.83
C HIS D 412 20.45 20.57 -2.32
N GLU D 413 21.08 19.53 -2.85
CA GLU D 413 21.42 19.47 -4.26
C GLU D 413 20.96 18.19 -4.95
N ARG D 414 20.43 17.21 -4.19
CA ARG D 414 20.07 15.91 -4.78
C ARG D 414 19.00 16.07 -5.84
N GLU D 415 17.98 16.90 -5.58
CA GLU D 415 16.87 17.04 -6.52
C GLU D 415 17.33 17.55 -7.87
N ALA D 416 18.27 18.51 -7.89
CA ALA D 416 18.76 19.03 -9.16
C ALA D 416 19.74 18.07 -9.82
N LEU D 417 20.52 17.33 -9.03
CA LEU D 417 21.39 16.30 -9.60
C LEU D 417 20.57 15.19 -10.27
N HIS D 418 19.38 14.91 -9.72
CA HIS D 418 18.47 13.94 -10.33
C HIS D 418 18.07 14.39 -11.73
N ASP D 419 17.67 15.65 -11.88
CA ASP D 419 17.24 16.15 -13.19
C ASP D 419 18.39 16.19 -14.19
N GLN D 420 19.62 16.39 -13.71
CA GLN D 420 20.77 16.37 -14.60
C GLN D 420 21.08 14.95 -15.07
N LEU D 421 20.99 13.98 -14.15
CA LEU D 421 21.13 12.58 -14.53
C LEU D 421 19.98 12.14 -15.44
N ALA D 422 18.77 12.65 -15.18
CA ALA D 422 17.63 12.33 -16.02
C ALA D 422 17.83 12.84 -17.45
N ALA D 423 18.12 14.14 -17.59
CA ALA D 423 18.27 14.71 -18.93
C ALA D 423 19.40 14.05 -19.70
N GLU D 424 20.47 13.63 -19.01
CA GLU D 424 21.59 12.99 -19.68
C GLU D 424 21.26 11.55 -20.05
N HIS D 425 20.52 10.85 -19.19
CA HIS D 425 20.07 9.50 -19.51
C HIS D 425 19.16 9.50 -20.73
N GLU D 426 18.30 10.51 -20.86
CA GLU D 426 17.38 10.60 -21.98
C GLU D 426 18.09 10.82 -23.31
N ARG D 427 19.30 11.39 -23.29
CA ARG D 427 20.03 11.69 -24.52
C ARG D 427 20.74 10.48 -25.10
N ILE D 428 20.69 9.32 -24.44
CA ILE D 428 21.30 8.10 -24.96
C ILE D 428 20.26 6.99 -25.05
N ALA D 429 19.22 7.06 -24.20
CA ALA D 429 18.22 6.00 -24.10
C ALA D 429 16.84 6.61 -24.27
N GLY D 430 16.00 5.96 -25.10
CA GLY D 430 14.59 6.31 -25.16
C GLY D 430 14.04 6.79 -26.48
N GLY D 431 14.80 7.63 -27.20
CA GLY D 431 14.35 8.13 -28.48
C GLY D 431 14.10 7.03 -29.49
N VAL D 432 13.43 7.41 -30.58
CA VAL D 432 13.20 6.47 -31.67
C VAL D 432 14.51 6.13 -32.37
N ASP D 433 15.44 7.09 -32.45
CA ASP D 433 16.70 6.83 -33.16
C ASP D 433 17.47 5.69 -32.51
N SER D 434 17.44 5.62 -31.18
CA SER D 434 18.06 4.50 -30.49
C SER D 434 17.31 3.21 -30.79
N ALA D 435 15.98 3.28 -30.88
CA ALA D 435 15.17 2.09 -31.15
C ALA D 435 15.37 1.61 -32.59
N LEU D 436 15.59 2.52 -33.53
CA LEU D 436 15.89 2.11 -34.89
C LEU D 436 17.24 1.42 -34.96
N ASP D 437 18.22 1.92 -34.19
CA ASP D 437 19.55 1.30 -34.19
C ASP D 437 19.48 -0.11 -33.63
N ILE D 438 18.80 -0.28 -32.49
CA ILE D 438 18.63 -1.61 -31.90
C ILE D 438 17.89 -2.51 -32.88
N GLY D 439 16.93 -1.96 -33.61
CA GLY D 439 16.14 -2.72 -34.56
C GLY D 439 14.74 -3.09 -34.09
N VAL D 440 14.29 -2.57 -32.94
CA VAL D 440 12.94 -2.89 -32.45
C VAL D 440 11.88 -1.97 -33.05
N VAL D 441 12.29 -0.90 -33.74
CA VAL D 441 11.39 -0.07 -34.51
C VAL D 441 11.90 -0.06 -35.95
N ASP D 442 11.02 -0.36 -36.90
CA ASP D 442 11.47 -0.49 -38.26
C ASP D 442 11.60 0.86 -38.94
N GLU D 443 10.75 1.82 -38.59
CA GLU D 443 10.71 3.07 -39.34
C GLU D 443 10.05 4.15 -38.50
N LYS D 444 10.68 5.31 -38.43
CA LYS D 444 10.04 6.51 -37.91
C LYS D 444 9.24 7.16 -39.03
N ILE D 445 7.98 7.49 -38.79
CA ILE D 445 7.12 7.97 -39.87
C ILE D 445 6.59 9.36 -39.58
N ASP D 446 6.39 10.11 -40.64
CA ASP D 446 5.64 11.37 -40.62
C ASP D 446 4.19 11.08 -40.23
N PRO D 447 3.70 11.60 -39.10
CA PRO D 447 2.33 11.27 -38.67
C PRO D 447 1.26 11.64 -39.68
N ALA D 448 1.53 12.59 -40.58
CA ALA D 448 0.61 12.92 -41.66
C ALA D 448 0.35 11.75 -42.61
N HIS D 449 1.16 10.69 -42.53
CA HIS D 449 1.03 9.53 -43.40
C HIS D 449 0.72 8.26 -42.61
N THR D 450 0.30 8.40 -41.35
CA THR D 450 0.05 7.23 -40.49
C THR D 450 -0.86 6.23 -41.18
N ARG D 451 -1.99 6.71 -41.70
CA ARG D 451 -2.99 5.80 -42.28
C ARG D 451 -2.46 5.06 -43.50
N SER D 452 -1.75 5.76 -44.39
CA SER D 452 -1.32 5.07 -45.60
C SER D 452 -0.13 4.16 -45.35
N LYS D 453 0.72 4.51 -44.36
CA LYS D 453 1.84 3.65 -43.97
C LYS D 453 1.35 2.35 -43.33
N LEU D 454 0.41 2.47 -42.38
CA LEU D 454 -0.19 1.29 -41.80
C LEU D 454 -0.79 0.39 -42.88
N THR D 455 -1.53 0.98 -43.82
CA THR D 455 -2.17 0.19 -44.86
C THR D 455 -1.14 -0.58 -45.68
N GLU D 456 -0.08 0.11 -46.08
CA GLU D 456 0.96 -0.53 -46.88
C GLU D 456 1.63 -1.70 -46.14
N ALA D 457 1.96 -1.52 -44.85
CA ALA D 457 2.57 -2.62 -44.08
C ALA D 457 1.64 -3.84 -44.02
N LEU D 458 0.34 -3.62 -43.82
CA LEU D 458 -0.58 -4.75 -43.75
C LEU D 458 -0.81 -5.36 -45.13
N ALA D 459 -0.94 -4.51 -46.16
CA ALA D 459 -1.22 -5.02 -47.50
C ALA D 459 -0.08 -5.85 -48.06
N GLN D 460 1.17 -5.53 -47.69
CA GLN D 460 2.33 -6.17 -48.31
C GLN D 460 2.87 -7.32 -47.49
N ALA D 461 2.27 -7.59 -46.33
CA ALA D 461 2.57 -8.71 -45.45
C ALA D 461 2.03 -10.02 -46.03
N PRO D 462 2.67 -11.14 -45.71
CA PRO D 462 2.05 -12.44 -46.02
C PRO D 462 0.74 -12.60 -45.26
N ALA D 463 -0.28 -13.15 -45.92
CA ALA D 463 -1.56 -13.34 -45.22
C ALA D 463 -1.39 -14.28 -44.02
N ARG D 464 -0.37 -15.11 -44.11
CA ARG D 464 -0.01 -15.96 -43.05
C ARG D 464 1.44 -16.24 -42.69
N ARG D 465 1.92 -15.56 -41.68
CA ARG D 465 2.99 -16.04 -40.84
C ARG D 465 3.92 -15.07 -40.16
N GLY D 466 3.73 -14.87 -38.88
CA GLY D 466 4.63 -14.10 -38.05
C GLY D 466 4.46 -14.54 -36.60
N LEU E 13 68.04 14.52 48.98
CA LEU E 13 68.03 13.63 50.14
C LEU E 13 68.55 12.25 49.76
N ASP E 14 69.38 11.71 50.66
CA ASP E 14 70.22 10.52 50.40
C ASP E 14 69.57 9.41 49.58
N PRO E 15 68.36 8.93 49.86
CA PRO E 15 67.85 7.79 49.08
C PRO E 15 67.81 8.03 47.57
N ARG E 16 67.54 9.25 47.14
CA ARG E 16 67.52 9.61 45.73
C ARG E 16 68.91 9.92 45.16
N ASP E 17 69.97 9.63 45.91
CA ASP E 17 71.31 9.92 45.42
C ASP E 17 71.60 9.06 44.18
N PRO E 18 72.18 9.66 43.12
CA PRO E 18 72.36 8.90 41.87
C PRO E 18 73.40 7.82 41.97
N LEU E 19 74.55 8.09 42.61
CA LEU E 19 75.57 7.06 42.80
C LEU E 19 75.00 5.85 43.53
N LEU E 20 74.11 6.07 44.50
CA LEU E 20 73.55 4.96 45.24
C LEU E 20 72.54 4.18 44.41
N ARG E 21 71.62 4.90 43.75
CA ARG E 21 70.67 4.22 42.87
C ARG E 21 71.41 3.43 41.78
N LEU E 22 72.47 4.00 41.20
CA LEU E 22 73.24 3.28 40.19
C LEU E 22 73.92 2.07 40.78
N SER E 23 74.48 2.23 41.99
CA SER E 23 75.18 1.12 42.65
C SER E 23 74.22 0.02 43.04
N ASN E 24 73.01 0.40 43.45
CA ASN E 24 72.00 -0.61 43.75
C ASN E 24 71.61 -1.37 42.49
N PHE E 25 71.68 -0.74 41.32
CA PHE E 25 71.27 -1.40 40.09
C PHE E 25 72.36 -2.32 39.57
N PHE E 26 73.61 -1.84 39.55
CA PHE E 26 74.71 -2.61 38.98
C PHE E 26 75.13 -3.75 39.90
N ASP E 27 75.88 -4.71 39.34
CA ASP E 27 76.56 -5.70 40.15
C ASP E 27 77.47 -4.99 41.15
N ASP E 28 77.51 -5.48 42.38
CA ASP E 28 78.32 -4.84 43.42
C ASP E 28 79.76 -4.71 42.96
N GLY E 29 80.31 -3.50 43.13
CA GLY E 29 81.69 -3.22 42.78
C GLY E 29 81.99 -3.00 41.32
N SER E 30 80.98 -2.98 40.43
CA SER E 30 81.25 -2.88 39.01
C SER E 30 81.15 -1.45 38.48
N VAL E 31 80.65 -0.52 39.30
CA VAL E 31 80.39 0.85 38.83
C VAL E 31 81.69 1.55 38.47
N GLU E 32 81.70 2.18 37.30
CA GLU E 32 82.81 3.01 36.83
C GLU E 32 82.20 4.26 36.21
N LEU E 33 82.39 5.42 36.86
CA LEU E 33 81.78 6.64 36.39
C LEU E 33 82.28 7.00 34.99
N LEU E 34 81.38 7.56 34.19
CA LEU E 34 81.69 7.97 32.82
C LEU E 34 82.14 9.43 32.74
N HIS E 35 82.00 10.15 33.83
CA HIS E 35 82.39 11.54 34.00
C HIS E 35 82.44 11.77 35.50
N GLU E 36 82.91 12.93 35.90
CA GLU E 36 82.98 13.19 37.32
C GLU E 36 81.71 13.85 37.81
N ARG E 37 81.33 13.51 39.05
CA ARG E 37 80.05 13.98 39.57
C ARG E 37 80.01 15.51 39.55
N ASP E 38 78.80 16.04 39.48
CA ASP E 38 78.60 17.48 39.42
C ASP E 38 77.18 17.73 39.85
N ARG E 39 76.69 18.94 39.62
CA ARG E 39 75.31 19.29 39.92
C ARG E 39 74.49 19.44 38.65
N SER E 40 74.88 18.71 37.60
CA SER E 40 74.14 18.77 36.34
C SER E 40 72.78 18.12 36.44
N GLY E 41 72.58 17.23 37.40
CA GLY E 41 71.32 16.52 37.53
C GLY E 41 71.29 15.18 36.84
N VAL E 42 72.43 14.70 36.33
CA VAL E 42 72.54 13.38 35.72
C VAL E 42 73.89 12.83 36.11
N LEU E 43 73.91 11.57 36.54
CA LEU E 43 75.16 10.83 36.70
C LEU E 43 75.09 9.61 35.78
N ALA E 44 76.13 9.43 34.97
CA ALA E 44 76.18 8.32 34.02
C ALA E 44 77.38 7.43 34.32
N ALA E 45 77.19 6.11 34.18
CA ALA E 45 78.21 5.16 34.58
C ALA E 45 78.14 3.89 33.74
N ALA E 46 79.27 3.22 33.61
CA ALA E 46 79.38 1.86 33.10
C ALA E 46 79.35 0.87 34.26
N GLY E 47 78.92 -0.36 33.96
CA GLY E 47 78.88 -1.39 34.99
C GLY E 47 78.68 -2.76 34.36
N THR E 48 78.32 -3.74 35.20
CA THR E 48 77.89 -5.04 34.72
C THR E 48 76.59 -5.43 35.40
N VAL E 49 75.77 -6.19 34.66
CA VAL E 49 74.52 -6.76 35.16
C VAL E 49 74.61 -8.26 34.93
N ASN E 50 74.81 -9.01 36.01
CA ASN E 50 75.16 -10.42 35.94
C ASN E 50 76.22 -10.65 34.86
N GLY E 51 77.24 -9.80 34.84
CA GLY E 51 78.36 -9.98 33.96
C GLY E 51 78.31 -9.20 32.67
N VAL E 52 77.12 -8.84 32.19
CA VAL E 52 77.00 -8.15 30.92
C VAL E 52 77.41 -6.69 31.10
N ARG E 53 78.32 -6.22 30.25
CA ARG E 53 78.69 -4.81 30.29
C ARG E 53 77.51 -3.95 29.89
N THR E 54 77.17 -2.98 30.74
CA THR E 54 75.94 -2.20 30.66
C THR E 54 76.25 -0.74 30.97
N ILE E 55 75.68 0.18 30.19
CA ILE E 55 75.77 1.61 30.48
C ILE E 55 74.48 2.03 31.17
N ALA E 56 74.59 2.98 32.11
CA ALA E 56 73.39 3.47 32.78
C ALA E 56 73.54 4.95 33.10
N PHE E 57 72.40 5.61 33.30
CA PHE E 57 72.43 6.98 33.78
C PHE E 57 71.25 7.18 34.71
N CYS E 58 71.44 8.05 35.71
CA CYS E 58 70.44 8.32 36.72
C CYS E 58 70.20 9.82 36.80
N THR E 59 68.95 10.25 36.70
CA THR E 59 68.70 11.65 36.99
C THR E 59 68.81 11.89 38.48
N ASP E 60 69.31 13.07 38.83
CA ASP E 60 69.63 13.41 40.21
C ASP E 60 68.44 14.11 40.86
N GLY E 61 67.55 13.33 41.47
CA GLY E 61 66.45 13.89 42.23
C GLY E 61 66.85 14.80 43.38
N THR E 62 68.12 14.76 43.82
CA THR E 62 68.56 15.66 44.89
C THR E 62 68.96 17.04 44.39
N VAL E 63 69.12 17.24 43.08
CA VAL E 63 69.47 18.54 42.51
C VAL E 63 68.26 19.04 41.73
N MET E 64 67.61 20.09 42.25
CA MET E 64 66.60 20.83 41.52
C MET E 64 65.50 19.93 40.96
N GLY E 65 65.13 18.91 41.74
CA GLY E 65 64.07 18.02 41.34
C GLY E 65 64.42 17.11 40.17
N GLY E 66 65.71 16.91 39.90
CA GLY E 66 66.13 16.18 38.74
C GLY E 66 65.89 16.86 37.41
N ALA E 67 65.47 18.13 37.44
CA ALA E 67 65.21 18.90 36.22
C ALA E 67 66.38 18.83 35.26
N MET E 68 66.08 18.69 33.97
CA MET E 68 67.09 18.42 32.95
C MET E 68 67.60 19.72 32.33
N GLY E 69 68.92 19.87 32.28
CA GLY E 69 69.54 21.01 31.66
C GLY E 69 70.59 20.57 30.65
N VAL E 70 71.19 21.56 30.00
CA VAL E 70 72.13 21.30 28.93
C VAL E 70 73.24 20.36 29.40
N GLU E 71 73.77 20.61 30.59
CA GLU E 71 74.93 19.84 31.05
C GLU E 71 74.57 18.39 31.34
N GLY E 72 73.42 18.16 31.99
CA GLY E 72 73.01 16.80 32.27
C GLY E 72 72.57 16.05 31.02
N CYS E 73 71.80 16.71 30.16
CA CYS E 73 71.42 16.10 28.89
C CYS E 73 72.66 15.69 28.10
N THR E 74 73.76 16.45 28.26
CA THR E 74 74.97 16.11 27.52
C THR E 74 75.59 14.83 28.04
N HIS E 75 75.52 14.62 29.36
CA HIS E 75 75.96 13.35 29.95
C HIS E 75 75.15 12.16 29.39
N ILE E 76 73.83 12.32 29.28
CA ILE E 76 72.97 11.27 28.73
C ILE E 76 73.36 10.96 27.29
N VAL E 77 73.55 12.00 26.48
CA VAL E 77 73.93 11.80 25.08
C VAL E 77 75.27 11.09 24.99
N ASN E 78 76.22 11.48 25.85
CA ASN E 78 77.51 10.80 25.84
C ASN E 78 77.38 9.36 26.33
N ALA E 79 76.51 9.12 27.31
CA ALA E 79 76.23 7.74 27.72
C ALA E 79 75.66 6.94 26.55
N TYR E 80 74.71 7.51 25.80
CA TYR E 80 74.15 6.82 24.64
C TYR E 80 75.23 6.55 23.59
N ASP E 81 76.06 7.56 23.29
CA ASP E 81 77.09 7.35 22.28
C ASP E 81 78.08 6.28 22.71
N THR E 82 78.38 6.21 24.01
CA THR E 82 79.25 5.16 24.52
C THR E 82 78.62 3.78 24.35
N ALA E 83 77.36 3.64 24.77
CA ALA E 83 76.66 2.36 24.65
C ALA E 83 76.51 1.95 23.18
N ILE E 84 76.17 2.90 22.31
CA ILE E 84 76.07 2.60 20.89
C ILE E 84 77.42 2.12 20.36
N GLU E 85 78.50 2.79 20.77
CA GLU E 85 79.84 2.44 20.28
C GLU E 85 80.20 1.02 20.66
N ASP E 86 79.98 0.63 21.91
CA ASP E 86 80.30 -0.71 22.40
C ASP E 86 79.18 -1.72 22.19
N GLN E 87 78.06 -1.31 21.58
CA GLN E 87 76.87 -2.13 21.47
C GLN E 87 76.46 -2.73 22.82
N SER E 88 76.32 -1.86 23.82
CA SER E 88 75.91 -2.29 25.15
C SER E 88 74.48 -1.87 25.41
N PRO E 89 73.74 -2.63 26.22
CA PRO E 89 72.45 -2.13 26.72
C PRO E 89 72.65 -0.86 27.51
N ILE E 90 71.62 -0.04 27.57
CA ILE E 90 71.68 1.22 28.29
C ILE E 90 70.38 1.38 29.07
N VAL E 91 70.51 1.68 30.36
CA VAL E 91 69.41 1.74 31.29
C VAL E 91 69.35 3.16 31.84
N GLY E 92 68.17 3.78 31.76
CA GLY E 92 67.96 5.07 32.39
C GLY E 92 67.12 4.91 33.65
N ILE E 93 67.60 5.52 34.73
CA ILE E 93 66.83 5.63 35.98
C ILE E 93 66.27 7.04 36.06
N TRP E 94 64.96 7.16 36.12
CA TRP E 94 64.27 8.42 35.86
C TRP E 94 63.58 8.92 37.11
N HIS E 95 63.82 10.20 37.43
CA HIS E 95 63.20 10.90 38.57
C HIS E 95 63.42 12.39 38.30
N SER E 96 62.44 13.03 37.66
CA SER E 96 62.68 14.36 37.16
C SER E 96 61.37 15.03 36.79
N GLY E 97 61.28 16.32 37.11
CA GLY E 97 60.10 17.09 36.76
C GLY E 97 60.14 17.75 35.41
N GLY E 98 61.19 17.53 34.60
CA GLY E 98 61.22 18.07 33.26
C GLY E 98 62.48 18.86 32.98
N ALA E 99 62.43 19.67 31.93
CA ALA E 99 63.56 20.52 31.58
C ALA E 99 63.65 21.71 32.55
N ARG E 100 64.89 22.15 32.80
CA ARG E 100 65.11 23.34 33.63
C ARG E 100 64.60 24.58 32.89
N LEU E 101 63.49 25.13 33.38
CA LEU E 101 62.85 26.26 32.71
C LEU E 101 63.75 27.48 32.60
N ALA E 102 64.65 27.68 33.57
CA ALA E 102 65.52 28.86 33.53
C ALA E 102 66.59 28.77 32.46
N GLU E 103 66.88 27.58 31.93
CA GLU E 103 67.81 27.52 30.81
C GLU E 103 67.13 27.86 29.49
N GLY E 104 65.81 28.00 29.48
CA GLY E 104 65.06 28.39 28.30
C GLY E 104 65.19 27.40 27.15
N VAL E 105 65.11 27.94 25.93
CA VAL E 105 65.12 27.13 24.72
C VAL E 105 66.34 26.21 24.67
N ARG E 106 67.48 26.65 25.21
CA ARG E 106 68.66 25.80 25.15
C ARG E 106 68.45 24.46 25.85
N ALA E 107 67.60 24.42 26.90
CA ALA E 107 67.33 23.16 27.56
C ALA E 107 66.37 22.29 26.75
N LEU E 108 65.34 22.89 26.16
CA LEU E 108 64.48 22.20 25.19
C LEU E 108 65.33 21.53 24.11
N HIS E 109 66.20 22.30 23.46
CA HIS E 109 67.09 21.76 22.45
C HIS E 109 67.88 20.58 22.96
N ALA E 110 68.39 20.67 24.19
CA ALA E 110 69.21 19.58 24.72
C ALA E 110 68.35 18.38 25.07
N VAL E 111 67.14 18.61 25.56
CA VAL E 111 66.21 17.50 25.78
C VAL E 111 65.90 16.81 24.46
N GLY E 112 65.63 17.59 23.41
CA GLY E 112 65.46 17.02 22.08
C GLY E 112 66.65 16.16 21.67
N GLN E 113 67.87 16.62 21.99
CA GLN E 113 69.05 15.84 21.63
C GLN E 113 69.10 14.52 22.37
N VAL E 114 68.50 14.46 23.56
CA VAL E 114 68.36 13.19 24.26
C VAL E 114 67.42 12.28 23.47
N PHE E 115 66.25 12.80 23.10
CA PHE E 115 65.33 12.08 22.22
C PHE E 115 66.05 11.55 20.98
N GLU E 116 66.81 12.43 20.31
CA GLU E 116 67.49 12.07 19.07
C GLU E 116 68.46 10.91 19.29
N ALA E 117 69.12 10.87 20.44
CA ALA E 117 70.02 9.76 20.74
C ALA E 117 69.27 8.47 21.00
N MET E 118 68.15 8.53 21.72
CA MET E 118 67.35 7.32 21.91
C MET E 118 66.85 6.79 20.59
N ILE E 119 66.60 7.68 19.63
CA ILE E 119 66.11 7.28 18.32
C ILE E 119 67.22 6.63 17.51
N ARG E 120 68.45 7.17 17.60
CA ARG E 120 69.58 6.50 16.95
C ARG E 120 69.80 5.11 17.51
N ALA E 121 69.58 4.95 18.82
CA ALA E 121 69.80 3.63 19.44
C ALA E 121 68.68 2.64 19.13
N SER E 122 67.50 3.13 18.74
CA SER E 122 66.32 2.27 18.63
C SER E 122 66.58 1.06 17.74
N GLY E 123 66.30 -0.13 18.27
CA GLY E 123 66.53 -1.35 17.50
C GLY E 123 67.97 -1.74 17.32
N TYR E 124 68.91 -0.98 17.89
CA TYR E 124 70.34 -1.24 17.78
C TYR E 124 70.94 -1.75 19.09
N ILE E 125 70.62 -1.09 20.20
CA ILE E 125 70.93 -1.63 21.53
C ILE E 125 69.64 -1.64 22.32
N PRO E 126 69.46 -2.57 23.25
CA PRO E 126 68.27 -2.50 24.11
C PRO E 126 68.30 -1.26 24.98
N GLN E 127 67.14 -0.65 25.14
CA GLN E 127 66.97 0.52 26.01
C GLN E 127 65.92 0.21 27.04
N ILE E 128 66.31 0.25 28.32
CA ILE E 128 65.42 -0.03 29.42
C ILE E 128 65.32 1.22 30.30
N SER E 129 64.10 1.58 30.67
CA SER E 129 63.82 2.71 31.53
C SER E 129 63.31 2.18 32.86
N VAL E 130 63.86 2.70 33.96
CA VAL E 130 63.36 2.40 35.32
C VAL E 130 62.92 3.72 35.93
N VAL E 131 61.62 3.91 36.04
CA VAL E 131 61.05 5.14 36.57
C VAL E 131 60.80 4.92 38.07
N VAL E 132 61.62 5.56 38.91
CA VAL E 132 61.57 5.34 40.35
C VAL E 132 60.87 6.47 41.11
N GLY E 133 60.68 7.62 40.50
CA GLY E 133 59.90 8.68 41.08
C GLY E 133 59.08 9.41 40.03
N PHE E 134 58.72 10.66 40.31
CA PHE E 134 58.01 11.46 39.32
C PHE E 134 58.85 11.58 38.05
N ALA E 135 58.17 11.57 36.91
CA ALA E 135 58.80 11.75 35.59
C ALA E 135 57.81 12.54 34.75
N ALA E 136 58.13 13.81 34.50
CA ALA E 136 57.17 14.73 33.92
C ALA E 136 57.82 15.52 32.79
N GLY E 137 56.97 16.00 31.88
CA GLY E 137 57.44 16.80 30.75
C GLY E 137 58.38 16.01 29.86
N GLY E 138 59.53 16.59 29.55
CA GLY E 138 60.52 15.89 28.76
C GLY E 138 60.94 14.57 29.37
N ALA E 139 60.93 14.48 30.71
CA ALA E 139 61.31 13.23 31.35
C ALA E 139 60.20 12.19 31.28
N ALA E 140 59.02 12.54 30.78
CA ALA E 140 58.03 11.51 30.51
C ALA E 140 58.26 10.91 29.12
N TYR E 141 58.74 11.70 28.17
CA TYR E 141 58.89 11.25 26.79
C TYR E 141 60.14 10.40 26.58
N GLY E 142 61.20 10.68 27.33
CA GLY E 142 62.40 9.86 27.28
C GLY E 142 62.07 8.37 27.43
N PRO E 143 61.54 7.98 28.60
CA PRO E 143 61.09 6.59 28.77
C PRO E 143 60.20 6.08 27.63
N ALA E 144 59.27 6.90 27.14
CA ALA E 144 58.38 6.47 26.07
C ALA E 144 59.10 6.16 24.76
N LEU E 145 60.37 6.53 24.64
CA LEU E 145 61.16 6.21 23.47
C LEU E 145 61.99 4.96 23.66
N THR E 146 62.04 4.40 24.87
CA THR E 146 62.86 3.22 25.08
C THR E 146 62.02 1.96 24.84
N ASP E 147 62.65 0.80 24.98
CA ASP E 147 61.98 -0.44 24.61
C ASP E 147 61.12 -0.98 25.74
N VAL E 148 61.57 -0.92 26.99
CA VAL E 148 60.76 -1.41 28.11
C VAL E 148 60.86 -0.42 29.26
N VAL E 149 59.71 -0.07 29.82
CA VAL E 149 59.62 0.85 30.93
C VAL E 149 59.14 0.08 32.17
N VAL E 150 59.99 0.03 33.20
CA VAL E 150 59.65 -0.50 34.52
C VAL E 150 59.31 0.66 35.44
N MET E 151 58.17 0.59 36.10
CA MET E 151 57.72 1.65 36.99
C MET E 151 57.58 1.13 38.41
N ALA E 152 58.25 1.81 39.36
CA ALA E 152 58.07 1.59 40.80
C ALA E 152 56.77 2.26 41.26
N PRO E 153 56.05 1.66 42.21
CA PRO E 153 54.75 2.21 42.58
C PRO E 153 54.83 3.58 43.21
N GLU E 154 55.99 3.97 43.75
CA GLU E 154 56.16 5.29 44.33
C GLU E 154 56.47 6.34 43.27
N SER E 155 55.94 6.16 42.06
CA SER E 155 56.31 6.98 40.89
C SER E 155 55.07 7.27 40.05
N ARG E 156 55.25 8.08 39.01
CA ARG E 156 54.19 8.52 38.10
C ARG E 156 54.83 9.17 36.87
N VAL E 157 54.19 8.98 35.71
CA VAL E 157 54.66 9.52 34.42
C VAL E 157 53.59 10.48 33.88
N PHE E 158 53.93 11.75 33.74
CA PHE E 158 52.95 12.81 33.60
C PHE E 158 53.40 13.86 32.58
N VAL E 159 52.42 14.54 32.01
CA VAL E 159 52.70 15.60 31.08
C VAL E 159 51.73 16.75 31.34
N SER E 188 47.22 2.54 31.11
CA SER E 188 48.00 3.58 30.44
C SER E 188 48.53 3.13 29.07
N GLY E 189 49.37 2.08 29.08
CA GLY E 189 50.01 1.63 27.87
C GLY E 189 51.50 1.96 27.87
N VAL E 190 51.84 3.12 28.45
CA VAL E 190 53.21 3.63 28.42
C VAL E 190 54.13 2.79 29.28
N CYS E 191 53.64 2.33 30.43
CA CYS E 191 54.44 1.56 31.36
C CYS E 191 54.27 0.07 31.07
N HIS E 192 55.38 -0.62 30.79
CA HIS E 192 55.30 -2.05 30.48
C HIS E 192 55.19 -2.90 31.73
N ILE E 193 55.93 -2.55 32.79
CA ILE E 193 56.05 -3.42 33.96
C ILE E 193 55.93 -2.56 35.22
N VAL E 194 55.11 -3.01 36.17
CA VAL E 194 54.88 -2.34 37.44
C VAL E 194 55.54 -3.18 38.53
N ALA E 195 56.59 -2.63 39.15
CA ALA E 195 57.32 -3.34 40.20
C ALA E 195 56.70 -3.12 41.59
N ASP E 196 57.14 -3.92 42.56
CA ASP E 196 56.62 -3.83 43.94
C ASP E 196 57.20 -2.66 44.72
N ASP E 197 58.38 -2.19 44.34
CA ASP E 197 59.08 -1.13 45.04
C ASP E 197 60.32 -0.80 44.24
N GLU E 198 61.08 0.22 44.68
CA GLU E 198 62.24 0.65 43.92
C GLU E 198 63.23 -0.50 43.71
N LEU E 199 63.51 -1.28 44.76
CA LEU E 199 64.47 -2.37 44.63
C LEU E 199 63.96 -3.45 43.69
N ASP E 200 62.67 -3.76 43.76
CA ASP E 200 62.09 -4.71 42.82
C ASP E 200 62.22 -4.19 41.39
N ALA E 201 62.06 -2.87 41.22
CA ALA E 201 62.21 -2.27 39.88
C ALA E 201 63.59 -2.52 39.33
N TYR E 202 64.64 -2.40 40.16
CA TYR E 202 65.99 -2.69 39.67
C TYR E 202 66.16 -4.17 39.37
N ASP E 203 65.52 -5.02 40.17
CA ASP E 203 65.62 -6.45 39.93
C ASP E 203 64.97 -6.81 38.59
N ARG E 204 63.78 -6.25 38.30
CA ARG E 204 63.16 -6.45 36.99
C ARG E 204 63.97 -5.84 35.86
N GLY E 205 64.53 -4.65 36.07
CA GLY E 205 65.38 -4.08 35.06
C GLY E 205 66.59 -4.96 34.79
N ARG E 206 67.14 -5.57 35.84
CA ARG E 206 68.30 -6.45 35.67
C ARG E 206 67.92 -7.70 34.90
N ARG E 207 66.74 -8.26 35.19
CA ARG E 207 66.30 -9.45 34.47
C ARG E 207 66.07 -9.15 33.00
N LEU E 208 65.52 -7.96 32.70
CA LEU E 208 65.29 -7.57 31.32
C LEU E 208 66.60 -7.47 30.54
N VAL E 209 67.65 -6.92 31.16
CA VAL E 209 68.95 -6.89 30.50
C VAL E 209 69.42 -8.30 30.15
N GLY E 210 69.16 -9.25 31.06
CA GLY E 210 69.50 -10.64 30.76
C GLY E 210 68.66 -11.26 29.66
N LEU E 211 67.37 -10.92 29.61
CA LEU E 211 66.52 -11.44 28.55
C LEU E 211 66.98 -10.96 27.17
N PHE E 212 67.43 -9.71 27.08
CA PHE E 212 67.89 -9.14 25.82
C PHE E 212 69.33 -9.50 25.50
N CYS E 213 70.19 -9.68 26.51
CA CYS E 213 71.63 -9.80 26.25
C CYS E 213 72.21 -11.14 26.63
N GLN E 214 71.47 -12.00 27.32
CA GLN E 214 71.85 -13.40 27.51
C GLN E 214 70.70 -14.28 27.02
N GLN E 215 70.46 -14.23 25.70
CA GLN E 215 69.29 -14.91 25.15
C GLN E 215 69.42 -16.43 25.21
N GLY E 216 70.65 -16.96 25.29
CA GLY E 216 70.81 -18.38 25.44
C GLY E 216 70.52 -19.16 24.16
N HIS E 217 70.21 -20.43 24.34
CA HIS E 217 69.92 -21.28 23.20
C HIS E 217 68.87 -22.29 23.59
N PHE E 218 68.16 -22.80 22.59
CA PHE E 218 67.16 -23.84 22.86
C PHE E 218 67.85 -25.14 23.25
N ASP E 219 67.18 -25.93 24.06
CA ASP E 219 67.76 -27.18 24.58
C ASP E 219 66.67 -28.23 24.58
N ARG E 220 66.78 -29.22 23.68
CA ARG E 220 65.71 -30.19 23.48
C ARG E 220 65.41 -31.00 24.74
N SER E 221 66.46 -31.43 25.48
CA SER E 221 66.25 -32.22 26.69
C SER E 221 65.47 -31.44 27.74
N LYS E 222 65.82 -30.17 27.93
CA LYS E 222 65.10 -29.33 28.88
C LYS E 222 63.68 -29.02 28.42
N ALA E 223 63.47 -28.89 27.11
CA ALA E 223 62.14 -28.67 26.59
C ALA E 223 61.24 -29.86 26.91
N GLU E 224 61.73 -31.07 26.62
CA GLU E 224 60.93 -32.28 26.84
C GLU E 224 60.76 -32.56 28.34
N ALA E 225 61.79 -32.29 29.15
CA ALA E 225 61.65 -32.53 30.58
C ALA E 225 60.54 -31.68 31.19
N GLY E 226 60.19 -30.56 30.55
CA GLY E 226 59.13 -29.68 31.02
C GLY E 226 57.77 -29.90 30.39
N ASP E 227 57.66 -30.80 29.41
CA ASP E 227 56.39 -31.13 28.79
C ASP E 227 55.36 -31.55 29.84
N THR E 228 54.15 -31.00 29.74
CA THR E 228 52.99 -31.46 30.49
C THR E 228 51.78 -31.39 29.57
N ASP E 229 50.65 -31.95 30.02
CA ASP E 229 49.41 -31.89 29.25
C ASP E 229 48.79 -30.49 29.41
N ILE E 230 49.15 -29.59 28.49
CA ILE E 230 48.68 -28.21 28.60
C ILE E 230 47.20 -28.10 28.25
N HIS E 231 46.68 -28.96 27.38
CA HIS E 231 45.25 -29.01 27.09
C HIS E 231 44.41 -29.17 28.36
N ALA E 232 44.92 -29.87 29.37
CA ALA E 232 44.15 -30.07 30.59
C ALA E 232 43.85 -28.76 31.31
N LEU E 233 44.55 -27.67 31.00
CA LEU E 233 44.26 -26.42 31.67
C LEU E 233 43.05 -25.70 31.09
N LEU E 234 42.49 -26.17 29.96
CA LEU E 234 41.30 -25.53 29.41
C LEU E 234 40.06 -25.93 30.21
N PRO E 235 39.00 -25.12 30.17
CA PRO E 235 37.71 -25.58 30.65
C PRO E 235 37.24 -26.79 29.86
N GLU E 236 36.30 -27.55 30.45
CA GLU E 236 35.74 -28.70 29.74
C GLU E 236 34.84 -28.27 28.59
N SER E 237 34.20 -27.12 28.72
CA SER E 237 33.29 -26.61 27.69
C SER E 237 33.99 -25.61 26.80
N SER E 238 33.81 -25.77 25.48
CA SER E 238 34.37 -24.83 24.52
C SER E 238 33.81 -23.43 24.64
N ARG E 239 32.68 -23.26 25.32
CA ARG E 239 32.08 -21.93 25.40
C ARG E 239 32.47 -21.17 26.65
N ARG E 240 33.31 -21.74 27.52
CA ARG E 240 33.68 -21.07 28.74
C ARG E 240 34.99 -20.28 28.56
N ALA E 241 34.99 -19.05 29.03
CA ALA E 241 36.20 -18.26 29.07
C ALA E 241 37.17 -18.79 30.14
N TYR E 242 38.44 -18.42 29.97
CA TYR E 242 39.51 -18.83 30.86
C TYR E 242 40.68 -17.88 30.66
N ASP E 243 41.46 -17.69 31.72
CA ASP E 243 42.68 -16.92 31.65
C ASP E 243 43.74 -17.74 30.89
N VAL E 244 44.31 -17.16 29.83
CA VAL E 244 45.33 -17.88 29.06
C VAL E 244 46.68 -17.93 29.77
N ARG E 245 46.89 -17.10 30.79
CA ARG E 245 48.23 -17.04 31.37
C ARG E 245 48.75 -18.36 31.96
N PRO E 246 47.93 -19.23 32.56
CA PRO E 246 48.46 -20.55 32.94
C PRO E 246 48.86 -21.42 31.76
N ILE E 247 48.21 -21.29 30.59
CA ILE E 247 48.70 -21.99 29.41
C ILE E 247 50.11 -21.49 29.06
N VAL E 248 50.28 -20.16 29.06
CA VAL E 248 51.57 -19.56 28.73
C VAL E 248 52.64 -20.03 29.69
N THR E 249 52.39 -19.87 31.00
CA THR E 249 53.45 -20.23 31.95
C THR E 249 53.72 -21.73 31.97
N ALA E 250 52.75 -22.56 31.56
CA ALA E 250 53.04 -23.98 31.39
C ALA E 250 53.95 -24.23 30.19
N ILE E 251 53.84 -23.40 29.14
CA ILE E 251 54.76 -23.55 28.02
C ILE E 251 56.16 -23.12 28.42
N LEU E 252 56.27 -22.02 29.17
CA LEU E 252 57.56 -21.48 29.55
C LEU E 252 58.19 -22.28 30.69
N ASP E 253 59.50 -22.08 30.88
CA ASP E 253 60.25 -22.79 31.91
C ASP E 253 59.66 -22.52 33.28
N ALA E 254 59.45 -23.61 34.04
CA ALA E 254 58.87 -23.51 35.38
C ALA E 254 59.68 -22.63 36.32
N ASP E 255 61.00 -22.63 36.19
CA ASP E 255 61.84 -21.88 37.10
C ASP E 255 61.95 -20.40 36.75
N THR E 256 61.31 -19.94 35.67
CA THR E 256 61.66 -18.60 35.24
C THR E 256 60.44 -17.69 35.21
N PRO E 257 60.57 -16.46 35.69
CA PRO E 257 59.46 -15.50 35.59
C PRO E 257 59.00 -15.30 34.16
N PHE E 258 57.69 -15.16 33.99
CA PHE E 258 57.09 -14.63 32.78
C PHE E 258 56.93 -13.14 32.98
N ASP E 259 57.70 -12.34 32.24
CA ASP E 259 57.63 -10.88 32.42
C ASP E 259 56.62 -10.31 31.45
N GLU E 260 55.36 -10.34 31.88
CA GLU E 260 54.27 -9.83 31.08
C GLU E 260 54.36 -8.31 30.94
N PHE E 261 54.14 -7.82 29.71
CA PHE E 261 54.14 -6.40 29.40
C PHE E 261 52.72 -5.87 29.40
N GLN E 262 52.51 -4.71 30.03
CA GLN E 262 51.27 -3.94 29.90
C GLN E 262 50.04 -4.78 30.25
N ALA E 263 50.12 -5.51 31.37
CA ALA E 263 49.09 -6.49 31.70
C ALA E 263 47.72 -5.87 31.82
N ASN E 264 47.63 -4.60 32.23
CA ASN E 264 46.33 -3.98 32.45
C ASN E 264 45.88 -3.11 31.28
N TRP E 265 46.58 -3.14 30.16
CA TRP E 265 46.20 -2.44 28.96
C TRP E 265 45.90 -3.46 27.88
N ALA E 266 44.81 -3.23 27.15
CA ALA E 266 44.35 -4.13 26.12
C ALA E 266 44.37 -5.58 26.62
N PRO E 267 43.57 -5.92 27.62
CA PRO E 267 43.69 -7.25 28.25
C PRO E 267 43.10 -8.41 27.43
N SER E 268 42.57 -8.18 26.24
CA SER E 268 42.24 -9.34 25.40
C SER E 268 43.50 -9.98 24.80
N MET E 269 44.66 -9.35 24.97
CA MET E 269 45.93 -9.79 24.41
C MET E 269 46.96 -9.83 25.51
N VAL E 270 47.64 -10.96 25.66
CA VAL E 270 48.75 -11.09 26.60
C VAL E 270 50.05 -11.14 25.80
N VAL E 271 51.03 -10.33 26.19
CA VAL E 271 52.36 -10.36 25.57
C VAL E 271 53.39 -10.24 26.67
N GLY E 272 54.56 -10.87 26.45
CA GLY E 272 55.66 -10.70 27.37
C GLY E 272 56.84 -11.60 27.03
N LEU E 273 57.89 -11.42 27.82
CA LEU E 273 59.13 -12.18 27.66
C LEU E 273 59.25 -13.26 28.73
N GLY E 274 59.81 -14.41 28.33
CA GLY E 274 60.02 -15.51 29.23
C GLY E 274 61.15 -16.35 28.67
N ARG E 275 61.32 -17.59 29.16
CA ARG E 275 62.37 -18.44 28.64
C ARG E 275 61.77 -19.80 28.27
N LEU E 276 62.23 -20.33 27.14
CA LEU E 276 61.76 -21.61 26.61
C LEU E 276 62.98 -22.50 26.45
N SER E 277 63.12 -23.48 27.35
CA SER E 277 64.33 -24.29 27.50
C SER E 277 65.58 -23.41 27.63
N GLY E 278 65.47 -22.31 28.37
CA GLY E 278 66.58 -21.43 28.61
C GLY E 278 66.73 -20.30 27.62
N ARG E 279 66.05 -20.38 26.47
CA ARG E 279 66.16 -19.40 25.41
C ARG E 279 65.14 -18.28 25.63
N THR E 280 65.56 -17.03 25.49
CA THR E 280 64.61 -15.93 25.52
C THR E 280 63.62 -16.06 24.37
N VAL E 281 62.32 -16.05 24.68
CA VAL E 281 61.27 -16.00 23.67
C VAL E 281 60.26 -14.94 24.05
N GLY E 282 59.56 -14.43 23.06
CA GLY E 282 58.43 -13.54 23.27
C GLY E 282 57.15 -14.33 23.01
N VAL E 283 56.12 -14.07 23.81
CA VAL E 283 54.85 -14.77 23.71
C VAL E 283 53.75 -13.76 23.39
N LEU E 284 52.87 -14.11 22.46
CA LEU E 284 51.60 -13.42 22.23
C LEU E 284 50.49 -14.44 22.34
N ALA E 285 49.42 -14.08 23.06
CA ALA E 285 48.32 -15.02 23.27
C ALA E 285 47.03 -14.23 23.47
N ASN E 286 46.02 -14.54 22.66
CA ASN E 286 44.69 -14.06 22.96
C ASN E 286 44.27 -14.59 24.32
N ASN E 287 43.64 -13.71 25.10
CA ASN E 287 43.19 -14.07 26.43
C ASN E 287 41.66 -14.14 26.43
N PRO E 288 41.07 -15.34 26.36
CA PRO E 288 39.60 -15.42 26.22
C PRO E 288 38.85 -14.91 27.44
N LEU E 289 39.53 -14.67 28.56
CA LEU E 289 38.84 -14.11 29.73
C LEU E 289 38.34 -12.68 29.51
N ARG E 290 38.91 -11.95 28.55
CA ARG E 290 38.57 -10.55 28.34
C ARG E 290 38.12 -10.35 26.89
N LEU E 291 36.93 -9.76 26.72
CA LEU E 291 36.37 -9.49 25.39
C LEU E 291 36.32 -10.75 24.53
N GLY E 292 36.04 -11.87 25.17
CA GLY E 292 36.03 -13.15 24.50
C GLY E 292 37.34 -13.56 23.86
N GLY E 293 38.42 -12.84 24.16
CA GLY E 293 39.67 -13.02 23.44
C GLY E 293 39.73 -12.34 22.10
N CYS E 294 38.77 -11.47 21.78
CA CYS E 294 38.73 -10.81 20.48
C CYS E 294 39.88 -9.83 20.29
N LEU E 295 40.24 -9.62 19.03
CA LEU E 295 41.17 -8.55 18.71
C LEU E 295 40.39 -7.25 18.69
N ASN E 296 41.10 -6.15 18.95
CA ASN E 296 40.49 -4.84 18.82
C ASN E 296 41.64 -3.84 18.65
N SER E 297 41.29 -2.55 18.67
CA SER E 297 42.25 -1.49 18.43
C SER E 297 43.50 -1.65 19.29
N GLU E 298 43.35 -1.57 20.62
CA GLU E 298 44.54 -1.51 21.43
C GLU E 298 45.24 -2.86 21.52
N SER E 299 44.50 -3.97 21.42
CA SER E 299 45.15 -5.27 21.39
C SER E 299 45.96 -5.44 20.11
N ALA E 300 45.47 -4.95 18.97
CA ALA E 300 46.31 -4.98 17.77
C ALA E 300 47.57 -4.15 17.97
N GLU E 301 47.44 -2.97 18.58
CA GLU E 301 48.61 -2.13 18.78
C GLU E 301 49.60 -2.75 19.76
N LYS E 302 49.08 -3.30 20.86
CA LYS E 302 49.91 -4.02 21.81
C LYS E 302 50.70 -5.12 21.12
N ALA E 303 50.02 -5.96 20.34
CA ALA E 303 50.71 -7.05 19.66
C ALA E 303 51.73 -6.54 18.64
N ALA E 304 51.36 -5.51 17.86
CA ALA E 304 52.24 -5.04 16.79
C ALA E 304 53.55 -4.50 17.34
N ARG E 305 53.48 -3.70 18.41
CA ARG E 305 54.70 -3.15 18.98
C ARG E 305 55.58 -4.25 19.54
N PHE E 306 54.97 -5.21 20.23
CA PHE E 306 55.75 -6.30 20.81
C PHE E 306 56.40 -7.15 19.73
N VAL E 307 55.69 -7.40 18.62
CA VAL E 307 56.31 -8.15 17.53
C VAL E 307 57.53 -7.41 16.97
N ARG E 308 57.39 -6.09 16.73
CA ARG E 308 58.52 -5.36 16.16
CA ARG E 308 58.50 -5.31 16.18
C ARG E 308 59.70 -5.32 17.12
N LEU E 309 59.45 -5.34 18.43
CA LEU E 309 60.54 -5.28 19.41
C LEU E 309 61.32 -6.59 19.44
N CYS E 310 60.62 -7.72 19.50
CA CYS E 310 61.30 -9.02 19.42
C CYS E 310 62.05 -9.18 18.10
N ASP E 311 61.46 -8.70 17.01
CA ASP E 311 62.10 -8.89 15.72
C ASP E 311 63.40 -8.10 15.63
N ALA E 312 63.44 -6.93 16.26
CA ALA E 312 64.64 -6.10 16.23
C ALA E 312 65.82 -6.76 16.93
N PHE E 313 65.60 -7.52 18.00
CA PHE E 313 66.70 -8.04 18.81
C PHE E 313 66.85 -9.54 18.68
N GLY E 314 66.23 -10.15 17.66
CA GLY E 314 66.40 -11.56 17.38
C GLY E 314 65.73 -12.49 18.34
N ILE E 315 64.57 -12.11 18.89
CA ILE E 315 63.89 -12.91 19.91
C ILE E 315 62.76 -13.67 19.23
N PRO E 316 62.81 -15.00 19.17
CA PRO E 316 61.75 -15.76 18.49
C PRO E 316 60.42 -15.61 19.22
N LEU E 317 59.34 -15.91 18.48
CA LEU E 317 57.97 -15.70 18.94
C LEU E 317 57.17 -16.99 19.03
N VAL E 318 56.38 -17.08 20.09
CA VAL E 318 55.35 -18.10 20.27
C VAL E 318 54.02 -17.38 20.30
N VAL E 319 53.13 -17.74 19.38
CA VAL E 319 51.83 -17.10 19.24
C VAL E 319 50.77 -18.15 19.58
N VAL E 320 50.08 -17.98 20.71
CA VAL E 320 49.07 -18.92 21.17
C VAL E 320 47.72 -18.34 20.77
N VAL E 321 47.03 -18.99 19.83
CA VAL E 321 45.88 -18.41 19.17
C VAL E 321 44.60 -19.12 19.62
N ASP E 322 43.64 -18.30 20.07
CA ASP E 322 42.29 -18.69 20.46
C ASP E 322 41.45 -17.42 20.34
N VAL E 323 41.00 -17.11 19.13
CA VAL E 323 40.41 -15.80 18.85
C VAL E 323 39.20 -15.99 17.93
N PRO E 324 38.02 -15.55 18.35
CA PRO E 324 36.80 -15.77 17.55
C PRO E 324 36.35 -14.59 16.71
N GLY E 325 37.04 -13.45 16.74
CA GLY E 325 36.64 -12.30 15.97
C GLY E 325 37.38 -11.06 16.43
N TYR E 326 36.90 -9.91 15.95
CA TYR E 326 37.50 -8.62 16.29
C TYR E 326 36.39 -7.61 16.50
N LEU E 327 36.73 -6.46 17.11
CA LEU E 327 35.72 -5.58 17.67
C LEU E 327 36.01 -4.12 17.37
N PRO E 328 34.97 -3.32 17.19
CA PRO E 328 35.16 -1.87 17.14
C PRO E 328 35.30 -1.31 18.56
N GLY E 329 35.69 -0.04 18.65
CA GLY E 329 35.42 0.72 19.85
C GLY E 329 33.94 0.70 20.19
N VAL E 330 33.61 0.93 21.47
CA VAL E 330 32.21 0.70 21.85
C VAL E 330 31.30 1.80 21.30
N ASP E 331 31.87 2.90 20.84
CA ASP E 331 31.16 3.84 19.96
C ASP E 331 30.90 3.27 18.57
N GLN E 332 31.37 2.05 18.29
CA GLN E 332 31.37 1.44 16.97
C GLN E 332 32.29 2.19 15.98
N GLU E 333 33.35 2.79 16.50
CA GLU E 333 34.43 3.31 15.68
C GLU E 333 35.31 2.15 15.22
N TRP E 334 35.29 1.86 13.92
CA TRP E 334 36.11 0.78 13.38
C TRP E 334 37.48 1.25 12.91
N GLY E 335 37.69 2.55 12.75
CA GLY E 335 38.95 3.03 12.21
C GLY E 335 40.16 2.64 13.03
N GLY E 336 39.98 2.44 14.34
CA GLY E 336 41.11 2.05 15.17
C GLY E 336 41.54 0.62 14.87
N VAL E 337 40.60 -0.32 14.90
CA VAL E 337 41.00 -1.69 14.66
C VAL E 337 41.50 -1.86 13.22
N VAL E 338 40.96 -1.09 12.27
CA VAL E 338 41.42 -1.18 10.89
C VAL E 338 42.87 -0.70 10.76
N ARG E 339 43.15 0.53 11.23
CA ARG E 339 44.51 1.06 11.16
C ARG E 339 45.49 0.23 12.00
N ARG E 340 45.11 -0.07 13.25
CA ARG E 340 46.02 -0.84 14.09
C ARG E 340 46.12 -2.28 13.62
N GLY E 341 45.00 -2.87 13.19
CA GLY E 341 45.07 -4.22 12.63
C GLY E 341 45.99 -4.29 11.43
N ALA E 342 45.95 -3.28 10.56
CA ALA E 342 46.86 -3.26 9.42
C ALA E 342 48.30 -3.21 9.89
N LYS E 343 48.58 -2.48 10.97
CA LYS E 343 49.94 -2.42 11.48
C LYS E 343 50.40 -3.77 12.03
N LEU E 344 49.47 -4.57 12.54
CA LEU E 344 49.83 -5.90 13.03
C LEU E 344 50.09 -6.87 11.88
N LEU E 345 49.28 -6.81 10.80
CA LEU E 345 49.61 -7.54 9.57
C LEU E 345 51.01 -7.19 9.11
N HIS E 346 51.31 -5.90 9.06
CA HIS E 346 52.62 -5.44 8.66
C HIS E 346 53.72 -6.00 9.56
N ALA E 347 53.52 -5.93 10.88
CA ALA E 347 54.56 -6.37 11.81
C ALA E 347 54.85 -7.87 11.66
N PHE E 348 53.81 -8.72 11.63
CA PHE E 348 54.08 -10.14 11.35
C PHE E 348 54.62 -10.34 9.94
N GLY E 349 54.04 -9.65 8.94
CA GLY E 349 54.45 -9.87 7.56
C GLY E 349 55.91 -9.56 7.30
N GLU E 350 56.42 -8.51 7.93
CA GLU E 350 57.84 -8.15 7.76
C GLU E 350 58.76 -8.90 8.70
N CYS E 351 58.21 -9.66 9.64
CA CYS E 351 59.00 -10.21 10.72
C CYS E 351 59.93 -11.31 10.19
N THR E 352 61.19 -11.32 10.64
CA THR E 352 62.15 -12.30 10.15
C THR E 352 62.67 -13.27 11.20
N VAL E 353 62.44 -13.02 12.49
CA VAL E 353 62.80 -14.00 13.52
C VAL E 353 61.88 -15.22 13.40
N PRO E 354 62.27 -16.37 13.93
CA PRO E 354 61.33 -17.50 13.92
C PRO E 354 60.10 -17.18 14.76
N ARG E 355 58.93 -17.58 14.27
CA ARG E 355 57.66 -17.29 14.92
C ARG E 355 56.70 -18.45 14.65
N VAL E 356 56.36 -19.20 15.67
CA VAL E 356 55.48 -20.36 15.50
C VAL E 356 54.13 -20.04 16.11
N THR E 357 53.09 -20.63 15.54
CA THR E 357 51.73 -20.39 15.96
C THR E 357 51.13 -21.68 16.49
N LEU E 358 50.34 -21.58 17.55
CA LEU E 358 49.62 -22.72 18.10
C LEU E 358 48.15 -22.36 18.20
N VAL E 359 47.30 -23.08 17.48
CA VAL E 359 45.85 -22.95 17.63
C VAL E 359 45.41 -23.93 18.72
N THR E 360 44.90 -23.37 19.83
CA THR E 360 44.43 -24.22 20.95
C THR E 360 42.97 -24.62 20.70
N ARG E 361 42.04 -23.66 20.71
CA ARG E 361 40.63 -23.99 20.52
C ARG E 361 40.09 -23.50 19.18
N LYS E 362 40.09 -22.20 18.92
CA LYS E 362 39.47 -21.72 17.68
C LYS E 362 40.27 -20.55 17.14
N THR E 363 40.22 -20.38 15.82
CA THR E 363 40.69 -19.14 15.21
C THR E 363 39.82 -18.85 13.99
N TYR E 364 39.23 -17.64 13.94
CA TYR E 364 38.19 -17.32 12.97
C TYR E 364 38.53 -16.09 12.14
N GLY E 365 38.24 -16.16 10.86
CA GLY E 365 38.07 -14.98 10.04
C GLY E 365 39.33 -14.13 9.90
N GLY E 366 39.12 -12.82 9.82
CA GLY E 366 40.24 -11.91 9.67
C GLY E 366 41.19 -11.95 10.85
N ALA E 367 40.68 -12.20 12.06
CA ALA E 367 41.56 -12.38 13.21
C ALA E 367 42.48 -13.58 13.03
N TYR E 368 41.98 -14.69 12.46
CA TYR E 368 42.84 -15.80 12.09
C TYR E 368 44.01 -15.35 11.23
N ILE E 369 43.75 -14.57 10.18
CA ILE E 369 44.83 -14.18 9.26
C ILE E 369 45.89 -13.39 10.00
N ALA E 370 45.46 -12.49 10.89
CA ALA E 370 46.38 -11.56 11.54
C ALA E 370 47.26 -12.23 12.58
N MET E 371 46.77 -13.29 13.25
CA MET E 371 47.52 -13.96 14.32
C MET E 371 48.55 -14.96 13.77
N ASN E 372 49.51 -14.42 13.03
CA ASN E 372 50.66 -15.18 12.53
C ASN E 372 50.24 -16.42 11.72
N SER E 373 49.40 -16.18 10.72
CA SER E 373 48.91 -17.23 9.84
C SER E 373 49.98 -17.62 8.83
N ARG E 374 49.76 -18.79 8.23
CA ARG E 374 50.59 -19.24 7.12
C ARG E 374 50.69 -18.17 6.03
N SER E 375 49.61 -17.43 5.77
CA SER E 375 49.68 -16.45 4.69
C SER E 375 50.63 -15.30 4.99
N LEU E 376 50.95 -15.03 6.26
CA LEU E 376 51.97 -14.05 6.63
C LEU E 376 53.35 -14.68 6.85
N ASN E 377 53.54 -15.93 6.41
CA ASN E 377 54.83 -16.64 6.44
C ASN E 377 55.25 -17.03 7.86
N ALA E 378 54.28 -17.45 8.68
CA ALA E 378 54.60 -18.11 9.93
C ALA E 378 55.63 -19.22 9.73
N THR E 379 56.57 -19.33 10.66
CA THR E 379 57.57 -20.40 10.58
C THR E 379 56.89 -21.77 10.55
N LYS E 380 55.93 -21.97 11.42
CA LYS E 380 55.20 -23.23 11.46
C LYS E 380 53.90 -23.00 12.23
N VAL E 381 52.84 -23.66 11.79
CA VAL E 381 51.53 -23.55 12.42
C VAL E 381 51.16 -24.90 12.99
N PHE E 382 50.93 -24.95 14.29
CA PHE E 382 50.52 -26.13 15.04
C PHE E 382 49.07 -25.99 15.48
N ALA E 383 48.39 -27.13 15.66
CA ALA E 383 47.05 -27.11 16.18
C ALA E 383 46.85 -28.30 17.11
N TRP E 384 46.12 -28.08 18.20
CA TRP E 384 45.65 -29.18 19.02
C TRP E 384 44.55 -29.92 18.26
N PRO E 385 44.34 -31.21 18.58
CA PRO E 385 43.48 -32.05 17.72
C PRO E 385 42.04 -31.55 17.58
N ASP E 386 41.46 -30.94 18.60
CA ASP E 386 40.08 -30.46 18.50
C ASP E 386 39.97 -29.01 18.08
N ALA E 387 41.06 -28.40 17.61
CA ALA E 387 41.02 -26.98 17.28
C ALA E 387 40.19 -26.73 16.03
N GLU E 388 39.71 -25.51 15.91
CA GLU E 388 38.88 -25.10 14.78
C GLU E 388 39.56 -23.97 14.02
N VAL E 389 39.67 -24.13 12.69
CA VAL E 389 40.14 -23.07 11.80
C VAL E 389 39.06 -22.86 10.74
N ALA E 390 38.39 -21.71 10.79
CA ALA E 390 37.22 -21.51 9.94
C ALA E 390 37.00 -20.03 9.69
N VAL E 391 36.15 -19.73 8.70
CA VAL E 391 35.73 -18.35 8.49
C VAL E 391 35.00 -17.83 9.71
N MET E 392 34.18 -18.67 10.33
CA MET E 392 33.39 -18.31 11.50
C MET E 392 32.81 -19.60 12.04
N GLY E 393 32.12 -19.51 13.18
CA GLY E 393 31.44 -20.68 13.72
C GLY E 393 30.50 -21.29 12.69
N ALA E 394 30.26 -22.60 12.83
CA ALA E 394 29.45 -23.27 11.83
C ALA E 394 27.99 -22.80 11.89
N LYS E 395 27.46 -22.57 13.10
CA LYS E 395 26.08 -22.09 13.19
C LYS E 395 25.94 -20.73 12.51
N ALA E 396 26.87 -19.82 12.79
CA ALA E 396 26.85 -18.52 12.13
C ALA E 396 27.00 -18.68 10.62
N ALA E 397 27.79 -19.66 10.18
CA ALA E 397 28.07 -19.80 8.76
C ALA E 397 26.83 -20.26 8.01
N VAL E 398 26.17 -21.32 8.48
CA VAL E 398 24.98 -21.78 7.77
C VAL E 398 23.83 -20.80 7.95
N GLY E 399 23.85 -20.00 9.01
CA GLY E 399 22.84 -18.96 9.16
C GLY E 399 22.93 -17.89 8.10
N ILE E 400 24.12 -17.69 7.55
CA ILE E 400 24.28 -16.83 6.38
C ILE E 400 24.02 -17.58 5.09
N LEU E 401 24.66 -18.75 4.94
CA LEU E 401 24.60 -19.47 3.66
C LEU E 401 23.21 -20.00 3.38
N HIS E 402 22.41 -20.23 4.40
CA HIS E 402 21.08 -20.82 4.23
C HIS E 402 20.02 -20.03 4.98
N LYS E 403 20.19 -18.71 5.01
CA LYS E 403 19.23 -17.82 5.66
C LYS E 403 17.80 -18.08 5.16
N LYS E 404 17.61 -18.27 3.86
CA LYS E 404 16.26 -18.40 3.32
C LYS E 404 15.64 -19.75 3.68
N LYS E 405 16.41 -20.84 3.58
CA LYS E 405 15.87 -22.13 3.99
C LYS E 405 15.48 -22.12 5.47
N LEU E 406 16.25 -21.41 6.30
CA LEU E 406 15.90 -21.37 7.72
C LEU E 406 14.71 -20.46 7.97
N ALA E 407 14.68 -19.30 7.31
CA ALA E 407 13.54 -18.39 7.50
C ALA E 407 12.24 -19.03 7.03
N ALA E 408 12.31 -19.94 6.06
CA ALA E 408 11.12 -20.62 5.57
C ALA E 408 10.70 -21.80 6.43
N ALA E 409 11.54 -22.24 7.35
CA ALA E 409 11.23 -23.40 8.16
C ALA E 409 10.17 -23.06 9.21
N PRO E 410 9.36 -24.03 9.62
CA PRO E 410 8.39 -23.79 10.69
C PRO E 410 9.09 -23.44 12.00
N GLU E 411 8.54 -22.43 12.70
CA GLU E 411 9.22 -21.80 13.82
C GLU E 411 9.74 -22.80 14.86
N HIS E 412 8.99 -23.89 15.06
CA HIS E 412 9.38 -24.89 16.06
C HIS E 412 10.25 -25.99 15.50
N GLU E 413 10.49 -26.01 14.19
CA GLU E 413 11.44 -26.92 13.58
C GLU E 413 12.77 -26.24 13.24
N ARG E 414 12.81 -24.91 13.25
CA ARG E 414 13.94 -24.15 12.73
C ARG E 414 15.25 -24.52 13.42
N GLU E 415 15.24 -24.65 14.75
CA GLU E 415 16.51 -24.83 15.45
C GLU E 415 17.08 -26.21 15.20
N ALA E 416 16.22 -27.22 15.09
CA ALA E 416 16.69 -28.54 14.68
C ALA E 416 17.29 -28.48 13.28
N LEU E 417 16.64 -27.73 12.38
CA LEU E 417 17.20 -27.57 11.04
C LEU E 417 18.53 -26.83 11.08
N HIS E 418 18.63 -25.76 11.88
CA HIS E 418 19.89 -25.02 12.01
C HIS E 418 21.02 -25.94 12.48
N ASP E 419 20.76 -26.74 13.52
CA ASP E 419 21.79 -27.62 14.07
C ASP E 419 22.16 -28.74 13.11
N GLN E 420 21.23 -29.17 12.27
CA GLN E 420 21.54 -30.18 11.26
C GLN E 420 22.42 -29.60 10.17
N LEU E 421 22.11 -28.39 9.70
CA LEU E 421 22.96 -27.76 8.70
C LEU E 421 24.35 -27.45 9.27
N ALA E 422 24.42 -27.07 10.55
CA ALA E 422 25.70 -26.76 11.15
C ALA E 422 26.59 -28.00 11.24
N ALA E 423 26.00 -29.17 11.55
CA ALA E 423 26.80 -30.40 11.67
C ALA E 423 27.27 -30.90 10.31
N GLU E 424 26.45 -30.72 9.28
CA GLU E 424 26.91 -31.02 7.92
C GLU E 424 28.01 -30.05 7.49
N HIS E 425 27.93 -28.79 7.92
CA HIS E 425 28.90 -27.81 7.49
C HIS E 425 30.26 -28.06 8.12
N GLU E 426 30.30 -28.54 9.37
CA GLU E 426 31.58 -28.79 10.01
C GLU E 426 32.12 -30.20 9.76
N ARG E 427 31.34 -31.08 9.13
CA ARG E 427 31.92 -32.34 8.68
C ARG E 427 32.91 -32.11 7.54
N ILE E 428 32.71 -31.05 6.76
CA ILE E 428 33.51 -30.76 5.58
C ILE E 428 34.43 -29.55 5.75
N ALA E 429 34.39 -28.87 6.89
CA ALA E 429 35.09 -27.60 7.03
C ALA E 429 35.31 -27.28 8.50
N GLY E 430 36.39 -26.55 8.78
CA GLY E 430 36.67 -26.03 10.11
C GLY E 430 37.62 -26.85 10.95
N GLY E 431 37.81 -28.15 10.64
CA GLY E 431 38.65 -29.00 11.47
C GLY E 431 40.13 -28.89 11.15
N VAL E 432 40.95 -29.54 11.98
CA VAL E 432 42.39 -29.53 11.76
C VAL E 432 42.76 -30.36 10.52
N ASP E 433 42.14 -31.55 10.37
CA ASP E 433 42.41 -32.39 9.19
C ASP E 433 42.18 -31.61 7.89
N SER E 434 41.08 -30.87 7.82
CA SER E 434 40.84 -30.02 6.65
C SER E 434 41.91 -28.93 6.54
N ALA E 435 42.30 -28.32 7.66
CA ALA E 435 43.36 -27.30 7.63
C ALA E 435 44.71 -27.90 7.23
N LEU E 436 44.98 -29.15 7.59
CA LEU E 436 46.20 -29.80 7.13
C LEU E 436 46.17 -30.02 5.61
N ASP E 437 45.02 -30.43 5.07
CA ASP E 437 44.91 -30.66 3.64
C ASP E 437 45.04 -29.36 2.86
N ILE E 438 44.42 -28.28 3.34
CA ILE E 438 44.59 -26.99 2.70
C ILE E 438 46.03 -26.55 2.77
N GLY E 439 46.69 -26.77 3.90
CA GLY E 439 48.05 -26.31 4.12
C GLY E 439 48.20 -25.10 5.02
N VAL E 440 47.16 -24.70 5.75
CA VAL E 440 47.30 -23.58 6.67
C VAL E 440 47.70 -24.05 8.06
N VAL E 441 47.64 -25.34 8.33
CA VAL E 441 48.22 -25.93 9.54
C VAL E 441 49.26 -26.94 9.09
N ASP E 442 50.45 -26.88 9.70
CA ASP E 442 51.53 -27.80 9.35
C ASP E 442 51.46 -29.14 10.08
N GLU E 443 51.05 -29.15 11.35
CA GLU E 443 51.05 -30.39 12.10
C GLU E 443 50.00 -30.34 13.19
N LYS E 444 49.23 -31.41 13.30
CA LYS E 444 48.40 -31.62 14.47
C LYS E 444 49.26 -32.31 15.54
N ILE E 445 49.31 -31.75 16.74
CA ILE E 445 50.17 -32.28 17.79
C ILE E 445 49.37 -32.73 19.00
N ASP E 446 49.91 -33.74 19.67
CA ASP E 446 49.50 -34.12 21.01
C ASP E 446 49.76 -32.98 21.97
N PRO E 447 48.75 -32.46 22.67
CA PRO E 447 48.98 -31.31 23.57
C PRO E 447 50.02 -31.57 24.66
N ALA E 448 50.25 -32.84 25.00
CA ALA E 448 51.29 -33.19 25.98
C ALA E 448 52.69 -32.96 25.44
N HIS E 449 52.86 -32.69 24.14
CA HIS E 449 54.16 -32.33 23.59
C HIS E 449 54.20 -30.88 23.09
N THR E 450 53.23 -30.06 23.49
CA THR E 450 53.19 -28.67 23.05
C THR E 450 54.55 -28.00 23.23
N ARG E 451 55.07 -28.02 24.45
CA ARG E 451 56.29 -27.29 24.76
C ARG E 451 57.44 -27.77 23.89
N SER E 452 57.57 -29.08 23.70
CA SER E 452 58.74 -29.54 22.97
C SER E 452 58.56 -29.44 21.46
N LYS E 453 57.32 -29.52 20.95
CA LYS E 453 57.08 -29.29 19.54
C LYS E 453 57.36 -27.84 19.15
N LEU E 454 56.89 -26.88 19.95
CA LEU E 454 57.18 -25.48 19.68
C LEU E 454 58.69 -25.24 19.67
N THR E 455 59.39 -25.81 20.65
CA THR E 455 60.84 -25.63 20.75
C THR E 455 61.54 -26.19 19.51
N GLU E 456 61.18 -27.40 19.11
CA GLU E 456 61.80 -27.97 17.91
C GLU E 456 61.65 -27.04 16.71
N ALA E 457 60.44 -26.49 16.49
CA ALA E 457 60.23 -25.64 15.31
C ALA E 457 61.05 -24.36 15.38
N LEU E 458 61.13 -23.72 16.56
CA LEU E 458 61.89 -22.48 16.65
C LEU E 458 63.38 -22.74 16.53
N ALA E 459 63.86 -23.85 17.11
CA ALA E 459 65.30 -24.11 17.14
C ALA E 459 65.83 -24.43 15.74
N GLN E 460 65.05 -25.09 14.91
CA GLN E 460 65.52 -25.53 13.61
C GLN E 460 65.20 -24.54 12.49
N ALA E 461 64.56 -23.44 12.80
CA ALA E 461 64.29 -22.42 11.81
C ALA E 461 65.55 -21.58 11.57
N PRO E 462 65.67 -20.94 10.41
CA PRO E 462 66.74 -19.96 10.22
C PRO E 462 66.57 -18.81 11.19
N ALA E 463 67.69 -18.34 11.76
CA ALA E 463 67.63 -17.19 12.65
C ALA E 463 66.95 -16.00 11.99
N ARG E 464 67.12 -15.84 10.68
CA ARG E 464 66.50 -14.75 9.94
C ARG E 464 65.86 -15.29 8.67
N ARG E 465 64.58 -14.92 8.48
CA ARG E 465 63.88 -14.75 7.21
C ARG E 465 62.70 -15.71 7.13
N GLY E 466 61.58 -15.18 6.64
CA GLY E 466 60.27 -15.79 6.72
C GLY E 466 59.27 -14.64 6.81
N LEU F 13 26.28 -1.17 -20.64
CA LEU F 13 27.21 -1.82 -19.71
C LEU F 13 27.00 -1.32 -18.27
N ASP F 14 26.97 -2.26 -17.33
CA ASP F 14 26.80 -1.92 -15.92
C ASP F 14 27.88 -0.92 -15.48
N PRO F 15 27.55 0.06 -14.63
CA PRO F 15 28.59 0.97 -14.11
C PRO F 15 29.71 0.25 -13.36
N ARG F 16 29.41 -0.92 -12.78
CA ARG F 16 30.36 -1.65 -11.96
C ARG F 16 31.28 -2.55 -12.77
N ASP F 17 31.11 -2.61 -14.08
CA ASP F 17 31.90 -3.54 -14.87
C ASP F 17 33.39 -3.24 -14.70
N PRO F 18 34.23 -4.24 -14.46
CA PRO F 18 35.63 -3.93 -14.11
C PRO F 18 36.44 -3.38 -15.27
N LEU F 19 36.25 -3.93 -16.49
CA LEU F 19 36.95 -3.37 -17.66
C LEU F 19 36.56 -1.91 -17.90
N LEU F 20 35.28 -1.58 -17.71
CA LEU F 20 34.88 -0.17 -17.80
C LEU F 20 35.61 0.68 -16.75
N ARG F 21 35.71 0.17 -15.52
CA ARG F 21 36.33 0.94 -14.44
C ARG F 21 37.83 1.10 -14.66
N LEU F 22 38.49 0.04 -15.13
CA LEU F 22 39.90 0.16 -15.48
C LEU F 22 40.11 1.16 -16.62
N SER F 23 39.24 1.12 -17.63
CA SER F 23 39.39 1.99 -18.79
C SER F 23 39.17 3.44 -18.43
N ASN F 24 38.24 3.71 -17.51
CA ASN F 24 38.05 5.07 -17.02
C ASN F 24 39.28 5.56 -16.26
N PHE F 25 39.96 4.66 -15.54
CA PHE F 25 41.11 5.08 -14.76
C PHE F 25 42.34 5.33 -15.63
N PHE F 26 42.66 4.41 -16.54
CA PHE F 26 43.87 4.43 -17.36
C PHE F 26 43.76 5.44 -18.51
N ASP F 27 44.93 5.75 -19.10
CA ASP F 27 44.97 6.52 -20.34
C ASP F 27 44.17 5.79 -21.43
N ASP F 28 43.33 6.53 -22.16
CA ASP F 28 42.54 5.93 -23.24
C ASP F 28 43.41 5.12 -24.18
N GLY F 29 42.96 3.90 -24.48
CA GLY F 29 43.69 3.02 -25.37
C GLY F 29 44.90 2.32 -24.78
N SER F 30 45.23 2.54 -23.50
CA SER F 30 46.45 1.97 -22.94
C SER F 30 46.24 0.61 -22.27
N VAL F 31 44.99 0.17 -22.06
CA VAL F 31 44.73 -1.01 -21.25
C VAL F 31 45.25 -2.27 -21.95
N GLU F 32 45.89 -3.14 -21.15
CA GLU F 32 46.32 -4.48 -21.58
C GLU F 32 46.08 -5.44 -20.41
N LEU F 33 45.16 -6.39 -20.59
CA LEU F 33 44.82 -7.29 -19.50
C LEU F 33 46.01 -8.18 -19.16
N LEU F 34 46.13 -8.53 -17.88
CA LEU F 34 47.21 -9.40 -17.45
C LEU F 34 46.79 -10.87 -17.44
N HIS F 35 45.50 -11.13 -17.63
CA HIS F 35 44.94 -12.47 -17.65
C HIS F 35 43.63 -12.39 -18.42
N GLU F 36 43.10 -13.55 -18.80
CA GLU F 36 41.79 -13.65 -19.44
C GLU F 36 40.68 -13.25 -18.47
N ARG F 37 39.72 -12.45 -18.95
CA ARG F 37 38.51 -12.18 -18.16
C ARG F 37 37.85 -13.49 -17.74
N ASP F 38 37.32 -13.51 -16.51
CA ASP F 38 36.71 -14.72 -15.96
C ASP F 38 35.66 -14.34 -14.93
N ARG F 39 35.21 -15.34 -14.17
CA ARG F 39 34.23 -15.17 -13.11
C ARG F 39 34.88 -15.07 -11.73
N SER F 40 36.18 -14.78 -11.68
CA SER F 40 36.93 -14.80 -10.43
C SER F 40 36.58 -13.65 -9.49
N GLY F 41 35.97 -12.58 -10.01
CA GLY F 41 35.72 -11.40 -9.22
C GLY F 41 36.81 -10.34 -9.26
N VAL F 42 37.89 -10.56 -10.01
CA VAL F 42 38.95 -9.57 -10.16
C VAL F 42 39.38 -9.51 -11.62
N LEU F 43 39.63 -8.29 -12.11
CA LEU F 43 40.30 -8.10 -13.39
C LEU F 43 41.52 -7.21 -13.17
N ALA F 44 42.65 -7.63 -13.68
CA ALA F 44 43.90 -6.89 -13.50
C ALA F 44 44.50 -6.57 -14.87
N ALA F 45 45.12 -5.40 -14.99
CA ALA F 45 45.65 -4.92 -16.27
C ALA F 45 46.87 -4.02 -16.05
N ALA F 46 47.68 -3.94 -17.10
CA ALA F 46 48.69 -2.90 -17.27
C ALA F 46 48.13 -1.75 -18.10
N GLY F 47 48.68 -0.56 -17.88
CA GLY F 47 48.23 0.63 -18.59
C GLY F 47 49.23 1.76 -18.35
N THR F 48 48.82 2.97 -18.74
CA THR F 48 49.62 4.15 -18.44
C THR F 48 48.72 5.21 -17.81
N VAL F 49 49.34 6.03 -16.96
CA VAL F 49 48.70 7.20 -16.36
C VAL F 49 49.61 8.37 -16.70
N ASN F 50 49.15 9.23 -17.61
CA ASN F 50 49.96 10.33 -18.15
C ASN F 50 51.36 9.83 -18.54
N GLY F 51 51.37 8.68 -19.20
CA GLY F 51 52.59 8.10 -19.71
C GLY F 51 53.27 7.12 -18.79
N VAL F 52 53.01 7.19 -17.49
CA VAL F 52 53.70 6.35 -16.52
C VAL F 52 53.11 4.94 -16.57
N ARG F 53 53.97 3.94 -16.77
CA ARG F 53 53.47 2.56 -16.77
C ARG F 53 52.99 2.16 -15.38
N THR F 54 51.75 1.68 -15.31
CA THR F 54 51.03 1.49 -14.07
C THR F 54 50.33 0.13 -14.11
N ILE F 55 50.30 -0.56 -12.98
CA ILE F 55 49.51 -1.78 -12.85
C ILE F 55 48.24 -1.45 -12.09
N ALA F 56 47.12 -2.04 -12.50
CA ALA F 56 45.89 -1.83 -11.73
C ALA F 56 45.08 -3.12 -11.69
N PHE F 57 44.23 -3.22 -10.67
CA PHE F 57 43.29 -4.33 -10.55
C PHE F 57 41.97 -3.76 -10.04
N CYS F 58 40.87 -4.42 -10.41
CA CYS F 58 39.53 -3.99 -10.05
C CYS F 58 38.72 -5.20 -9.58
N THR F 59 38.15 -5.12 -8.38
CA THR F 59 37.19 -6.13 -7.98
C THR F 59 35.93 -5.98 -8.81
N ASP F 60 35.29 -7.11 -9.09
CA ASP F 60 34.13 -7.15 -9.97
C ASP F 60 32.87 -7.13 -9.11
N GLY F 61 32.33 -5.93 -8.90
CA GLY F 61 31.11 -5.79 -8.12
C GLY F 61 29.90 -6.50 -8.72
N THR F 62 29.97 -6.95 -9.98
CA THR F 62 28.84 -7.65 -10.57
C THR F 62 28.83 -9.14 -10.22
N VAL F 63 29.95 -9.68 -9.72
CA VAL F 63 30.04 -11.09 -9.37
C VAL F 63 30.10 -11.23 -7.84
N MET F 64 29.02 -11.71 -7.24
CA MET F 64 28.94 -11.94 -5.79
C MET F 64 29.25 -10.67 -4.99
N GLY F 65 28.83 -9.52 -5.52
CA GLY F 65 29.11 -8.26 -4.86
C GLY F 65 30.59 -7.92 -4.77
N GLY F 66 31.44 -8.60 -5.56
CA GLY F 66 32.86 -8.36 -5.50
C GLY F 66 33.57 -9.18 -4.45
N ALA F 67 32.89 -10.15 -3.83
CA ALA F 67 33.49 -10.96 -2.79
C ALA F 67 34.77 -11.62 -3.29
N MET F 68 35.78 -11.67 -2.43
CA MET F 68 37.12 -12.11 -2.80
C MET F 68 37.26 -13.61 -2.62
N GLY F 69 37.68 -14.28 -3.69
CA GLY F 69 37.93 -15.71 -3.66
C GLY F 69 39.35 -16.05 -4.07
N VAL F 70 39.62 -17.35 -4.13
CA VAL F 70 40.98 -17.83 -4.34
C VAL F 70 41.52 -17.33 -5.67
N GLU F 71 40.74 -17.47 -6.75
CA GLU F 71 41.25 -17.12 -8.06
C GLU F 71 41.36 -15.61 -8.23
N GLY F 72 40.44 -14.85 -7.65
CA GLY F 72 40.55 -13.40 -7.69
C GLY F 72 41.77 -12.91 -6.94
N CYS F 73 41.97 -13.42 -5.72
CA CYS F 73 43.15 -13.07 -4.93
C CYS F 73 44.44 -13.42 -5.67
N THR F 74 44.45 -14.55 -6.37
CA THR F 74 45.62 -14.90 -7.16
C THR F 74 45.88 -13.88 -8.27
N HIS F 75 44.83 -13.38 -8.91
CA HIS F 75 45.02 -12.33 -9.89
C HIS F 75 45.65 -11.09 -9.25
N ILE F 76 45.18 -10.72 -8.05
CA ILE F 76 45.74 -9.56 -7.37
C ILE F 76 47.21 -9.80 -7.03
N VAL F 77 47.53 -10.99 -6.51
CA VAL F 77 48.90 -11.27 -6.12
C VAL F 77 49.81 -11.25 -7.34
N ASN F 78 49.34 -11.82 -8.45
CA ASN F 78 50.13 -11.82 -9.67
C ASN F 78 50.40 -10.41 -10.16
N ALA F 79 49.38 -9.55 -10.09
CA ALA F 79 49.55 -8.14 -10.47
C ALA F 79 50.55 -7.43 -9.57
N TYR F 80 50.50 -7.71 -8.24
CA TYR F 80 51.53 -7.19 -7.35
C TYR F 80 52.91 -7.70 -7.76
N ASP F 81 53.05 -8.98 -8.10
CA ASP F 81 54.37 -9.49 -8.48
C ASP F 81 54.86 -8.83 -9.76
N THR F 82 53.94 -8.60 -10.71
CA THR F 82 54.30 -7.91 -11.95
C THR F 82 54.78 -6.50 -11.65
N ALA F 83 54.04 -5.78 -10.80
CA ALA F 83 54.39 -4.39 -10.51
C ALA F 83 55.70 -4.30 -9.74
N ILE F 84 55.93 -5.21 -8.79
CA ILE F 84 57.19 -5.21 -8.05
C ILE F 84 58.36 -5.47 -8.99
N GLU F 85 58.19 -6.41 -9.93
CA GLU F 85 59.26 -6.75 -10.86
C GLU F 85 59.65 -5.57 -11.73
N ASP F 86 58.69 -4.80 -12.21
CA ASP F 86 58.93 -3.64 -13.06
C ASP F 86 59.07 -2.33 -12.29
N GLN F 87 58.95 -2.37 -10.97
CA GLN F 87 58.90 -1.16 -10.13
C GLN F 87 57.90 -0.14 -10.67
N SER F 88 56.66 -0.58 -10.88
CA SER F 88 55.53 0.23 -11.30
C SER F 88 54.61 0.51 -10.13
N PRO F 89 54.00 1.69 -10.10
CA PRO F 89 52.89 1.92 -9.17
C PRO F 89 51.77 0.91 -9.41
N ILE F 90 51.03 0.59 -8.35
CA ILE F 90 49.93 -0.35 -8.46
C ILE F 90 48.69 0.26 -7.80
N VAL F 91 47.59 0.27 -8.54
CA VAL F 91 46.34 0.90 -8.15
C VAL F 91 45.29 -0.20 -8.00
N GLY F 92 44.59 -0.22 -6.88
CA GLY F 92 43.47 -1.12 -6.67
C GLY F 92 42.17 -0.33 -6.69
N ILE F 93 41.21 -0.83 -7.46
CA ILE F 93 39.85 -0.27 -7.49
C ILE F 93 38.94 -1.24 -6.76
N TRP F 94 38.30 -0.78 -5.70
CA TRP F 94 37.76 -1.67 -4.69
C TRP F 94 36.25 -1.54 -4.60
N HIS F 95 35.57 -2.69 -4.72
CA HIS F 95 34.12 -2.77 -4.58
C HIS F 95 33.84 -4.23 -4.19
N SER F 96 33.65 -4.48 -2.89
CA SER F 96 33.70 -5.87 -2.45
C SER F 96 33.24 -6.02 -1.00
N GLY F 97 32.40 -7.01 -0.75
CA GLY F 97 31.91 -7.29 0.58
C GLY F 97 32.86 -8.08 1.46
N GLY F 98 34.02 -8.49 0.93
CA GLY F 98 34.99 -9.24 1.70
C GLY F 98 35.25 -10.61 1.12
N ALA F 99 35.80 -11.52 1.92
CA ALA F 99 36.11 -12.87 1.47
C ALA F 99 34.82 -13.63 1.13
N ARG F 100 34.92 -14.54 0.16
CA ARG F 100 33.79 -15.40 -0.19
C ARG F 100 33.57 -16.43 0.91
N LEU F 101 32.48 -16.28 1.67
CA LEU F 101 32.19 -17.19 2.78
C LEU F 101 32.21 -18.64 2.33
N ALA F 102 31.59 -18.93 1.18
CA ALA F 102 31.44 -20.31 0.74
C ALA F 102 32.77 -20.97 0.38
N GLU F 103 33.78 -20.20 -0.03
CA GLU F 103 35.04 -20.85 -0.32
C GLU F 103 35.81 -21.23 0.94
N GLY F 104 35.36 -20.75 2.10
CA GLY F 104 35.92 -21.22 3.34
C GLY F 104 37.32 -20.69 3.61
N VAL F 105 38.13 -21.53 4.26
CA VAL F 105 39.45 -21.11 4.73
C VAL F 105 40.38 -20.85 3.56
N ARG F 106 40.25 -21.60 2.47
CA ARG F 106 41.03 -21.34 1.26
C ARG F 106 40.96 -19.86 0.84
N ALA F 107 39.76 -19.27 0.89
CA ALA F 107 39.63 -17.87 0.48
C ALA F 107 40.23 -16.95 1.53
N LEU F 108 40.06 -17.29 2.80
CA LEU F 108 40.72 -16.58 3.88
C LEU F 108 42.23 -16.56 3.67
N HIS F 109 42.81 -17.73 3.39
CA HIS F 109 44.24 -17.83 3.11
C HIS F 109 44.64 -16.93 1.94
N ALA F 110 43.85 -16.96 0.85
CA ALA F 110 44.22 -16.22 -0.35
C ALA F 110 44.14 -14.73 -0.11
N VAL F 111 43.15 -14.28 0.68
CA VAL F 111 43.08 -12.89 1.11
C VAL F 111 44.34 -12.51 1.89
N GLY F 112 44.77 -13.37 2.80
CA GLY F 112 46.02 -13.12 3.50
C GLY F 112 47.22 -13.01 2.55
N GLN F 113 47.24 -13.83 1.49
CA GLN F 113 48.32 -13.70 0.51
C GLN F 113 48.26 -12.36 -0.24
N VAL F 114 47.08 -11.76 -0.37
CA VAL F 114 47.00 -10.39 -0.88
C VAL F 114 47.66 -9.43 0.11
N PHE F 115 47.31 -9.54 1.39
CA PHE F 115 47.96 -8.74 2.42
C PHE F 115 49.48 -8.87 2.36
N GLU F 116 49.96 -10.11 2.17
CA GLU F 116 51.41 -10.35 2.21
C GLU F 116 52.11 -9.68 1.03
N ALA F 117 51.46 -9.67 -0.15
CA ALA F 117 51.99 -8.97 -1.32
C ALA F 117 52.03 -7.46 -1.13
N MET F 118 50.98 -6.89 -0.52
CA MET F 118 50.96 -5.47 -0.23
C MET F 118 52.07 -5.10 0.72
N ILE F 119 52.33 -5.99 1.69
CA ILE F 119 53.40 -5.75 2.66
C ILE F 119 54.75 -5.86 1.98
N ARG F 120 54.93 -6.86 1.11
CA ARG F 120 56.17 -6.94 0.34
C ARG F 120 56.36 -5.68 -0.50
N ALA F 121 55.27 -5.10 -0.99
CA ALA F 121 55.41 -3.92 -1.83
C ALA F 121 55.62 -2.66 -1.02
N SER F 122 55.39 -2.69 0.29
CA SER F 122 55.30 -1.46 1.06
C SER F 122 56.62 -0.69 1.04
N GLY F 123 56.57 0.60 0.72
CA GLY F 123 57.77 1.42 0.61
C GLY F 123 58.63 1.14 -0.60
N TYR F 124 58.27 0.20 -1.46
CA TYR F 124 59.04 -0.14 -2.63
C TYR F 124 58.41 0.37 -3.92
N ILE F 125 57.11 0.14 -4.11
CA ILE F 125 56.34 0.79 -5.17
C ILE F 125 55.17 1.52 -4.54
N PRO F 126 54.77 2.67 -5.07
CA PRO F 126 53.57 3.34 -4.56
C PRO F 126 52.33 2.48 -4.73
N GLN F 127 51.44 2.53 -3.74
CA GLN F 127 50.20 1.75 -3.76
C GLN F 127 49.03 2.68 -3.49
N ILE F 128 48.13 2.79 -4.45
CA ILE F 128 47.00 3.69 -4.36
C ILE F 128 45.72 2.88 -4.39
N SER F 129 44.78 3.23 -3.51
CA SER F 129 43.50 2.55 -3.42
C SER F 129 42.41 3.54 -3.82
N VAL F 130 41.54 3.12 -4.74
CA VAL F 130 40.34 3.87 -5.08
C VAL F 130 39.14 3.02 -4.71
N VAL F 131 38.42 3.43 -3.67
CA VAL F 131 37.29 2.69 -3.12
C VAL F 131 36.01 3.29 -3.71
N VAL F 132 35.44 2.62 -4.70
CA VAL F 132 34.30 3.16 -5.44
C VAL F 132 32.97 2.49 -5.08
N GLY F 133 32.99 1.39 -4.32
CA GLY F 133 31.78 0.80 -3.81
C GLY F 133 32.02 0.32 -2.39
N PHE F 134 30.96 -0.22 -1.80
CA PHE F 134 31.01 -0.81 -0.48
C PHE F 134 32.24 -1.73 -0.36
N ALA F 135 32.99 -1.56 0.72
CA ALA F 135 34.21 -2.31 0.94
C ALA F 135 34.23 -2.74 2.41
N ALA F 136 34.26 -4.04 2.65
CA ALA F 136 34.13 -4.56 4.00
C ALA F 136 35.02 -5.78 4.18
N GLY F 137 35.22 -6.15 5.44
CA GLY F 137 35.99 -7.35 5.75
C GLY F 137 37.41 -7.22 5.21
N GLY F 138 37.87 -8.27 4.52
CA GLY F 138 39.18 -8.23 3.90
C GLY F 138 39.34 -7.10 2.91
N ALA F 139 38.24 -6.63 2.33
CA ALA F 139 38.29 -5.51 1.39
C ALA F 139 38.37 -4.16 2.10
N ALA F 140 38.17 -4.11 3.41
CA ALA F 140 38.53 -2.89 4.11
C ALA F 140 40.01 -2.86 4.47
N TYR F 141 40.60 -4.03 4.73
CA TYR F 141 41.98 -4.08 5.21
C TYR F 141 42.97 -3.94 4.06
N GLY F 142 42.65 -4.48 2.89
CA GLY F 142 43.46 -4.29 1.70
C GLY F 142 43.83 -2.83 1.50
N PRO F 143 42.84 -1.96 1.31
CA PRO F 143 43.16 -0.52 1.18
C PRO F 143 43.92 0.02 2.38
N ALA F 144 43.62 -0.43 3.59
CA ALA F 144 44.30 0.07 4.78
C ALA F 144 45.79 -0.26 4.78
N LEU F 145 46.23 -1.23 3.98
CA LEU F 145 47.64 -1.53 3.82
C LEU F 145 48.33 -0.68 2.74
N THR F 146 47.60 0.11 1.97
CA THR F 146 48.25 0.84 0.89
C THR F 146 48.64 2.23 1.38
N ASP F 147 49.27 2.99 0.50
CA ASP F 147 49.80 4.28 0.91
C ASP F 147 48.73 5.38 0.93
N VAL F 148 47.86 5.43 -0.07
CA VAL F 148 46.85 6.49 -0.13
C VAL F 148 45.51 5.87 -0.55
N VAL F 149 44.47 6.20 0.20
CA VAL F 149 43.14 5.70 -0.04
C VAL F 149 42.25 6.85 -0.50
N VAL F 150 41.68 6.73 -1.69
CA VAL F 150 40.70 7.67 -2.21
C VAL F 150 39.33 7.04 -2.12
N MET F 151 38.36 7.77 -1.58
CA MET F 151 37.00 7.27 -1.44
C MET F 151 36.02 8.09 -2.27
N ALA F 152 35.32 7.41 -3.18
CA ALA F 152 34.12 8.01 -3.77
C ALA F 152 32.96 7.96 -2.77
N PRO F 153 32.19 9.04 -2.64
CA PRO F 153 31.05 9.04 -1.71
C PRO F 153 30.10 7.87 -1.89
N GLU F 154 29.97 7.34 -3.11
CA GLU F 154 29.10 6.18 -3.37
C GLU F 154 29.47 4.98 -2.51
N SER F 155 30.73 4.86 -2.12
CA SER F 155 31.17 3.74 -1.29
C SER F 155 30.81 3.99 0.17
N LYS F 186 31.50 4.39 11.83
CA LYS F 186 32.69 5.25 11.86
C LYS F 186 33.96 4.48 11.47
N LYS F 187 34.74 5.08 10.56
CA LYS F 187 36.02 4.54 10.10
C LYS F 187 37.09 5.63 10.11
N SER F 188 37.14 6.41 11.20
CA SER F 188 37.94 7.63 11.22
C SER F 188 39.41 7.34 10.93
N GLY F 189 40.02 8.22 10.12
CA GLY F 189 41.43 8.15 9.82
C GLY F 189 41.80 7.26 8.65
N VAL F 190 40.94 6.32 8.24
CA VAL F 190 41.34 5.32 7.26
C VAL F 190 41.42 5.94 5.88
N CYS F 191 40.49 6.82 5.56
CA CYS F 191 40.36 7.38 4.24
C CYS F 191 41.22 8.65 4.15
N HIS F 192 42.07 8.72 3.14
CA HIS F 192 42.91 9.90 2.97
C HIS F 192 42.23 11.00 2.19
N ILE F 193 41.52 10.67 1.12
CA ILE F 193 40.93 11.66 0.24
C ILE F 193 39.50 11.26 -0.10
N VAL F 194 38.57 12.18 0.08
CA VAL F 194 37.19 12.01 -0.36
C VAL F 194 37.02 12.72 -1.70
N ALA F 195 36.74 11.95 -2.75
CA ALA F 195 36.44 12.51 -4.06
C ALA F 195 34.97 12.98 -4.11
N ASP F 196 34.57 13.54 -5.24
CA ASP F 196 33.22 14.03 -5.43
C ASP F 196 32.29 12.94 -5.95
N ASP F 197 32.83 12.02 -6.75
CA ASP F 197 32.09 10.93 -7.35
C ASP F 197 33.12 9.96 -7.90
N GLU F 198 32.66 8.96 -8.65
CA GLU F 198 33.54 7.88 -9.07
C GLU F 198 34.60 8.40 -10.04
N LEU F 199 34.19 9.15 -11.05
CA LEU F 199 35.16 9.62 -12.03
C LEU F 199 36.14 10.62 -11.44
N ASP F 200 35.68 11.45 -10.49
CA ASP F 200 36.61 12.32 -9.77
C ASP F 200 37.60 11.50 -8.95
N ALA F 201 37.16 10.38 -8.39
CA ALA F 201 38.07 9.50 -7.66
C ALA F 201 39.20 9.02 -8.54
N TYR F 202 38.88 8.59 -9.77
CA TYR F 202 39.96 8.17 -10.68
C TYR F 202 40.87 9.34 -11.04
N ASP F 203 40.31 10.54 -11.13
CA ASP F 203 41.13 11.72 -11.42
C ASP F 203 42.14 11.96 -10.30
N ARG F 204 41.69 11.92 -9.04
CA ARG F 204 42.60 12.10 -7.92
C ARG F 204 43.61 10.97 -7.83
N GLY F 205 43.17 9.73 -8.06
CA GLY F 205 44.11 8.62 -8.12
C GLY F 205 45.15 8.80 -9.21
N ARG F 206 44.75 9.30 -10.38
CA ARG F 206 45.71 9.54 -11.44
C ARG F 206 46.72 10.60 -11.02
N ARG F 207 46.25 11.65 -10.35
CA ARG F 207 47.15 12.70 -9.92
C ARG F 207 48.13 12.19 -8.87
N LEU F 208 47.70 11.24 -8.03
CA LEU F 208 48.61 10.68 -7.04
C LEU F 208 49.73 9.89 -7.71
N VAL F 209 49.41 9.16 -8.79
CA VAL F 209 50.47 8.48 -9.52
C VAL F 209 51.54 9.48 -9.98
N GLY F 210 51.09 10.62 -10.51
CA GLY F 210 52.02 11.65 -10.90
C GLY F 210 52.84 12.17 -9.73
N LEU F 211 52.17 12.42 -8.60
CA LEU F 211 52.89 12.93 -7.44
C LEU F 211 53.97 11.96 -6.99
N PHE F 212 53.70 10.65 -7.07
CA PHE F 212 54.67 9.66 -6.61
C PHE F 212 55.68 9.25 -7.67
N CYS F 213 55.33 9.27 -8.96
CA CYS F 213 56.20 8.72 -9.98
C CYS F 213 56.75 9.75 -10.95
N GLN F 214 56.23 10.97 -10.96
CA GLN F 214 56.83 12.08 -11.69
C GLN F 214 57.11 13.19 -10.68
N GLN F 215 58.06 12.95 -9.78
CA GLN F 215 58.29 13.90 -8.69
C GLN F 215 58.93 15.20 -9.18
N GLY F 216 59.74 15.15 -10.23
CA GLY F 216 60.38 16.33 -10.77
C GLY F 216 61.58 16.79 -9.94
N HIS F 217 62.14 17.92 -10.37
CA HIS F 217 63.19 18.64 -9.67
C HIS F 217 62.63 19.97 -9.17
N PHE F 218 63.21 20.46 -8.09
CA PHE F 218 63.00 21.86 -7.72
C PHE F 218 63.54 22.77 -8.82
N ASP F 219 62.89 23.92 -9.00
CA ASP F 219 63.25 24.89 -10.03
C ASP F 219 63.26 26.27 -9.38
N ARG F 220 64.46 26.74 -9.01
CA ARG F 220 64.61 28.00 -8.28
C ARG F 220 63.92 29.17 -9.00
N SER F 221 63.94 29.19 -10.34
CA SER F 221 63.35 30.31 -11.04
C SER F 221 61.83 30.31 -10.89
N LYS F 222 61.20 29.13 -11.02
CA LYS F 222 59.76 29.04 -10.76
C LYS F 222 59.42 29.38 -9.31
N ALA F 223 60.28 29.04 -8.36
CA ALA F 223 60.06 29.41 -6.96
C ALA F 223 59.96 30.92 -6.80
N GLU F 224 60.95 31.64 -7.34
CA GLU F 224 60.94 33.10 -7.25
C GLU F 224 59.74 33.69 -7.98
N ALA F 225 59.41 33.17 -9.17
CA ALA F 225 58.29 33.73 -9.90
C ALA F 225 56.99 33.63 -9.11
N GLY F 226 56.89 32.65 -8.19
CA GLY F 226 55.70 32.48 -7.38
C GLY F 226 55.68 33.17 -6.03
N ASP F 227 56.81 33.76 -5.61
CA ASP F 227 56.87 34.49 -4.35
C ASP F 227 55.75 35.51 -4.23
N THR F 228 55.14 35.53 -3.04
CA THR F 228 54.23 36.58 -2.60
C THR F 228 54.54 36.87 -1.14
N ASP F 229 53.86 37.87 -0.57
CA ASP F 229 53.95 38.19 0.84
C ASP F 229 52.96 37.32 1.60
N ILE F 230 53.43 36.16 2.05
CA ILE F 230 52.55 35.19 2.68
C ILE F 230 52.12 35.68 4.06
N HIS F 231 52.99 36.44 4.75
CA HIS F 231 52.66 37.02 6.05
C HIS F 231 51.37 37.81 6.02
N ALA F 232 51.03 38.39 4.87
CA ALA F 232 49.82 39.19 4.74
C ALA F 232 48.55 38.38 4.95
N LEU F 233 48.62 37.06 4.99
CA LEU F 233 47.46 36.23 5.25
C LEU F 233 47.21 36.00 6.73
N LEU F 234 48.20 36.30 7.58
CA LEU F 234 47.99 36.20 9.02
C LEU F 234 47.03 37.28 9.50
N PRO F 235 46.24 37.01 10.53
CA PRO F 235 45.44 38.07 11.15
C PRO F 235 46.34 39.13 11.77
N GLU F 236 45.77 40.32 11.98
CA GLU F 236 46.63 41.40 12.48
C GLU F 236 47.00 41.18 13.94
N SER F 237 46.11 40.65 14.73
CA SER F 237 46.41 40.28 16.11
C SER F 237 47.05 38.90 16.14
N SER F 238 48.22 38.82 16.78
CA SER F 238 48.90 37.55 16.97
C SER F 238 48.15 36.62 17.91
N ARG F 239 47.01 37.05 18.45
CA ARG F 239 46.22 36.27 19.39
C ARG F 239 44.98 35.64 18.76
N ARG F 240 44.70 35.90 17.49
CA ARG F 240 43.52 35.37 16.81
C ARG F 240 43.87 34.08 16.06
N ALA F 241 42.91 33.17 16.04
CA ALA F 241 43.04 31.93 15.27
C ALA F 241 42.71 32.18 13.80
N TYR F 242 43.30 31.33 12.94
CA TYR F 242 43.10 31.45 11.51
C TYR F 242 43.28 30.07 10.89
N ASP F 243 42.63 29.86 9.74
CA ASP F 243 42.87 28.68 8.93
C ASP F 243 44.26 28.77 8.29
N VAL F 244 45.10 27.76 8.52
CA VAL F 244 46.45 27.77 7.95
C VAL F 244 46.47 27.40 6.46
N ARG F 245 45.38 26.87 5.91
CA ARG F 245 45.47 26.35 4.55
C ARG F 245 45.72 27.41 3.46
N PRO F 246 45.22 28.63 3.56
CA PRO F 246 45.65 29.66 2.58
C PRO F 246 47.15 29.88 2.58
N ILE F 247 47.80 29.83 3.77
CA ILE F 247 49.26 29.91 3.86
C ILE F 247 49.89 28.79 3.06
N VAL F 248 49.42 27.55 3.26
CA VAL F 248 49.99 26.39 2.60
C VAL F 248 49.85 26.52 1.09
N THR F 249 48.66 26.89 0.63
CA THR F 249 48.47 27.05 -0.80
C THR F 249 49.23 28.25 -1.37
N ALA F 250 49.53 29.26 -0.56
CA ALA F 250 50.37 30.35 -1.06
C ALA F 250 51.82 29.91 -1.24
N ILE F 251 52.28 28.99 -0.40
CA ILE F 251 53.62 28.42 -0.56
C ILE F 251 53.68 27.53 -1.80
N LEU F 252 52.65 26.72 -2.00
CA LEU F 252 52.67 25.76 -3.09
C LEU F 252 52.36 26.45 -4.41
N ASP F 253 52.65 25.74 -5.51
CA ASP F 253 52.45 26.27 -6.85
C ASP F 253 51.00 26.67 -7.08
N ALA F 254 50.81 27.87 -7.62
CA ALA F 254 49.49 28.43 -7.81
C ALA F 254 48.61 27.56 -8.70
N ASP F 255 49.21 26.85 -9.65
CA ASP F 255 48.44 26.09 -10.63
C ASP F 255 48.23 24.62 -10.24
N THR F 256 48.66 24.21 -9.06
CA THR F 256 48.60 22.81 -8.71
C THR F 256 47.64 22.60 -7.54
N PRO F 257 46.85 21.54 -7.54
CA PRO F 257 46.00 21.26 -6.38
C PRO F 257 46.85 20.88 -5.17
N PHE F 258 46.36 21.24 -3.98
CA PHE F 258 46.88 20.73 -2.72
C PHE F 258 46.07 19.50 -2.33
N ASP F 259 46.68 18.32 -2.40
CA ASP F 259 45.94 17.10 -2.08
C ASP F 259 46.03 16.82 -0.59
N GLU F 260 45.11 17.42 0.14
CA GLU F 260 45.09 17.29 1.60
C GLU F 260 44.66 15.87 1.96
N PHE F 261 45.38 15.27 2.91
CA PHE F 261 45.02 13.95 3.44
C PHE F 261 44.22 14.14 4.72
N GLN F 262 43.14 13.36 4.87
CA GLN F 262 42.47 13.18 6.16
C GLN F 262 42.04 14.51 6.74
N ALA F 263 41.43 15.35 5.91
CA ALA F 263 41.10 16.71 6.32
C ALA F 263 40.21 16.74 7.56
N ASN F 264 39.25 15.81 7.67
CA ASN F 264 38.31 15.80 8.79
C ASN F 264 38.78 15.00 10.00
N TRP F 265 39.99 14.44 9.98
CA TRP F 265 40.50 13.68 11.10
C TRP F 265 41.70 14.43 11.68
N ALA F 266 41.69 14.62 13.00
CA ALA F 266 42.71 15.38 13.71
C ALA F 266 42.88 16.76 13.06
N PRO F 267 41.85 17.61 13.12
CA PRO F 267 41.88 18.85 12.32
C PRO F 267 42.83 19.92 12.84
N SER F 268 43.50 19.74 13.98
CA SER F 268 44.51 20.71 14.38
C SER F 268 45.82 20.54 13.60
N MET F 269 45.90 19.56 12.72
CA MET F 269 47.07 19.28 11.90
C MET F 269 46.60 19.18 10.46
N VAL F 270 47.31 19.86 9.56
CA VAL F 270 47.05 19.77 8.13
C VAL F 270 48.24 19.08 7.50
N VAL F 271 47.98 18.02 6.71
CA VAL F 271 49.03 17.37 5.93
C VAL F 271 48.52 17.10 4.53
N GLY F 272 49.44 17.01 3.58
CA GLY F 272 49.07 16.66 2.23
C GLY F 272 50.22 16.82 1.27
N LEU F 273 49.94 16.43 0.03
CA LEU F 273 50.91 16.47 -1.04
C LEU F 273 50.58 17.61 -2.00
N GLY F 274 51.63 18.27 -2.48
CA GLY F 274 51.49 19.29 -3.48
C GLY F 274 52.78 19.42 -4.25
N ARG F 275 52.92 20.51 -4.99
CA ARG F 275 54.18 20.77 -5.69
C ARG F 275 54.70 22.15 -5.33
N LEU F 276 56.01 22.23 -5.16
CA LEU F 276 56.74 23.45 -4.85
C LEU F 276 57.75 23.60 -5.98
N SER F 277 57.55 24.63 -6.80
CA SER F 277 58.35 24.89 -8.00
C SER F 277 58.43 23.65 -8.91
N GLY F 278 57.32 22.92 -9.02
CA GLY F 278 57.20 21.77 -9.87
C GLY F 278 57.52 20.44 -9.21
N ARG F 279 58.09 20.45 -8.01
CA ARG F 279 58.56 19.23 -7.37
C ARG F 279 57.56 18.75 -6.32
N THR F 280 57.25 17.46 -6.32
CA THR F 280 56.41 16.87 -5.28
C THR F 280 57.01 17.13 -3.92
N VAL F 281 56.25 17.78 -3.03
CA VAL F 281 56.63 17.98 -1.64
C VAL F 281 55.48 17.58 -0.74
N GLY F 282 55.81 17.26 0.51
CA GLY F 282 54.81 17.01 1.53
C GLY F 282 54.76 18.20 2.49
N VAL F 283 53.56 18.56 2.90
CA VAL F 283 53.36 19.69 3.79
C VAL F 283 52.74 19.19 5.09
N LEU F 284 53.33 19.60 6.22
CA LEU F 284 52.71 19.48 7.55
C LEU F 284 52.61 20.87 8.17
N ALA F 285 51.42 21.21 8.69
CA ALA F 285 51.19 22.54 9.25
C ALA F 285 50.18 22.47 10.40
N ASN F 286 50.57 23.00 11.57
CA ASN F 286 49.58 23.22 12.61
C ASN F 286 48.47 24.13 12.08
N ASN F 287 47.24 23.82 12.46
CA ASN F 287 46.13 24.69 12.07
C ASN F 287 45.57 25.39 13.30
N PRO F 288 45.95 26.65 13.56
CA PRO F 288 45.45 27.35 14.77
C PRO F 288 43.94 27.47 14.83
N LEU F 289 43.24 27.22 13.72
CA LEU F 289 41.80 27.29 13.68
C LEU F 289 41.13 26.21 14.55
N ARG F 290 41.82 25.12 14.87
CA ARG F 290 41.23 24.02 15.63
C ARG F 290 42.12 23.69 16.81
N LEU F 291 41.50 23.54 17.98
CA LEU F 291 42.20 23.19 19.21
C LEU F 291 43.39 24.11 19.47
N GLY F 292 43.29 25.37 19.02
CA GLY F 292 44.39 26.30 19.14
C GLY F 292 45.62 25.89 18.36
N GLY F 293 45.49 24.98 17.40
CA GLY F 293 46.62 24.43 16.69
C GLY F 293 47.51 23.52 17.50
N CYS F 294 47.06 23.07 18.67
CA CYS F 294 47.88 22.22 19.53
C CYS F 294 48.06 20.82 18.94
N LEU F 295 49.20 20.22 19.24
CA LEU F 295 49.36 18.79 19.06
C LEU F 295 48.50 18.04 20.07
N ASN F 296 47.91 16.95 19.63
CA ASN F 296 47.30 15.98 20.55
C ASN F 296 47.59 14.62 19.97
N SER F 297 46.93 13.61 20.56
CA SER F 297 47.22 12.22 20.21
C SER F 297 46.90 11.93 18.75
N GLU F 298 45.74 12.39 18.29
CA GLU F 298 45.33 12.17 16.90
C GLU F 298 46.23 12.92 15.92
N SER F 299 46.56 14.17 16.24
CA SER F 299 47.34 14.96 15.29
C SER F 299 48.79 14.47 15.23
N ALA F 300 49.35 14.06 16.37
CA ALA F 300 50.69 13.48 16.35
C ALA F 300 50.72 12.23 15.47
N GLU F 301 49.67 11.40 15.53
CA GLU F 301 49.64 10.18 14.73
C GLU F 301 49.51 10.49 13.24
N LYS F 302 48.62 11.42 12.89
CA LYS F 302 48.48 11.85 11.51
C LYS F 302 49.80 12.37 10.96
N ALA F 303 50.48 13.23 11.72
CA ALA F 303 51.75 13.76 11.27
C ALA F 303 52.80 12.65 11.12
N ALA F 304 52.94 11.78 12.13
CA ALA F 304 53.96 10.73 12.05
C ALA F 304 53.75 9.82 10.84
N ARG F 305 52.51 9.39 10.60
CA ARG F 305 52.23 8.52 9.46
C ARG F 305 52.61 9.19 8.14
N PHE F 306 52.28 10.48 8.01
CA PHE F 306 52.59 11.21 6.78
C PHE F 306 54.08 11.38 6.59
N VAL F 307 54.81 11.75 7.65
CA VAL F 307 56.26 11.81 7.59
C VAL F 307 56.83 10.48 7.09
N ARG F 308 56.36 9.36 7.66
CA ARG F 308 56.89 8.06 7.26
CA ARG F 308 56.89 8.06 7.26
C ARG F 308 56.59 7.76 5.80
N LEU F 309 55.42 8.17 5.32
CA LEU F 309 55.08 7.93 3.92
C LEU F 309 56.02 8.72 2.99
N CYS F 310 56.19 10.01 3.28
CA CYS F 310 57.04 10.84 2.41
C CYS F 310 58.49 10.38 2.44
N ASP F 311 59.01 10.06 3.64
CA ASP F 311 60.37 9.58 3.77
C ASP F 311 60.58 8.29 2.97
N ALA F 312 59.56 7.43 2.92
CA ALA F 312 59.70 6.18 2.19
C ALA F 312 59.89 6.40 0.69
N PHE F 313 59.27 7.43 0.12
CA PHE F 313 59.32 7.64 -1.31
C PHE F 313 60.18 8.83 -1.72
N GLY F 314 61.04 9.31 -0.82
CA GLY F 314 61.96 10.35 -1.20
C GLY F 314 61.33 11.70 -1.39
N ILE F 315 60.18 11.95 -0.76
CA ILE F 315 59.43 13.19 -0.95
C ILE F 315 59.85 14.17 0.15
N PRO F 316 60.43 15.33 -0.19
CA PRO F 316 60.85 16.29 0.84
C PRO F 316 59.66 16.91 1.56
N LEU F 317 59.94 17.45 2.74
CA LEU F 317 58.90 17.99 3.62
C LEU F 317 59.09 19.47 3.89
N VAL F 318 57.98 20.20 3.86
CA VAL F 318 57.88 21.56 4.35
C VAL F 318 57.03 21.50 5.61
N VAL F 319 57.55 22.01 6.73
CA VAL F 319 56.85 21.97 8.00
C VAL F 319 56.58 23.40 8.46
N VAL F 320 55.31 23.79 8.47
CA VAL F 320 54.88 25.15 8.84
C VAL F 320 54.37 25.12 10.27
N VAL F 321 55.15 25.72 11.17
CA VAL F 321 54.96 25.56 12.61
C VAL F 321 54.34 26.80 13.21
N ASP F 322 53.26 26.61 13.97
CA ASP F 322 52.57 27.63 14.75
C ASP F 322 51.79 26.89 15.82
N VAL F 323 52.49 26.41 16.85
CA VAL F 323 51.88 25.51 17.81
C VAL F 323 52.15 26.05 19.21
N PRO F 324 51.12 26.23 20.04
CA PRO F 324 51.31 26.80 21.37
C PRO F 324 51.48 25.77 22.48
N GLY F 325 51.31 24.49 22.18
CA GLY F 325 51.47 23.44 23.16
C GLY F 325 50.76 22.19 22.70
N TYR F 326 50.50 21.30 23.66
CA TYR F 326 49.85 20.02 23.35
C TYR F 326 48.81 19.71 24.41
N LEU F 327 47.85 18.86 24.02
CA LEU F 327 46.65 18.61 24.78
C LEU F 327 46.56 17.14 25.19
N PRO F 328 45.85 16.85 26.30
CA PRO F 328 45.57 15.45 26.66
C PRO F 328 44.33 14.92 25.93
N GLY F 329 43.91 13.69 26.22
CA GLY F 329 42.82 13.09 25.46
C GLY F 329 41.52 12.86 26.20
N VAL F 330 41.34 11.63 26.70
CA VAL F 330 40.11 11.15 27.35
C VAL F 330 39.62 12.13 28.42
N ASP F 331 40.19 12.03 29.60
CA ASP F 331 39.85 12.87 30.75
C ASP F 331 41.20 13.06 31.44
N GLN F 332 41.96 14.06 30.97
CA GLN F 332 43.35 14.24 31.34
C GLN F 332 44.20 12.99 31.08
N GLU F 333 43.76 12.13 30.16
CA GLU F 333 44.49 10.92 29.80
C GLU F 333 45.67 11.31 28.92
N TRP F 334 46.86 11.21 29.47
CA TRP F 334 48.05 11.57 28.75
C TRP F 334 48.68 10.41 27.99
N GLY F 335 48.22 9.17 28.20
CA GLY F 335 48.88 8.03 27.57
C GLY F 335 48.87 8.09 26.05
N GLY F 336 47.81 8.63 25.46
CA GLY F 336 47.76 8.71 24.01
C GLY F 336 48.78 9.67 23.44
N VAL F 337 48.83 10.89 23.99
CA VAL F 337 49.73 11.87 23.38
C VAL F 337 51.18 11.53 23.70
N VAL F 338 51.45 10.78 24.76
CA VAL F 338 52.83 10.38 25.05
C VAL F 338 53.27 9.28 24.12
N ARG F 339 52.44 8.25 23.92
CA ARG F 339 52.81 7.18 22.99
C ARG F 339 52.82 7.68 21.56
N ARG F 340 51.79 8.43 21.16
CA ARG F 340 51.73 8.95 19.79
C ARG F 340 52.77 10.05 19.58
N GLY F 341 52.91 10.95 20.55
CA GLY F 341 53.94 11.97 20.44
C GLY F 341 55.33 11.37 20.29
N ALA F 342 55.61 10.28 21.01
CA ALA F 342 56.89 9.60 20.84
C ALA F 342 57.06 9.08 19.41
N LYS F 343 55.97 8.62 18.80
CA LYS F 343 56.06 8.13 17.43
C LYS F 343 56.34 9.27 16.44
N LEU F 344 55.82 10.46 16.71
CA LEU F 344 56.15 11.62 15.89
C LEU F 344 57.63 11.98 16.03
N LEU F 345 58.14 12.06 17.27
CA LEU F 345 59.57 12.25 17.47
C LEU F 345 60.38 11.25 16.68
N HIS F 346 60.00 9.97 16.79
CA HIS F 346 60.69 8.89 16.10
C HIS F 346 60.64 9.07 14.58
N ALA F 347 59.49 9.49 14.05
CA ALA F 347 59.35 9.67 12.60
C ALA F 347 60.28 10.76 12.09
N PHE F 348 60.32 11.87 12.80
CA PHE F 348 61.17 13.00 12.44
C PHE F 348 62.65 12.68 12.64
N GLY F 349 63.00 12.04 13.71
CA GLY F 349 64.37 11.75 13.95
C GLY F 349 65.07 10.87 12.95
N GLU F 350 64.40 9.81 12.53
CA GLU F 350 65.05 8.75 11.72
C GLU F 350 65.05 8.84 10.21
N CYS F 351 64.26 9.83 9.83
CA CYS F 351 64.08 10.16 8.44
C CYS F 351 65.37 10.68 7.80
N THR F 352 65.27 10.80 6.49
CA THR F 352 66.25 11.24 5.59
C THR F 352 65.92 12.15 4.38
N VAL F 353 64.65 12.47 4.03
CA VAL F 353 64.18 13.32 2.93
C VAL F 353 64.16 14.77 3.38
N PRO F 354 65.03 15.60 2.79
CA PRO F 354 65.09 17.00 3.23
C PRO F 354 63.79 17.42 3.89
N ARG F 355 63.90 18.15 5.00
CA ARG F 355 62.72 18.61 5.75
C ARG F 355 63.06 19.97 6.36
N VAL F 356 62.35 20.98 5.93
CA VAL F 356 62.64 22.35 6.34
C VAL F 356 61.46 22.88 7.16
N THR F 357 61.78 23.54 8.26
CA THR F 357 60.80 24.12 9.16
C THR F 357 60.71 25.62 8.94
N LEU F 358 59.49 26.15 8.96
CA LEU F 358 59.21 27.58 8.90
C LEU F 358 58.32 27.90 10.09
N VAL F 359 58.85 28.68 11.04
CA VAL F 359 58.06 29.14 12.18
C VAL F 359 57.36 30.44 11.77
N THR F 360 56.04 30.42 11.73
CA THR F 360 55.31 31.63 11.34
C THR F 360 55.06 32.54 12.54
N ARG F 361 54.36 32.05 13.56
CA ARG F 361 54.12 32.89 14.73
C ARG F 361 54.78 32.32 15.99
N LYS F 362 54.19 31.30 16.61
CA LYS F 362 54.74 30.80 17.87
C LYS F 362 55.10 29.33 17.78
N THR F 363 56.01 28.91 18.65
CA THR F 363 56.39 27.51 18.78
C THR F 363 56.93 27.31 20.19
N TYR F 364 56.22 26.54 21.01
CA TYR F 364 56.44 26.49 22.45
C TYR F 364 56.73 25.08 22.94
N GLY F 365 57.64 24.98 23.90
CA GLY F 365 57.76 23.82 24.75
C GLY F 365 58.03 22.52 24.02
N GLY F 366 57.48 21.44 24.59
CA GLY F 366 57.67 20.12 23.99
C GLY F 366 57.20 20.03 22.55
N ALA F 367 56.13 20.75 22.21
CA ALA F 367 55.64 20.73 20.83
C ALA F 367 56.64 21.37 19.87
N TYR F 368 57.38 22.39 20.33
CA TYR F 368 58.44 22.96 19.51
C TYR F 368 59.44 21.89 19.10
N ILE F 369 59.79 20.99 20.03
CA ILE F 369 60.78 19.96 19.74
C ILE F 369 60.27 19.00 18.66
N ALA F 370 58.99 18.62 18.76
CA ALA F 370 58.44 17.58 17.91
C ALA F 370 58.19 18.05 16.49
N MET F 371 57.94 19.35 16.29
CA MET F 371 57.59 19.92 14.98
C MET F 371 58.84 20.24 14.17
N ASN F 372 59.58 19.17 13.87
CA ASN F 372 60.78 19.21 13.04
C ASN F 372 61.76 20.29 13.53
N SER F 373 62.29 20.03 14.71
CA SER F 373 63.26 20.93 15.34
C SER F 373 64.68 20.53 14.98
N ARG F 374 65.61 21.45 15.24
CA ARG F 374 67.01 21.18 14.96
C ARG F 374 67.52 19.98 15.76
N SER F 375 67.01 19.77 16.98
CA SER F 375 67.51 18.64 17.75
C SER F 375 67.18 17.31 17.10
N LEU F 376 66.08 17.26 16.33
CA LEU F 376 65.71 16.10 15.55
C LEU F 376 66.28 16.13 14.12
N ASN F 377 67.30 16.96 13.87
CA ASN F 377 68.05 16.99 12.61
C ASN F 377 67.24 17.57 11.44
N ALA F 378 66.41 18.59 11.71
CA ALA F 378 65.79 19.36 10.65
C ALA F 378 66.83 19.89 9.66
N THR F 379 66.53 19.78 8.37
CA THR F 379 67.47 20.27 7.37
C THR F 379 67.81 21.73 7.58
N LYS F 380 66.81 22.55 7.87
CA LYS F 380 67.00 23.98 8.04
C LYS F 380 65.78 24.49 8.77
N VAL F 381 65.98 25.41 9.70
CA VAL F 381 64.85 26.06 10.39
C VAL F 381 64.86 27.53 10.04
N PHE F 382 63.74 28.01 9.48
CA PHE F 382 63.51 29.40 9.15
C PHE F 382 62.49 29.98 10.13
N ALA F 383 62.54 31.29 10.33
CA ALA F 383 61.50 31.97 11.09
C ALA F 383 61.16 33.29 10.43
N TRP F 384 59.88 33.65 10.47
CA TRP F 384 59.46 34.97 10.10
C TRP F 384 59.92 35.97 11.18
N PRO F 385 59.94 37.28 10.87
CA PRO F 385 60.52 38.24 11.82
C PRO F 385 59.86 38.27 13.19
N ASP F 386 58.54 38.25 13.26
CA ASP F 386 57.83 38.34 14.53
C ASP F 386 57.62 37.00 15.23
N ALA F 387 58.31 35.94 14.79
CA ALA F 387 58.07 34.62 15.38
C ALA F 387 58.61 34.55 16.78
N GLU F 388 57.90 33.84 17.65
CA GLU F 388 58.41 33.55 18.98
C GLU F 388 58.75 32.07 19.11
N VAL F 389 59.97 31.80 19.57
CA VAL F 389 60.49 30.47 19.85
C VAL F 389 60.84 30.46 21.33
N ALA F 390 60.00 29.81 22.15
CA ALA F 390 60.15 29.89 23.59
C ALA F 390 59.61 28.62 24.25
N VAL F 391 59.93 28.45 25.53
CA VAL F 391 59.38 27.33 26.29
C VAL F 391 57.88 27.51 26.53
N MET F 392 57.46 28.72 26.84
CA MET F 392 56.05 29.02 27.06
C MET F 392 55.90 30.54 27.02
N GLY F 393 54.67 31.01 27.13
CA GLY F 393 54.39 32.44 27.25
C GLY F 393 55.23 33.13 28.32
N ALA F 394 55.54 34.41 28.12
CA ALA F 394 56.37 35.14 29.07
C ALA F 394 55.71 35.22 30.44
N LYS F 395 54.42 35.59 30.47
CA LYS F 395 53.76 35.74 31.76
C LYS F 395 53.62 34.39 32.47
N ALA F 396 53.33 33.33 31.72
CA ALA F 396 53.28 32.01 32.34
C ALA F 396 54.65 31.58 32.83
N ALA F 397 55.71 31.91 32.09
CA ALA F 397 57.04 31.50 32.51
C ALA F 397 57.49 32.26 33.76
N VAL F 398 57.15 33.54 33.86
CA VAL F 398 57.59 34.36 34.99
C VAL F 398 56.89 33.91 36.27
N GLY F 399 55.59 33.62 36.19
CA GLY F 399 54.86 33.04 37.31
C GLY F 399 55.51 31.80 37.92
N ILE F 400 56.33 31.08 37.16
CA ILE F 400 57.07 29.94 37.71
C ILE F 400 58.46 30.35 38.17
N LEU F 401 59.23 31.03 37.32
CA LEU F 401 60.61 31.35 37.67
C LEU F 401 60.71 32.35 38.81
N HIS F 402 59.66 33.13 39.06
CA HIS F 402 59.67 34.15 40.10
C HIS F 402 58.52 33.94 41.06
N LYS F 403 58.14 32.68 41.27
CA LYS F 403 56.95 32.35 42.07
C LYS F 403 57.09 32.82 43.51
N LYS F 404 58.26 32.65 44.12
CA LYS F 404 58.44 33.06 45.51
C LYS F 404 58.50 34.58 45.64
N LYS F 405 59.23 35.25 44.73
CA LYS F 405 59.24 36.71 44.73
C LYS F 405 57.83 37.28 44.55
N LEU F 406 57.07 36.70 43.63
CA LEU F 406 55.70 37.17 43.42
C LEU F 406 54.82 36.84 44.63
N ALA F 407 54.97 35.65 45.19
CA ALA F 407 54.17 35.30 46.36
C ALA F 407 54.47 36.20 47.55
N ALA F 408 55.73 36.61 47.71
CA ALA F 408 56.16 37.45 48.83
C ALA F 408 55.77 38.92 48.67
N ALA F 409 55.30 39.37 47.44
CA ALA F 409 54.98 40.78 47.29
C ALA F 409 53.54 41.06 47.74
N PRO F 410 53.27 42.27 48.23
CA PRO F 410 51.90 42.61 48.64
C PRO F 410 50.91 42.41 47.50
N GLU F 411 49.72 41.90 47.85
CA GLU F 411 48.74 41.51 46.84
C GLU F 411 48.38 42.68 45.91
N HIS F 412 48.38 43.91 46.42
CA HIS F 412 48.07 45.10 45.62
C HIS F 412 49.24 45.54 44.74
N GLU F 413 50.41 44.92 44.87
CA GLU F 413 51.56 45.23 44.04
C GLU F 413 52.05 44.02 43.26
N ARG F 414 51.25 42.96 43.17
CA ARG F 414 51.71 41.71 42.58
C ARG F 414 51.46 41.67 41.07
N GLU F 415 50.24 42.01 40.64
CA GLU F 415 49.93 42.00 39.21
C GLU F 415 50.83 42.96 38.45
N ALA F 416 51.24 44.07 39.08
CA ALA F 416 52.14 45.02 38.44
C ALA F 416 53.58 44.53 38.43
N LEU F 417 54.01 43.81 39.48
CA LEU F 417 55.35 43.21 39.45
C LEU F 417 55.41 42.03 38.48
N HIS F 418 54.30 41.32 38.31
CA HIS F 418 54.23 40.23 37.34
C HIS F 418 54.43 40.76 35.91
N ASP F 419 53.68 41.79 35.55
CA ASP F 419 53.82 42.40 34.23
C ASP F 419 55.22 42.96 33.99
N GLN F 420 55.82 43.54 35.04
CA GLN F 420 57.17 44.09 34.90
C GLN F 420 58.19 42.99 34.64
N LEU F 421 58.12 41.90 35.40
CA LEU F 421 59.05 40.80 35.20
C LEU F 421 58.82 40.09 33.87
N ALA F 422 57.56 39.97 33.45
CA ALA F 422 57.25 39.40 32.15
C ALA F 422 57.86 40.25 31.03
N ALA F 423 57.71 41.56 31.12
CA ALA F 423 58.28 42.46 30.10
C ALA F 423 59.80 42.31 30.02
N GLU F 424 60.48 42.17 31.15
CA GLU F 424 61.93 41.98 31.10
C GLU F 424 62.28 40.58 30.60
N HIS F 425 61.46 39.58 30.90
CA HIS F 425 61.68 38.24 30.37
C HIS F 425 61.54 38.23 28.85
N GLU F 426 60.52 38.92 28.32
CA GLU F 426 60.27 38.95 26.89
C GLU F 426 61.31 39.76 26.12
N ARG F 427 62.16 40.52 26.80
CA ARG F 427 63.24 41.25 26.15
C ARG F 427 64.54 40.45 26.13
N ILE F 428 64.67 39.44 26.97
CA ILE F 428 65.86 38.59 26.97
C ILE F 428 65.65 37.34 26.12
N ALA F 429 64.47 36.74 26.16
CA ALA F 429 64.21 35.47 25.52
C ALA F 429 63.01 35.59 24.59
N GLY F 430 62.80 34.56 23.77
CA GLY F 430 61.59 34.46 22.99
C GLY F 430 61.72 34.79 21.51
N GLY F 431 62.43 35.86 21.16
CA GLY F 431 62.51 36.32 19.79
C GLY F 431 63.34 35.41 18.89
N VAL F 432 63.40 35.80 17.62
CA VAL F 432 64.17 35.03 16.66
C VAL F 432 65.66 35.17 16.92
N ASP F 433 66.11 36.38 17.25
CA ASP F 433 67.55 36.63 17.42
C ASP F 433 68.15 35.84 18.58
N SER F 434 67.42 35.73 19.69
CA SER F 434 67.85 34.78 20.73
C SER F 434 67.93 33.36 20.18
N ALA F 435 66.87 32.89 19.53
CA ALA F 435 66.88 31.59 18.89
C ALA F 435 68.02 31.47 17.87
N LEU F 436 68.26 32.55 17.12
CA LEU F 436 69.37 32.56 16.17
C LEU F 436 70.71 32.43 16.88
N ASP F 437 70.93 33.24 17.92
CA ASP F 437 72.18 33.14 18.67
C ASP F 437 72.33 31.76 19.26
N ILE F 438 71.24 31.18 19.76
CA ILE F 438 71.27 29.81 20.25
C ILE F 438 71.67 28.84 19.14
N GLY F 439 71.11 29.03 17.93
CA GLY F 439 71.31 28.09 16.85
C GLY F 439 70.13 27.18 16.55
N VAL F 440 68.97 27.39 17.20
CA VAL F 440 67.80 26.56 16.91
C VAL F 440 67.01 27.09 15.72
N VAL F 441 67.20 28.35 15.35
CA VAL F 441 66.73 28.91 14.09
C VAL F 441 67.96 29.26 13.26
N ASP F 442 67.98 28.81 12.01
CA ASP F 442 69.15 29.06 11.17
C ASP F 442 69.11 30.43 10.51
N GLU F 443 67.94 30.93 10.18
CA GLU F 443 67.88 32.20 9.47
C GLU F 443 66.50 32.81 9.61
N LYS F 444 66.47 34.11 9.89
CA LYS F 444 65.22 34.87 9.84
C LYS F 444 65.06 35.37 8.42
N ILE F 445 63.84 35.25 7.87
CA ILE F 445 63.63 35.49 6.45
C ILE F 445 62.48 36.45 6.24
N ASP F 446 62.63 37.26 5.19
CA ASP F 446 61.57 38.11 4.68
C ASP F 446 60.40 37.25 4.21
N PRO F 447 59.20 37.40 4.78
CA PRO F 447 58.08 36.56 4.35
C PRO F 447 57.78 36.66 2.86
N ALA F 448 58.14 37.76 2.21
CA ALA F 448 57.92 37.81 0.77
C ALA F 448 58.80 36.83 0.00
N HIS F 449 59.79 36.22 0.65
CA HIS F 449 60.69 35.29 -0.02
C HIS F 449 60.55 33.86 0.50
N THR F 450 59.40 33.51 1.09
CA THR F 450 59.23 32.21 1.73
C THR F 450 59.46 31.07 0.73
N ARG F 451 58.80 31.15 -0.43
CA ARG F 451 58.91 30.09 -1.44
C ARG F 451 60.35 29.86 -1.85
N SER F 452 61.06 30.93 -2.23
CA SER F 452 62.42 30.75 -2.75
C SER F 452 63.40 30.33 -1.65
N LYS F 453 63.20 30.82 -0.42
CA LYS F 453 64.06 30.36 0.67
C LYS F 453 63.78 28.89 1.01
N LEU F 454 62.51 28.49 1.04
CA LEU F 454 62.21 27.07 1.29
C LEU F 454 62.80 26.19 0.20
N THR F 455 62.66 26.62 -1.06
CA THR F 455 63.16 25.83 -2.18
C THR F 455 64.67 25.75 -2.17
N GLU F 456 65.34 26.86 -1.86
CA GLU F 456 66.80 26.85 -1.83
C GLU F 456 67.30 25.86 -0.78
N ALA F 457 66.69 25.88 0.42
CA ALA F 457 67.13 24.97 1.47
C ALA F 457 66.86 23.52 1.10
N LEU F 458 65.69 23.23 0.50
CA LEU F 458 65.36 21.87 0.10
C LEU F 458 66.26 21.38 -1.02
N ALA F 459 66.61 22.28 -1.95
CA ALA F 459 67.48 21.91 -3.07
C ALA F 459 68.92 21.67 -2.62
N GLN F 460 69.38 22.37 -1.59
CA GLN F 460 70.77 22.24 -1.17
C GLN F 460 71.02 21.00 -0.32
N ALA F 461 69.98 20.39 0.22
CA ALA F 461 70.13 19.20 1.04
C ALA F 461 70.40 17.97 0.19
N PRO F 462 71.04 16.95 0.75
CA PRO F 462 71.16 15.69 0.03
C PRO F 462 69.81 15.00 -0.06
N ALA F 463 69.66 14.15 -1.08
CA ALA F 463 68.46 13.31 -1.16
C ALA F 463 68.22 12.52 0.12
N ARG F 464 69.28 12.05 0.79
CA ARG F 464 69.16 11.22 1.97
C ARG F 464 70.17 11.64 3.04
N ARG F 465 70.08 10.98 4.20
CA ARG F 465 70.88 11.23 5.40
C ARG F 465 70.54 12.59 6.01
N GLY F 466 70.31 12.61 7.33
CA GLY F 466 69.87 13.80 8.03
C GLY F 466 68.96 13.43 9.19
N LEU G 13 -31.22 1.50 6.23
CA LEU G 13 -31.55 2.57 7.17
C LEU G 13 -31.84 2.00 8.56
N ASP G 14 -33.11 1.70 8.78
CA ASP G 14 -33.73 1.18 9.99
C ASP G 14 -33.14 -0.02 10.68
N PRO G 15 -32.59 -1.00 9.99
CA PRO G 15 -31.88 -2.08 10.72
C PRO G 15 -30.72 -1.61 11.60
N ARG G 16 -30.19 -0.40 11.38
CA ARG G 16 -29.17 0.15 12.26
C ARG G 16 -29.76 1.02 13.34
N ASP G 17 -31.07 1.06 13.47
CA ASP G 17 -31.69 1.93 14.48
C ASP G 17 -31.24 1.50 15.87
N PRO G 18 -30.80 2.44 16.71
CA PRO G 18 -30.21 2.02 17.99
C PRO G 18 -31.21 1.42 18.97
N LEU G 19 -32.48 1.86 18.96
CA LEU G 19 -33.49 1.18 19.78
C LEU G 19 -33.60 -0.28 19.40
N LEU G 20 -33.67 -0.55 18.09
CA LEU G 20 -33.85 -1.93 17.65
C LEU G 20 -32.66 -2.80 18.06
N ARG G 21 -31.44 -2.29 17.90
CA ARG G 21 -30.26 -3.04 18.32
C ARG G 21 -30.27 -3.28 19.83
N LEU G 22 -30.53 -2.24 20.63
CA LEU G 22 -30.55 -2.43 22.08
C LEU G 22 -31.64 -3.41 22.49
N SER G 23 -32.80 -3.35 21.83
CA SER G 23 -33.92 -4.23 22.16
C SER G 23 -33.66 -5.67 21.75
N ASN G 24 -32.96 -5.87 20.64
CA ASN G 24 -32.50 -7.21 20.30
C ASN G 24 -31.50 -7.75 21.30
N PHE G 25 -30.66 -6.88 21.90
CA PHE G 25 -29.68 -7.38 22.85
C PHE G 25 -30.31 -7.66 24.21
N PHE G 26 -31.16 -6.77 24.70
CA PHE G 26 -31.74 -6.93 26.03
C PHE G 26 -32.84 -8.00 26.06
N ASP G 27 -33.18 -8.44 27.26
CA ASP G 27 -34.38 -9.25 27.47
C ASP G 27 -35.59 -8.49 26.96
N ASP G 28 -36.48 -9.17 26.24
CA ASP G 28 -37.68 -8.52 25.72
C ASP G 28 -38.41 -7.80 26.85
N GLY G 29 -38.75 -6.53 26.60
CA GLY G 29 -39.51 -5.72 27.53
C GLY G 29 -38.72 -5.01 28.61
N SER G 30 -37.41 -5.22 28.69
CA SER G 30 -36.63 -4.69 29.81
C SER G 30 -36.02 -3.32 29.56
N VAL G 31 -36.04 -2.82 28.32
CA VAL G 31 -35.33 -1.58 27.98
C VAL G 31 -35.91 -0.39 28.75
N GLU G 32 -35.03 0.40 29.37
CA GLU G 32 -35.36 1.73 29.86
C GLU G 32 -34.28 2.70 29.38
N LEU G 33 -34.69 3.71 28.63
CA LEU G 33 -33.72 4.69 28.14
C LEU G 33 -33.11 5.45 29.31
N LEU G 34 -31.84 5.78 29.20
CA LEU G 34 -31.21 6.56 30.25
C LEU G 34 -31.27 8.06 29.98
N HIS G 35 -31.66 8.44 28.77
CA HIS G 35 -31.82 9.81 28.35
C HIS G 35 -32.86 9.81 27.24
N GLU G 36 -33.34 11.00 26.90
CA GLU G 36 -34.24 11.16 25.77
C GLU G 36 -33.49 10.95 24.45
N ARG G 37 -34.14 10.29 23.49
CA ARG G 37 -33.56 10.15 22.16
C ARG G 37 -33.29 11.53 21.56
N ASP G 38 -32.25 11.59 20.71
CA ASP G 38 -31.77 12.82 20.10
C ASP G 38 -30.96 12.44 18.87
N ARG G 39 -30.45 13.47 18.29
CA ARG G 39 -29.53 13.41 17.23
C ARG G 39 -28.33 13.84 18.00
N SER G 40 -27.50 12.80 18.15
CA SER G 40 -26.24 12.73 18.93
C SER G 40 -25.30 11.59 18.51
N GLY G 41 -25.86 10.45 18.18
CA GLY G 41 -25.05 9.33 17.76
C GLY G 41 -25.07 8.24 18.80
N VAL G 42 -25.70 8.45 19.91
CA VAL G 42 -25.69 7.44 20.90
C VAL G 42 -27.01 7.26 21.60
N LEU G 43 -27.40 6.04 21.87
CA LEU G 43 -28.55 5.76 22.71
C LEU G 43 -28.11 4.80 23.81
N ALA G 44 -28.25 5.23 25.06
CA ALA G 44 -27.89 4.41 26.21
C ALA G 44 -29.14 3.99 26.96
N ALA G 45 -29.12 2.78 27.52
CA ALA G 45 -30.28 2.27 28.23
C ALA G 45 -29.87 1.27 29.30
N ALA G 46 -30.75 1.09 30.27
CA ALA G 46 -30.68 -0.02 31.19
C ALA G 46 -31.61 -1.14 30.73
N GLY G 47 -31.26 -2.37 31.07
CA GLY G 47 -32.12 -3.49 30.80
C GLY G 47 -31.68 -4.68 31.63
N THR G 48 -32.16 -5.87 31.25
CA THR G 48 -31.70 -7.09 31.87
C THR G 48 -31.19 -8.05 30.81
N VAL G 49 -30.24 -8.89 31.20
CA VAL G 49 -29.74 -9.97 30.38
C VAL G 49 -29.90 -11.24 31.20
N ASN G 50 -30.89 -12.07 30.85
CA ASN G 50 -31.26 -13.26 31.63
C ASN G 50 -31.41 -12.90 33.11
N GLY G 51 -32.07 -11.77 33.36
CA GLY G 51 -32.36 -11.32 34.71
C GLY G 51 -31.34 -10.39 35.31
N VAL G 52 -30.12 -10.34 34.76
CA VAL G 52 -29.06 -9.53 35.34
C VAL G 52 -29.20 -8.09 34.84
N ARG G 53 -29.21 -7.16 35.74
CA ARG G 53 -29.30 -5.78 35.39
C ARG G 53 -28.05 -5.30 34.65
N THR G 54 -28.24 -4.67 33.51
CA THR G 54 -27.13 -4.38 32.60
C THR G 54 -27.34 -3.01 31.95
N ILE G 55 -26.25 -2.29 31.78
CA ILE G 55 -26.25 -1.03 31.05
C ILE G 55 -25.69 -1.30 29.67
N ALA G 56 -26.27 -0.64 28.66
CA ALA G 56 -25.75 -0.75 27.30
C ALA G 56 -25.90 0.59 26.60
N PHE G 57 -25.08 0.76 25.56
CA PHE G 57 -25.13 1.92 24.69
C PHE G 57 -24.85 1.44 23.28
N CYS G 58 -25.49 2.12 22.33
CA CYS G 58 -25.41 1.84 20.90
C CYS G 58 -25.05 3.12 20.18
N THR G 59 -24.02 3.07 19.34
CA THR G 59 -23.75 4.19 18.46
C THR G 59 -24.78 4.17 17.34
N ASP G 60 -25.31 5.33 17.00
CA ASP G 60 -26.43 5.41 16.05
C ASP G 60 -25.90 5.48 14.63
N GLY G 61 -25.83 4.32 13.97
CA GLY G 61 -25.36 4.29 12.60
C GLY G 61 -26.26 5.01 11.61
N THR G 62 -27.43 5.50 12.04
CA THR G 62 -28.29 6.24 11.13
C THR G 62 -28.01 7.73 11.16
N VAL G 63 -27.25 8.21 12.14
CA VAL G 63 -26.88 9.62 12.25
C VAL G 63 -25.39 9.73 11.97
N MET G 64 -25.04 10.37 10.84
CA MET G 64 -23.66 10.61 10.45
C MET G 64 -22.81 9.35 10.47
N GLY G 65 -23.41 8.22 10.12
CA GLY G 65 -22.69 6.95 10.16
C GLY G 65 -22.18 6.57 11.54
N GLY G 66 -22.84 7.05 12.59
CA GLY G 66 -22.44 6.73 13.94
C GLY G 66 -21.26 7.52 14.46
N ALA G 67 -20.85 8.59 13.77
CA ALA G 67 -19.66 9.32 14.21
C ALA G 67 -19.86 9.91 15.60
N MET G 68 -18.80 9.86 16.41
CA MET G 68 -18.89 10.23 17.82
C MET G 68 -18.68 11.73 18.01
N GLY G 69 -19.61 12.36 18.73
CA GLY G 69 -19.46 13.77 19.03
C GLY G 69 -19.61 14.05 20.51
N VAL G 70 -19.65 15.33 20.89
CA VAL G 70 -19.61 15.69 22.30
C VAL G 70 -20.83 15.14 23.03
N GLU G 71 -22.02 15.36 22.48
CA GLU G 71 -23.23 14.92 23.17
C GLU G 71 -23.34 13.41 23.23
N GLY G 72 -22.99 12.73 22.14
CA GLY G 72 -23.00 11.28 22.18
C GLY G 72 -22.04 10.71 23.21
N CYS G 73 -20.80 11.22 23.22
CA CYS G 73 -19.82 10.74 24.18
C CYS G 73 -20.26 11.03 25.60
N THR G 74 -20.96 12.15 25.83
CA THR G 74 -21.47 12.43 27.17
C THR G 74 -22.50 11.38 27.60
N HIS G 75 -23.33 10.90 26.66
CA HIS G 75 -24.25 9.82 26.98
C HIS G 75 -23.50 8.56 27.33
N ILE G 76 -22.34 8.34 26.71
CA ILE G 76 -21.56 7.13 27.02
C ILE G 76 -20.93 7.26 28.40
N VAL G 77 -20.33 8.41 28.70
CA VAL G 77 -19.74 8.65 30.02
C VAL G 77 -20.81 8.50 31.11
N ASN G 78 -22.00 9.09 30.89
CA ASN G 78 -23.07 8.98 31.88
C ASN G 78 -23.48 7.52 32.12
N ALA G 79 -23.59 6.73 31.04
CA ALA G 79 -23.91 5.31 31.17
C ALA G 79 -22.83 4.58 31.98
N TYR G 80 -21.55 4.90 31.73
CA TYR G 80 -20.46 4.32 32.52
C TYR G 80 -20.58 4.73 33.98
N ASP G 81 -20.90 6.00 34.24
CA ASP G 81 -21.08 6.42 35.63
C ASP G 81 -22.24 5.67 36.27
N THR G 82 -23.34 5.53 35.55
CA THR G 82 -24.49 4.78 36.06
C THR G 82 -24.10 3.33 36.37
N ALA G 83 -23.39 2.68 35.44
CA ALA G 83 -23.00 1.29 35.64
C ALA G 83 -21.97 1.15 36.75
N ILE G 84 -21.07 2.13 36.90
CA ILE G 84 -20.11 2.07 37.99
C ILE G 84 -20.82 2.21 39.32
N GLU G 85 -21.77 3.13 39.39
CA GLU G 85 -22.55 3.33 40.60
C GLU G 85 -23.29 2.06 41.00
N ASP G 86 -23.86 1.36 40.08
CA ASP G 86 -24.61 0.20 40.42
C ASP G 86 -23.87 -1.11 40.34
N GLN G 87 -22.60 -1.06 40.01
CA GLN G 87 -21.79 -2.25 39.75
C GLN G 87 -22.46 -3.18 38.74
N SER G 88 -22.99 -2.60 37.68
CA SER G 88 -23.57 -3.44 36.64
C SER G 88 -22.59 -3.61 35.48
N PRO G 89 -22.66 -4.74 34.77
CA PRO G 89 -21.89 -4.86 33.52
C PRO G 89 -22.38 -3.81 32.53
N ILE G 90 -21.48 -3.38 31.63
CA ILE G 90 -21.84 -2.40 30.62
C ILE G 90 -21.42 -2.93 29.26
N VAL G 91 -22.35 -2.88 28.29
CA VAL G 91 -22.16 -3.42 26.96
C VAL G 91 -22.26 -2.29 25.93
N GLY G 92 -21.25 -2.15 25.08
CA GLY G 92 -21.28 -1.19 23.98
C GLY G 92 -21.54 -1.90 22.66
N ILE G 93 -22.49 -1.37 21.90
CA ILE G 93 -22.79 -1.84 20.54
C ILE G 93 -22.27 -0.78 19.56
N TRP G 94 -21.36 -1.18 18.69
CA TRP G 94 -20.46 -0.24 18.01
C TRP G 94 -20.68 -0.27 16.51
N HIS G 95 -20.87 0.93 15.95
CA HIS G 95 -21.07 1.12 14.51
C HIS G 95 -20.75 2.60 14.29
N SER G 96 -19.51 2.90 13.90
CA SER G 96 -19.12 4.29 13.95
C SER G 96 -17.82 4.50 13.18
N GLY G 97 -17.76 5.58 12.40
CA GLY G 97 -16.54 5.96 11.73
C GLY G 97 -15.53 6.67 12.60
N GLY G 98 -15.87 6.99 13.83
CA GLY G 98 -14.94 7.66 14.72
C GLY G 98 -15.42 9.04 15.11
N ALA G 99 -14.53 9.90 15.58
CA ALA G 99 -14.95 11.20 16.06
C ALA G 99 -15.47 12.05 14.89
N ARG G 100 -16.44 12.91 15.19
CA ARG G 100 -16.96 13.83 14.20
C ARG G 100 -15.93 14.90 13.93
N LEU G 101 -15.34 14.88 12.73
CA LEU G 101 -14.28 15.81 12.36
C LEU G 101 -14.73 17.25 12.46
N ALA G 102 -15.94 17.55 12.02
CA ALA G 102 -16.46 18.92 12.07
C ALA G 102 -16.61 19.43 13.50
N GLU G 103 -16.70 18.56 14.49
CA GLU G 103 -16.77 19.07 15.85
C GLU G 103 -15.40 19.38 16.41
N GLY G 104 -14.33 19.02 15.70
CA GLY G 104 -12.99 19.49 16.03
C GLY G 104 -12.40 18.88 17.30
N VAL G 105 -11.55 19.68 17.94
CA VAL G 105 -10.86 19.23 19.13
C VAL G 105 -11.84 18.89 20.24
N ARG G 106 -12.99 19.57 20.27
CA ARG G 106 -14.00 19.26 21.28
C ARG G 106 -14.44 17.81 21.23
N ALA G 107 -14.57 17.25 20.02
CA ALA G 107 -15.00 15.86 19.90
C ALA G 107 -13.87 14.91 20.27
N LEU G 108 -12.64 15.25 19.89
CA LEU G 108 -11.46 14.48 20.31
C LEU G 108 -11.43 14.37 21.83
N HIS G 109 -11.52 15.51 22.51
CA HIS G 109 -11.53 15.52 23.96
C HIS G 109 -12.66 14.66 24.52
N ALA G 110 -13.87 14.78 23.95
CA ALA G 110 -14.98 13.96 24.40
C ALA G 110 -14.72 12.47 24.17
N VAL G 111 -14.05 12.13 23.06
CA VAL G 111 -13.68 10.74 22.84
C VAL G 111 -12.72 10.27 23.92
N GLY G 112 -11.76 11.12 24.30
CA GLY G 112 -10.82 10.74 25.35
C GLY G 112 -11.51 10.57 26.68
N GLN G 113 -12.53 11.38 26.96
CA GLN G 113 -13.31 11.22 28.17
C GLN G 113 -14.04 9.89 28.21
N VAL G 114 -14.43 9.36 27.04
CA VAL G 114 -14.97 8.00 26.98
C VAL G 114 -13.89 6.98 27.35
N PHE G 115 -12.69 7.12 26.75
CA PHE G 115 -11.57 6.27 27.16
C PHE G 115 -11.38 6.35 28.67
N GLU G 116 -11.44 7.55 29.24
CA GLU G 116 -11.18 7.69 30.67
C GLU G 116 -12.22 6.96 31.51
N ALA G 117 -13.49 6.99 31.11
CA ALA G 117 -14.53 6.25 31.83
C ALA G 117 -14.30 4.74 31.75
N MET G 118 -13.81 4.26 30.61
CA MET G 118 -13.51 2.85 30.45
C MET G 118 -12.35 2.43 31.33
N ILE G 119 -11.33 3.30 31.42
CA ILE G 119 -10.19 3.02 32.28
C ILE G 119 -10.62 3.02 33.75
N ARG G 120 -11.50 3.94 34.15
CA ARG G 120 -12.04 3.93 35.50
C ARG G 120 -12.82 2.65 35.79
N ALA G 121 -13.57 2.15 34.81
CA ALA G 121 -14.35 0.94 35.02
C ALA G 121 -13.49 -0.32 34.98
N SER G 122 -12.28 -0.22 34.46
CA SER G 122 -11.43 -1.37 34.19
C SER G 122 -11.23 -2.24 35.43
N GLY G 123 -11.55 -3.53 35.31
CA GLY G 123 -11.43 -4.46 36.41
C GLY G 123 -12.43 -4.25 37.53
N TYR G 124 -13.36 -3.31 37.40
CA TYR G 124 -14.37 -3.07 38.41
C TYR G 124 -15.77 -3.50 37.96
N ILE G 125 -16.13 -3.27 36.70
CA ILE G 125 -17.33 -3.86 36.12
C ILE G 125 -16.95 -4.54 34.81
N PRO G 126 -17.59 -5.66 34.48
CA PRO G 126 -17.37 -6.28 33.17
C PRO G 126 -17.74 -5.32 32.04
N GLN G 127 -16.87 -5.23 31.05
CA GLN G 127 -17.07 -4.37 29.88
C GLN G 127 -17.01 -5.24 28.65
N ILE G 128 -18.12 -5.33 27.94
CA ILE G 128 -18.24 -6.19 26.76
C ILE G 128 -18.59 -5.32 25.55
N SER G 129 -17.92 -5.58 24.44
CA SER G 129 -18.07 -4.79 23.23
C SER G 129 -18.63 -5.69 22.14
N VAL G 130 -19.73 -5.27 21.50
CA VAL G 130 -20.30 -5.97 20.36
C VAL G 130 -20.18 -5.07 19.13
N VAL G 131 -19.25 -5.41 18.25
CA VAL G 131 -18.98 -4.59 17.08
C VAL G 131 -19.84 -5.12 15.93
N VAL G 132 -20.85 -4.35 15.53
CA VAL G 132 -21.78 -4.81 14.52
C VAL G 132 -21.66 -4.06 13.19
N GLY G 133 -20.99 -2.92 13.16
CA GLY G 133 -20.68 -2.25 11.90
C GLY G 133 -19.22 -1.89 11.79
N PHE G 134 -18.83 -1.11 10.78
CA PHE G 134 -17.47 -0.58 10.75
C PHE G 134 -17.18 0.21 12.01
N ALA G 135 -15.96 0.08 12.52
CA ALA G 135 -15.54 0.75 13.75
C ALA G 135 -14.13 1.26 13.51
N ALA G 136 -13.98 2.57 13.38
CA ALA G 136 -12.70 3.17 13.03
C ALA G 136 -12.41 4.34 13.97
N GLY G 137 -11.14 4.75 13.98
CA GLY G 137 -10.75 5.90 14.77
C GLY G 137 -10.87 5.60 16.25
N GLY G 138 -11.40 6.56 16.99
CA GLY G 138 -11.69 6.30 18.39
C GLY G 138 -12.69 5.20 18.60
N ALA G 139 -13.47 4.84 17.58
CA ALA G 139 -14.40 3.74 17.69
C ALA G 139 -13.72 2.37 17.59
N ALA G 140 -12.46 2.33 17.16
CA ALA G 140 -11.72 1.09 17.28
C ALA G 140 -10.99 1.01 18.62
N TYR G 141 -10.51 2.15 19.13
CA TYR G 141 -9.81 2.13 20.41
C TYR G 141 -10.76 1.92 21.58
N GLY G 142 -12.02 2.34 21.46
CA GLY G 142 -13.00 2.12 22.48
C GLY G 142 -13.16 0.65 22.89
N PRO G 143 -13.55 -0.20 21.94
CA PRO G 143 -13.63 -1.64 22.27
C PRO G 143 -12.31 -2.20 22.77
N ALA G 144 -11.19 -1.71 22.26
CA ALA G 144 -9.87 -2.19 22.69
C ALA G 144 -9.60 -1.91 24.17
N LEU G 145 -10.34 -1.01 24.80
CA LEU G 145 -10.21 -0.80 26.24
C LEU G 145 -11.12 -1.70 27.06
N THR G 146 -12.05 -2.43 26.44
CA THR G 146 -12.97 -3.25 27.21
C THR G 146 -12.38 -4.64 27.41
N ASP G 147 -13.14 -5.53 28.05
CA ASP G 147 -12.63 -6.83 28.45
C ASP G 147 -12.76 -7.88 27.36
N VAL G 148 -13.91 -7.96 26.69
CA VAL G 148 -14.12 -8.94 25.63
C VAL G 148 -14.77 -8.24 24.44
N VAL G 149 -14.21 -8.43 23.26
CA VAL G 149 -14.75 -7.84 22.03
C VAL G 149 -15.32 -8.95 21.17
N VAL G 150 -16.62 -8.86 20.86
CA VAL G 150 -17.31 -9.75 19.94
C VAL G 150 -17.49 -9.00 18.62
N MET G 151 -17.12 -9.63 17.52
CA MET G 151 -17.26 -8.99 16.21
C MET G 151 -18.18 -9.80 15.32
N ALA G 152 -19.24 -9.16 14.85
CA ALA G 152 -20.05 -9.76 13.79
C ALA G 152 -19.29 -9.64 12.47
N PRO G 153 -19.31 -10.68 11.63
CA PRO G 153 -18.54 -10.63 10.36
C PRO G 153 -18.98 -9.51 9.42
N GLU G 154 -20.19 -8.95 9.61
CA GLU G 154 -20.60 -7.76 8.86
C GLU G 154 -19.69 -6.57 9.11
N SER G 155 -19.05 -6.50 10.28
CA SER G 155 -18.28 -5.31 10.69
C SER G 155 -16.95 -5.20 9.94
N SER G 188 -4.76 -10.03 14.38
CA SER G 188 -4.55 -8.77 15.08
C SER G 188 -4.62 -8.94 16.60
N GLY G 189 -5.43 -9.92 17.04
CA GLY G 189 -5.62 -10.19 18.46
C GLY G 189 -6.60 -9.28 19.17
N VAL G 190 -7.07 -8.20 18.53
CA VAL G 190 -7.93 -7.24 19.22
C VAL G 190 -9.32 -7.83 19.47
N CYS G 191 -9.86 -8.54 18.48
CA CYS G 191 -11.17 -9.16 18.59
C CYS G 191 -11.05 -10.53 19.29
N HIS G 192 -11.84 -10.73 20.35
CA HIS G 192 -11.75 -11.99 21.08
C HIS G 192 -12.62 -13.07 20.47
N VAL G 194 -15.38 -14.00 17.21
CA VAL G 194 -16.03 -13.69 15.95
C VAL G 194 -17.35 -14.46 15.93
N ALA G 195 -18.47 -13.74 15.86
CA ALA G 195 -19.78 -14.36 15.81
C ALA G 195 -20.13 -14.78 14.38
N ASP G 196 -21.30 -15.42 14.21
CA ASP G 196 -21.76 -15.83 12.88
C ASP G 196 -22.51 -14.73 12.12
N ASP G 197 -23.14 -13.80 12.85
CA ASP G 197 -23.86 -12.65 12.28
C ASP G 197 -24.25 -11.75 13.45
N GLU G 198 -25.00 -10.68 13.15
CA GLU G 198 -25.31 -9.71 14.19
C GLU G 198 -26.10 -10.36 15.33
N LEU G 199 -27.14 -11.12 15.00
CA LEU G 199 -27.99 -11.70 16.04
C LEU G 199 -27.21 -12.70 16.88
N ASP G 200 -26.33 -13.48 16.25
CA ASP G 200 -25.43 -14.36 17.00
C ASP G 200 -24.43 -13.56 17.84
N ALA G 201 -24.01 -12.39 17.36
CA ALA G 201 -23.12 -11.54 18.14
C ALA G 201 -23.77 -11.14 19.44
N TYR G 202 -25.05 -10.77 19.40
CA TYR G 202 -25.78 -10.41 20.61
C TYR G 202 -25.93 -11.61 21.53
N ASP G 203 -26.20 -12.79 20.95
CA ASP G 203 -26.35 -13.97 21.80
C ASP G 203 -25.05 -14.27 22.53
N ARG G 204 -23.92 -14.17 21.89
CA ARG G 204 -22.67 -14.39 22.52
C ARG G 204 -22.39 -13.33 23.52
N GLY G 205 -22.68 -12.11 23.19
CA GLY G 205 -22.53 -11.04 24.17
C GLY G 205 -23.36 -11.30 25.42
N ARG G 206 -24.61 -11.73 25.24
CA ARG G 206 -25.46 -12.09 26.39
C ARG G 206 -24.84 -13.23 27.18
N ARG G 207 -24.30 -14.23 26.50
CA ARG G 207 -23.70 -15.34 27.24
C ARG G 207 -22.47 -14.87 28.02
N LEU G 208 -21.74 -13.88 27.50
CA LEU G 208 -20.58 -13.36 28.24
C LEU G 208 -21.02 -12.60 29.49
N VAL G 209 -22.12 -11.84 29.42
CA VAL G 209 -22.65 -11.23 30.64
C VAL G 209 -22.94 -12.29 31.68
N GLY G 210 -23.51 -13.42 31.25
CA GLY G 210 -23.76 -14.51 32.17
C GLY G 210 -22.47 -15.07 32.75
N LEU G 211 -21.44 -15.23 31.92
CA LEU G 211 -20.19 -15.81 32.42
C LEU G 211 -19.56 -14.91 33.48
N PHE G 212 -19.68 -13.60 33.34
CA PHE G 212 -19.04 -12.66 34.25
C PHE G 212 -19.87 -12.35 35.47
N CYS G 213 -21.20 -12.38 35.35
CA CYS G 213 -22.11 -11.86 36.36
C CYS G 213 -23.05 -12.92 36.92
N GLN G 214 -23.09 -14.11 36.35
CA GLN G 214 -23.71 -15.28 36.98
C GLN G 214 -22.66 -16.39 37.02
N GLN G 215 -21.59 -16.16 37.78
CA GLN G 215 -20.49 -17.11 37.86
C GLN G 215 -20.87 -18.39 38.58
N GLY G 216 -21.92 -18.36 39.40
CA GLY G 216 -22.35 -19.56 40.07
C GLY G 216 -21.37 -20.03 41.15
N HIS G 217 -21.63 -21.27 41.58
CA HIS G 217 -20.87 -21.99 42.58
C HIS G 217 -20.36 -23.28 41.99
N PHE G 218 -19.25 -23.77 42.50
CA PHE G 218 -18.87 -25.15 42.22
C PHE G 218 -19.88 -26.12 42.83
N ASP G 219 -20.12 -27.21 42.13
CA ASP G 219 -21.05 -28.24 42.55
C ASP G 219 -20.35 -29.58 42.43
N ARG G 220 -19.94 -30.16 43.56
CA ARG G 220 -19.07 -31.32 43.50
C ARG G 220 -19.79 -32.56 42.97
N SER G 221 -21.10 -32.66 43.19
CA SER G 221 -21.82 -33.82 42.68
C SER G 221 -21.96 -33.74 41.15
N LYS G 222 -22.19 -32.53 40.60
CA LYS G 222 -22.26 -32.36 39.16
C LYS G 222 -20.91 -32.63 38.50
N ALA G 223 -19.81 -32.35 39.21
CA ALA G 223 -18.47 -32.62 38.68
C ALA G 223 -18.22 -34.11 38.55
N GLU G 224 -18.51 -34.89 39.61
CA GLU G 224 -18.34 -36.33 39.55
C GLU G 224 -19.21 -36.96 38.47
N ALA G 225 -20.47 -36.49 38.37
CA ALA G 225 -21.40 -37.05 37.39
C ALA G 225 -20.93 -36.84 35.96
N GLY G 226 -20.01 -35.89 35.75
CA GLY G 226 -19.48 -35.62 34.43
C GLY G 226 -18.11 -36.18 34.18
N ASP G 227 -17.52 -36.87 35.15
CA ASP G 227 -16.22 -37.50 34.97
C ASP G 227 -16.22 -38.46 33.80
N THR G 228 -15.14 -38.43 33.00
CA THR G 228 -14.88 -39.43 31.96
C THR G 228 -13.38 -39.66 31.91
N ASP G 229 -12.96 -40.61 31.07
CA ASP G 229 -11.53 -40.86 30.87
C ASP G 229 -11.00 -39.87 29.84
N ILE G 230 -10.43 -38.77 30.32
CA ILE G 230 -9.95 -37.74 29.41
C ILE G 230 -8.65 -38.18 28.74
N HIS G 231 -7.88 -39.05 29.41
CA HIS G 231 -6.63 -39.57 28.85
C HIS G 231 -6.86 -40.27 27.53
N ALA G 232 -8.01 -40.93 27.37
CA ALA G 232 -8.27 -41.68 26.15
C ALA G 232 -8.31 -40.78 24.91
N LEU G 233 -8.39 -39.46 25.10
CA LEU G 233 -8.35 -38.53 23.97
C LEU G 233 -6.93 -38.21 23.50
N LEU G 234 -5.91 -38.47 24.33
CA LEU G 234 -4.53 -38.29 23.87
C LEU G 234 -4.19 -39.29 22.77
N PRO G 235 -3.27 -38.94 21.87
CA PRO G 235 -2.81 -39.91 20.88
C PRO G 235 -2.09 -41.07 21.55
N GLU G 236 -2.00 -42.18 20.81
CA GLU G 236 -1.33 -43.37 21.35
C GLU G 236 0.15 -43.10 21.57
N SER G 237 0.83 -42.51 20.59
CA SER G 237 2.24 -42.18 20.71
C SER G 237 2.43 -40.84 21.40
N SER G 238 3.34 -40.80 22.39
CA SER G 238 3.63 -39.54 23.07
C SER G 238 4.29 -38.50 22.19
N ARG G 239 4.57 -38.82 20.92
CA ARG G 239 5.25 -37.89 20.04
C ARG G 239 4.31 -37.18 19.07
N ARG G 240 3.09 -37.68 18.89
CA ARG G 240 2.18 -37.09 17.90
C ARG G 240 1.55 -35.81 18.45
N ALA G 241 1.61 -34.74 17.65
CA ALA G 241 0.79 -33.56 17.93
C ALA G 241 -0.69 -33.95 17.92
N TYR G 242 -1.49 -33.14 18.62
CA TYR G 242 -2.93 -33.33 18.73
C TYR G 242 -3.54 -31.98 19.11
N ASP G 243 -4.82 -31.81 18.77
CA ASP G 243 -5.58 -30.63 19.20
C ASP G 243 -6.00 -30.79 20.66
N VAL G 244 -5.64 -29.81 21.51
CA VAL G 244 -5.95 -29.89 22.94
C VAL G 244 -7.41 -29.59 23.23
N ARG G 245 -8.14 -28.97 22.31
CA ARG G 245 -9.50 -28.52 22.62
C ARG G 245 -10.48 -29.63 22.98
N PRO G 246 -10.46 -30.83 22.38
CA PRO G 246 -11.33 -31.90 22.92
C PRO G 246 -11.05 -32.23 24.38
N ILE G 247 -9.79 -32.16 24.82
CA ILE G 247 -9.47 -32.36 26.23
C ILE G 247 -10.12 -31.27 27.08
N VAL G 248 -10.06 -30.02 26.62
CA VAL G 248 -10.69 -28.93 27.34
C VAL G 248 -12.21 -29.15 27.43
N THR G 249 -12.84 -29.49 26.30
CA THR G 249 -14.29 -29.65 26.30
C THR G 249 -14.73 -30.89 27.09
N ALA G 250 -13.86 -31.91 27.19
CA ALA G 250 -14.17 -33.05 28.06
C ALA G 250 -14.16 -32.65 29.54
N ILE G 251 -13.24 -31.77 29.94
CA ILE G 251 -13.19 -31.30 31.33
C ILE G 251 -14.41 -30.44 31.66
N LEU G 252 -14.73 -29.49 30.79
CA LEU G 252 -15.82 -28.57 31.06
C LEU G 252 -17.16 -29.27 30.93
N ASP G 253 -18.23 -28.57 31.33
CA ASP G 253 -19.56 -29.17 31.33
C ASP G 253 -20.03 -29.48 29.91
N ALA G 254 -20.58 -30.68 29.74
CA ALA G 254 -20.95 -31.15 28.40
C ALA G 254 -22.01 -30.28 27.75
N ASP G 255 -22.88 -29.67 28.53
CA ASP G 255 -23.99 -28.92 27.97
C ASP G 255 -23.63 -27.48 27.60
N THR G 256 -22.45 -27.00 27.96
CA THR G 256 -22.11 -25.57 27.93
C THR G 256 -21.10 -25.24 26.83
N PRO G 257 -21.30 -24.13 26.12
CA PRO G 257 -20.28 -23.69 25.16
C PRO G 257 -18.94 -23.40 25.82
N PHE G 258 -17.87 -23.70 25.10
CA PHE G 258 -16.55 -23.19 25.46
C PHE G 258 -16.31 -21.94 24.62
N ASP G 259 -16.30 -20.78 25.26
CA ASP G 259 -16.12 -19.52 24.56
C ASP G 259 -14.63 -19.21 24.48
N GLU G 260 -14.00 -19.76 23.44
CA GLU G 260 -12.58 -19.55 23.23
C GLU G 260 -12.33 -18.11 22.77
N PHE G 261 -11.28 -17.50 23.32
CA PHE G 261 -10.87 -16.15 22.94
C PHE G 261 -9.73 -16.24 21.94
N GLN G 262 -9.78 -15.40 20.91
CA GLN G 262 -8.64 -15.18 20.01
C GLN G 262 -8.13 -16.50 19.44
N ALA G 263 -9.06 -17.32 18.93
CA ALA G 263 -8.71 -18.65 18.48
C ALA G 263 -7.61 -18.62 17.43
N ASN G 264 -7.59 -17.60 16.58
CA ASN G 264 -6.65 -17.55 15.47
C ASN G 264 -5.40 -16.74 15.76
N TRP G 265 -5.31 -16.13 16.95
CA TRP G 265 -4.13 -15.39 17.35
C TRP G 265 -3.35 -16.22 18.36
N ALA G 266 -2.05 -16.38 18.13
CA ALA G 266 -1.18 -17.19 18.98
C ALA G 266 -1.77 -18.59 19.19
N PRO G 267 -1.88 -19.40 18.12
CA PRO G 267 -2.64 -20.65 18.22
C PRO G 267 -1.94 -21.76 19.00
N SER G 268 -0.70 -21.58 19.46
CA SER G 268 -0.10 -22.58 20.34
C SER G 268 -0.65 -22.53 21.76
N MET G 269 -1.54 -21.59 22.04
CA MET G 269 -2.15 -21.39 23.35
C MET G 269 -3.66 -21.23 23.15
N VAL G 270 -4.44 -22.00 23.91
CA VAL G 270 -5.90 -21.89 23.91
C VAL G 270 -6.31 -21.27 25.23
N VAL G 271 -7.13 -20.21 25.17
CA VAL G 271 -7.68 -19.59 26.37
C VAL G 271 -9.15 -19.34 26.13
N GLY G 272 -9.92 -19.37 27.20
CA GLY G 272 -11.33 -19.08 27.06
C GLY G 272 -12.10 -19.38 28.31
N LEU G 273 -13.35 -18.92 28.29
CA LEU G 273 -14.26 -19.05 29.41
C LEU G 273 -15.19 -20.20 29.16
N GLY G 274 -15.44 -20.98 30.21
CA GLY G 274 -16.42 -22.04 30.20
C GLY G 274 -16.98 -22.25 31.59
N ARG G 275 -17.64 -23.39 31.80
CA ARG G 275 -18.28 -23.72 33.07
C ARG G 275 -17.85 -25.11 33.50
N LEU G 276 -17.45 -25.22 34.77
CA LEU G 276 -17.02 -26.47 35.38
C LEU G 276 -17.95 -26.72 36.56
N SER G 277 -18.83 -27.71 36.41
CA SER G 277 -19.88 -28.00 37.39
C SER G 277 -20.78 -26.78 37.61
N GLY G 278 -20.99 -26.02 36.54
CA GLY G 278 -21.86 -24.86 36.55
C GLY G 278 -21.16 -23.57 36.86
N ARG G 279 -19.92 -23.62 37.34
CA ARG G 279 -19.17 -22.44 37.74
C ARG G 279 -18.30 -21.93 36.60
N THR G 280 -18.35 -20.62 36.37
CA THR G 280 -17.48 -19.99 35.39
C THR G 280 -16.01 -20.20 35.75
N VAL G 281 -15.25 -20.75 34.83
CA VAL G 281 -13.81 -20.89 34.96
C VAL G 281 -13.14 -20.42 33.68
N GLY G 282 -11.88 -20.02 33.80
CA GLY G 282 -11.03 -19.76 32.66
C GLY G 282 -10.06 -20.92 32.42
N VAL G 283 -9.86 -21.24 31.16
CA VAL G 283 -8.98 -22.35 30.80
C VAL G 283 -7.82 -21.79 29.99
N LEU G 284 -6.59 -22.16 30.36
CA LEU G 284 -5.41 -21.96 29.52
C LEU G 284 -4.81 -23.33 29.22
N ALA G 285 -4.48 -23.56 27.95
CA ALA G 285 -3.99 -24.87 27.58
C ALA G 285 -3.02 -24.74 26.40
N ASN G 286 -1.79 -25.21 26.57
CA ASN G 286 -0.91 -25.38 25.43
C ASN G 286 -1.59 -26.25 24.37
N ASN G 287 -1.48 -25.85 23.11
CA ASN G 287 -2.04 -26.66 22.04
C ASN G 287 -0.93 -27.32 21.21
N PRO G 288 -0.59 -28.58 21.47
CA PRO G 288 0.49 -29.22 20.70
C PRO G 288 0.28 -29.22 19.19
N LEU G 289 -0.94 -28.99 18.71
CA LEU G 289 -1.23 -28.99 17.27
C LEU G 289 -0.54 -27.86 16.53
N ARG G 290 -0.12 -26.80 17.24
CA ARG G 290 0.45 -25.60 16.64
C ARG G 290 1.77 -25.28 17.31
N LEU G 291 2.82 -25.08 16.50
CA LEU G 291 4.16 -24.78 17.00
C LEU G 291 4.59 -25.76 18.07
N GLY G 292 4.15 -27.02 17.96
CA GLY G 292 4.48 -28.04 18.92
C GLY G 292 3.99 -27.76 20.33
N GLY G 293 3.10 -26.78 20.49
CA GLY G 293 2.65 -26.35 21.80
C GLY G 293 3.61 -25.46 22.55
N CYS G 294 4.69 -25.01 21.91
CA CYS G 294 5.70 -24.18 22.55
C CYS G 294 5.14 -22.81 22.91
N LEU G 295 5.61 -22.27 24.03
CA LEU G 295 5.36 -20.87 24.29
C LEU G 295 6.16 -20.01 23.32
N ASN G 296 5.62 -18.84 23.01
CA ASN G 296 6.39 -17.83 22.30
C ASN G 296 5.85 -16.47 22.72
N SER G 297 6.38 -15.41 22.11
CA SER G 297 6.03 -14.07 22.56
C SER G 297 4.52 -13.85 22.50
N GLU G 298 3.87 -14.29 21.42
CA GLU G 298 2.45 -14.01 21.25
C GLU G 298 1.61 -14.83 22.22
N SER G 299 1.89 -16.13 22.34
CA SER G 299 1.11 -16.96 23.26
C SER G 299 1.29 -16.51 24.71
N ALA G 300 2.50 -16.10 25.10
CA ALA G 300 2.71 -15.59 26.46
C ALA G 300 1.88 -14.34 26.70
N GLU G 301 1.82 -13.44 25.71
CA GLU G 301 1.02 -12.23 25.89
C GLU G 301 -0.46 -12.56 25.95
N LYS G 302 -0.92 -13.49 25.11
CA LYS G 302 -2.31 -13.93 25.14
C LYS G 302 -2.66 -14.57 26.48
N ALA G 303 -1.77 -15.42 27.00
CA ALA G 303 -2.03 -16.05 28.29
C ALA G 303 -2.00 -15.01 29.41
N ALA G 304 -1.02 -14.09 29.38
CA ALA G 304 -0.90 -13.08 30.44
C ALA G 304 -2.15 -12.21 30.53
N ARG G 305 -2.64 -11.72 29.40
CA ARG G 305 -3.82 -10.86 29.43
C ARG G 305 -5.03 -11.62 29.96
N PHE G 306 -5.14 -12.90 29.62
CA PHE G 306 -6.32 -13.66 30.03
C PHE G 306 -6.27 -13.99 31.52
N VAL G 307 -5.08 -14.30 32.04
CA VAL G 307 -4.94 -14.49 33.49
C VAL G 307 -5.36 -13.23 34.25
N ARG G 308 -4.93 -12.05 33.78
CA ARG G 308 -5.27 -10.83 34.51
CA ARG G 308 -5.26 -10.80 34.48
C ARG G 308 -6.76 -10.53 34.46
N LEU G 309 -7.44 -10.88 33.35
CA LEU G 309 -8.87 -10.67 33.26
C LEU G 309 -9.62 -11.57 34.24
N CYS G 310 -9.27 -12.85 34.28
CA CYS G 310 -9.96 -13.75 35.21
C CYS G 310 -9.65 -13.40 36.66
N ASP G 311 -8.39 -13.08 36.97
CA ASP G 311 -8.05 -12.69 38.33
C ASP G 311 -8.86 -11.47 38.78
N ALA G 312 -9.04 -10.48 37.90
CA ALA G 312 -9.75 -9.27 38.30
C ALA G 312 -11.21 -9.55 38.67
N PHE G 313 -11.87 -10.52 38.02
CA PHE G 313 -13.28 -10.74 38.25
C PHE G 313 -13.58 -11.99 39.05
N GLY G 314 -12.57 -12.60 39.68
CA GLY G 314 -12.83 -13.69 40.60
C GLY G 314 -13.12 -15.01 39.92
N ILE G 315 -12.59 -15.21 38.71
CA ILE G 315 -12.87 -16.39 37.90
C ILE G 315 -11.67 -17.33 38.04
N PRO G 316 -11.85 -18.50 38.65
CA PRO G 316 -10.71 -19.42 38.83
C PRO G 316 -10.20 -19.97 37.51
N LEU G 317 -8.97 -20.47 37.56
CA LEU G 317 -8.25 -20.91 36.38
C LEU G 317 -7.95 -22.40 36.42
N VAL G 318 -8.11 -23.04 35.26
CA VAL G 318 -7.65 -24.39 34.98
C VAL G 318 -6.57 -24.30 33.91
N VAL G 319 -5.34 -24.68 34.26
CA VAL G 319 -4.19 -24.58 33.37
C VAL G 319 -3.80 -26.00 32.95
N VAL G 320 -4.06 -26.34 31.69
CA VAL G 320 -3.78 -27.67 31.14
C VAL G 320 -2.44 -27.61 30.41
N VAL G 321 -1.44 -28.27 30.97
CA VAL G 321 -0.04 -28.08 30.58
C VAL G 321 0.45 -29.26 29.75
N ASP G 322 1.02 -28.96 28.56
CA ASP G 322 1.75 -29.90 27.72
C ASP G 322 2.68 -29.05 26.83
N VAL G 323 3.78 -28.61 27.42
CA VAL G 323 4.66 -27.62 26.81
C VAL G 323 6.08 -28.18 26.74
N PRO G 324 6.73 -28.19 25.58
CA PRO G 324 8.10 -28.72 25.49
C PRO G 324 9.21 -27.67 25.46
N GLY G 325 8.86 -26.39 25.45
CA GLY G 325 9.86 -25.35 25.36
C GLY G 325 9.23 -24.06 24.90
N TYR G 326 10.08 -23.11 24.53
CA TYR G 326 9.66 -21.80 24.07
C TYR G 326 10.55 -21.38 22.91
N LEU G 327 10.11 -20.35 22.18
CA LEU G 327 10.64 -20.03 20.87
C LEU G 327 10.88 -18.53 20.71
N PRO G 328 11.89 -18.13 19.94
CA PRO G 328 12.05 -16.72 19.57
C PRO G 328 11.16 -16.37 18.38
N GLY G 329 11.24 -15.13 18.00
CA GLY G 329 10.42 -14.61 16.97
C GLY G 329 10.99 -14.21 15.63
N VAL G 330 11.03 -12.91 15.39
CA VAL G 330 11.50 -12.33 14.13
C VAL G 330 12.83 -12.79 13.64
N ASP G 331 13.80 -11.91 13.73
CA ASP G 331 15.13 -12.24 13.23
C ASP G 331 15.82 -13.18 14.21
N GLN G 332 15.07 -14.17 14.68
CA GLN G 332 15.49 -15.05 15.79
C GLN G 332 15.73 -14.25 17.08
N GLU G 333 15.06 -13.11 17.22
CA GLU G 333 15.29 -12.23 18.37
C GLU G 333 14.48 -12.71 19.57
N TRP G 334 15.15 -12.84 20.71
CA TRP G 334 14.52 -13.34 21.93
C TRP G 334 13.84 -12.25 22.75
N GLY G 335 14.03 -10.98 22.41
CA GLY G 335 13.46 -9.91 23.21
C GLY G 335 11.97 -10.08 23.45
N GLY G 336 11.22 -10.38 22.40
CA GLY G 336 9.78 -10.51 22.56
C GLY G 336 9.40 -11.53 23.62
N VAL G 337 9.96 -12.74 23.52
CA VAL G 337 9.51 -13.81 24.41
C VAL G 337 10.01 -13.54 25.83
N VAL G 338 11.16 -12.89 25.97
CA VAL G 338 11.65 -12.55 27.30
C VAL G 338 10.79 -11.45 27.91
N ARG G 339 10.46 -10.44 27.10
CA ARG G 339 9.63 -9.34 27.57
C ARG G 339 8.22 -9.80 27.96
N ARG G 340 7.58 -10.54 27.06
CA ARG G 340 6.23 -11.04 27.28
C ARG G 340 6.19 -12.21 28.20
N GLY G 341 7.16 -13.08 28.12
CA GLY G 341 7.24 -14.17 29.08
C GLY G 341 7.35 -13.66 30.51
N ALA G 342 8.08 -12.56 30.72
CA ALA G 342 8.15 -11.96 32.03
C ALA G 342 6.76 -11.52 32.50
N LYS G 343 5.96 -10.95 31.59
CA LYS G 343 4.62 -10.53 31.99
C LYS G 343 3.72 -11.73 32.30
N LEU G 344 3.96 -12.90 31.69
CA LEU G 344 3.18 -14.07 32.04
C LEU G 344 3.56 -14.59 33.43
N LEU G 345 4.86 -14.60 33.74
CA LEU G 345 5.29 -14.91 35.11
C LEU G 345 4.62 -13.98 36.10
N HIS G 346 4.64 -12.68 35.81
CA HIS G 346 4.05 -11.68 36.67
C HIS G 346 2.58 -11.97 36.90
N ALA G 347 1.85 -12.30 35.83
CA ALA G 347 0.41 -12.48 35.92
C ALA G 347 0.05 -13.68 36.79
N PHE G 348 0.75 -14.81 36.61
CA PHE G 348 0.49 -15.94 37.49
C PHE G 348 0.96 -15.65 38.91
N GLY G 349 2.14 -15.03 39.06
CA GLY G 349 2.69 -14.81 40.39
C GLY G 349 1.81 -13.94 41.28
N GLU G 350 1.19 -12.90 40.70
CA GLU G 350 0.31 -11.98 41.43
C GLU G 350 -1.13 -12.46 41.52
N CYS G 351 -1.47 -13.49 40.76
CA CYS G 351 -2.83 -14.02 40.74
C CYS G 351 -3.29 -14.47 42.13
N THR G 352 -4.52 -14.14 42.50
CA THR G 352 -5.05 -14.54 43.79
C THR G 352 -6.32 -15.38 43.72
N VAL G 353 -6.95 -15.50 42.55
CA VAL G 353 -8.04 -16.46 42.38
C VAL G 353 -7.45 -17.86 42.42
N PRO G 354 -8.24 -18.89 42.72
CA PRO G 354 -7.74 -20.27 42.61
C PRO G 354 -7.24 -20.55 41.21
N ARG G 355 -6.13 -21.27 41.11
CA ARG G 355 -5.56 -21.62 39.80
C ARG G 355 -4.89 -22.98 39.93
N VAL G 356 -5.44 -23.98 39.27
CA VAL G 356 -5.00 -25.36 39.40
C VAL G 356 -4.35 -25.79 38.10
N THR G 357 -3.23 -26.48 38.20
CA THR G 357 -2.44 -26.95 37.06
C THR G 357 -2.64 -28.45 36.90
N LEU G 358 -2.76 -28.89 35.66
CA LEU G 358 -2.85 -30.30 35.31
C LEU G 358 -1.80 -30.57 34.23
N VAL G 359 -0.81 -31.40 34.55
CA VAL G 359 0.18 -31.83 33.57
C VAL G 359 -0.31 -33.11 32.89
N THR G 360 -0.58 -33.03 31.59
CA THR G 360 -1.08 -34.19 30.85
C THR G 360 0.07 -35.05 30.31
N ARG G 361 0.98 -34.46 29.54
CA ARG G 361 2.12 -35.21 29.03
C ARG G 361 3.44 -34.61 29.48
N LYS G 362 3.94 -33.62 28.76
CA LYS G 362 5.27 -33.05 28.98
C LYS G 362 5.16 -31.68 29.64
N THR G 363 6.20 -31.32 30.37
CA THR G 363 6.40 -29.93 30.74
C THR G 363 7.89 -29.77 31.05
N TYR G 364 8.59 -28.97 30.24
CA TYR G 364 10.04 -28.85 30.26
C TYR G 364 10.48 -27.43 30.52
N GLY G 365 11.54 -27.30 31.32
CA GLY G 365 12.35 -26.09 31.29
C GLY G 365 11.66 -24.85 31.85
N GLY G 366 12.11 -23.68 31.38
CA GLY G 366 11.48 -22.44 31.78
C GLY G 366 10.00 -22.39 31.47
N ALA G 367 9.59 -23.00 30.35
CA ALA G 367 8.16 -23.11 30.04
C ALA G 367 7.40 -23.77 31.17
N TYR G 368 7.96 -24.84 31.74
CA TYR G 368 7.30 -25.48 32.88
C TYR G 368 7.08 -24.48 34.00
N ILE G 369 8.11 -23.70 34.34
CA ILE G 369 7.99 -22.70 35.40
C ILE G 369 6.86 -21.74 35.10
N ALA G 370 6.75 -21.29 33.84
CA ALA G 370 5.82 -20.23 33.49
C ALA G 370 4.37 -20.70 33.53
N MET G 371 4.10 -21.99 33.29
CA MET G 371 2.74 -22.49 33.18
C MET G 371 2.16 -22.83 34.56
N ASN G 372 2.04 -21.81 35.40
CA ASN G 372 1.40 -21.91 36.71
C ASN G 372 2.01 -23.03 37.55
N SER G 373 3.33 -22.94 37.72
CA SER G 373 4.10 -23.88 38.52
C SER G 373 3.91 -23.63 40.02
N ARG G 374 4.32 -24.63 40.79
CA ARG G 374 4.30 -24.52 42.24
C ARG G 374 5.12 -23.32 42.71
N SER G 375 6.24 -23.03 42.03
CA SER G 375 7.08 -21.92 42.46
C SER G 375 6.39 -20.56 42.30
N LEU G 376 5.42 -20.45 41.38
CA LEU G 376 4.59 -19.25 41.31
C LEU G 376 3.30 -19.37 42.14
N ASN G 377 3.23 -20.32 43.07
CA ASN G 377 2.14 -20.44 44.05
C ASN G 377 0.84 -20.91 43.43
N ALA G 378 0.94 -21.82 42.46
CA ALA G 378 -0.24 -22.54 42.00
C ALA G 378 -1.03 -23.10 43.18
N THR G 379 -2.36 -23.02 43.08
CA THR G 379 -3.22 -23.57 44.11
C THR G 379 -2.93 -25.05 44.32
N LYS G 380 -2.88 -25.83 43.23
CA LYS G 380 -2.60 -27.24 43.29
C LYS G 380 -2.09 -27.69 41.92
N VAL G 381 -1.12 -28.60 41.91
CA VAL G 381 -0.57 -29.15 40.68
C VAL G 381 -0.89 -30.64 40.65
N PHE G 382 -1.66 -31.05 39.64
CA PHE G 382 -1.99 -32.44 39.36
C PHE G 382 -1.20 -32.91 38.16
N ALA G 383 -0.89 -34.22 38.12
CA ALA G 383 -0.33 -34.83 36.91
C ALA G 383 -0.98 -36.17 36.61
N TRP G 384 -1.21 -36.46 35.34
CA TRP G 384 -1.57 -37.79 34.91
C TRP G 384 -0.38 -38.75 35.10
N PRO G 385 -0.64 -40.06 35.21
CA PRO G 385 0.44 -41.00 35.62
C PRO G 385 1.68 -41.00 34.75
N ASP G 386 1.54 -40.92 33.42
CA ASP G 386 2.68 -40.96 32.51
C ASP G 386 3.26 -39.57 32.20
N ALA G 387 2.96 -38.55 33.00
CA ALA G 387 3.42 -37.20 32.73
C ALA G 387 4.90 -37.05 33.04
N GLU G 388 5.57 -36.19 32.27
CA GLU G 388 7.00 -35.95 32.41
C GLU G 388 7.25 -34.50 32.81
N VAL G 389 7.83 -34.29 33.98
CA VAL G 389 8.27 -32.98 34.45
C VAL G 389 9.79 -33.01 34.48
N ALA G 390 10.43 -32.27 33.57
CA ALA G 390 11.88 -32.34 33.50
C ALA G 390 12.44 -31.03 33.00
N VAL G 391 13.78 -30.92 33.05
CA VAL G 391 14.47 -29.77 32.47
C VAL G 391 14.36 -29.78 30.95
N MET G 392 14.59 -30.95 30.35
CA MET G 392 14.44 -31.13 28.90
C MET G 392 14.20 -32.61 28.65
N GLY G 393 13.98 -32.95 27.37
CA GLY G 393 13.89 -34.35 27.01
C GLY G 393 15.15 -35.11 27.40
N ALA G 394 14.98 -36.39 27.73
CA ALA G 394 16.07 -37.16 28.31
C ALA G 394 17.25 -37.32 27.34
N LYS G 395 16.95 -37.46 26.03
CA LYS G 395 18.02 -37.57 25.04
C LYS G 395 18.89 -36.33 25.03
N ALA G 396 18.27 -35.15 25.05
CA ALA G 396 19.03 -33.91 25.03
C ALA G 396 19.88 -33.76 26.29
N ALA G 397 19.33 -34.18 27.44
CA ALA G 397 20.04 -33.99 28.71
C ALA G 397 21.32 -34.81 28.76
N VAL G 398 21.29 -36.06 28.27
CA VAL G 398 22.46 -36.90 28.37
C VAL G 398 23.53 -36.49 27.36
N GLY G 399 23.13 -35.99 26.20
CA GLY G 399 24.10 -35.45 25.26
C GLY G 399 24.84 -34.25 25.79
N ILE G 400 24.28 -33.57 26.79
CA ILE G 400 24.93 -32.43 27.42
C ILE G 400 25.63 -32.85 28.72
N LEU G 401 24.97 -33.67 29.53
CA LEU G 401 25.49 -34.12 30.81
C LEU G 401 26.58 -35.17 30.69
N HIS G 402 26.97 -35.56 29.46
CA HIS G 402 27.95 -36.64 29.30
C HIS G 402 28.81 -36.32 28.08
N LYS G 403 30.00 -35.77 28.31
CA LYS G 403 31.02 -35.60 27.28
C LYS G 403 31.74 -36.90 26.97
N LYS G 404 31.37 -38.01 27.63
CA LYS G 404 31.75 -39.36 27.23
C LYS G 404 31.04 -39.82 25.97
N LYS G 405 30.26 -38.94 25.33
CA LYS G 405 29.55 -39.28 24.10
C LYS G 405 30.52 -39.51 22.95
N LEU G 406 30.16 -40.45 22.08
CA LEU G 406 30.99 -40.96 20.99
C LEU G 406 32.45 -41.15 21.42
N ALA G 407 32.64 -42.22 22.19
CA ALA G 407 33.95 -42.64 22.63
C ALA G 407 34.12 -44.14 22.37
N GLN G 420 18.46 -43.73 21.86
CA GLN G 420 19.41 -44.76 22.25
C GLN G 420 19.75 -44.70 23.74
N LEU G 421 20.88 -44.09 24.08
CA LEU G 421 21.41 -44.13 25.46
C LEU G 421 20.78 -43.03 26.32
N ALA G 422 19.45 -43.09 26.44
CA ALA G 422 18.67 -42.02 27.07
C ALA G 422 17.86 -42.50 28.27
N ALA G 423 17.07 -43.57 28.11
CA ALA G 423 16.07 -43.97 29.10
C ALA G 423 16.67 -44.24 30.49
N GLU G 424 18.00 -44.23 30.62
CA GLU G 424 18.60 -44.34 31.95
C GLU G 424 18.30 -43.10 32.79
N HIS G 425 18.44 -41.90 32.19
CA HIS G 425 18.10 -40.67 32.90
C HIS G 425 16.61 -40.63 33.24
N GLU G 426 15.76 -41.22 32.40
CA GLU G 426 14.32 -41.24 32.63
C GLU G 426 13.92 -42.12 33.80
N ARG G 427 14.83 -42.91 34.35
CA ARG G 427 14.51 -43.76 35.50
C ARG G 427 14.77 -43.08 36.83
N ILE G 428 15.78 -42.18 36.90
CA ILE G 428 16.07 -41.48 38.14
C ILE G 428 15.40 -40.11 38.23
N ALA G 429 15.02 -39.51 37.11
CA ALA G 429 14.43 -38.18 37.09
C ALA G 429 13.38 -38.12 36.01
N GLY G 430 12.58 -37.05 36.04
CA GLY G 430 11.63 -36.75 35.00
C GLY G 430 10.23 -37.31 35.20
N GLY G 431 10.02 -38.19 36.20
CA GLY G 431 8.72 -38.79 36.40
C GLY G 431 7.87 -38.05 37.42
N VAL G 432 6.58 -38.40 37.44
CA VAL G 432 5.68 -37.84 38.44
C VAL G 432 6.11 -38.25 39.85
N ASP G 433 6.52 -39.51 40.02
CA ASP G 433 7.00 -39.98 41.32
C ASP G 433 8.11 -39.08 41.86
N SER G 434 9.07 -38.73 40.99
CA SER G 434 10.14 -37.84 41.41
C SER G 434 9.61 -36.43 41.68
N ALA G 435 8.74 -35.94 40.79
CA ALA G 435 8.13 -34.62 40.98
C ALA G 435 7.29 -34.57 42.25
N LEU G 436 6.62 -35.67 42.59
CA LEU G 436 5.92 -35.74 43.86
C LEU G 436 6.89 -35.68 45.02
N ASP G 437 8.03 -36.35 44.90
CA ASP G 437 9.02 -36.33 45.98
C ASP G 437 9.63 -34.96 46.12
N ILE G 438 10.00 -34.32 45.01
CA ILE G 438 10.52 -32.95 45.08
C ILE G 438 9.47 -32.02 45.69
N GLY G 439 8.20 -32.16 45.27
CA GLY G 439 7.13 -31.31 45.73
C GLY G 439 6.55 -30.32 44.71
N VAL G 440 6.88 -30.46 43.42
CA VAL G 440 6.35 -29.55 42.41
C VAL G 440 5.07 -30.06 41.80
N VAL G 441 4.72 -31.32 42.08
CA VAL G 441 3.42 -31.89 41.76
C VAL G 441 2.84 -32.38 43.08
N ASP G 442 1.57 -32.04 43.34
CA ASP G 442 0.93 -32.38 44.60
C ASP G 442 0.26 -33.75 44.59
N GLU G 443 -0.23 -34.21 43.43
CA GLU G 443 -0.93 -35.47 43.39
C GLU G 443 -0.90 -36.03 41.97
N LYS G 444 -0.51 -37.31 41.85
CA LYS G 444 -0.80 -38.07 40.65
C LYS G 444 -2.25 -38.53 40.72
N ILE G 445 -3.01 -38.33 39.64
CA ILE G 445 -4.43 -38.67 39.64
C ILE G 445 -4.77 -39.60 38.49
N ASP G 446 -5.84 -40.34 38.69
CA ASP G 446 -6.47 -41.14 37.66
C ASP G 446 -7.14 -40.21 36.66
N PRO G 447 -6.81 -40.27 35.36
CA PRO G 447 -7.39 -39.31 34.41
C PRO G 447 -8.89 -39.40 34.30
N ALA G 448 -9.49 -40.53 34.68
CA ALA G 448 -10.95 -40.61 34.69
C ALA G 448 -11.59 -39.79 35.80
N HIS G 449 -10.79 -39.24 36.73
CA HIS G 449 -11.29 -38.37 37.78
C HIS G 449 -10.81 -36.92 37.64
N THR G 450 -10.26 -36.57 36.48
CA THR G 450 -9.71 -35.24 36.25
C THR G 450 -10.70 -34.15 36.67
N ARG G 451 -11.91 -34.22 36.11
CA ARG G 451 -12.92 -33.20 36.33
C ARG G 451 -13.29 -33.07 37.80
N SER G 452 -13.46 -34.19 38.49
CA SER G 452 -13.84 -34.12 39.90
C SER G 452 -12.66 -33.69 40.79
N LYS G 453 -11.44 -34.14 40.47
CA LYS G 453 -10.26 -33.68 41.22
C LYS G 453 -10.05 -32.17 41.07
N LEU G 454 -10.15 -31.66 39.84
CA LEU G 454 -10.00 -30.22 39.62
C LEU G 454 -11.04 -29.44 40.40
N THR G 455 -12.31 -29.86 40.31
CA THR G 455 -13.38 -29.15 40.98
C THR G 455 -13.17 -29.13 42.49
N GLU G 456 -12.80 -30.27 43.07
CA GLU G 456 -12.55 -30.32 44.50
C GLU G 456 -11.48 -29.31 44.91
N ALA G 457 -10.34 -29.29 44.20
CA ALA G 457 -9.25 -28.42 44.59
C ALA G 457 -9.62 -26.95 44.42
N LEU G 458 -10.41 -26.63 43.39
CA LEU G 458 -10.86 -25.25 43.20
C LEU G 458 -11.88 -24.83 44.25
N ALA G 459 -12.80 -25.74 44.61
CA ALA G 459 -13.83 -25.42 45.62
C ALA G 459 -13.23 -25.29 47.01
N GLN G 460 -12.14 -25.99 47.29
CA GLN G 460 -11.53 -25.94 48.61
C GLN G 460 -10.63 -24.73 48.80
N ALA G 461 -10.18 -24.14 47.72
CA ALA G 461 -9.29 -22.99 47.82
C ALA G 461 -10.08 -21.74 48.24
N PRO G 462 -9.43 -20.79 48.90
CA PRO G 462 -10.10 -19.52 49.19
C PRO G 462 -10.43 -18.78 47.89
N ALA G 463 -11.61 -18.16 47.86
CA ALA G 463 -11.99 -17.37 46.69
C ALA G 463 -10.90 -16.38 46.31
N ARG G 464 -10.10 -15.95 47.28
CA ARG G 464 -9.11 -14.91 47.03
C ARG G 464 -7.94 -15.12 48.00
N ARG G 465 -6.83 -15.69 47.49
CA ARG G 465 -5.46 -15.55 48.01
C ARG G 465 -4.55 -16.71 47.59
N GLY G 466 -3.38 -16.41 47.03
CA GLY G 466 -2.43 -17.44 46.63
C GLY G 466 -1.43 -17.03 45.55
N LEU H 13 43.79 -12.19 41.01
CA LEU H 13 42.43 -12.56 41.40
C LEU H 13 41.49 -12.47 40.20
N ASP H 14 40.62 -13.47 40.06
CA ASP H 14 39.75 -13.57 38.89
C ASP H 14 38.85 -12.34 38.78
N PRO H 15 38.74 -11.72 37.59
CA PRO H 15 37.85 -10.55 37.46
C PRO H 15 36.37 -10.86 37.57
N ARG H 16 35.97 -12.13 37.58
CA ARG H 16 34.58 -12.47 37.82
C ARG H 16 34.30 -12.76 39.29
N ASP H 17 35.28 -12.60 40.17
CA ASP H 17 35.07 -12.92 41.57
C ASP H 17 33.92 -12.09 42.14
N PRO H 18 32.95 -12.70 42.81
CA PRO H 18 31.73 -11.95 43.19
C PRO H 18 31.98 -10.93 44.31
N LEU H 19 32.90 -11.20 45.24
CA LEU H 19 33.23 -10.21 46.26
C LEU H 19 33.92 -9.00 45.66
N LEU H 20 34.81 -9.22 44.68
CA LEU H 20 35.40 -8.08 43.96
C LEU H 20 34.30 -7.25 43.27
N ARG H 21 33.34 -7.92 42.62
CA ARG H 21 32.28 -7.19 41.91
C ARG H 21 31.38 -6.44 42.89
N LEU H 22 30.94 -7.10 43.96
CA LEU H 22 30.15 -6.40 44.98
C LEU H 22 30.90 -5.22 45.57
N SER H 23 32.21 -5.37 45.81
CA SER H 23 32.98 -4.27 46.38
C SER H 23 33.18 -3.15 45.39
N ASN H 24 33.31 -3.49 44.11
CA ASN H 24 33.34 -2.46 43.08
C ASN H 24 32.03 -1.69 43.02
N PHE H 25 30.89 -2.34 43.32
CA PHE H 25 29.60 -1.65 43.21
C PHE H 25 29.30 -0.82 44.45
N PHE H 26 29.46 -1.40 45.64
CA PHE H 26 29.12 -0.67 46.87
C PHE H 26 30.13 0.44 47.17
N ASP H 27 29.71 1.35 48.06
CA ASP H 27 30.63 2.30 48.67
C ASP H 27 31.81 1.55 49.30
N ASP H 28 33.00 2.14 49.17
CA ASP H 28 34.18 1.53 49.77
C ASP H 28 33.97 1.27 51.26
N GLY H 29 34.20 0.03 51.67
CA GLY H 29 34.15 -0.31 53.08
C GLY H 29 32.79 -0.66 53.64
N SER H 30 31.73 -0.65 52.83
CA SER H 30 30.38 -0.87 53.36
C SER H 30 29.93 -2.32 53.29
N VAL H 31 30.66 -3.19 52.60
CA VAL H 31 30.14 -4.52 52.29
C VAL H 31 30.01 -5.34 53.57
N GLU H 32 28.81 -5.88 53.82
CA GLU H 32 28.57 -6.86 54.86
C GLU H 32 27.91 -8.06 54.19
N LEU H 33 28.60 -9.19 54.19
CA LEU H 33 28.04 -10.41 53.61
C LEU H 33 26.79 -10.85 54.36
N LEU H 34 25.84 -11.42 53.62
CA LEU H 34 24.57 -11.86 54.20
C LEU H 34 24.58 -13.34 54.58
N HIS H 35 25.66 -14.05 54.25
CA HIS H 35 25.80 -15.48 54.46
C HIS H 35 27.27 -15.81 54.29
N GLU H 36 27.65 -17.02 54.67
CA GLU H 36 29.03 -17.44 54.55
C GLU H 36 29.36 -17.73 53.09
N ARG H 37 30.49 -17.19 52.65
CA ARG H 37 30.94 -17.40 51.28
C ARG H 37 31.10 -18.89 51.00
N ASP H 38 30.58 -19.35 49.87
CA ASP H 38 30.57 -20.79 49.54
C ASP H 38 30.79 -20.93 48.04
N ARG H 39 30.36 -22.07 47.48
CA ARG H 39 30.39 -22.31 46.04
C ARG H 39 28.99 -22.59 45.47
N SER H 40 27.94 -22.01 46.09
CA SER H 40 26.60 -22.09 45.53
C SER H 40 26.50 -21.38 44.18
N GLY H 41 27.40 -20.44 43.91
CA GLY H 41 27.31 -19.65 42.71
C GLY H 41 26.67 -18.30 42.90
N VAL H 42 26.41 -17.90 44.15
CA VAL H 42 25.82 -16.59 44.46
C VAL H 42 26.45 -16.09 45.74
N LEU H 43 26.82 -14.82 45.76
CA LEU H 43 27.20 -14.11 46.97
C LEU H 43 26.29 -12.91 47.11
N ALA H 44 25.63 -12.80 48.25
CA ALA H 44 24.73 -11.69 48.57
C ALA H 44 25.29 -10.86 49.72
N ALA H 45 25.02 -9.54 49.70
CA ALA H 45 25.59 -8.66 50.71
C ALA H 45 24.73 -7.42 50.91
N ALA H 46 24.81 -6.83 52.10
CA ALA H 46 24.32 -5.48 52.33
C ALA H 46 25.45 -4.46 52.13
N GLY H 47 25.06 -3.21 51.92
CA GLY H 47 26.03 -2.16 51.68
C GLY H 47 25.33 -0.83 51.58
N THR H 48 26.09 0.19 51.18
CA THR H 48 25.53 1.50 50.89
C THR H 48 25.96 1.95 49.51
N VAL H 49 25.09 2.72 48.88
CA VAL H 49 25.35 3.38 47.61
C VAL H 49 25.13 4.85 47.86
N ASN H 50 26.21 5.62 47.96
CA ASN H 50 26.14 7.02 48.34
C ASN H 50 25.34 7.21 49.62
N GLY H 51 25.51 6.27 50.55
CA GLY H 51 24.89 6.36 51.86
C GLY H 51 23.56 5.66 52.00
N VAL H 52 22.88 5.33 50.91
CA VAL H 52 21.62 4.61 50.98
C VAL H 52 21.90 3.13 51.22
N ARG H 53 21.27 2.57 52.26
CA ARG H 53 21.41 1.14 52.50
C ARG H 53 20.79 0.34 51.34
N THR H 54 21.56 -0.61 50.81
CA THR H 54 21.21 -1.29 49.58
C THR H 54 21.56 -2.77 49.70
N ILE H 55 20.66 -3.64 49.26
CA ILE H 55 20.98 -5.05 49.18
C ILE H 55 21.48 -5.37 47.78
N ALA H 56 22.45 -6.28 47.67
CA ALA H 56 22.91 -6.75 46.36
C ALA H 56 23.28 -8.23 46.41
N PHE H 57 23.26 -8.85 45.24
CA PHE H 57 23.72 -10.22 45.06
C PHE H 57 24.43 -10.29 43.72
N CYS H 58 25.35 -11.26 43.62
CA CYS H 58 26.22 -11.40 42.45
C CYS H 58 26.31 -12.88 42.10
N THR H 59 25.96 -13.23 40.87
CA THR H 59 26.21 -14.60 40.45
C THR H 59 27.71 -14.80 40.27
N ASP H 60 28.17 -16.02 40.52
CA ASP H 60 29.61 -16.31 40.59
C ASP H 60 30.08 -16.90 39.26
N GLY H 61 30.69 -16.05 38.43
CA GLY H 61 31.19 -16.51 37.15
C GLY H 61 32.35 -17.49 37.24
N THR H 62 32.98 -17.62 38.41
CA THR H 62 34.09 -18.54 38.55
C THR H 62 33.66 -19.94 38.91
N VAL H 63 32.37 -20.17 39.17
CA VAL H 63 31.86 -21.48 39.57
C VAL H 63 30.80 -21.88 38.56
N MET H 64 31.09 -22.92 37.78
CA MET H 64 30.18 -23.44 36.76
C MET H 64 29.58 -22.32 35.92
N GLY H 65 30.44 -21.36 35.55
CA GLY H 65 30.01 -20.25 34.71
C GLY H 65 28.87 -19.42 35.27
N GLY H 66 28.62 -19.48 36.57
CA GLY H 66 27.53 -18.74 37.15
C GLY H 66 26.21 -19.47 37.20
N ALA H 67 26.17 -20.72 36.76
CA ALA H 67 24.91 -21.45 36.68
C ALA H 67 24.24 -21.52 38.06
N MET H 68 22.92 -21.36 38.04
CA MET H 68 22.12 -21.19 39.25
C MET H 68 21.69 -22.54 39.80
N GLY H 69 21.94 -22.77 41.09
CA GLY H 69 21.49 -23.97 41.77
C GLY H 69 20.55 -23.62 42.91
N VAL H 70 20.04 -24.67 43.55
CA VAL H 70 19.13 -24.50 44.68
C VAL H 70 19.76 -23.61 45.74
N GLU H 71 21.01 -23.91 46.09
CA GLU H 71 21.69 -23.17 47.15
C GLU H 71 21.81 -21.70 46.80
N GLY H 72 22.31 -21.39 45.60
CA GLY H 72 22.54 -20.00 45.25
C GLY H 72 21.23 -19.23 45.11
N CYS H 73 20.20 -19.91 44.59
CA CYS H 73 18.88 -19.30 44.48
C CYS H 73 18.30 -18.99 45.84
N THR H 74 18.58 -19.84 46.83
CA THR H 74 18.14 -19.58 48.19
C THR H 74 18.80 -18.32 48.75
N HIS H 75 20.10 -18.11 48.47
CA HIS H 75 20.74 -16.86 48.88
C HIS H 75 20.07 -15.66 48.23
N ILE H 76 19.61 -15.80 46.99
CA ILE H 76 18.96 -14.69 46.30
C ILE H 76 17.59 -14.41 46.92
N VAL H 77 16.80 -15.47 47.17
CA VAL H 77 15.50 -15.28 47.81
C VAL H 77 15.68 -14.64 49.17
N ASN H 78 16.65 -15.15 49.96
CA ASN H 78 16.95 -14.57 51.27
C ASN H 78 17.28 -13.09 51.15
N ALA H 79 18.14 -12.73 50.19
CA ALA H 79 18.47 -11.32 49.97
C ALA H 79 17.23 -10.51 49.62
N TYR H 80 16.32 -11.06 48.79
CA TYR H 80 15.07 -10.37 48.50
C TYR H 80 14.23 -10.18 49.76
N ASP H 81 14.13 -11.20 50.61
CA ASP H 81 13.34 -11.08 51.83
C ASP H 81 13.93 -10.02 52.75
N THR H 82 15.26 -9.99 52.87
CA THR H 82 15.94 -8.94 53.61
C THR H 82 15.57 -7.56 53.07
N ALA H 83 15.73 -7.33 51.77
CA ALA H 83 15.49 -6.01 51.20
C ALA H 83 14.03 -5.62 51.33
N ILE H 84 13.11 -6.57 51.16
CA ILE H 84 11.68 -6.26 51.28
C ILE H 84 11.36 -5.83 52.70
N GLU H 85 11.94 -6.53 53.68
CA GLU H 85 11.69 -6.24 55.08
C GLU H 85 12.17 -4.83 55.47
N ASP H 86 13.32 -4.41 54.96
CA ASP H 86 13.89 -3.11 55.29
C ASP H 86 13.54 -2.03 54.28
N GLN H 87 12.69 -2.36 53.29
CA GLN H 87 12.41 -1.48 52.17
C GLN H 87 13.70 -0.94 51.58
N SER H 88 14.58 -1.80 51.30
CA SER H 88 15.77 -1.29 50.66
C SER H 88 15.79 -1.64 49.17
N PRO H 89 16.46 -0.84 48.34
CA PRO H 89 16.65 -1.24 46.94
C PRO H 89 17.51 -2.49 46.86
N ILE H 90 17.30 -3.29 45.83
CA ILE H 90 18.08 -4.51 45.63
C ILE H 90 18.65 -4.55 44.22
N VAL H 91 19.96 -4.74 44.12
CA VAL H 91 20.72 -4.73 42.88
C VAL H 91 21.24 -6.13 42.61
N GLY H 92 20.96 -6.66 41.43
CA GLY H 92 21.50 -7.93 41.00
C GLY H 92 22.61 -7.71 39.98
N ILE H 93 23.74 -8.38 40.20
CA ILE H 93 24.87 -8.40 39.27
C ILE H 93 24.91 -9.79 38.66
N TRP H 94 24.76 -9.88 37.34
CA TRP H 94 24.40 -11.11 36.68
C TRP H 94 25.49 -11.55 35.73
N HIS H 95 25.89 -12.83 35.86
CA HIS H 95 26.85 -13.48 34.98
C HIS H 95 26.59 -14.98 35.11
N SER H 96 25.83 -15.54 34.17
CA SER H 96 25.30 -16.88 34.43
C SER H 96 24.68 -17.45 33.17
N GLY H 97 24.95 -18.74 32.93
CA GLY H 97 24.28 -19.45 31.86
C GLY H 97 22.92 -20.04 32.19
N GLY H 98 22.38 -19.83 33.38
CA GLY H 98 21.07 -20.33 33.72
C GLY H 98 21.11 -21.44 34.76
N ALA H 99 20.02 -22.19 34.83
CA ALA H 99 19.88 -23.21 35.85
C ALA H 99 20.93 -24.30 35.65
N ARG H 100 21.43 -24.84 36.76
CA ARG H 100 22.35 -25.97 36.76
C ARG H 100 21.63 -27.21 36.25
N LEU H 101 21.94 -27.62 35.01
CA LEU H 101 21.27 -28.78 34.41
C LEU H 101 21.32 -29.99 35.34
N ALA H 102 22.48 -30.26 35.94
CA ALA H 102 22.66 -31.48 36.73
C ALA H 102 21.80 -31.52 38.00
N GLU H 103 21.35 -30.37 38.50
CA GLU H 103 20.42 -30.38 39.63
C GLU H 103 18.98 -30.64 39.20
N GLY H 104 18.70 -30.64 37.89
CA GLY H 104 17.41 -31.07 37.40
C GLY H 104 16.26 -30.18 37.84
N VAL H 105 15.10 -30.81 38.10
CA VAL H 105 13.87 -30.07 38.36
C VAL H 105 14.00 -29.20 39.61
N ARG H 106 14.71 -29.70 40.64
CA ARG H 106 14.92 -28.94 41.87
C ARG H 106 15.47 -27.53 41.60
N ALA H 107 16.36 -27.40 40.62
CA ALA H 107 16.91 -26.09 40.31
C ALA H 107 15.95 -25.24 39.49
N LEU H 108 15.14 -25.88 38.65
CA LEU H 108 14.04 -25.18 37.98
C LEU H 108 13.12 -24.53 39.00
N HIS H 109 12.70 -25.32 40.00
CA HIS H 109 11.84 -24.79 41.05
C HIS H 109 12.51 -23.63 41.76
N ALA H 110 13.82 -23.74 42.02
CA ALA H 110 14.48 -22.70 42.79
C ALA H 110 14.62 -21.42 41.96
N VAL H 111 14.79 -21.57 40.65
CA VAL H 111 14.82 -20.42 39.77
C VAL H 111 13.45 -19.74 39.76
N GLY H 112 12.38 -20.53 39.63
CA GLY H 112 11.04 -19.97 39.77
C GLY H 112 10.83 -19.25 41.10
N GLN H 113 11.42 -19.77 42.18
CA GLN H 113 11.31 -19.10 43.48
C GLN H 113 12.01 -17.75 43.47
N VAL H 114 13.05 -17.59 42.65
CA VAL H 114 13.68 -16.27 42.50
C VAL H 114 12.76 -15.33 41.73
N PHE H 115 12.15 -15.81 40.64
CA PHE H 115 11.16 -15.03 39.92
C PHE H 115 10.06 -14.57 40.88
N GLU H 116 9.57 -15.49 41.70
CA GLU H 116 8.47 -15.19 42.60
C GLU H 116 8.86 -14.12 43.62
N ALA H 117 10.10 -14.15 44.13
CA ALA H 117 10.55 -13.10 45.03
C ALA H 117 10.62 -11.75 44.33
N MET H 118 11.06 -11.74 43.07
CA MET H 118 11.09 -10.50 42.32
C MET H 118 9.68 -9.95 42.04
N ILE H 119 8.71 -10.85 41.82
CA ILE H 119 7.34 -10.41 41.63
C ILE H 119 6.78 -9.83 42.93
N ARG H 120 7.06 -10.47 44.07
CA ARG H 120 6.66 -9.91 45.35
C ARG H 120 7.29 -8.54 45.60
N ALA H 121 8.51 -8.32 45.12
CA ALA H 121 9.15 -7.03 45.32
C ALA H 121 8.68 -5.98 44.33
N SER H 122 8.01 -6.38 43.25
CA SER H 122 7.72 -5.48 42.14
C SER H 122 6.88 -4.29 42.58
N GLY H 123 7.32 -3.09 42.24
CA GLY H 123 6.62 -1.89 42.63
C GLY H 123 6.71 -1.56 44.11
N TYR H 124 7.39 -2.38 44.90
CA TYR H 124 7.54 -2.14 46.33
C TYR H 124 8.93 -1.70 46.73
N ILE H 125 9.98 -2.29 46.15
CA ILE H 125 11.33 -1.73 46.27
C ILE H 125 11.94 -1.65 44.89
N PRO H 126 12.84 -0.72 44.65
CA PRO H 126 13.50 -0.66 43.33
C PRO H 126 14.37 -1.88 43.12
N GLN H 127 14.29 -2.44 41.91
CA GLN H 127 15.08 -3.59 41.50
C GLN H 127 15.93 -3.18 40.32
N ILE H 128 17.25 -3.25 40.49
CA ILE H 128 18.18 -2.87 39.43
C ILE H 128 19.07 -4.08 39.09
N SER H 129 19.23 -4.32 37.80
CA SER H 129 20.04 -5.41 37.28
C SER H 129 21.23 -4.82 36.55
N VAL H 130 22.43 -5.31 36.88
CA VAL H 130 23.65 -4.96 36.17
C VAL H 130 24.20 -6.23 35.54
N VAL H 131 24.05 -6.35 34.22
CA VAL H 131 24.44 -7.55 33.50
C VAL H 131 25.87 -7.35 33.01
N VAL H 132 26.82 -8.06 33.61
CA VAL H 132 28.24 -7.86 33.32
C VAL H 132 28.87 -9.01 32.55
N GLY H 133 28.17 -10.14 32.41
CA GLY H 133 28.60 -11.22 31.57
C GLY H 133 27.42 -11.87 30.86
N PHE H 134 27.73 -12.94 30.14
CA PHE H 134 26.75 -13.84 29.53
C PHE H 134 25.57 -14.09 30.48
N ALA H 135 24.35 -14.03 29.96
CA ALA H 135 23.17 -14.21 30.81
C ALA H 135 22.10 -14.91 29.98
N ALA H 136 21.83 -16.17 30.30
CA ALA H 136 20.92 -16.98 29.49
C ALA H 136 20.02 -17.82 30.40
N GLY H 137 18.96 -18.35 29.81
CA GLY H 137 18.01 -19.16 30.55
C GLY H 137 17.32 -18.35 31.63
N GLY H 138 17.19 -18.95 32.80
CA GLY H 138 16.66 -18.22 33.93
C GLY H 138 17.41 -16.94 34.22
N ALA H 139 18.70 -16.88 33.85
CA ALA H 139 19.45 -15.65 34.09
C ALA H 139 19.16 -14.57 33.06
N ALA H 140 18.35 -14.87 32.06
CA ALA H 140 17.84 -13.82 31.19
C ALA H 140 16.50 -13.30 31.68
N TYR H 141 15.64 -14.18 32.23
CA TYR H 141 14.36 -13.74 32.75
C TYR H 141 14.48 -13.05 34.10
N GLY H 142 15.50 -13.40 34.89
CA GLY H 142 15.80 -12.66 36.10
C GLY H 142 15.79 -11.16 35.87
N PRO H 143 16.76 -10.65 35.10
CA PRO H 143 16.80 -9.20 34.86
C PRO H 143 15.53 -8.64 34.27
N ALA H 144 14.85 -9.41 33.42
CA ALA H 144 13.64 -8.95 32.76
C ALA H 144 12.49 -8.70 33.74
N LEU H 145 12.56 -9.26 34.95
CA LEU H 145 11.54 -8.99 35.97
C LEU H 145 11.85 -7.77 36.81
N THR H 146 13.01 -7.13 36.64
CA THR H 146 13.38 -6.01 37.48
C THR H 146 12.99 -4.71 36.79
N ASP H 147 13.25 -3.58 37.45
CA ASP H 147 12.77 -2.29 36.95
C ASP H 147 13.70 -1.66 35.94
N VAL H 148 15.01 -1.75 36.12
CA VAL H 148 15.96 -1.18 35.17
C VAL H 148 17.11 -2.15 34.97
N VAL H 149 17.45 -2.42 33.72
CA VAL H 149 18.55 -3.33 33.35
C VAL H 149 19.69 -2.51 32.75
N VAL H 150 20.86 -2.60 33.37
CA VAL H 150 22.10 -2.01 32.86
C VAL H 150 22.97 -3.14 32.32
N MET H 151 23.42 -3.00 31.08
CA MET H 151 24.23 -4.00 30.41
C MET H 151 25.63 -3.45 30.14
N ALA H 152 26.64 -4.17 30.57
CA ALA H 152 28.02 -3.89 30.22
C ALA H 152 28.33 -4.48 28.84
N PRO H 153 29.19 -3.83 28.06
CA PRO H 153 29.44 -4.33 26.69
C PRO H 153 30.07 -5.73 26.64
N GLU H 154 30.71 -6.16 27.69
CA GLU H 154 31.27 -7.50 27.69
C GLU H 154 30.23 -8.59 27.76
N SER H 155 29.04 -8.28 28.21
CA SER H 155 27.95 -9.26 28.22
C SER H 155 27.39 -9.55 26.83
N ARG H 156 27.94 -8.95 25.77
CA ARG H 156 27.51 -9.23 24.40
C ARG H 156 28.66 -9.78 23.55
N VAL H 157 29.75 -10.24 24.16
CA VAL H 157 30.90 -10.78 23.45
C VAL H 157 31.21 -12.16 24.03
N PHE H 158 31.04 -13.20 23.22
CA PHE H 158 31.23 -14.57 23.67
C PHE H 158 32.55 -15.13 23.14
N VAL H 159 33.17 -16.03 23.92
CA VAL H 159 34.33 -16.77 23.43
C VAL H 159 34.00 -17.65 22.24
N THR H 160 32.70 -17.90 21.99
CA THR H 160 32.24 -18.59 20.78
C THR H 160 32.22 -17.66 19.57
N GLY H 161 32.11 -16.35 19.78
CA GLY H 161 32.01 -15.38 18.70
C GLY H 161 31.68 -13.98 19.22
N SER H 188 14.31 -5.30 20.37
CA SER H 188 14.40 -6.06 21.62
C SER H 188 13.75 -5.29 22.77
N GLY H 189 14.51 -4.38 23.37
CA GLY H 189 14.02 -3.59 24.47
C GLY H 189 14.09 -4.17 25.85
N VAL H 190 14.82 -5.25 26.05
CA VAL H 190 14.95 -5.79 27.41
C VAL H 190 15.93 -4.97 28.23
N CYS H 191 16.96 -4.44 27.58
CA CYS H 191 18.03 -3.71 28.25
C CYS H 191 17.74 -2.20 28.19
N HIS H 192 17.69 -1.56 29.34
CA HIS H 192 17.37 -0.13 29.37
C HIS H 192 18.59 0.73 29.10
N ILE H 193 19.76 0.35 29.64
CA ILE H 193 20.95 1.18 29.58
C ILE H 193 22.14 0.33 29.16
N VAL H 194 22.94 0.88 28.24
CA VAL H 194 24.19 0.26 27.80
C VAL H 194 25.35 1.07 28.36
N ALA H 195 26.18 0.43 29.16
CA ALA H 195 27.32 1.12 29.74
C ALA H 195 28.53 1.02 28.81
N ASP H 196 29.55 1.84 29.10
CA ASP H 196 30.79 1.83 28.33
C ASP H 196 31.72 0.70 28.75
N ASP H 197 31.70 0.30 30.03
CA ASP H 197 32.47 -0.83 30.53
C ASP H 197 31.83 -1.31 31.82
N GLU H 198 32.43 -2.28 32.46
CA GLU H 198 31.89 -2.83 33.68
C GLU H 198 31.85 -1.82 34.78
N LEU H 199 32.89 -1.05 34.94
CA LEU H 199 32.93 -0.06 36.02
C LEU H 199 31.91 1.03 35.78
N ASP H 200 31.79 1.48 34.52
CA ASP H 200 30.75 2.42 34.16
C ASP H 200 29.37 1.83 34.38
N ALA H 201 29.20 0.51 34.14
CA ALA H 201 27.93 -0.15 34.44
C ALA H 201 27.57 0.00 35.91
N TYR H 202 28.55 -0.20 36.79
CA TYR H 202 28.30 -0.01 38.21
C TYR H 202 27.97 1.45 38.52
N ASP H 203 28.58 2.37 37.79
CA ASP H 203 28.32 3.78 38.05
C ASP H 203 26.90 4.16 37.67
N ARG H 204 26.42 3.69 36.52
CA ARG H 204 25.03 3.89 36.15
C ARG H 204 24.10 3.24 37.14
N GLY H 205 24.42 2.00 37.54
CA GLY H 205 23.60 1.33 38.54
C GLY H 205 23.53 2.06 39.85
N ARG H 206 24.66 2.61 40.32
CA ARG H 206 24.66 3.39 41.55
C ARG H 206 23.85 4.68 41.39
N ARG H 207 23.98 5.34 40.23
CA ARG H 207 23.21 6.55 39.99
C ARG H 207 21.71 6.25 39.93
N LEU H 208 21.32 5.08 39.40
CA LEU H 208 19.91 4.68 39.41
C LEU H 208 19.40 4.50 40.84
N VAL H 209 20.21 3.91 41.73
CA VAL H 209 19.77 3.79 43.13
C VAL H 209 19.48 5.18 43.70
N GLY H 210 20.32 6.16 43.38
CA GLY H 210 20.07 7.52 43.85
C GLY H 210 18.84 8.14 43.23
N LEU H 211 18.56 7.83 41.96
CA LEU H 211 17.36 8.39 41.31
C LEU H 211 16.08 7.90 41.97
N PHE H 212 16.03 6.63 42.41
CA PHE H 212 14.85 6.00 42.99
C PHE H 212 14.73 6.21 44.49
N CYS H 213 15.85 6.33 45.20
CA CYS H 213 15.88 6.35 46.65
C CYS H 213 16.29 7.69 47.25
N GLN H 214 16.82 8.62 46.44
CA GLN H 214 17.08 10.00 46.87
C GLN H 214 16.43 10.92 45.84
N GLN H 215 15.10 10.90 45.81
CA GLN H 215 14.36 11.63 44.80
C GLN H 215 14.45 13.13 45.00
N GLY H 216 14.71 13.58 46.21
CA GLY H 216 14.87 15.00 46.48
C GLY H 216 13.55 15.73 46.53
N HIS H 217 13.63 17.03 46.27
CA HIS H 217 12.46 17.89 46.34
C HIS H 217 12.63 18.97 45.28
N PHE H 218 11.51 19.58 44.89
CA PHE H 218 11.55 20.66 43.93
C PHE H 218 12.01 21.95 44.60
N ASP H 219 12.75 22.76 43.86
CA ASP H 219 13.27 24.03 44.36
C ASP H 219 13.00 25.14 43.35
N ARG H 220 12.14 26.09 43.74
CA ARG H 220 11.76 27.15 42.80
C ARG H 220 12.97 27.98 42.34
N SER H 221 13.87 28.35 43.25
CA SER H 221 14.99 29.20 42.87
C SER H 221 15.93 28.49 41.91
N LYS H 222 16.20 27.22 42.15
CA LYS H 222 17.08 26.46 41.25
C LYS H 222 16.41 26.24 39.91
N ALA H 223 15.09 26.01 39.90
CA ALA H 223 14.37 25.91 38.64
C ALA H 223 14.52 27.20 37.82
N GLU H 224 14.22 28.36 38.41
CA GLU H 224 14.25 29.62 37.67
C GLU H 224 15.66 29.98 37.22
N ALA H 225 16.67 29.72 38.07
CA ALA H 225 18.05 30.01 37.65
C ALA H 225 18.43 29.24 36.39
N GLY H 226 17.83 28.08 36.16
CA GLY H 226 18.19 27.30 34.98
C GLY H 226 17.40 27.59 33.74
N ASP H 227 16.48 28.57 33.80
CA ASP H 227 15.64 28.88 32.65
C ASP H 227 16.48 29.32 31.46
N THR H 228 16.06 28.89 30.27
CA THR H 228 16.61 29.38 29.01
C THR H 228 15.48 29.39 27.99
N ASP H 229 15.78 29.87 26.80
CA ASP H 229 14.83 29.94 25.70
C ASP H 229 14.88 28.61 24.96
N ILE H 230 14.15 27.62 25.51
CA ILE H 230 14.08 26.30 24.90
C ILE H 230 13.52 26.38 23.48
N HIS H 231 12.69 27.40 23.20
CA HIS H 231 12.11 27.48 21.87
C HIS H 231 13.16 27.70 20.79
N ALA H 232 14.30 28.30 21.15
CA ALA H 232 15.35 28.58 20.17
C ALA H 232 16.04 27.32 19.67
N LEU H 233 15.89 26.17 20.37
CA LEU H 233 16.44 24.90 19.90
C LEU H 233 15.62 24.29 18.76
N LEU H 234 14.49 24.86 18.41
CA LEU H 234 13.63 24.31 17.37
C LEU H 234 14.12 24.73 15.98
N PRO H 235 13.99 23.87 14.97
CA PRO H 235 14.31 24.30 13.61
C PRO H 235 13.52 25.53 13.22
N GLU H 236 14.11 26.37 12.37
CA GLU H 236 13.41 27.57 11.92
C GLU H 236 12.12 27.22 11.21
N SER H 237 12.11 26.12 10.46
CA SER H 237 10.94 25.73 9.69
C SER H 237 10.08 24.72 10.45
N SER H 238 8.77 25.01 10.53
CA SER H 238 7.82 24.11 11.17
C SER H 238 7.80 22.73 10.54
N ARG H 239 8.29 22.59 9.31
CA ARG H 239 8.23 21.31 8.63
C ARG H 239 9.45 20.44 8.87
N ARG H 240 10.54 21.01 9.38
CA ARG H 240 11.77 20.24 9.48
C ARG H 240 11.80 19.43 10.77
N ALA H 241 12.23 18.18 10.66
CA ALA H 241 12.41 17.34 11.82
C ALA H 241 13.62 17.84 12.63
N TYR H 242 13.83 17.20 13.77
CA TYR H 242 14.85 17.57 14.72
C TYR H 242 14.85 16.54 15.84
N ASP H 243 15.99 16.41 16.51
CA ASP H 243 16.11 15.58 17.70
C ASP H 243 15.58 16.35 18.91
N VAL H 244 14.63 15.75 19.64
CA VAL H 244 14.03 16.41 20.80
C VAL H 244 14.96 16.37 22.00
N ARG H 245 16.00 15.53 21.99
CA ARG H 245 16.80 15.35 23.19
C ARG H 245 17.52 16.61 23.69
N PRO H 246 18.01 17.53 22.85
CA PRO H 246 18.49 18.81 23.39
C PRO H 246 17.42 19.60 24.12
N ILE H 247 16.17 19.51 23.67
CA ILE H 247 15.07 20.15 24.40
C ILE H 247 14.91 19.52 25.78
N VAL H 248 14.89 18.18 25.83
CA VAL H 248 14.84 17.47 27.11
C VAL H 248 16.01 17.88 28.00
N THR H 249 17.20 17.96 27.40
CA THR H 249 18.41 18.31 28.16
C THR H 249 18.35 19.73 28.68
N ALA H 250 17.81 20.66 27.90
CA ALA H 250 17.71 22.04 28.36
C ALA H 250 16.71 22.21 29.49
N ILE H 251 15.67 21.36 29.54
CA ILE H 251 14.71 21.42 30.64
C ILE H 251 15.35 20.91 31.93
N LEU H 252 16.04 19.78 31.85
CA LEU H 252 16.63 19.14 33.02
C LEU H 252 17.85 19.90 33.53
N ASP H 253 18.22 19.59 34.77
CA ASP H 253 19.37 20.23 35.42
C ASP H 253 20.63 20.05 34.58
N ALA H 254 21.32 21.15 34.30
CA ALA H 254 22.49 21.11 33.43
C ALA H 254 23.61 20.26 34.02
N ASP H 255 23.68 20.15 35.35
CA ASP H 255 24.76 19.42 36.02
C ASP H 255 24.46 17.94 36.21
N THR H 256 23.37 17.42 35.65
CA THR H 256 22.96 16.05 35.95
C THR H 256 22.77 15.26 34.66
N PRO H 257 23.22 13.99 34.63
CA PRO H 257 22.97 13.16 33.44
C PRO H 257 21.49 12.92 33.22
N PHE H 258 21.11 12.82 31.95
CA PHE H 258 19.79 12.33 31.55
C PHE H 258 19.97 10.86 31.22
N ASP H 259 19.45 9.99 32.08
CA ASP H 259 19.65 8.55 31.91
C ASP H 259 18.52 8.02 31.04
N GLU H 260 18.76 8.04 29.74
CA GLU H 260 17.79 7.60 28.77
C GLU H 260 17.65 6.08 28.79
N PHE H 261 16.41 5.60 28.77
CA PHE H 261 16.12 4.16 28.67
C PHE H 261 15.89 3.77 27.22
N GLN H 262 16.43 2.61 26.82
CA GLN H 262 16.11 1.96 25.55
C GLN H 262 16.22 2.90 24.35
N ALA H 263 17.37 3.58 24.25
CA ALA H 263 17.51 4.65 23.24
C ALA H 263 17.41 4.11 21.83
N ASN H 264 17.77 2.84 21.60
CA ASN H 264 17.76 2.29 20.26
C ASN H 264 16.47 1.53 19.94
N TRP H 265 15.62 1.29 20.91
CA TRP H 265 14.35 0.63 20.70
C TRP H 265 13.24 1.67 20.64
N ALA H 266 12.34 1.53 19.67
CA ALA H 266 11.24 2.46 19.46
C ALA H 266 11.74 3.90 19.51
N PRO H 267 12.58 4.31 18.56
CA PRO H 267 13.26 5.61 18.67
C PRO H 267 12.40 6.82 18.35
N SER H 268 11.15 6.64 17.95
CA SER H 268 10.26 7.79 17.84
C SER H 268 9.80 8.30 19.21
N MET H 269 10.13 7.56 20.27
CA MET H 269 9.75 7.94 21.63
C MET H 269 11.00 7.93 22.49
N VAL H 270 11.23 9.02 23.22
CA VAL H 270 12.37 9.15 24.12
C VAL H 270 11.82 9.12 25.56
N VAL H 271 12.38 8.25 26.40
CA VAL H 271 12.03 8.22 27.81
C VAL H 271 13.30 8.07 28.64
N GLY H 272 13.22 8.44 29.90
CA GLY H 272 14.35 8.32 30.80
C GLY H 272 14.17 9.16 32.03
N LEU H 273 15.11 9.00 32.96
CA LEU H 273 15.08 9.65 34.26
C LEU H 273 16.15 10.75 34.32
N GLY H 274 15.82 11.83 35.00
CA GLY H 274 16.73 12.92 35.20
C GLY H 274 16.37 13.68 36.45
N ARG H 275 16.89 14.89 36.57
CA ARG H 275 16.61 15.70 37.74
C ARG H 275 16.15 17.08 37.32
N LEU H 276 15.13 17.57 38.02
CA LEU H 276 14.50 18.86 37.71
C LEU H 276 14.57 19.68 38.99
N SER H 277 15.47 20.65 39.01
CA SER H 277 15.80 21.42 40.21
C SER H 277 16.13 20.50 41.38
N GLY H 278 16.82 19.38 41.09
CA GLY H 278 17.25 18.41 42.08
C GLY H 278 16.29 17.23 42.30
N ARG H 279 15.05 17.34 41.84
CA ARG H 279 14.05 16.29 42.03
C ARG H 279 14.09 15.29 40.88
N THR H 280 14.09 14.00 41.22
CA THR H 280 13.99 12.95 40.21
C THR H 280 12.68 13.08 39.43
N VAL H 281 12.77 13.20 38.10
CA VAL H 281 11.60 13.18 37.24
C VAL H 281 11.83 12.20 36.10
N GLY H 282 10.72 11.73 35.53
CA GLY H 282 10.75 10.97 34.30
C GLY H 282 10.29 11.87 33.16
N VAL H 283 10.86 11.64 31.98
CA VAL H 283 10.54 12.39 30.77
C VAL H 283 10.10 11.42 29.68
N LEU H 284 9.02 11.78 28.98
CA LEU H 284 8.61 11.14 27.75
C LEU H 284 8.50 12.22 26.69
N ALA H 285 9.08 11.97 25.52
CA ALA H 285 9.13 12.98 24.48
C ALA H 285 9.08 12.30 23.12
N ASN H 286 8.09 12.67 22.31
CA ASN H 286 8.11 12.31 20.90
C ASN H 286 9.38 12.87 20.27
N ASN H 287 10.07 12.05 19.48
CA ASN H 287 11.26 12.51 18.78
C ASN H 287 10.97 12.64 17.30
N PRO H 288 10.75 13.86 16.79
CA PRO H 288 10.43 14.03 15.37
C PRO H 288 11.52 13.57 14.41
N LEU H 289 12.74 13.33 14.91
CA LEU H 289 13.82 12.83 14.05
C LEU H 289 13.57 11.43 13.51
N ARG H 290 12.76 10.62 14.20
CA ARG H 290 12.50 9.24 13.80
C ARG H 290 11.00 9.03 13.56
N LEU H 291 10.64 8.48 12.40
CA LEU H 291 9.24 8.26 12.03
C LEU H 291 8.39 9.51 12.20
N GLY H 292 8.97 10.69 11.94
CA GLY H 292 8.26 11.94 12.11
C GLY H 292 7.76 12.21 13.52
N GLY H 293 8.27 11.48 14.52
CA GLY H 293 7.75 11.57 15.87
C GLY H 293 6.44 10.83 16.09
N CYS H 294 6.03 9.99 15.14
CA CYS H 294 4.72 9.35 15.24
C CYS H 294 4.72 8.29 16.33
N LEU H 295 3.55 8.08 16.91
CA LEU H 295 3.36 6.91 17.77
C LEU H 295 3.20 5.66 16.92
N ASN H 296 3.61 4.53 17.47
CA ASN H 296 3.36 3.27 16.83
C ASN H 296 3.34 2.21 17.90
N SER H 297 3.29 0.95 17.49
CA SER H 297 3.11 -0.14 18.44
C SER H 297 4.25 -0.18 19.46
N GLU H 298 5.50 -0.05 18.98
CA GLU H 298 6.68 -0.13 19.85
C GLU H 298 6.83 1.09 20.74
N SER H 299 6.64 2.28 20.18
CA SER H 299 6.80 3.47 20.98
C SER H 299 5.68 3.61 22.00
N ALA H 300 4.47 3.13 21.68
CA ALA H 300 3.39 3.10 22.66
C ALA H 300 3.72 2.16 23.82
N GLU H 301 4.32 1.00 23.52
CA GLU H 301 4.65 0.07 24.59
C GLU H 301 5.79 0.63 25.44
N LYS H 302 6.82 1.20 24.79
CA LYS H 302 7.92 1.79 25.52
C LYS H 302 7.43 2.87 26.48
N ALA H 303 6.51 3.73 26.04
CA ALA H 303 6.04 4.81 26.90
C ALA H 303 5.16 4.28 28.01
N ALA H 304 4.30 3.30 27.71
CA ALA H 304 3.38 2.76 28.72
C ALA H 304 4.14 2.13 29.87
N ARG H 305 5.16 1.32 29.55
CA ARG H 305 5.95 0.69 30.60
C ARG H 305 6.67 1.73 31.46
N PHE H 306 7.17 2.80 30.84
CA PHE H 306 7.89 3.80 31.61
C PHE H 306 6.96 4.58 32.53
N VAL H 307 5.76 4.94 32.03
CA VAL H 307 4.77 5.59 32.88
C VAL H 307 4.46 4.72 34.11
N ARG H 308 4.30 3.41 33.90
CA ARG H 308 3.98 2.54 35.05
C ARG H 308 5.14 2.48 36.02
N LEU H 309 6.37 2.53 35.52
CA LEU H 309 7.51 2.48 36.42
C LEU H 309 7.56 3.75 37.30
N CYS H 310 7.37 4.92 36.68
CA CYS H 310 7.38 6.18 37.43
C CYS H 310 6.21 6.27 38.42
N ASP H 311 5.04 5.88 37.98
CA ASP H 311 3.86 5.90 38.85
C ASP H 311 4.05 5.01 40.07
N ALA H 312 4.69 3.86 39.88
CA ALA H 312 4.88 2.93 40.98
C ALA H 312 5.74 3.53 42.09
N PHE H 313 6.75 4.31 41.73
CA PHE H 313 7.73 4.77 42.72
C PHE H 313 7.63 6.26 43.03
N GLY H 314 6.53 6.91 42.67
CA GLY H 314 6.32 8.29 43.09
C GLY H 314 7.09 9.32 42.31
N ILE H 315 7.40 9.07 41.05
CA ILE H 315 8.28 9.92 40.26
C ILE H 315 7.43 10.73 39.29
N PRO H 316 7.41 12.05 39.39
CA PRO H 316 6.58 12.87 38.49
C PRO H 316 7.07 12.82 37.04
N LEU H 317 6.15 13.12 36.12
CA LEU H 317 6.37 12.98 34.69
C LEU H 317 6.31 14.31 33.98
N VAL H 318 7.25 14.51 33.06
CA VAL H 318 7.25 15.61 32.11
C VAL H 318 7.04 15.00 30.73
N VAL H 319 5.97 15.41 30.04
CA VAL H 319 5.62 14.83 28.75
C VAL H 319 5.76 15.93 27.70
N VAL H 320 6.77 15.82 26.84
CA VAL H 320 7.04 16.82 25.81
C VAL H 320 6.46 16.32 24.50
N VAL H 321 5.38 16.98 24.04
CA VAL H 321 4.55 16.46 22.96
C VAL H 321 4.85 17.19 21.67
N ASP H 322 5.10 16.43 20.60
CA ASP H 322 5.21 16.95 19.24
C ASP H 322 4.95 15.77 18.30
N VAL H 323 3.68 15.38 18.16
CA VAL H 323 3.31 14.11 17.56
C VAL H 323 2.29 14.36 16.45
N PRO H 324 2.56 13.98 15.21
CA PRO H 324 1.66 14.33 14.10
C PRO H 324 0.62 13.26 13.82
N GLY H 325 0.88 12.05 14.28
CA GLY H 325 -0.06 10.95 14.11
C GLY H 325 0.49 9.63 14.61
N TYR H 326 -0.02 8.52 14.07
CA TYR H 326 0.43 7.21 14.48
C TYR H 326 0.37 6.26 13.28
N LEU H 327 1.11 5.17 13.38
CA LEU H 327 1.39 4.35 12.20
C LEU H 327 1.21 2.87 12.51
N PRO H 328 0.82 2.15 11.52
CA PRO H 328 0.67 0.74 11.64
C PRO H 328 2.00 0.09 11.53
N GLY H 329 1.91 -1.20 11.63
CA GLY H 329 3.06 -2.03 11.56
C GLY H 329 3.52 -2.45 10.21
N VAL H 330 4.45 -3.35 10.33
CA VAL H 330 5.17 -4.02 9.29
C VAL H 330 4.44 -4.23 8.01
N ASP H 331 3.15 -3.96 7.92
CA ASP H 331 2.63 -4.46 6.66
C ASP H 331 1.16 -4.08 6.72
N GLN H 332 0.92 -2.81 6.82
CA GLN H 332 -0.44 -2.37 7.13
C GLN H 332 -1.30 -3.07 8.33
N GLU H 333 -0.65 -3.68 9.31
CA GLU H 333 -1.33 -4.29 10.45
C GLU H 333 -1.53 -3.32 11.61
N TRP H 334 -2.76 -3.02 12.02
CA TRP H 334 -3.00 -2.06 13.10
C TRP H 334 -3.18 -2.71 14.46
N GLY H 335 -3.25 -4.04 14.53
CA GLY H 335 -3.51 -4.69 15.80
C GLY H 335 -2.52 -4.30 16.88
N GLY H 336 -1.27 -4.04 16.49
CA GLY H 336 -0.26 -3.70 17.48
C GLY H 336 -0.50 -2.32 18.09
N VAL H 337 -0.61 -1.30 17.25
CA VAL H 337 -0.77 0.05 17.77
C VAL H 337 -2.12 0.19 18.46
N VAL H 338 -3.08 -0.64 18.08
CA VAL H 338 -4.38 -0.61 18.76
C VAL H 338 -4.27 -1.24 20.15
N ARG H 339 -3.70 -2.44 20.24
CA ARG H 339 -3.55 -3.10 21.54
C ARG H 339 -2.58 -2.33 22.43
N ARG H 340 -1.41 -1.98 21.89
CA ARG H 340 -0.42 -1.29 22.72
C ARG H 340 -0.85 0.14 22.98
N GLY H 341 -1.48 0.79 22.00
CA GLY H 341 -2.00 2.14 22.22
C GLY H 341 -3.03 2.18 23.33
N ALA H 342 -3.94 1.19 23.37
CA ALA H 342 -4.87 1.10 24.48
C ALA H 342 -4.15 0.97 25.81
N LYS H 343 -2.98 0.32 25.82
CA LYS H 343 -2.22 0.18 27.06
C LYS H 343 -1.54 1.49 27.45
N LEU H 344 -1.18 2.33 26.47
CA LEU H 344 -0.70 3.66 26.81
C LEU H 344 -1.83 4.53 27.38
N LEU H 345 -3.02 4.44 26.80
CA LEU H 345 -4.18 5.14 27.35
C LEU H 345 -4.38 4.74 28.80
N HIS H 346 -4.33 3.42 29.05
CA HIS H 346 -4.52 2.87 30.38
C HIS H 346 -3.46 3.37 31.35
N ALA H 347 -2.20 3.41 30.92
CA ALA H 347 -1.12 3.81 31.83
C ALA H 347 -1.28 5.27 32.26
N PHE H 348 -1.56 6.17 31.32
CA PHE H 348 -1.80 7.57 31.69
C PHE H 348 -3.11 7.71 32.46
N GLY H 349 -4.15 7.00 32.03
CA GLY H 349 -5.46 7.17 32.64
C GLY H 349 -5.48 6.94 34.14
N GLU H 350 -4.87 5.84 34.60
CA GLU H 350 -4.85 5.55 36.03
C GLU H 350 -3.54 5.99 36.71
N CYS H 351 -2.65 6.69 36.02
CA CYS H 351 -1.47 7.25 36.67
C CYS H 351 -1.88 8.27 37.74
N THR H 352 -1.23 8.24 38.90
CA THR H 352 -1.60 9.15 39.97
C THR H 352 -0.48 10.11 40.40
N VAL H 353 0.75 9.93 39.95
CA VAL H 353 1.83 10.88 40.24
C VAL H 353 1.59 12.09 39.36
N PRO H 354 2.13 13.26 39.69
CA PRO H 354 1.95 14.43 38.83
C PRO H 354 2.52 14.18 37.44
N ARG H 355 1.86 14.72 36.43
CA ARG H 355 2.31 14.52 35.05
C ARG H 355 1.86 15.73 34.23
N VAL H 356 2.83 16.49 33.75
CA VAL H 356 2.59 17.75 33.09
C VAL H 356 2.94 17.60 31.63
N THR H 357 2.11 18.15 30.77
CA THR H 357 2.30 18.04 29.33
C THR H 357 2.73 19.38 28.79
N LEU H 358 3.68 19.37 27.85
CA LEU H 358 4.10 20.57 27.14
C LEU H 358 3.95 20.30 25.65
N VAL H 359 3.05 21.03 25.00
CA VAL H 359 2.96 20.97 23.54
C VAL H 359 3.94 21.99 22.97
N THR H 360 4.89 21.50 22.18
CA THR H 360 5.91 22.39 21.60
C THR H 360 5.49 22.88 20.22
N ARG H 361 5.28 21.98 19.26
CA ARG H 361 4.84 22.37 17.92
C ARG H 361 3.43 21.87 17.60
N LYS H 362 3.25 20.56 17.43
CA LYS H 362 1.98 20.01 16.99
C LYS H 362 1.55 18.88 17.91
N THR H 363 0.24 18.66 17.96
CA THR H 363 -0.30 17.42 18.49
C THR H 363 -1.65 17.16 17.84
N TYR H 364 -1.79 16.02 17.17
CA TYR H 364 -2.91 15.77 16.29
C TYR H 364 -3.66 14.50 16.70
N GLY H 365 -4.98 14.56 16.66
CA GLY H 365 -5.78 13.35 16.48
C GLY H 365 -5.76 12.44 17.70
N GLY H 366 -5.82 11.14 17.43
CA GLY H 366 -5.77 10.15 18.51
C GLY H 366 -4.47 10.20 19.30
N ALA H 367 -3.35 10.44 18.61
CA ALA H 367 -2.08 10.54 19.31
C ALA H 367 -2.12 11.68 20.32
N TYR H 368 -2.82 12.77 20.00
CA TYR H 368 -2.98 13.87 20.95
C TYR H 368 -3.66 13.38 22.23
N ILE H 369 -4.71 12.56 22.11
CA ILE H 369 -5.39 12.06 23.30
C ILE H 369 -4.42 11.25 24.16
N ALA H 370 -3.58 10.44 23.51
CA ALA H 370 -2.77 9.48 24.25
C ALA H 370 -1.59 10.13 24.95
N MET H 371 -1.08 11.24 24.40
CA MET H 371 0.10 11.90 24.95
C MET H 371 -0.28 12.76 26.15
N ASN H 372 -0.80 12.11 27.17
CA ASN H 372 -1.15 12.72 28.45
C ASN H 372 -2.04 13.97 28.27
N SER H 373 -3.16 13.76 27.58
CA SER H 373 -4.13 14.83 27.37
C SER H 373 -4.93 15.11 28.65
N ARG H 374 -5.60 16.27 28.65
CA ARG H 374 -6.53 16.61 29.71
C ARG H 374 -7.61 15.54 29.89
N SER H 375 -8.04 14.90 28.79
CA SER H 375 -9.10 13.91 28.95
C SER H 375 -8.63 12.71 29.75
N LEU H 376 -7.31 12.49 29.84
CA LEU H 376 -6.75 11.42 30.66
C LEU H 376 -6.29 11.90 32.02
N ASN H 377 -6.71 13.11 32.44
CA ASN H 377 -6.41 13.69 33.75
C ASN H 377 -4.98 14.20 33.92
N ALA H 378 -4.33 14.63 32.83
CA ALA H 378 -3.09 15.40 32.93
C ALA H 378 -3.15 16.41 34.07
N THR H 379 -2.06 16.53 34.82
CA THR H 379 -2.01 17.50 35.91
C THR H 379 -2.17 18.92 35.37
N LYS H 380 -1.46 19.22 34.30
CA LYS H 380 -1.56 20.51 33.64
C LYS H 380 -1.07 20.29 32.22
N VAL H 381 -1.61 21.10 31.30
CA VAL H 381 -1.23 21.07 29.89
C VAL H 381 -0.78 22.47 29.52
N PHE H 382 0.48 22.60 29.11
CA PHE H 382 1.11 23.86 28.71
C PHE H 382 1.35 23.80 27.22
N ALA H 383 1.34 24.96 26.57
CA ALA H 383 1.63 25.04 25.15
C ALA H 383 2.51 26.25 24.85
N TRP H 384 3.46 26.07 23.94
CA TRP H 384 4.20 27.19 23.41
C TRP H 384 3.30 28.02 22.49
N PRO H 385 3.62 29.32 22.28
CA PRO H 385 2.70 30.21 21.55
C PRO H 385 2.28 29.71 20.17
N ASP H 386 3.15 29.08 19.40
CA ASP H 386 2.77 28.66 18.06
C ASP H 386 2.41 27.19 17.97
N ALA H 387 2.11 26.55 19.10
CA ALA H 387 1.66 25.17 19.10
C ALA H 387 0.33 25.03 18.37
N GLU H 388 0.16 23.94 17.63
CA GLU H 388 -1.10 23.58 17.01
C GLU H 388 -1.70 22.38 17.72
N VAL H 389 -2.93 22.53 18.22
CA VAL H 389 -3.71 21.42 18.77
C VAL H 389 -4.94 21.25 17.89
N ALA H 390 -4.96 20.18 17.09
CA ALA H 390 -5.99 19.99 16.09
C ALA H 390 -6.29 18.50 15.91
N VAL H 391 -7.40 18.22 15.20
CA VAL H 391 -7.72 16.84 14.82
C VAL H 391 -6.74 16.33 13.77
N MET H 392 -6.30 17.20 12.86
CA MET H 392 -5.32 16.87 11.85
C MET H 392 -4.83 18.18 11.26
N GLY H 393 -3.84 18.10 10.38
CA GLY H 393 -3.43 19.26 9.62
C GLY H 393 -4.58 19.87 8.84
N ALA H 394 -4.43 21.16 8.50
CA ALA H 394 -5.54 21.92 7.94
C ALA H 394 -5.87 21.49 6.51
N LYS H 395 -4.85 21.27 5.68
CA LYS H 395 -5.12 20.79 4.32
C LYS H 395 -5.81 19.44 4.35
N ALA H 396 -5.35 18.55 5.22
CA ALA H 396 -5.95 17.23 5.32
C ALA H 396 -7.41 17.32 5.76
N ALA H 397 -7.71 18.26 6.65
CA ALA H 397 -9.08 18.37 7.17
C ALA H 397 -10.02 18.98 6.13
N VAL H 398 -9.58 20.05 5.44
CA VAL H 398 -10.45 20.65 4.42
C VAL H 398 -10.61 19.67 3.25
N GLY H 399 -9.58 18.88 2.95
CA GLY H 399 -9.71 17.84 1.95
C GLY H 399 -10.78 16.81 2.27
N ILE H 400 -11.23 16.73 3.51
CA ILE H 400 -12.31 15.85 3.91
C ILE H 400 -13.62 16.62 4.09
N LEU H 401 -13.58 17.73 4.84
CA LEU H 401 -14.79 18.49 5.13
C LEU H 401 -15.41 19.08 3.88
N HIS H 402 -14.57 19.43 2.89
CA HIS H 402 -15.01 20.08 1.66
C HIS H 402 -14.59 19.26 0.44
N LYS H 403 -14.59 17.92 0.58
CA LYS H 403 -14.25 17.06 -0.54
C LYS H 403 -15.19 17.29 -1.71
N LYS H 404 -16.47 17.56 -1.44
CA LYS H 404 -17.42 17.79 -2.52
C LYS H 404 -17.14 19.11 -3.22
N LYS H 405 -16.96 20.19 -2.46
CA LYS H 405 -16.65 21.49 -3.06
C LYS H 405 -15.34 21.44 -3.84
N LEU H 406 -14.35 20.68 -3.37
CA LEU H 406 -13.08 20.58 -4.08
C LEU H 406 -13.23 19.74 -5.34
N ALA H 407 -14.05 18.69 -5.30
CA ALA H 407 -14.22 17.84 -6.47
C ALA H 407 -14.99 18.58 -7.57
N ALA H 408 -16.03 19.34 -7.20
CA ALA H 408 -16.87 19.99 -8.20
C ALA H 408 -16.18 21.17 -8.88
N ALA H 409 -15.10 21.69 -8.29
CA ALA H 409 -14.39 22.81 -8.85
C ALA H 409 -13.63 22.39 -10.11
N PRO H 410 -13.35 23.33 -11.01
CA PRO H 410 -12.55 23.00 -12.20
C PRO H 410 -11.19 22.46 -11.80
N GLU H 411 -10.70 21.50 -12.61
CA GLU H 411 -9.40 20.90 -12.34
C GLU H 411 -8.28 21.94 -12.34
N HIS H 412 -8.49 23.10 -12.97
CA HIS H 412 -7.49 24.14 -13.01
C HIS H 412 -7.52 25.05 -11.79
N GLU H 413 -8.53 24.93 -10.94
CA GLU H 413 -8.69 25.81 -9.79
C GLU H 413 -8.77 25.09 -8.46
N ARG H 414 -8.83 23.75 -8.45
CA ARG H 414 -8.97 23.00 -7.20
C ARG H 414 -7.81 23.26 -6.26
N GLU H 415 -6.57 23.16 -6.78
CA GLU H 415 -5.39 23.39 -5.94
C GLU H 415 -5.43 24.75 -5.27
N ALA H 416 -5.90 25.78 -5.99
CA ALA H 416 -5.94 27.12 -5.42
C ALA H 416 -6.99 27.25 -4.33
N LEU H 417 -8.21 26.75 -4.60
CA LEU H 417 -9.28 26.82 -3.61
C LEU H 417 -8.98 25.96 -2.40
N HIS H 418 -8.21 24.89 -2.58
CA HIS H 418 -7.79 24.04 -1.45
C HIS H 418 -7.00 24.86 -0.44
N ASP H 419 -6.03 25.65 -0.90
CA ASP H 419 -5.20 26.43 0.00
C ASP H 419 -5.97 27.57 0.65
N GLN H 420 -7.04 28.05 0.00
CA GLN H 420 -7.85 29.09 0.60
C GLN H 420 -8.75 28.52 1.69
N LEU H 421 -9.34 27.35 1.43
CA LEU H 421 -10.11 26.67 2.46
C LEU H 421 -9.22 26.27 3.63
N ALA H 422 -7.97 25.87 3.34
CA ALA H 422 -7.05 25.46 4.39
C ALA H 422 -6.65 26.65 5.27
N ALA H 423 -6.23 27.76 4.64
CA ALA H 423 -5.80 28.91 5.41
C ALA H 423 -6.94 29.48 6.25
N GLU H 424 -8.16 29.43 5.74
CA GLU H 424 -9.32 29.92 6.48
C GLU H 424 -9.72 28.94 7.60
N HIS H 425 -9.44 27.65 7.39
CA HIS H 425 -9.65 26.67 8.45
C HIS H 425 -8.71 26.91 9.63
N GLU H 426 -7.45 27.25 9.34
CA GLU H 426 -6.50 27.54 10.42
C GLU H 426 -6.95 28.72 11.26
N ARG H 427 -7.26 29.84 10.61
CA ARG H 427 -7.70 31.02 11.34
C ARG H 427 -8.94 30.75 12.18
N ILE H 428 -9.79 29.82 11.73
CA ILE H 428 -11.01 29.47 12.45
C ILE H 428 -10.62 28.83 13.78
N ALA H 429 -10.04 27.63 13.71
CA ALA H 429 -9.65 26.90 14.92
C ALA H 429 -8.45 26.00 14.62
N GLY H 430 -7.66 25.75 15.66
CA GLY H 430 -6.48 24.89 15.55
C GLY H 430 -5.30 25.36 16.38
N GLY H 431 -5.30 26.64 16.79
CA GLY H 431 -4.22 27.19 17.58
C GLY H 431 -4.45 27.03 19.07
N VAL H 432 -3.52 27.62 19.84
CA VAL H 432 -3.57 27.49 21.29
C VAL H 432 -4.74 28.27 21.88
N ASP H 433 -5.11 29.40 21.25
CA ASP H 433 -6.21 30.21 21.78
C ASP H 433 -7.55 29.46 21.69
N SER H 434 -7.76 28.70 20.62
CA SER H 434 -8.95 27.83 20.55
C SER H 434 -8.87 26.73 21.60
N ALA H 435 -7.69 26.13 21.78
CA ALA H 435 -7.52 25.08 22.77
C ALA H 435 -7.66 25.61 24.19
N LEU H 436 -7.28 26.86 24.42
CA LEU H 436 -7.53 27.43 25.74
C LEU H 436 -9.02 27.62 25.98
N ASP H 437 -9.75 28.06 24.97
CA ASP H 437 -11.19 28.29 25.13
C ASP H 437 -11.90 26.97 25.41
N ILE H 438 -11.55 25.92 24.66
CA ILE H 438 -12.12 24.61 24.89
C ILE H 438 -11.77 24.12 26.28
N GLY H 439 -10.56 24.43 26.75
CA GLY H 439 -10.10 23.99 28.05
C GLY H 439 -9.15 22.82 28.04
N VAL H 440 -8.67 22.39 26.87
CA VAL H 440 -7.76 21.24 26.82
C VAL H 440 -6.30 21.66 26.97
N VAL H 441 -6.01 22.96 26.93
CA VAL H 441 -4.72 23.51 27.29
C VAL H 441 -4.98 24.51 28.41
N ASP H 442 -4.18 24.41 29.48
CA ASP H 442 -4.43 25.29 30.61
C ASP H 442 -3.76 26.65 30.45
N GLU H 443 -2.60 26.70 29.82
CA GLU H 443 -1.83 27.94 29.80
C GLU H 443 -0.91 27.92 28.60
N LYS H 444 -0.92 29.00 27.84
CA LYS H 444 0.14 29.27 26.88
C LYS H 444 1.29 29.95 27.63
N ILE H 445 2.50 29.45 27.47
CA ILE H 445 3.62 29.93 28.29
C ILE H 445 4.69 30.52 27.40
N ASP H 446 5.39 31.51 27.94
CA ASP H 446 6.62 32.00 27.37
C ASP H 446 7.66 30.88 27.35
N PRO H 447 8.12 30.44 26.18
CA PRO H 447 9.11 29.33 26.15
C PRO H 447 10.36 29.60 26.98
N ALA H 448 10.67 30.87 27.26
CA ALA H 448 11.82 31.17 28.11
C ALA H 448 11.62 30.72 29.55
N HIS H 449 10.38 30.42 29.96
CA HIS H 449 10.10 29.96 31.32
C HIS H 449 9.67 28.51 31.38
N THR H 450 9.90 27.75 30.30
CA THR H 450 9.48 26.36 30.20
C THR H 450 9.88 25.57 31.43
N ARG H 451 11.17 25.62 31.78
CA ARG H 451 11.70 24.83 32.89
C ARG H 451 11.07 25.22 34.22
N SER H 452 10.95 26.52 34.49
CA SER H 452 10.41 26.89 35.80
C SER H 452 8.90 26.65 35.86
N LYS H 453 8.20 26.74 34.72
CA LYS H 453 6.76 26.50 34.68
C LYS H 453 6.45 25.02 34.91
N LEU H 454 7.14 24.14 34.18
CA LEU H 454 7.00 22.72 34.41
C LEU H 454 7.24 22.35 35.86
N THR H 455 8.29 22.91 36.47
CA THR H 455 8.63 22.58 37.85
C THR H 455 7.49 22.96 38.80
N GLU H 456 6.94 24.16 38.61
CA GLU H 456 5.88 24.64 39.49
C GLU H 456 4.62 23.78 39.38
N ALA H 457 4.25 23.37 38.18
CA ALA H 457 3.08 22.51 38.02
C ALA H 457 3.27 21.16 38.72
N LEU H 458 4.48 20.59 38.63
CA LEU H 458 4.74 19.32 39.31
C LEU H 458 4.84 19.51 40.82
N ALA H 459 5.53 20.56 41.28
CA ALA H 459 5.71 20.77 42.72
C ALA H 459 4.39 21.03 43.43
N GLN H 460 3.45 21.69 42.76
CA GLN H 460 2.23 22.12 43.43
C GLN H 460 1.09 21.13 43.26
N ALA H 461 1.32 20.03 42.54
CA ALA H 461 0.38 18.96 42.33
C ALA H 461 0.29 18.08 43.58
N PRO H 462 -0.84 17.44 43.82
CA PRO H 462 -0.89 16.42 44.88
C PRO H 462 0.06 15.29 44.50
N ALA H 463 0.76 14.74 45.49
CA ALA H 463 1.67 13.63 45.18
C ALA H 463 0.90 12.44 44.63
N ARG H 464 -0.34 12.36 45.03
CA ARG H 464 -1.22 11.39 44.54
C ARG H 464 -2.66 11.70 44.21
N ARG H 465 -2.98 11.76 42.94
CA ARG H 465 -4.34 11.52 42.44
C ARG H 465 -4.71 12.35 41.21
N GLY H 466 -4.85 11.69 40.06
CA GLY H 466 -5.28 12.32 38.83
C GLY H 466 -5.52 11.24 37.77
#